data_2X2I
#
_entry.id   2X2I
#
_cell.length_a   134.861
_cell.length_b   91.804
_cell.length_c   193.349
_cell.angle_alpha   90.00
_cell.angle_beta   99.34
_cell.angle_gamma   90.00
#
_symmetry.space_group_name_H-M   'P 1 21 1'
#
loop_
_entity.id
_entity.type
_entity.pdbx_description
1 polymer 'ALPHA-1,4-GLUCAN LYASE ISOZYME 1'
2 branched 4,6-dideoxy-4-{[(1S,4R,5S,6S)-4,5,6-trihydroxy-3-(hydroxymethyl)cyclohex-2-en-1-yl]amino}-alpha-D-glucopyranose-(1-4)-alpha-D-glucopyranose-(1-4)-beta-D-glucopyranose
3 non-polymer GLYCEROL
4 water water
#
_entity_poly.entity_id   1
_entity_poly.type   'polypeptide(L)'
_entity_poly.pdbx_seq_one_letter_code
;GSTDNPDGIDYKTYDYVGVWGFSPLSNTNWFAAGSSTPGGITDWTATMNVNFDRIDNPSITVQHPVQVQVTSYNNNSYRV
RFNPDGPIRDVTRGPILKQQLDWIRTQELSEGCDPGMTFTSEGFLTFETKDLSVIIYGNFKTRVTRKSDGKVIMENDEVG
TASSGNKCRGLMFVDRLYGNAIASVNKNFRNDAVKQEGFYGAGEVNCKYQDTYILERTGIAMTNYNYDNLNYNQWDLRPP
HHDGALNPDYYIPMYYAAPWLIVNGCAGTSEQYSYGWFMDNVSQSYMNTGDTTWNSGQEDLAYMGAQYGPFDQHFVYGAG
GGME(CSO)VVTAFSLLQGKEFENQVLNKRSVMPPKYVFGFFQGVFGTSSLLRAHMPAGENNISVEEIVEGYQNNNFPFE
GLAVDVDMQDNLRVFTTKGEFWTANRVGTGGDPNNRSVFEWAHDKGLVCQTNITCFLRNDNEGQDYEVNQTLRERQLYTK
NDSLTGTDFGMTDDGPSDAYIGHLDYGGGVECDALFPDWGRPDVAEWWGNNYKKLFSIGLDFVWQDMTVPAMMPHKIGDD
INVKPDGNWPNADDPSNGQYNWKTYHPQVLVTDMRYENHGREPMVTQRNIHAYTLCESTRKEGIVENADTLTKFRRSYII
SRGGYIGNQHFGGMWVGDNSTTSNYIQMMIANNINMNMSCLPLVGSDIGGFTSYDNENQRTPCTGDLMVRYVQAGCLLPW
FRNHYDRWIESKDHGKDYQELYMYPNEMDTLRKFVEFRYRWQEVLYTAMYQNAAFGKPIIKAASMYNNDSNVRRAQNDHF
LLGGHDGYRILCAPVVWENSTERELYLPVLTQWYKFGPDFDTKPLEGAMNGGDRIYNYPVPQSESPIFVREGAILPTRYT
LNGENKSLNTYTDEDPLVFEVFPLGNNRADGMCYLDDGGVTTNAEDNGKFSVVKVAAEQDGGTETITFTNDCYEYVFGGP
FYVRVRGAQSPSNIHVSSGAGSQDMKVSSATSRAALFNDGENGDFWVDQETDSLWLKLPNVVLPDAVITIT
;
_entity_poly.pdbx_strand_id   A,B,C,D
#
# COMPACT_ATOMS: atom_id res chain seq x y z
N THR A 3 -32.74 -55.78 -42.77
CA THR A 3 -32.50 -54.50 -43.48
C THR A 3 -31.06 -54.00 -43.32
N ASP A 4 -30.14 -54.94 -43.08
CA ASP A 4 -28.70 -54.65 -43.03
C ASP A 4 -28.15 -54.28 -44.41
N ASN A 5 -27.25 -53.29 -44.43
CA ASN A 5 -26.69 -52.73 -45.66
C ASN A 5 -27.71 -52.44 -46.77
N PRO A 6 -28.51 -51.39 -46.59
CA PRO A 6 -29.53 -51.00 -47.57
C PRO A 6 -29.01 -50.57 -48.93
N ASP A 7 -27.76 -50.12 -49.01
CA ASP A 7 -27.24 -49.53 -50.26
C ASP A 7 -26.37 -50.46 -51.14
N GLY A 8 -26.36 -51.75 -50.81
CA GLY A 8 -25.70 -52.77 -51.63
C GLY A 8 -24.18 -52.65 -51.74
N ILE A 9 -23.57 -52.03 -50.73
CA ILE A 9 -22.12 -51.86 -50.67
C ILE A 9 -21.36 -53.18 -50.60
N ASP A 10 -20.34 -53.34 -51.43
CA ASP A 10 -19.39 -54.42 -51.25
C ASP A 10 -18.17 -53.86 -50.51
N TYR A 11 -17.95 -54.35 -49.29
CA TYR A 11 -16.91 -53.82 -48.40
C TYR A 11 -15.56 -54.45 -48.64
N LYS A 12 -14.67 -53.71 -49.31
CA LYS A 12 -13.38 -54.30 -49.68
C LYS A 12 -12.39 -54.19 -48.54
N THR A 13 -12.53 -53.13 -47.74
CA THR A 13 -11.59 -52.85 -46.66
C THR A 13 -12.14 -53.03 -45.26
N TYR A 14 -11.38 -53.73 -44.42
CA TYR A 14 -11.71 -53.84 -43.00
C TYR A 14 -10.54 -53.47 -42.06
N ASP A 15 -9.31 -53.82 -42.44
CA ASP A 15 -8.15 -53.54 -41.60
C ASP A 15 -7.77 -52.07 -41.62
N TYR A 16 -6.97 -51.71 -40.63
CA TYR A 16 -6.31 -50.41 -40.50
C TYR A 16 -5.41 -50.17 -41.70
N VAL A 17 -5.67 -49.10 -42.41
CA VAL A 17 -4.83 -48.72 -43.54
C VAL A 17 -3.98 -47.50 -43.15
N GLY A 18 -2.71 -47.70 -42.86
CA GLY A 18 -1.84 -46.55 -42.53
C GLY A 18 -1.82 -45.52 -43.64
N VAL A 19 -1.34 -44.31 -43.33
CA VAL A 19 -1.23 -43.24 -44.33
C VAL A 19 -0.43 -43.68 -45.55
N TRP A 20 0.48 -44.64 -45.32
CA TRP A 20 1.37 -45.23 -46.31
C TRP A 20 0.65 -46.17 -47.28
N GLY A 21 -0.53 -46.64 -46.90
CA GLY A 21 -1.35 -47.49 -47.75
C GLY A 21 -2.47 -46.72 -48.40
N PHE A 22 -2.56 -45.42 -48.08
CA PHE A 22 -3.55 -44.52 -48.68
C PHE A 22 -2.91 -43.67 -49.75
N SER A 23 -3.41 -43.78 -50.97
CA SER A 23 -2.66 -43.24 -52.11
C SER A 23 -3.50 -42.65 -53.26
N PRO A 24 -4.28 -41.61 -52.99
CA PRO A 24 -5.12 -41.07 -54.04
C PRO A 24 -4.33 -40.32 -55.14
N LEU A 25 -3.16 -39.79 -54.84
CA LEU A 25 -2.33 -39.20 -55.89
C LEU A 25 -1.76 -40.29 -56.80
N SER A 26 -1.96 -41.55 -56.38
CA SER A 26 -1.79 -42.74 -57.23
C SER A 26 -2.45 -42.62 -58.61
N ASN A 27 -3.66 -42.09 -58.63
CA ASN A 27 -4.52 -42.05 -59.82
C ASN A 27 -5.15 -43.38 -60.28
N THR A 28 -4.52 -44.51 -59.96
CA THR A 28 -4.97 -45.82 -60.47
C THR A 28 -6.21 -46.38 -59.80
N ASN A 29 -7.23 -46.62 -60.60
CA ASN A 29 -8.46 -47.19 -60.10
C ASN A 29 -9.30 -46.11 -59.44
N TRP A 30 -8.86 -44.86 -59.61
CA TRP A 30 -9.52 -43.71 -59.02
C TRP A 30 -10.35 -42.91 -60.02
N PHE A 31 -11.52 -42.47 -59.58
CA PHE A 31 -12.41 -41.62 -60.34
C PHE A 31 -12.21 -40.17 -59.95
N ALA A 32 -12.22 -39.28 -60.94
CA ALA A 32 -12.19 -37.85 -60.71
C ALA A 32 -13.17 -37.16 -61.67
N ALA A 33 -13.68 -36.00 -61.29
CA ALA A 33 -14.53 -35.23 -62.16
C ALA A 33 -13.83 -34.91 -63.47
N GLY A 34 -14.51 -35.14 -64.60
CA GLY A 34 -13.97 -34.78 -65.92
C GLY A 34 -14.89 -33.82 -66.64
N SER A 35 -16.18 -33.90 -66.35
CA SER A 35 -17.17 -33.06 -67.01
C SER A 35 -18.45 -32.90 -66.18
N SER A 36 -19.28 -31.93 -66.54
CA SER A 36 -20.57 -31.73 -65.89
C SER A 36 -21.57 -30.95 -66.76
N THR A 37 -22.84 -31.21 -66.51
CA THR A 37 -23.93 -30.37 -66.99
C THR A 37 -24.67 -29.89 -65.75
N PRO A 38 -25.16 -28.63 -65.73
CA PRO A 38 -25.88 -28.09 -64.59
C PRO A 38 -27.11 -28.91 -64.22
N GLY A 39 -27.54 -28.83 -62.96
CA GLY A 39 -28.61 -29.68 -62.42
C GLY A 39 -29.59 -28.96 -61.51
N GLY A 40 -29.67 -27.63 -61.64
CA GLY A 40 -30.68 -26.85 -60.93
C GLY A 40 -30.27 -26.31 -59.57
N ILE A 41 -31.06 -25.36 -59.06
CA ILE A 41 -30.80 -24.76 -57.76
C ILE A 41 -32.11 -24.44 -57.04
N THR A 42 -32.35 -25.10 -55.92
CA THR A 42 -33.34 -24.60 -55.00
C THR A 42 -32.53 -24.10 -53.83
N ASP A 43 -33.09 -23.12 -53.11
CA ASP A 43 -32.42 -22.61 -51.92
C ASP A 43 -31.00 -22.19 -52.21
N TRP A 44 -30.09 -22.68 -51.39
CA TRP A 44 -28.68 -22.40 -51.56
C TRP A 44 -27.90 -23.66 -51.95
N THR A 45 -28.61 -24.74 -52.23
CA THR A 45 -27.95 -25.94 -52.72
C THR A 45 -28.14 -25.91 -54.23
N ALA A 46 -27.01 -25.91 -54.94
CA ALA A 46 -26.99 -26.05 -56.39
C ALA A 46 -26.60 -27.50 -56.64
N THR A 47 -27.08 -28.10 -57.72
CA THR A 47 -26.65 -29.46 -58.05
C THR A 47 -25.91 -29.41 -59.37
N MET A 48 -24.75 -30.05 -59.44
CA MET A 48 -24.07 -30.26 -60.70
C MET A 48 -24.06 -31.75 -60.99
N ASN A 49 -24.55 -32.13 -62.16
CA ASN A 49 -24.54 -33.52 -62.55
C ASN A 49 -23.19 -33.89 -63.14
N VAL A 50 -22.34 -34.46 -62.30
CA VAL A 50 -20.93 -34.65 -62.62
C VAL A 50 -20.56 -36.04 -63.13
N ASN A 51 -19.81 -36.05 -64.21
CA ASN A 51 -19.27 -37.27 -64.77
C ASN A 51 -17.90 -37.58 -64.27
N PHE A 52 -17.76 -38.73 -63.63
CA PHE A 52 -16.49 -39.13 -63.08
C PHE A 52 -15.80 -40.11 -64.01
N ASP A 53 -14.59 -39.77 -64.42
CA ASP A 53 -13.76 -40.61 -65.26
C ASP A 53 -12.63 -41.30 -64.48
N ARG A 54 -12.28 -42.52 -64.88
CA ARG A 54 -11.16 -43.22 -64.29
C ARG A 54 -9.91 -42.53 -64.77
N ILE A 55 -9.11 -42.00 -63.86
CA ILE A 55 -7.97 -41.20 -64.29
C ILE A 55 -7.07 -42.03 -65.22
N ASP A 56 -6.97 -43.32 -64.93
CA ASP A 56 -6.06 -44.22 -65.67
C ASP A 56 -6.65 -44.92 -66.91
N ASN A 57 -7.87 -44.57 -67.29
CA ASN A 57 -8.58 -45.18 -68.41
C ASN A 57 -9.90 -44.43 -68.60
N PRO A 58 -9.83 -43.15 -69.02
CA PRO A 58 -10.97 -42.23 -69.04
C PRO A 58 -12.16 -42.61 -69.94
N SER A 59 -12.06 -43.69 -70.71
CA SER A 59 -13.22 -44.16 -71.47
C SER A 59 -14.30 -44.71 -70.53
N ILE A 60 -13.89 -45.14 -69.33
CA ILE A 60 -14.81 -45.61 -68.30
C ILE A 60 -15.34 -44.44 -67.47
N THR A 61 -16.65 -44.21 -67.51
CA THR A 61 -17.26 -43.07 -66.82
C THR A 61 -18.55 -43.44 -66.13
N VAL A 62 -18.89 -42.73 -65.06
CA VAL A 62 -20.15 -42.92 -64.34
C VAL A 62 -20.68 -41.56 -63.98
N GLN A 63 -21.92 -41.50 -63.56
CA GLN A 63 -22.54 -40.24 -63.26
C GLN A 63 -23.07 -40.23 -61.82
N HIS A 64 -22.80 -39.15 -61.11
CA HIS A 64 -23.34 -38.93 -59.78
C HIS A 64 -23.57 -37.44 -59.63
N PRO A 65 -24.56 -37.06 -58.83
CA PRO A 65 -24.75 -35.64 -58.67
C PRO A 65 -23.97 -35.11 -57.48
N VAL A 66 -23.43 -33.92 -57.62
CA VAL A 66 -22.71 -33.24 -56.55
C VAL A 66 -23.51 -32.01 -56.14
N GLN A 67 -23.72 -31.85 -54.84
CA GLN A 67 -24.37 -30.65 -54.29
C GLN A 67 -23.31 -29.62 -53.88
N VAL A 68 -23.52 -28.39 -54.32
CA VAL A 68 -22.69 -27.27 -53.91
C VAL A 68 -23.59 -26.32 -53.16
N GLN A 69 -23.47 -26.35 -51.83
CA GLN A 69 -24.30 -25.52 -50.94
C GLN A 69 -23.54 -24.40 -50.25
N VAL A 70 -24.03 -23.16 -50.37
CA VAL A 70 -23.50 -22.06 -49.57
C VAL A 70 -24.04 -22.25 -48.16
N THR A 71 -23.16 -22.31 -47.16
CA THR A 71 -23.59 -22.58 -45.79
C THR A 71 -23.68 -21.33 -44.92
N SER A 72 -22.83 -20.35 -45.20
CA SER A 72 -22.97 -19.06 -44.56
C SER A 72 -22.37 -17.94 -45.39
N TYR A 73 -23.22 -17.10 -45.97
CA TYR A 73 -22.78 -15.88 -46.67
C TYR A 73 -21.87 -15.02 -45.76
N ASN A 74 -22.36 -14.65 -44.58
CA ASN A 74 -21.60 -13.79 -43.68
C ASN A 74 -20.30 -14.39 -43.15
N ASN A 75 -20.27 -15.69 -42.90
CA ASN A 75 -19.05 -16.31 -42.37
C ASN A 75 -18.30 -17.08 -43.42
N ASN A 76 -18.52 -16.64 -44.66
CA ASN A 76 -17.84 -17.16 -45.84
C ASN A 76 -17.61 -18.67 -45.79
N SER A 77 -18.66 -19.46 -45.72
CA SER A 77 -18.44 -20.90 -45.67
C SER A 77 -19.38 -21.55 -46.64
N TYR A 78 -18.88 -22.53 -47.39
CA TYR A 78 -19.77 -23.34 -48.23
C TYR A 78 -19.46 -24.81 -48.05
N ARG A 79 -19.92 -25.61 -49.00
CA ARG A 79 -19.97 -27.06 -48.82
C ARG A 79 -20.11 -27.78 -50.17
N VAL A 80 -19.50 -28.94 -50.25
CA VAL A 80 -19.56 -29.82 -51.41
C VAL A 80 -19.81 -31.21 -50.86
N ARG A 81 -20.84 -31.89 -51.35
CA ARG A 81 -21.02 -33.29 -51.01
C ARG A 81 -21.65 -34.04 -52.16
N PHE A 82 -21.52 -35.36 -52.10
CA PHE A 82 -22.11 -36.30 -53.06
C PHE A 82 -21.97 -37.72 -52.50
N ASN A 83 -22.89 -38.61 -52.83
CA ASN A 83 -22.76 -40.00 -52.45
C ASN A 83 -22.64 -40.86 -53.71
N PRO A 84 -21.51 -41.57 -53.85
CA PRO A 84 -21.28 -42.36 -55.04
C PRO A 84 -21.75 -43.78 -54.87
N ASP A 85 -22.38 -44.04 -53.73
CA ASP A 85 -22.80 -45.37 -53.37
C ASP A 85 -24.29 -45.41 -53.16
N GLY A 86 -24.97 -44.33 -53.47
CA GLY A 86 -26.40 -44.23 -53.20
C GLY A 86 -26.90 -42.81 -53.09
N PRO A 87 -28.18 -42.64 -52.72
CA PRO A 87 -28.76 -41.29 -52.70
C PRO A 87 -27.92 -40.41 -51.79
N ILE A 88 -27.99 -39.09 -51.95
CA ILE A 88 -27.31 -38.21 -51.01
C ILE A 88 -28.12 -38.13 -49.73
N ARG A 89 -27.47 -38.24 -48.58
CA ARG A 89 -28.22 -38.36 -47.34
C ARG A 89 -27.74 -37.54 -46.12
N ASP A 90 -28.63 -36.66 -45.67
CA ASP A 90 -28.51 -35.88 -44.43
C ASP A 90 -28.43 -36.77 -43.21
N VAL A 91 -27.25 -36.85 -42.61
CA VAL A 91 -27.04 -37.54 -41.36
C VAL A 91 -28.03 -37.01 -40.31
N THR A 92 -28.28 -37.77 -39.25
CA THR A 92 -29.20 -37.40 -38.18
C THR A 92 -28.48 -37.30 -36.83
N ARG A 93 -27.22 -37.70 -36.81
CA ARG A 93 -26.37 -37.45 -35.67
C ARG A 93 -24.99 -37.03 -36.17
N GLY A 94 -24.46 -35.94 -35.62
CA GLY A 94 -23.15 -35.44 -36.05
C GLY A 94 -22.98 -33.97 -35.70
N PRO A 95 -21.76 -33.44 -35.93
CA PRO A 95 -21.42 -32.03 -35.78
C PRO A 95 -22.34 -31.09 -36.56
N ILE A 96 -22.43 -31.27 -37.88
CA ILE A 96 -23.31 -30.46 -38.74
C ILE A 96 -24.67 -31.11 -39.01
N LEU A 97 -25.74 -30.52 -38.49
CA LEU A 97 -27.09 -31.05 -38.65
C LEU A 97 -27.91 -30.17 -39.60
N LYS A 98 -28.94 -30.71 -40.23
CA LYS A 98 -29.65 -29.89 -41.22
C LYS A 98 -30.22 -28.61 -40.60
N GLN A 99 -30.80 -28.74 -39.40
CA GLN A 99 -31.58 -27.66 -38.83
C GLN A 99 -30.73 -26.49 -38.36
N GLN A 100 -29.43 -26.73 -38.13
CA GLN A 100 -28.55 -25.63 -37.81
C GLN A 100 -28.11 -24.93 -39.06
N LEU A 101 -28.04 -25.67 -40.18
CA LEU A 101 -27.79 -25.01 -41.46
C LEU A 101 -29.02 -24.17 -41.86
N ASP A 102 -30.18 -24.80 -41.80
CA ASP A 102 -31.44 -24.17 -42.13
C ASP A 102 -31.67 -22.87 -41.34
N TRP A 103 -31.22 -22.83 -40.09
CA TRP A 103 -31.41 -21.63 -39.26
C TRP A 103 -30.47 -20.55 -39.71
N ILE A 104 -29.19 -20.87 -39.78
CA ILE A 104 -28.26 -19.89 -40.25
C ILE A 104 -28.84 -19.26 -41.52
N ARG A 105 -29.13 -20.10 -42.51
CA ARG A 105 -29.54 -19.57 -43.79
C ARG A 105 -30.72 -18.62 -43.66
N THR A 106 -31.68 -18.99 -42.80
CA THR A 106 -32.94 -18.26 -42.65
C THR A 106 -32.69 -16.88 -42.13
N GLN A 107 -31.87 -16.82 -41.09
CA GLN A 107 -31.48 -15.59 -40.48
C GLN A 107 -30.86 -14.70 -41.54
N GLU A 108 -29.83 -15.21 -42.22
CA GLU A 108 -29.13 -14.44 -43.23
C GLU A 108 -30.03 -13.96 -44.36
N LEU A 109 -31.05 -14.76 -44.66
CA LEU A 109 -32.04 -14.42 -45.68
C LEU A 109 -32.89 -13.25 -45.21
N SER A 110 -33.23 -13.23 -43.93
CA SER A 110 -34.00 -12.11 -43.40
C SER A 110 -33.20 -10.81 -43.42
N GLU A 111 -31.88 -10.92 -43.35
CA GLU A 111 -31.01 -9.77 -43.47
C GLU A 111 -30.78 -9.42 -44.93
N GLY A 112 -31.31 -10.26 -45.82
CA GLY A 112 -31.28 -10.00 -47.24
C GLY A 112 -29.95 -10.27 -47.90
N CYS A 113 -29.27 -11.33 -47.45
CA CYS A 113 -28.02 -11.75 -48.06
C CYS A 113 -28.29 -12.60 -49.30
N ASP A 114 -27.62 -12.28 -50.40
CA ASP A 114 -27.74 -13.03 -51.62
C ASP A 114 -26.38 -13.45 -52.08
N PRO A 115 -26.12 -14.77 -52.05
CA PRO A 115 -24.96 -15.40 -52.64
C PRO A 115 -25.08 -15.35 -54.14
N GLY A 116 -26.31 -15.20 -54.62
CA GLY A 116 -26.55 -15.14 -56.06
C GLY A 116 -26.01 -16.37 -56.75
N MET A 117 -26.30 -17.54 -56.17
CA MET A 117 -25.94 -18.79 -56.80
C MET A 117 -26.56 -18.79 -58.16
N THR A 118 -25.72 -18.80 -59.18
CA THR A 118 -26.15 -18.79 -60.57
C THR A 118 -25.27 -19.70 -61.45
N PHE A 119 -25.79 -20.12 -62.59
CA PHE A 119 -25.01 -20.84 -63.59
C PHE A 119 -24.78 -19.91 -64.78
N THR A 120 -23.54 -19.68 -65.18
CA THR A 120 -23.28 -18.95 -66.43
C THR A 120 -23.80 -19.75 -67.62
N SER A 121 -23.74 -19.17 -68.83
CA SER A 121 -24.23 -19.84 -70.05
C SER A 121 -23.44 -21.11 -70.34
N GLU A 122 -22.14 -21.06 -70.03
CA GLU A 122 -21.23 -22.18 -70.23
C GLU A 122 -21.53 -23.37 -69.30
N GLY A 123 -22.35 -23.15 -68.29
CA GLY A 123 -22.72 -24.21 -67.36
C GLY A 123 -21.85 -24.24 -66.12
N PHE A 124 -21.00 -23.21 -65.96
CA PHE A 124 -20.19 -23.08 -64.76
C PHE A 124 -21.07 -22.55 -63.63
N LEU A 125 -20.71 -22.91 -62.40
CA LEU A 125 -21.43 -22.41 -61.22
C LEU A 125 -20.67 -21.26 -60.63
N THR A 126 -21.36 -20.16 -60.40
CA THR A 126 -20.74 -19.04 -59.70
C THR A 126 -21.64 -18.64 -58.57
N PHE A 127 -21.03 -18.30 -57.45
CA PHE A 127 -21.74 -17.66 -56.35
C PHE A 127 -20.79 -16.76 -55.54
N GLU A 128 -21.32 -16.17 -54.48
CA GLU A 128 -20.60 -15.24 -53.64
C GLU A 128 -21.00 -15.44 -52.20
N THR A 129 -20.01 -15.28 -51.32
CA THR A 129 -20.27 -15.14 -49.91
C THR A 129 -19.90 -13.69 -49.63
N LYS A 130 -19.79 -13.30 -48.36
CA LYS A 130 -19.66 -11.88 -48.02
C LYS A 130 -18.41 -11.23 -48.61
N ASP A 131 -17.27 -11.89 -48.49
CA ASP A 131 -16.02 -11.27 -48.93
C ASP A 131 -15.34 -12.15 -49.94
N LEU A 132 -16.02 -13.23 -50.33
CA LEU A 132 -15.45 -14.15 -51.29
C LEU A 132 -16.36 -14.36 -52.49
N SER A 133 -15.75 -14.63 -53.63
CA SER A 133 -16.49 -15.12 -54.79
C SER A 133 -15.91 -16.45 -55.23
N VAL A 134 -16.77 -17.29 -55.80
CA VAL A 134 -16.41 -18.65 -56.16
C VAL A 134 -16.93 -19.00 -57.56
N ILE A 135 -16.05 -19.56 -58.39
CA ILE A 135 -16.47 -20.17 -59.65
C ILE A 135 -16.01 -21.62 -59.74
N ILE A 136 -16.85 -22.46 -60.34
CA ILE A 136 -16.64 -23.90 -60.45
C ILE A 136 -16.90 -24.29 -61.89
N TYR A 137 -15.91 -24.85 -62.57
CA TYR A 137 -16.03 -25.12 -64.01
C TYR A 137 -16.62 -26.48 -64.31
N GLY A 138 -16.61 -26.84 -65.59
CA GLY A 138 -17.18 -28.10 -66.04
C GLY A 138 -16.64 -29.32 -65.30
N ASN A 139 -15.32 -29.44 -65.26
CA ASN A 139 -14.68 -30.63 -64.65
C ASN A 139 -14.54 -30.48 -63.14
N PHE A 140 -15.27 -29.53 -62.60
CA PHE A 140 -15.28 -29.18 -61.18
C PHE A 140 -14.08 -28.38 -60.70
N LYS A 141 -13.34 -27.78 -61.63
CA LYS A 141 -12.16 -27.00 -61.25
C LYS A 141 -12.61 -25.79 -60.48
N THR A 142 -12.22 -25.72 -59.21
CA THR A 142 -12.73 -24.70 -58.32
C THR A 142 -11.68 -23.65 -57.92
N ARG A 143 -12.04 -22.38 -58.08
CA ARG A 143 -11.22 -21.23 -57.69
C ARG A 143 -11.97 -20.35 -56.72
N VAL A 144 -11.34 -20.03 -55.57
CA VAL A 144 -11.96 -19.18 -54.54
C VAL A 144 -11.21 -17.85 -54.43
N THR A 145 -11.80 -16.78 -54.96
CA THR A 145 -11.14 -15.46 -54.94
C THR A 145 -11.72 -14.54 -53.86
N ARG A 146 -10.91 -13.57 -53.44
CA ARG A 146 -11.27 -12.63 -52.40
C ARG A 146 -11.57 -11.26 -52.99
N LYS A 147 -12.82 -10.85 -52.89
CA LYS A 147 -13.25 -9.60 -53.50
C LYS A 147 -12.26 -8.43 -53.36
N SER A 148 -11.79 -8.17 -52.15
CA SER A 148 -11.09 -6.91 -51.85
C SER A 148 -9.75 -6.70 -52.60
N ASP A 149 -9.00 -7.78 -52.81
CA ASP A 149 -7.70 -7.69 -53.48
C ASP A 149 -7.52 -8.72 -54.61
N GLY A 150 -8.62 -9.29 -55.08
CA GLY A 150 -8.61 -10.28 -56.15
C GLY A 150 -7.77 -11.54 -55.93
N LYS A 151 -7.36 -11.77 -54.70
CA LYS A 151 -6.46 -12.88 -54.41
C LYS A 151 -7.15 -14.25 -54.39
N VAL A 152 -6.57 -15.19 -55.13
CA VAL A 152 -6.97 -16.58 -55.10
C VAL A 152 -6.49 -17.14 -53.79
N ILE A 153 -7.42 -17.52 -52.94
CA ILE A 153 -7.03 -17.99 -51.63
C ILE A 153 -7.10 -19.53 -51.51
N MET A 154 -7.64 -20.17 -52.53
CA MET A 154 -7.82 -21.60 -52.50
C MET A 154 -8.20 -22.07 -53.88
N GLU A 155 -7.62 -23.18 -54.31
CA GLU A 155 -8.03 -23.84 -55.54
C GLU A 155 -7.74 -25.34 -55.54
N ASN A 156 -8.69 -26.13 -56.03
CA ASN A 156 -8.44 -27.55 -56.11
C ASN A 156 -7.51 -27.91 -57.26
N ASP A 157 -7.08 -29.16 -57.26
CA ASP A 157 -6.05 -29.67 -58.14
C ASP A 157 -6.58 -30.50 -59.34
N GLU A 158 -5.82 -30.49 -60.42
CA GLU A 158 -6.18 -31.15 -61.68
C GLU A 158 -5.04 -32.03 -62.15
N VAL A 159 -5.33 -33.29 -62.45
CA VAL A 159 -4.36 -34.15 -63.10
C VAL A 159 -4.69 -34.28 -64.59
N GLY A 160 -3.70 -34.07 -65.44
CA GLY A 160 -3.92 -34.21 -66.87
C GLY A 160 -3.86 -35.68 -67.22
N THR A 161 -4.38 -36.00 -68.41
CA THR A 161 -4.34 -37.36 -68.92
C THR A 161 -3.71 -37.34 -70.30
N ALA A 162 -3.52 -38.51 -70.89
CA ALA A 162 -2.98 -38.63 -72.26
C ALA A 162 -3.64 -37.74 -73.32
N SER A 163 -4.98 -37.71 -73.35
CA SER A 163 -5.73 -36.91 -74.36
C SER A 163 -7.21 -36.65 -74.03
N SER A 164 -7.63 -37.04 -72.83
CA SER A 164 -9.04 -36.98 -72.49
C SER A 164 -9.43 -35.71 -71.71
N GLY A 165 -8.65 -34.65 -71.84
CA GLY A 165 -8.89 -33.43 -71.05
C GLY A 165 -8.30 -33.58 -69.66
N ASN A 166 -8.57 -32.63 -68.77
CA ASN A 166 -8.04 -32.64 -67.39
C ASN A 166 -9.07 -33.10 -66.35
N LYS A 167 -8.65 -33.94 -65.42
CA LYS A 167 -9.55 -34.45 -64.37
C LYS A 167 -9.32 -33.78 -62.99
N CYS A 168 -10.36 -33.13 -62.47
CA CYS A 168 -10.31 -32.57 -61.12
C CYS A 168 -10.22 -33.63 -60.03
N ARG A 169 -9.09 -33.66 -59.32
CA ARG A 169 -8.94 -34.58 -58.22
C ARG A 169 -9.52 -33.93 -56.99
N GLY A 170 -10.24 -32.83 -57.22
CA GLY A 170 -11.05 -32.17 -56.19
C GLY A 170 -12.19 -33.07 -55.75
N LEU A 171 -12.49 -34.05 -56.61
CA LEU A 171 -13.48 -35.09 -56.34
C LEU A 171 -12.91 -36.43 -56.77
N MET A 172 -12.77 -37.37 -55.84
CA MET A 172 -12.28 -38.70 -56.18
C MET A 172 -12.94 -39.76 -55.33
N PHE A 173 -13.31 -40.85 -55.96
CA PHE A 173 -13.69 -42.04 -55.22
C PHE A 173 -13.10 -43.23 -55.95
N VAL A 174 -12.81 -44.30 -55.24
CA VAL A 174 -12.24 -45.47 -55.88
C VAL A 174 -13.29 -46.29 -56.61
N ASP A 175 -12.98 -46.74 -57.83
CA ASP A 175 -13.90 -47.59 -58.57
C ASP A 175 -14.50 -48.55 -57.54
N ARG A 176 -15.82 -48.64 -57.47
CA ARG A 176 -16.44 -49.49 -56.47
C ARG A 176 -16.20 -50.95 -56.80
N LEU A 177 -15.44 -51.22 -57.85
CA LEU A 177 -15.00 -52.57 -58.15
C LEU A 177 -13.79 -52.97 -57.31
N TYR A 178 -13.08 -51.96 -56.82
CA TYR A 178 -11.79 -52.15 -56.15
C TYR A 178 -11.72 -51.54 -54.73
N GLY A 179 -12.73 -50.78 -54.32
CA GLY A 179 -12.74 -50.16 -52.99
C GLY A 179 -13.88 -49.20 -52.70
N ASN A 180 -13.74 -48.43 -51.63
CA ASN A 180 -14.76 -47.50 -51.20
C ASN A 180 -14.19 -46.15 -50.79
N ALA A 181 -12.88 -46.00 -50.89
CA ALA A 181 -12.28 -44.76 -50.42
C ALA A 181 -12.74 -43.55 -51.23
N ILE A 182 -12.75 -42.40 -50.57
CA ILE A 182 -13.03 -41.12 -51.19
C ILE A 182 -11.82 -40.23 -50.92
N ALA A 183 -11.69 -39.12 -51.65
CA ALA A 183 -10.62 -38.15 -51.38
C ALA A 183 -10.79 -36.85 -52.17
N SER A 184 -10.12 -35.79 -51.73
CA SER A 184 -10.28 -34.47 -52.29
C SER A 184 -8.99 -33.65 -52.27
N VAL A 185 -8.60 -33.07 -53.40
CA VAL A 185 -7.27 -32.47 -53.53
C VAL A 185 -7.19 -30.96 -53.83
N ASN A 186 -6.41 -30.25 -53.03
CA ASN A 186 -6.10 -28.87 -53.27
C ASN A 186 -4.64 -28.66 -53.71
N LYS A 187 -4.36 -27.48 -54.26
CA LYS A 187 -2.99 -27.03 -54.44
C LYS A 187 -2.57 -26.65 -53.06
N ASN A 188 -1.26 -26.62 -52.86
CA ASN A 188 -0.72 -26.43 -51.55
C ASN A 188 0.52 -25.56 -51.71
N PHE A 189 0.37 -24.29 -51.36
CA PHE A 189 1.44 -23.32 -51.58
C PHE A 189 2.36 -23.17 -50.39
N ARG A 190 2.76 -24.27 -49.78
CA ARG A 190 3.68 -24.26 -48.63
C ARG A 190 5.11 -23.91 -49.06
N ASN A 191 5.46 -24.20 -50.31
CA ASN A 191 6.74 -23.75 -50.85
C ASN A 191 6.65 -22.47 -51.68
N ASP A 192 5.49 -21.82 -51.75
CA ASP A 192 5.43 -20.53 -52.45
C ASP A 192 6.23 -19.48 -51.68
N ALA A 193 7.21 -18.89 -52.35
CA ALA A 193 8.10 -17.91 -51.72
C ALA A 193 7.34 -16.87 -50.87
N VAL A 194 6.23 -16.36 -51.39
CA VAL A 194 5.53 -15.28 -50.71
C VAL A 194 4.42 -15.78 -49.77
N LYS A 195 3.77 -16.86 -50.17
CA LYS A 195 2.63 -17.37 -49.42
C LYS A 195 3.06 -18.16 -48.20
N GLN A 196 4.02 -19.07 -48.41
CA GLN A 196 4.44 -19.99 -47.36
C GLN A 196 3.25 -20.51 -46.59
N GLU A 197 2.37 -21.22 -47.28
CA GLU A 197 1.20 -21.86 -46.64
C GLU A 197 1.61 -22.74 -45.44
N GLY A 198 0.78 -22.74 -44.40
CA GLY A 198 1.05 -23.56 -43.24
C GLY A 198 -0.28 -24.07 -42.77
N PHE A 199 -0.37 -25.37 -42.55
CA PHE A 199 -1.59 -26.05 -42.14
C PHE A 199 -1.55 -26.26 -40.65
N TYR A 200 -2.74 -26.25 -40.04
CA TYR A 200 -2.88 -26.35 -38.60
C TYR A 200 -4.13 -27.18 -38.26
N GLY A 201 -4.28 -27.56 -36.99
CA GLY A 201 -5.49 -28.23 -36.53
C GLY A 201 -5.25 -29.69 -36.23
N ALA A 202 -6.10 -30.56 -36.80
CA ALA A 202 -5.92 -32.01 -36.78
C ALA A 202 -5.90 -32.65 -35.39
N GLY A 203 -6.74 -32.11 -34.51
CA GLY A 203 -6.91 -32.63 -33.14
C GLY A 203 -5.65 -32.91 -32.35
N GLU A 204 -5.47 -34.21 -32.04
CA GLU A 204 -4.43 -34.66 -31.09
C GLU A 204 -3.18 -35.22 -31.78
N VAL A 205 -3.13 -35.14 -33.09
CA VAL A 205 -1.94 -35.58 -33.79
C VAL A 205 -0.71 -34.93 -33.16
N ASN A 206 0.39 -35.67 -33.17
CA ASN A 206 1.68 -35.26 -32.63
C ASN A 206 2.73 -35.28 -33.72
N CYS A 207 3.68 -34.34 -33.68
CA CYS A 207 4.67 -34.29 -34.74
C CYS A 207 6.01 -33.82 -34.21
N LYS A 208 7.01 -34.67 -34.42
CA LYS A 208 8.41 -34.43 -33.98
C LYS A 208 9.27 -33.69 -35.01
N TYR A 209 10.19 -32.88 -34.53
CA TYR A 209 11.14 -32.17 -35.39
C TYR A 209 12.44 -32.02 -34.68
N GLN A 210 13.45 -32.69 -35.20
CA GLN A 210 14.73 -32.78 -34.52
C GLN A 210 14.49 -33.48 -33.18
N ASP A 211 14.62 -32.77 -32.05
CA ASP A 211 14.28 -33.41 -30.75
C ASP A 211 13.07 -32.75 -30.09
N THR A 212 12.31 -31.98 -30.85
CA THR A 212 11.27 -31.15 -30.27
C THR A 212 9.91 -31.37 -30.91
N TYR A 213 8.89 -31.43 -30.08
CA TYR A 213 7.54 -31.56 -30.60
C TYR A 213 6.96 -30.19 -30.93
N ILE A 214 6.34 -30.10 -32.10
CA ILE A 214 5.94 -28.83 -32.70
C ILE A 214 4.43 -28.71 -32.86
N LEU A 215 3.98 -27.52 -33.26
CA LEU A 215 2.57 -27.21 -33.41
C LEU A 215 2.02 -27.31 -34.83
N GLU A 216 2.85 -26.98 -35.84
CA GLU A 216 2.40 -26.93 -37.23
C GLU A 216 2.19 -28.32 -37.88
N ARG A 217 1.24 -28.43 -38.80
CA ARG A 217 0.95 -29.74 -39.42
C ARG A 217 1.13 -29.72 -40.95
N THR A 218 2.28 -29.19 -41.36
CA THR A 218 2.61 -28.99 -42.76
C THR A 218 3.58 -30.03 -43.27
N GLY A 219 3.34 -30.46 -44.51
CA GLY A 219 4.20 -31.40 -45.21
C GLY A 219 4.26 -32.77 -44.57
N ILE A 220 3.14 -33.23 -44.04
CA ILE A 220 3.07 -34.49 -43.29
C ILE A 220 1.79 -35.31 -43.58
N ALA A 221 1.82 -36.61 -43.30
CA ALA A 221 0.71 -37.49 -43.67
C ALA A 221 0.03 -38.04 -42.44
N MET A 222 -1.14 -37.48 -42.11
CA MET A 222 -1.90 -37.82 -40.90
C MET A 222 -3.10 -38.74 -41.16
N THR A 223 -3.67 -39.32 -40.09
CA THR A 223 -4.90 -40.11 -40.19
C THR A 223 -5.71 -39.98 -38.92
N ASN A 224 -7.03 -39.92 -39.07
CA ASN A 224 -7.97 -40.03 -37.97
C ASN A 224 -8.46 -41.48 -37.92
N TYR A 225 -8.18 -42.13 -36.79
CA TYR A 225 -8.50 -43.55 -36.60
C TYR A 225 -8.46 -43.89 -35.11
N ASN A 226 -9.49 -43.48 -34.37
CA ASN A 226 -9.49 -43.51 -32.90
C ASN A 226 -8.83 -44.75 -32.30
N TYR A 227 -7.78 -44.55 -31.52
CA TYR A 227 -7.07 -45.69 -30.98
C TYR A 227 -6.88 -45.70 -29.46
N ASP A 228 -6.52 -46.86 -28.94
CA ASP A 228 -6.27 -47.07 -27.52
C ASP A 228 -4.75 -46.84 -27.39
N ASN A 229 -4.34 -45.62 -27.71
CA ASN A 229 -2.96 -45.36 -28.07
C ASN A 229 -2.09 -44.93 -26.90
N LEU A 230 -1.87 -45.84 -25.96
CA LEU A 230 -1.19 -45.52 -24.74
C LEU A 230 0.26 -45.14 -25.04
N ASN A 231 0.66 -43.95 -24.60
CA ASN A 231 1.96 -43.32 -24.95
C ASN A 231 2.02 -42.65 -26.31
N TYR A 232 0.87 -42.52 -26.94
CA TYR A 232 0.75 -41.99 -28.30
C TYR A 232 1.68 -42.65 -29.31
N ASN A 233 2.18 -43.85 -28.99
CA ASN A 233 3.20 -44.53 -29.80
C ASN A 233 3.08 -46.05 -29.78
N GLN A 234 1.87 -46.55 -29.57
CA GLN A 234 1.60 -47.99 -29.54
C GLN A 234 2.28 -48.77 -30.66
N TRP A 235 2.91 -49.88 -30.27
CA TRP A 235 3.74 -50.68 -31.15
C TRP A 235 3.02 -51.09 -32.42
N ASP A 236 1.82 -51.64 -32.26
CA ASP A 236 0.99 -52.06 -33.41
C ASP A 236 0.71 -50.99 -34.48
N LEU A 237 0.95 -49.72 -34.16
CA LEU A 237 0.67 -48.62 -35.09
C LEU A 237 1.85 -48.17 -35.91
N ARG A 238 2.95 -48.92 -35.80
CA ARG A 238 4.21 -48.63 -36.49
C ARG A 238 4.14 -48.92 -37.99
N PRO A 239 4.92 -48.15 -38.78
CA PRO A 239 5.08 -48.30 -40.22
C PRO A 239 5.60 -49.69 -40.63
N PRO A 240 5.17 -50.19 -41.79
CA PRO A 240 5.70 -51.44 -42.30
C PRO A 240 7.23 -51.56 -42.17
N HIS A 241 7.68 -52.63 -41.52
CA HIS A 241 9.11 -52.96 -41.36
C HIS A 241 9.86 -51.98 -40.48
N HIS A 242 9.16 -51.36 -39.54
CA HIS A 242 9.78 -50.35 -38.69
C HIS A 242 10.69 -50.99 -37.65
N ASP A 243 11.96 -50.58 -37.65
CA ASP A 243 12.93 -51.11 -36.69
C ASP A 243 13.30 -50.12 -35.56
N GLY A 244 13.53 -50.66 -34.37
CA GLY A 244 13.87 -49.85 -33.20
C GLY A 244 12.63 -49.33 -32.51
N ALA A 245 12.82 -48.48 -31.49
CA ALA A 245 11.70 -47.85 -30.80
C ALA A 245 10.87 -46.98 -31.75
N LEU A 246 9.59 -46.77 -31.39
CA LEU A 246 8.68 -45.93 -32.15
C LEU A 246 8.27 -44.70 -31.32
N ASN A 247 8.75 -43.50 -31.67
CA ASN A 247 8.34 -42.27 -30.97
C ASN A 247 7.00 -41.78 -31.48
N PRO A 248 6.25 -41.03 -30.64
CA PRO A 248 5.01 -40.46 -31.15
C PRO A 248 5.30 -39.61 -32.35
N ASP A 249 4.42 -39.62 -33.34
CA ASP A 249 4.64 -38.82 -34.53
C ASP A 249 3.37 -38.68 -35.35
N TYR A 250 3.51 -38.08 -36.52
CA TYR A 250 2.34 -37.57 -37.21
C TYR A 250 1.51 -38.62 -37.92
N TYR A 251 2.13 -39.74 -38.26
CA TYR A 251 1.46 -40.83 -38.99
C TYR A 251 0.83 -41.81 -38.00
N ILE A 252 0.87 -41.46 -36.72
CA ILE A 252 0.20 -42.23 -35.69
C ILE A 252 -1.06 -41.50 -35.25
N PRO A 253 -2.21 -42.21 -35.28
CA PRO A 253 -3.47 -41.61 -34.93
C PRO A 253 -3.63 -41.53 -33.42
N MET A 254 -4.55 -40.71 -32.96
CA MET A 254 -4.69 -40.48 -31.54
C MET A 254 -6.10 -40.82 -31.05
N TYR A 255 -6.49 -40.19 -29.96
CA TYR A 255 -7.73 -40.53 -29.31
C TYR A 255 -8.96 -39.92 -29.98
N TYR A 256 -8.76 -38.82 -30.71
CA TYR A 256 -9.86 -37.95 -31.16
C TYR A 256 -9.85 -37.70 -32.66
N ALA A 257 -11.03 -37.79 -33.26
CA ALA A 257 -11.13 -37.78 -34.70
C ALA A 257 -11.44 -36.40 -35.26
N ALA A 258 -10.42 -35.71 -35.75
CA ALA A 258 -10.64 -34.38 -36.27
C ALA A 258 -10.06 -34.29 -37.65
N PRO A 259 -10.84 -34.69 -38.66
CA PRO A 259 -10.44 -34.47 -40.04
C PRO A 259 -10.72 -33.00 -40.34
N TRP A 260 -9.81 -32.14 -39.90
CA TRP A 260 -9.99 -30.71 -39.95
C TRP A 260 -8.64 -30.07 -40.06
N LEU A 261 -8.55 -29.01 -40.86
CA LEU A 261 -7.29 -28.34 -41.14
C LEU A 261 -7.53 -26.86 -41.38
N ILE A 262 -6.75 -26.01 -40.72
CA ILE A 262 -6.83 -24.57 -40.93
C ILE A 262 -5.60 -24.04 -41.67
N VAL A 263 -5.82 -23.56 -42.87
CA VAL A 263 -4.77 -23.11 -43.73
C VAL A 263 -4.49 -21.65 -43.45
N ASN A 264 -3.21 -21.31 -43.31
CA ASN A 264 -2.77 -19.93 -43.05
C ASN A 264 -1.61 -19.52 -43.95
N GLY A 265 -1.90 -18.72 -44.98
CA GLY A 265 -0.88 -18.24 -45.90
C GLY A 265 -0.73 -16.73 -45.89
N CYS A 266 0.39 -16.26 -46.45
CA CYS A 266 0.77 -14.84 -46.41
C CYS A 266 0.69 -14.33 -44.98
N ALA A 267 1.36 -15.03 -44.08
CA ALA A 267 1.18 -14.85 -42.64
C ALA A 267 1.71 -13.53 -42.09
N GLY A 268 0.90 -12.90 -41.26
CA GLY A 268 1.35 -11.73 -40.50
C GLY A 268 1.50 -10.46 -41.31
N THR A 269 0.82 -10.39 -42.44
CA THR A 269 0.88 -9.20 -43.31
C THR A 269 -0.51 -8.77 -43.77
N SER A 270 -0.59 -7.61 -44.39
CA SER A 270 -1.84 -7.07 -44.92
C SER A 270 -2.68 -8.09 -45.71
N GLU A 271 -2.04 -8.85 -46.60
CA GLU A 271 -2.76 -9.69 -47.53
C GLU A 271 -3.02 -11.13 -47.03
N GLN A 272 -3.06 -11.32 -45.70
CA GLN A 272 -3.17 -12.66 -45.10
C GLN A 272 -4.56 -13.29 -45.22
N TYR A 273 -4.60 -14.61 -45.35
CA TYR A 273 -5.85 -15.32 -45.51
C TYR A 273 -5.83 -16.64 -44.75
N SER A 274 -6.96 -16.98 -44.14
CA SER A 274 -7.07 -18.29 -43.52
C SER A 274 -8.40 -18.89 -43.93
N TYR A 275 -8.41 -20.20 -44.13
CA TYR A 275 -9.64 -20.95 -44.33
C TYR A 275 -9.52 -22.31 -43.68
N GLY A 276 -10.61 -22.77 -43.09
CA GLY A 276 -10.71 -24.13 -42.55
C GLY A 276 -11.28 -25.14 -43.53
N TRP A 277 -11.15 -26.42 -43.19
CA TRP A 277 -11.40 -27.51 -44.11
C TRP A 277 -11.77 -28.74 -43.32
N PHE A 278 -13.06 -29.03 -43.26
CA PHE A 278 -13.58 -30.20 -42.53
C PHE A 278 -14.02 -31.23 -43.52
N MET A 279 -13.38 -32.39 -43.55
CA MET A 279 -13.99 -33.49 -44.27
C MET A 279 -14.84 -34.21 -43.26
N ASP A 280 -16.14 -34.01 -43.38
CA ASP A 280 -17.10 -34.63 -42.49
C ASP A 280 -17.32 -36.05 -42.89
N ASN A 281 -16.58 -36.93 -42.26
CA ASN A 281 -16.65 -38.35 -42.53
C ASN A 281 -16.24 -38.99 -41.21
N VAL A 282 -16.71 -40.21 -40.95
CA VAL A 282 -16.42 -40.89 -39.68
C VAL A 282 -15.88 -42.31 -39.81
N SER A 283 -15.57 -42.74 -41.03
CA SER A 283 -14.69 -43.89 -41.22
C SER A 283 -13.26 -43.37 -41.23
N GLN A 284 -12.28 -44.25 -41.20
CA GLN A 284 -10.90 -43.77 -41.09
C GLN A 284 -10.63 -42.63 -42.09
N SER A 285 -10.21 -41.47 -41.62
CA SER A 285 -9.95 -40.34 -42.52
C SER A 285 -8.47 -39.96 -42.60
N TYR A 286 -8.12 -39.17 -43.60
CA TYR A 286 -6.73 -38.84 -43.87
C TYR A 286 -6.63 -37.39 -44.21
N MET A 287 -5.53 -36.78 -43.76
CA MET A 287 -5.16 -35.42 -44.10
C MET A 287 -3.70 -35.48 -44.50
N ASN A 288 -3.41 -35.08 -45.73
CA ASN A 288 -2.05 -35.09 -46.20
C ASN A 288 -1.64 -33.71 -46.72
N THR A 289 -0.73 -33.08 -45.97
CA THR A 289 -0.37 -31.70 -46.22
C THR A 289 0.86 -31.58 -47.13
N GLY A 290 1.07 -32.59 -47.97
CA GLY A 290 2.15 -32.61 -48.94
C GLY A 290 3.36 -33.39 -48.49
N ASP A 291 3.12 -34.59 -47.94
CA ASP A 291 4.20 -35.42 -47.43
C ASP A 291 4.58 -36.51 -48.44
N THR A 292 5.80 -36.40 -48.96
CA THR A 292 6.37 -37.38 -49.88
C THR A 292 6.77 -38.74 -49.28
N THR A 293 6.79 -38.90 -47.96
CA THR A 293 7.17 -40.18 -47.38
C THR A 293 6.18 -41.25 -47.84
N TRP A 294 6.68 -42.30 -48.49
CA TRP A 294 5.84 -43.40 -48.99
C TRP A 294 5.12 -43.02 -50.29
N ASN A 295 5.65 -41.99 -50.94
CA ASN A 295 5.00 -41.35 -52.07
C ASN A 295 3.49 -41.23 -51.85
N SER A 296 3.10 -40.93 -50.60
CA SER A 296 1.69 -40.84 -50.21
C SER A 296 1.10 -39.51 -50.62
N GLY A 297 1.97 -38.49 -50.67
CA GLY A 297 1.62 -37.15 -51.09
C GLY A 297 2.70 -36.47 -51.92
N GLN A 298 2.39 -35.32 -52.48
CA GLN A 298 3.36 -34.66 -53.31
C GLN A 298 3.56 -33.37 -52.60
N GLU A 299 4.78 -32.84 -52.66
CA GLU A 299 5.09 -31.62 -51.93
C GLU A 299 4.09 -30.47 -52.15
N ASP A 300 3.65 -30.27 -53.39
CA ASP A 300 2.82 -29.11 -53.72
C ASP A 300 1.32 -29.40 -53.85
N LEU A 301 0.85 -30.43 -53.16
CA LEU A 301 -0.57 -30.73 -53.09
C LEU A 301 -0.94 -31.12 -51.68
N ALA A 302 -2.21 -30.94 -51.33
CA ALA A 302 -2.71 -31.35 -50.03
C ALA A 302 -4.06 -32.00 -50.26
N TYR A 303 -4.43 -32.99 -49.46
CA TYR A 303 -5.73 -33.58 -49.64
C TYR A 303 -6.30 -34.07 -48.34
N MET A 304 -7.56 -34.50 -48.39
CA MET A 304 -8.17 -35.23 -47.29
C MET A 304 -8.83 -36.42 -47.93
N GLY A 305 -9.11 -37.47 -47.17
CA GLY A 305 -9.74 -38.65 -47.77
C GLY A 305 -10.31 -39.58 -46.72
N ALA A 306 -10.97 -40.65 -47.15
CA ALA A 306 -11.46 -41.62 -46.19
C ALA A 306 -11.57 -42.99 -46.82
N GLN A 307 -11.62 -43.99 -45.96
CA GLN A 307 -11.74 -45.37 -46.39
C GLN A 307 -13.15 -45.66 -46.90
N TYR A 308 -14.11 -44.86 -46.46
CA TYR A 308 -15.49 -45.05 -46.89
C TYR A 308 -16.22 -43.74 -47.09
N GLY A 309 -17.46 -43.84 -47.60
CA GLY A 309 -18.29 -42.68 -47.85
C GLY A 309 -19.33 -42.36 -46.78
N PRO A 310 -20.21 -41.39 -47.09
CA PRO A 310 -20.22 -40.62 -48.33
C PRO A 310 -19.26 -39.43 -48.30
N PHE A 311 -19.35 -38.53 -49.30
CA PHE A 311 -18.37 -37.44 -49.51
C PHE A 311 -18.97 -36.08 -49.13
N ASP A 312 -18.65 -35.59 -47.94
CA ASP A 312 -19.27 -34.37 -47.45
C ASP A 312 -18.17 -33.52 -46.89
N GLN A 313 -18.08 -32.26 -47.28
CA GLN A 313 -16.88 -31.47 -47.02
C GLN A 313 -17.14 -29.97 -46.94
N HIS A 314 -16.54 -29.33 -45.96
CA HIS A 314 -16.83 -27.94 -45.71
C HIS A 314 -15.60 -27.07 -45.90
N PHE A 315 -15.79 -25.93 -46.54
CA PHE A 315 -14.75 -24.92 -46.59
C PHE A 315 -15.27 -23.71 -45.82
N VAL A 316 -14.54 -23.33 -44.78
CA VAL A 316 -14.96 -22.23 -43.93
C VAL A 316 -13.92 -21.14 -43.86
N TYR A 317 -14.18 -19.98 -44.44
CA TYR A 317 -13.16 -18.93 -44.45
CA TYR A 317 -13.19 -18.88 -44.48
C TYR A 317 -13.30 -17.94 -43.30
N GLY A 318 -14.49 -17.88 -42.71
CA GLY A 318 -14.74 -17.00 -41.57
C GLY A 318 -15.10 -15.57 -41.94
N ALA A 319 -15.73 -14.86 -40.99
CA ALA A 319 -16.21 -13.50 -41.19
C ALA A 319 -15.12 -12.45 -41.45
N GLY A 320 -13.92 -12.66 -40.91
CA GLY A 320 -12.87 -11.65 -41.00
C GLY A 320 -11.51 -12.18 -40.65
N GLY A 321 -10.63 -11.26 -40.29
CA GLY A 321 -9.21 -11.53 -40.26
C GLY A 321 -8.69 -12.36 -39.11
N GLY A 322 -7.86 -13.33 -39.45
CA GLY A 322 -7.21 -14.15 -38.46
C GLY A 322 -7.73 -15.57 -38.43
N MET A 323 -6.86 -16.48 -38.01
CA MET A 323 -7.22 -17.86 -37.89
C MET A 323 -8.35 -18.08 -36.89
N GLU A 324 -8.35 -17.32 -35.80
CA GLU A 324 -9.37 -17.51 -34.75
C GLU A 324 -10.78 -17.55 -35.36
N VAL A 326 -11.79 -18.33 -38.27
CA VAL A 326 -12.07 -19.65 -38.85
C VAL A 326 -12.69 -20.60 -37.85
N VAL A 327 -12.10 -20.66 -36.66
CA VAL A 327 -12.57 -21.50 -35.56
C VAL A 327 -14.01 -21.16 -35.12
N THR A 328 -14.28 -19.88 -34.88
CA THR A 328 -15.59 -19.42 -34.42
C THR A 328 -16.70 -19.64 -35.41
N ALA A 329 -16.37 -19.62 -36.72
CA ALA A 329 -17.36 -19.75 -37.78
C ALA A 329 -17.72 -21.20 -37.94
N PHE A 330 -16.66 -22.03 -37.88
CA PHE A 330 -16.76 -23.49 -37.85
C PHE A 330 -17.67 -23.92 -36.72
N SER A 331 -17.53 -23.26 -35.57
CA SER A 331 -18.32 -23.59 -34.41
C SER A 331 -19.78 -23.19 -34.63
N LEU A 332 -19.97 -22.09 -35.36
CA LEU A 332 -21.30 -21.67 -35.73
C LEU A 332 -22.02 -22.78 -36.50
N LEU A 333 -21.28 -23.46 -37.37
CA LEU A 333 -21.87 -24.42 -38.29
C LEU A 333 -22.42 -25.63 -37.50
N GLN A 334 -21.86 -25.80 -36.32
CA GLN A 334 -22.14 -26.90 -35.43
C GLN A 334 -22.95 -26.35 -34.28
N GLY A 335 -23.50 -25.15 -34.50
CA GLY A 335 -24.12 -24.39 -33.42
C GLY A 335 -25.43 -24.95 -32.92
N LYS A 336 -25.96 -24.34 -31.86
CA LYS A 336 -27.22 -24.79 -31.31
C LYS A 336 -28.15 -23.59 -31.19
N GLU A 337 -27.83 -22.54 -31.92
CA GLU A 337 -28.75 -21.44 -32.13
C GLU A 337 -30.14 -21.91 -32.59
N PHE A 338 -30.19 -22.99 -33.38
CA PHE A 338 -31.45 -23.48 -33.92
C PHE A 338 -32.33 -24.05 -32.83
N GLU A 339 -31.72 -24.33 -31.67
CA GLU A 339 -32.42 -24.84 -30.49
C GLU A 339 -32.77 -23.73 -29.51
N ASN A 340 -32.52 -22.50 -29.91
CA ASN A 340 -32.75 -21.36 -29.03
C ASN A 340 -31.98 -21.41 -27.71
N GLN A 341 -30.84 -22.12 -27.70
CA GLN A 341 -29.90 -22.11 -26.57
C GLN A 341 -29.54 -20.69 -26.19
N VAL A 342 -29.78 -20.37 -24.93
CA VAL A 342 -29.69 -19.00 -24.47
C VAL A 342 -28.25 -18.76 -23.99
N LEU A 343 -27.59 -19.85 -23.58
CA LEU A 343 -26.17 -19.79 -23.22
C LEU A 343 -25.30 -20.71 -24.09
N ASN A 344 -25.70 -21.99 -24.20
CA ASN A 344 -24.92 -23.01 -24.89
C ASN A 344 -25.14 -23.07 -26.40
N LYS A 345 -24.51 -22.13 -27.09
CA LYS A 345 -24.65 -22.06 -28.52
C LYS A 345 -23.56 -22.87 -29.17
N ARG A 346 -22.34 -22.79 -28.66
CA ARG A 346 -21.19 -23.33 -29.37
C ARG A 346 -20.58 -24.51 -28.62
N SER A 347 -21.09 -24.73 -27.41
CA SER A 347 -20.61 -25.77 -26.53
C SER A 347 -21.40 -25.65 -25.23
N VAL A 348 -21.29 -26.64 -24.35
CA VAL A 348 -21.96 -26.59 -23.07
C VAL A 348 -21.00 -26.13 -22.03
N MET A 349 -21.44 -25.18 -21.20
CA MET A 349 -20.63 -24.70 -20.07
C MET A 349 -20.59 -25.73 -18.95
N PRO A 350 -19.37 -26.06 -18.47
CA PRO A 350 -19.12 -26.92 -17.34
C PRO A 350 -19.47 -26.16 -16.08
N PRO A 351 -19.50 -26.86 -14.94
CA PRO A 351 -19.60 -26.13 -13.70
C PRO A 351 -18.26 -25.48 -13.49
N LYS A 352 -18.29 -24.29 -12.90
CA LYS A 352 -17.08 -23.59 -12.44
C LYS A 352 -16.00 -24.57 -11.95
N TYR A 353 -16.43 -25.54 -11.13
CA TYR A 353 -15.52 -26.47 -10.45
C TYR A 353 -14.63 -27.29 -11.35
N VAL A 354 -15.00 -27.37 -12.63
CA VAL A 354 -14.28 -28.22 -13.55
C VAL A 354 -13.00 -27.52 -13.88
N PHE A 355 -12.84 -26.30 -13.38
CA PHE A 355 -11.65 -25.52 -13.65
C PHE A 355 -10.60 -25.54 -12.56
N GLY A 356 -10.88 -26.32 -11.50
CA GLY A 356 -10.00 -26.43 -10.35
C GLY A 356 -9.10 -27.65 -10.46
N PHE A 357 -8.27 -27.87 -9.44
CA PHE A 357 -7.28 -28.94 -9.45
C PHE A 357 -7.80 -30.32 -9.01
N PHE A 358 -7.54 -31.38 -9.79
CA PHE A 358 -8.04 -32.73 -9.48
C PHE A 358 -6.95 -33.78 -9.42
N GLN A 359 -6.89 -34.55 -8.34
CA GLN A 359 -5.98 -35.68 -8.33
C GLN A 359 -6.75 -36.91 -8.74
N GLY A 360 -6.24 -37.59 -9.75
CA GLY A 360 -6.77 -38.88 -10.15
C GLY A 360 -5.69 -39.87 -9.76
N VAL A 361 -6.10 -41.07 -9.37
CA VAL A 361 -5.15 -42.12 -9.05
C VAL A 361 -5.68 -43.41 -9.60
N PHE A 362 -4.86 -44.12 -10.36
CA PHE A 362 -5.19 -45.47 -10.71
C PHE A 362 -4.51 -46.45 -9.77
N GLY A 363 -5.14 -46.68 -8.62
CA GLY A 363 -4.64 -47.65 -7.63
C GLY A 363 -4.91 -47.30 -6.17
N THR A 364 -5.97 -46.56 -5.90
CA THR A 364 -6.51 -46.49 -4.56
C THR A 364 -7.20 -47.84 -4.34
N SER A 365 -7.58 -48.16 -3.11
CA SER A 365 -8.18 -49.47 -2.86
C SER A 365 -9.13 -49.45 -1.66
N SER A 366 -9.44 -48.23 -1.23
CA SER A 366 -10.50 -47.95 -0.26
C SER A 366 -10.73 -46.46 -0.18
N LEU A 367 -11.77 -46.10 0.54
CA LEU A 367 -12.03 -44.74 0.86
C LEU A 367 -11.12 -44.28 1.99
N LEU A 368 -11.17 -44.96 3.13
CA LEU A 368 -10.46 -44.47 4.30
C LEU A 368 -9.38 -45.42 4.71
N ARG A 369 -8.43 -44.93 5.49
CA ARG A 369 -7.34 -45.77 5.97
C ARG A 369 -7.88 -46.94 6.80
N ALA A 370 -8.83 -46.63 7.67
CA ALA A 370 -9.36 -47.64 8.56
C ALA A 370 -9.76 -48.91 7.81
N HIS A 371 -10.23 -48.79 6.58
CA HIS A 371 -10.63 -49.98 5.83
C HIS A 371 -9.76 -50.37 4.63
N MET A 372 -8.51 -49.92 4.60
CA MET A 372 -7.63 -50.22 3.47
C MET A 372 -6.99 -51.60 3.60
N PRO A 373 -7.27 -52.49 2.64
CA PRO A 373 -6.63 -53.79 2.67
C PRO A 373 -5.09 -53.68 2.62
N ALA A 374 -4.39 -54.59 3.30
CA ALA A 374 -2.93 -54.61 3.29
C ALA A 374 -2.39 -55.05 1.92
N GLY A 375 -1.52 -54.24 1.35
CA GLY A 375 -0.94 -54.54 0.04
C GLY A 375 0.17 -53.56 -0.18
N GLU A 376 1.28 -54.02 -0.73
CA GLU A 376 2.44 -53.15 -0.87
C GLU A 376 2.10 -51.86 -1.63
N ASN A 377 2.40 -50.73 -0.99
CA ASN A 377 2.20 -49.41 -1.56
C ASN A 377 0.75 -48.98 -1.76
N ASN A 378 -0.20 -49.78 -1.28
CA ASN A 378 -1.60 -49.36 -1.31
C ASN A 378 -1.74 -47.95 -0.74
N ILE A 379 -2.66 -47.17 -1.31
CA ILE A 379 -3.03 -45.85 -0.82
C ILE A 379 -4.57 -45.77 -0.76
N SER A 380 -5.09 -44.96 0.16
CA SER A 380 -6.51 -44.70 0.23
C SER A 380 -6.81 -43.28 -0.20
N VAL A 381 -8.04 -43.06 -0.64
CA VAL A 381 -8.48 -41.74 -1.02
C VAL A 381 -8.20 -40.79 0.11
N GLU A 382 -8.54 -41.24 1.32
CA GLU A 382 -8.41 -40.44 2.53
C GLU A 382 -7.02 -39.87 2.72
N GLU A 383 -6.01 -40.62 2.25
CA GLU A 383 -4.60 -40.22 2.41
C GLU A 383 -4.29 -39.11 1.42
N ILE A 384 -4.86 -39.21 0.22
CA ILE A 384 -4.69 -38.21 -0.85
C ILE A 384 -5.25 -36.85 -0.43
N VAL A 385 -6.53 -36.85 -0.13
CA VAL A 385 -7.21 -35.68 0.40
C VAL A 385 -6.44 -35.10 1.59
N GLU A 386 -5.82 -35.97 2.38
CA GLU A 386 -5.07 -35.51 3.54
C GLU A 386 -3.78 -34.81 3.12
N GLY A 387 -3.10 -35.41 2.16
CA GLY A 387 -1.86 -34.87 1.63
C GLY A 387 -2.10 -33.44 1.22
N TYR A 388 -3.08 -33.25 0.35
CA TYR A 388 -3.38 -31.95 -0.19
C TYR A 388 -3.95 -31.00 0.87
N GLN A 389 -5.10 -31.36 1.42
CA GLN A 389 -5.78 -30.52 2.39
C GLN A 389 -4.87 -30.03 3.52
N ASN A 390 -4.15 -30.96 4.15
CA ASN A 390 -3.24 -30.60 5.23
C ASN A 390 -2.14 -29.62 4.81
N ASN A 391 -1.67 -29.74 3.56
CA ASN A 391 -0.61 -28.85 3.07
C ASN A 391 -1.13 -27.62 2.36
N ASN A 392 -2.29 -27.16 2.81
CA ASN A 392 -2.99 -26.03 2.22
C ASN A 392 -2.84 -25.92 0.74
N PHE A 393 -3.12 -27.00 0.02
CA PHE A 393 -3.18 -26.95 -1.42
C PHE A 393 -4.56 -26.55 -1.87
N PRO A 394 -4.65 -25.61 -2.83
CA PRO A 394 -5.95 -25.34 -3.41
C PRO A 394 -6.32 -26.58 -4.23
N PHE A 395 -7.30 -27.34 -3.75
CA PHE A 395 -7.57 -28.67 -4.27
C PHE A 395 -9.07 -28.93 -4.39
N GLU A 396 -9.50 -29.48 -5.51
CA GLU A 396 -10.93 -29.53 -5.89
C GLU A 396 -11.59 -30.87 -5.65
N GLY A 397 -10.82 -31.93 -5.79
CA GLY A 397 -11.30 -33.25 -5.45
C GLY A 397 -10.68 -34.33 -6.31
N LEU A 398 -11.37 -35.46 -6.36
CA LEU A 398 -10.81 -36.68 -6.89
C LEU A 398 -11.36 -37.15 -8.24
N ALA A 399 -10.54 -37.99 -8.89
CA ALA A 399 -10.94 -38.72 -10.06
C ALA A 399 -10.89 -40.18 -9.66
N VAL A 400 -12.00 -40.69 -9.14
CA VAL A 400 -12.03 -42.05 -8.63
C VAL A 400 -12.05 -43.00 -9.81
N ASP A 401 -11.18 -44.00 -9.77
CA ASP A 401 -11.09 -44.96 -10.87
C ASP A 401 -11.94 -46.23 -10.63
N VAL A 402 -11.79 -47.17 -11.55
CA VAL A 402 -12.45 -48.45 -11.50
C VAL A 402 -12.06 -49.20 -10.24
N ASP A 403 -11.03 -48.73 -9.56
CA ASP A 403 -10.70 -49.27 -8.26
C ASP A 403 -12.02 -49.40 -7.49
N MET A 404 -12.82 -48.34 -7.44
CA MET A 404 -14.01 -48.33 -6.58
C MET A 404 -15.08 -49.33 -7.00
N GLN A 405 -15.22 -49.57 -8.30
CA GLN A 405 -16.24 -50.46 -8.85
C GLN A 405 -16.12 -51.83 -8.20
N ASP A 406 -17.22 -52.60 -8.22
CA ASP A 406 -17.21 -53.96 -7.69
C ASP A 406 -16.70 -54.91 -8.74
N ASN A 407 -15.48 -55.39 -8.57
CA ASN A 407 -14.87 -56.20 -9.60
C ASN A 407 -15.23 -55.69 -11.01
N LEU A 408 -14.72 -54.51 -11.37
CA LEU A 408 -14.84 -53.93 -12.70
C LEU A 408 -16.25 -53.86 -13.26
N ARG A 409 -17.26 -53.72 -12.41
CA ARG A 409 -18.63 -53.62 -12.91
C ARG A 409 -19.08 -52.16 -12.96
N VAL A 410 -18.88 -51.52 -14.10
CA VAL A 410 -19.25 -50.13 -14.27
C VAL A 410 -20.65 -49.85 -13.71
N PHE A 411 -20.71 -48.81 -12.87
CA PHE A 411 -21.94 -48.25 -12.31
C PHE A 411 -22.22 -48.68 -10.86
N THR A 412 -21.24 -49.32 -10.25
CA THR A 412 -21.38 -49.76 -8.89
C THR A 412 -20.12 -49.48 -8.11
N THR A 413 -20.17 -49.83 -6.84
CA THR A 413 -19.12 -49.56 -5.91
C THR A 413 -18.97 -50.77 -4.99
N LYS A 414 -17.80 -50.94 -4.38
CA LYS A 414 -17.57 -52.00 -3.39
C LYS A 414 -17.40 -51.42 -1.97
N GLY A 415 -17.62 -52.26 -0.97
CA GLY A 415 -17.72 -51.83 0.43
C GLY A 415 -16.65 -50.86 0.90
N GLU A 416 -15.43 -51.10 0.42
CA GLU A 416 -14.20 -50.42 0.83
C GLU A 416 -14.25 -48.92 0.60
N PHE A 417 -15.03 -48.51 -0.40
CA PHE A 417 -15.16 -47.12 -0.79
C PHE A 417 -16.32 -46.43 -0.10
N TRP A 418 -16.61 -46.87 1.12
CA TRP A 418 -17.63 -46.28 1.98
C TRP A 418 -17.09 -46.18 3.40
N THR A 419 -17.60 -45.26 4.20
CA THR A 419 -17.11 -45.05 5.57
C THR A 419 -17.37 -46.23 6.50
N ALA A 420 -18.25 -47.13 6.10
CA ALA A 420 -18.67 -48.20 6.98
C ALA A 420 -18.50 -49.56 6.29
N ASN A 421 -17.65 -49.57 5.27
CA ASN A 421 -17.20 -50.79 4.62
C ASN A 421 -18.30 -51.62 3.95
N ARG A 422 -19.45 -51.01 3.68
CA ARG A 422 -20.47 -51.68 2.87
C ARG A 422 -21.22 -50.72 1.92
N VAL A 423 -21.81 -51.28 0.88
CA VAL A 423 -22.57 -50.51 -0.09
C VAL A 423 -23.92 -50.06 0.49
N GLY A 424 -24.16 -48.76 0.48
CA GLY A 424 -25.44 -48.22 0.91
C GLY A 424 -26.18 -47.77 -0.33
N THR A 425 -27.46 -47.43 -0.18
CA THR A 425 -28.17 -46.86 -1.29
C THR A 425 -27.95 -45.37 -1.15
N GLY A 426 -27.15 -45.00 -0.16
CA GLY A 426 -26.68 -43.63 0.00
C GLY A 426 -27.63 -42.72 0.76
N GLY A 427 -27.11 -41.60 1.24
CA GLY A 427 -27.90 -40.67 2.04
C GLY A 427 -27.88 -41.03 3.53
N ASP A 428 -27.17 -42.10 3.87
CA ASP A 428 -27.06 -42.60 5.24
C ASP A 428 -25.84 -41.96 5.91
N PRO A 429 -26.05 -41.10 6.92
CA PRO A 429 -24.90 -40.33 7.40
C PRO A 429 -23.96 -41.15 8.26
N ASN A 430 -24.31 -42.40 8.50
CA ASN A 430 -23.42 -43.31 9.20
C ASN A 430 -22.75 -44.30 8.25
N ASN A 431 -23.01 -44.15 6.95
CA ASN A 431 -22.28 -44.87 5.90
C ASN A 431 -22.28 -44.06 4.59
N ARG A 432 -21.37 -43.09 4.52
CA ARG A 432 -21.26 -42.25 3.36
C ARG A 432 -20.41 -42.97 2.35
N SER A 433 -20.74 -42.82 1.07
CA SER A 433 -19.93 -43.32 -0.02
C SER A 433 -18.78 -42.36 -0.25
N VAL A 434 -17.78 -42.80 -1.02
CA VAL A 434 -16.65 -41.94 -1.32
C VAL A 434 -17.15 -40.53 -1.65
N PHE A 435 -18.04 -40.44 -2.63
CA PHE A 435 -18.46 -39.15 -3.15
C PHE A 435 -19.10 -38.27 -2.09
N GLU A 436 -19.80 -38.88 -1.15
CA GLU A 436 -20.49 -38.11 -0.15
C GLU A 436 -19.50 -37.60 0.88
N TRP A 437 -18.59 -38.48 1.29
CA TRP A 437 -17.54 -38.09 2.21
C TRP A 437 -16.81 -36.93 1.56
N ALA A 438 -16.37 -37.13 0.32
CA ALA A 438 -15.74 -36.12 -0.53
C ALA A 438 -16.45 -34.78 -0.50
N HIS A 439 -17.78 -34.81 -0.51
CA HIS A 439 -18.61 -33.59 -0.39
C HIS A 439 -18.36 -32.88 0.93
N ASP A 440 -18.49 -33.60 2.04
CA ASP A 440 -18.21 -33.06 3.38
C ASP A 440 -16.77 -32.52 3.57
N LYS A 441 -15.86 -32.84 2.65
CA LYS A 441 -14.51 -32.30 2.73
C LYS A 441 -14.39 -31.07 1.82
N GLY A 442 -15.50 -30.69 1.23
CA GLY A 442 -15.53 -29.57 0.29
C GLY A 442 -15.33 -29.98 -1.17
N LEU A 443 -14.80 -31.18 -1.39
CA LEU A 443 -14.39 -31.59 -2.72
C LEU A 443 -15.56 -32.08 -3.59
N VAL A 444 -15.32 -32.19 -4.90
CA VAL A 444 -16.22 -32.93 -5.79
C VAL A 444 -15.44 -33.98 -6.59
N CYS A 445 -16.17 -34.90 -7.20
CA CYS A 445 -15.53 -35.94 -7.98
C CYS A 445 -16.19 -36.22 -9.33
N GLN A 446 -15.36 -36.74 -10.22
CA GLN A 446 -15.82 -37.51 -11.34
C GLN A 446 -15.48 -38.94 -10.95
N THR A 447 -16.08 -39.90 -11.63
CA THR A 447 -15.55 -41.23 -11.51
C THR A 447 -15.51 -41.78 -12.92
N ASN A 448 -14.73 -42.84 -13.09
CA ASN A 448 -14.55 -43.48 -14.40
C ASN A 448 -15.75 -44.32 -14.89
N ILE A 449 -16.29 -43.98 -16.06
CA ILE A 449 -17.29 -44.84 -16.73
C ILE A 449 -16.91 -45.25 -18.16
N THR A 450 -16.77 -46.54 -18.39
CA THR A 450 -16.63 -47.03 -19.74
C THR A 450 -17.96 -47.65 -20.13
N CYS A 451 -18.13 -47.91 -21.41
CA CYS A 451 -19.34 -48.57 -21.87
C CYS A 451 -19.15 -50.10 -21.92
N PHE A 452 -18.30 -50.59 -21.02
CA PHE A 452 -17.92 -51.99 -20.93
C PHE A 452 -18.72 -52.69 -19.84
N LEU A 453 -19.59 -53.61 -20.21
CA LEU A 453 -20.48 -54.23 -19.21
C LEU A 453 -20.08 -55.67 -18.92
N ARG A 454 -19.63 -55.94 -17.71
CA ARG A 454 -19.00 -57.23 -17.45
C ARG A 454 -19.89 -58.41 -17.90
N ASN A 455 -19.24 -59.53 -18.18
CA ASN A 455 -19.93 -60.68 -18.72
C ASN A 455 -19.58 -61.92 -17.95
N ASP A 456 -18.29 -62.10 -17.67
CA ASP A 456 -17.84 -63.13 -16.77
C ASP A 456 -18.19 -62.69 -15.36
N ASN A 457 -19.39 -63.07 -14.91
CA ASN A 457 -19.85 -62.65 -13.59
C ASN A 457 -19.80 -63.70 -12.47
N GLU A 458 -19.47 -64.94 -12.86
CA GLU A 458 -19.34 -66.07 -11.94
C GLU A 458 -20.64 -66.38 -11.19
N GLY A 459 -21.76 -66.40 -11.92
CA GLY A 459 -23.08 -66.57 -11.32
C GLY A 459 -23.59 -65.33 -10.61
N GLN A 460 -22.67 -64.57 -10.01
CA GLN A 460 -22.96 -63.32 -9.31
C GLN A 460 -23.88 -62.42 -10.14
N ASP A 461 -24.81 -61.74 -9.46
CA ASP A 461 -25.83 -60.90 -10.13
C ASP A 461 -25.31 -59.48 -10.40
N TYR A 462 -25.41 -59.06 -11.66
CA TYR A 462 -25.01 -57.72 -12.07
C TYR A 462 -26.11 -57.14 -12.98
N GLU A 463 -26.86 -56.20 -12.41
CA GLU A 463 -28.11 -55.77 -13.00
C GLU A 463 -27.91 -55.12 -14.38
N VAL A 464 -26.83 -54.36 -14.53
CA VAL A 464 -26.59 -53.61 -15.78
C VAL A 464 -26.35 -54.52 -16.99
N ASN A 465 -25.63 -55.62 -16.82
CA ASN A 465 -25.45 -56.60 -17.90
C ASN A 465 -26.73 -57.39 -18.13
N GLN A 466 -27.41 -57.72 -17.04
CA GLN A 466 -28.63 -58.52 -17.13
C GLN A 466 -29.70 -57.77 -17.94
N THR A 467 -29.85 -56.49 -17.68
CA THR A 467 -30.86 -55.69 -18.35
C THR A 467 -30.51 -55.41 -19.80
N LEU A 468 -29.24 -55.58 -20.15
CA LEU A 468 -28.80 -55.37 -21.51
C LEU A 468 -29.17 -56.59 -22.32
N ARG A 469 -29.06 -57.76 -21.71
CA ARG A 469 -29.38 -59.03 -22.37
C ARG A 469 -30.88 -59.14 -22.64
N GLU A 470 -31.67 -58.74 -21.64
CA GLU A 470 -33.12 -58.80 -21.68
C GLU A 470 -33.69 -58.05 -22.85
N ARG A 471 -33.28 -56.79 -22.95
CA ARG A 471 -33.81 -55.87 -23.96
C ARG A 471 -33.00 -55.94 -25.26
N GLN A 472 -32.09 -56.91 -25.34
CA GLN A 472 -31.25 -57.12 -26.52
C GLN A 472 -30.60 -55.84 -27.06
N LEU A 473 -30.06 -55.06 -26.13
CA LEU A 473 -29.49 -53.74 -26.42
C LEU A 473 -27.98 -53.82 -26.62
N TYR A 474 -27.50 -55.05 -26.80
CA TYR A 474 -26.09 -55.29 -27.03
C TYR A 474 -25.80 -55.46 -28.51
N THR A 475 -24.54 -55.21 -28.84
CA THR A 475 -24.08 -55.30 -30.19
C THR A 475 -24.04 -56.78 -30.47
N LYS A 476 -24.54 -57.19 -31.64
CA LYS A 476 -24.54 -58.62 -31.96
C LYS A 476 -23.33 -59.06 -32.80
N ASN A 477 -23.04 -60.35 -32.78
CA ASN A 477 -21.87 -60.92 -33.45
C ASN A 477 -22.08 -61.25 -34.94
N ASP A 478 -23.07 -60.65 -35.58
CA ASP A 478 -23.30 -60.88 -37.00
C ASP A 478 -22.26 -60.12 -37.83
N SER A 479 -21.96 -60.64 -39.02
CA SER A 479 -21.05 -59.99 -39.95
C SER A 479 -21.34 -60.50 -41.37
N LEU A 480 -21.14 -59.63 -42.35
CA LEU A 480 -21.35 -59.99 -43.73
C LEU A 480 -20.20 -60.84 -44.24
N THR A 481 -19.33 -61.29 -43.34
CA THR A 481 -18.17 -62.09 -43.75
C THR A 481 -18.12 -63.47 -43.08
N GLY A 482 -19.06 -63.74 -42.18
CA GLY A 482 -19.09 -65.01 -41.44
C GLY A 482 -17.97 -65.14 -40.43
N THR A 483 -17.40 -64.00 -40.04
CA THR A 483 -16.30 -63.94 -39.09
C THR A 483 -16.72 -64.37 -37.68
N ASP A 484 -15.87 -65.18 -37.04
CA ASP A 484 -16.12 -65.63 -35.69
C ASP A 484 -15.31 -64.84 -34.67
N PHE A 485 -16.00 -63.97 -33.94
CA PHE A 485 -15.37 -63.05 -32.98
C PHE A 485 -15.10 -63.70 -31.62
N GLY A 486 -15.54 -64.94 -31.47
CA GLY A 486 -15.30 -65.69 -30.24
C GLY A 486 -16.56 -65.84 -29.41
N MET A 487 -16.49 -66.71 -28.40
CA MET A 487 -17.62 -66.96 -27.52
C MET A 487 -17.12 -67.46 -26.16
N THR A 488 -17.89 -67.17 -25.10
CA THR A 488 -17.67 -67.75 -23.78
C THR A 488 -18.88 -68.56 -23.33
N ASP A 489 -18.85 -68.98 -22.07
CA ASP A 489 -19.92 -69.80 -21.52
C ASP A 489 -21.04 -68.95 -20.91
N ASP A 490 -20.75 -67.67 -20.67
CA ASP A 490 -21.71 -66.72 -20.12
C ASP A 490 -22.70 -66.25 -21.17
N GLY A 491 -22.31 -66.31 -22.43
CA GLY A 491 -23.12 -65.83 -23.53
C GLY A 491 -23.47 -64.35 -23.47
N PRO A 492 -24.57 -63.95 -24.14
CA PRO A 492 -25.44 -64.86 -24.85
C PRO A 492 -24.84 -65.37 -26.15
N SER A 493 -25.57 -66.27 -26.80
CA SER A 493 -25.11 -66.94 -28.00
C SER A 493 -24.83 -65.99 -29.18
N ASP A 494 -25.54 -64.87 -29.24
CA ASP A 494 -25.48 -63.96 -30.39
C ASP A 494 -24.90 -62.57 -30.11
N ALA A 495 -24.13 -62.43 -29.03
CA ALA A 495 -23.63 -61.13 -28.64
C ALA A 495 -22.15 -61.01 -28.91
N TYR A 496 -21.71 -59.80 -29.29
CA TYR A 496 -20.28 -59.53 -29.41
C TYR A 496 -19.68 -59.48 -28.02
N ILE A 497 -18.68 -60.30 -27.78
CA ILE A 497 -18.03 -60.35 -26.46
C ILE A 497 -16.56 -59.95 -26.55
N GLY A 498 -16.28 -58.73 -26.14
CA GLY A 498 -14.91 -58.21 -26.18
C GLY A 498 -14.27 -58.43 -24.83
N HIS A 499 -13.05 -57.94 -24.69
CA HIS A 499 -12.32 -58.06 -23.43
C HIS A 499 -11.70 -56.73 -23.00
N LEU A 500 -11.52 -56.53 -21.69
CA LEU A 500 -11.00 -55.28 -21.13
C LEU A 500 -9.74 -55.61 -20.31
N ASP A 501 -8.58 -55.14 -20.77
CA ASP A 501 -7.30 -55.42 -20.11
C ASP A 501 -6.63 -54.13 -19.69
N TYR A 502 -6.46 -53.96 -18.37
CA TYR A 502 -5.81 -52.81 -17.80
C TYR A 502 -4.43 -53.17 -17.29
N GLY A 503 -3.90 -54.33 -17.68
CA GLY A 503 -2.56 -54.73 -17.25
C GLY A 503 -2.55 -55.51 -15.95
N GLY A 504 -1.45 -56.21 -15.70
CA GLY A 504 -1.29 -57.01 -14.49
C GLY A 504 -2.53 -57.78 -14.08
N GLY A 505 -3.12 -58.50 -15.05
CA GLY A 505 -4.27 -59.36 -14.75
C GLY A 505 -5.55 -58.68 -14.28
N VAL A 506 -5.64 -57.36 -14.42
CA VAL A 506 -6.90 -56.67 -14.16
C VAL A 506 -7.71 -56.62 -15.46
N GLU A 507 -8.62 -57.57 -15.60
CA GLU A 507 -9.35 -57.75 -16.85
C GLU A 507 -10.70 -58.47 -16.66
N CYS A 508 -11.51 -58.46 -17.72
CA CYS A 508 -12.76 -59.19 -17.75
C CYS A 508 -13.31 -59.27 -19.19
N ASP A 509 -14.25 -60.19 -19.43
CA ASP A 509 -15.03 -60.22 -20.67
C ASP A 509 -16.05 -59.08 -20.58
N ALA A 510 -16.68 -58.72 -21.69
CA ALA A 510 -17.61 -57.59 -21.70
C ALA A 510 -18.60 -57.62 -22.84
N LEU A 511 -19.75 -56.99 -22.62
CA LEU A 511 -20.68 -56.68 -23.72
C LEU A 511 -20.67 -55.17 -23.97
N PHE A 512 -21.47 -54.71 -24.95
CA PHE A 512 -21.41 -53.31 -25.34
C PHE A 512 -22.75 -52.83 -25.87
N PRO A 513 -23.05 -51.53 -25.66
CA PRO A 513 -24.24 -50.84 -26.16
C PRO A 513 -24.20 -50.58 -27.68
N ASP A 514 -25.05 -51.28 -28.43
CA ASP A 514 -25.28 -51.05 -29.87
C ASP A 514 -26.03 -49.71 -29.97
N TRP A 515 -25.27 -48.61 -30.02
CA TRP A 515 -25.82 -47.26 -29.87
C TRP A 515 -26.88 -46.92 -30.89
N GLY A 516 -26.69 -47.45 -32.09
CA GLY A 516 -27.55 -47.12 -33.19
C GLY A 516 -28.98 -47.30 -32.78
N ARG A 517 -29.23 -48.34 -32.00
CA ARG A 517 -30.60 -48.72 -31.65
C ARG A 517 -31.29 -47.63 -30.84
N PRO A 518 -32.61 -47.49 -31.05
CA PRO A 518 -33.43 -46.60 -30.25
C PRO A 518 -33.66 -47.31 -28.93
N ASP A 519 -33.95 -46.56 -27.87
CA ASP A 519 -34.14 -47.17 -26.55
C ASP A 519 -32.81 -47.49 -25.90
N VAL A 520 -31.71 -47.36 -26.63
CA VAL A 520 -30.38 -47.62 -26.07
C VAL A 520 -29.79 -46.42 -25.33
N ALA A 521 -30.09 -45.22 -25.79
CA ALA A 521 -29.56 -44.01 -25.15
C ALA A 521 -30.32 -43.73 -23.85
N GLU A 522 -31.63 -43.95 -23.89
CA GLU A 522 -32.44 -43.92 -22.69
C GLU A 522 -31.85 -44.92 -21.69
N TRP A 523 -31.70 -46.17 -22.12
CA TRP A 523 -31.18 -47.21 -21.22
C TRP A 523 -29.84 -46.84 -20.62
N TRP A 524 -28.92 -46.37 -21.47
CA TRP A 524 -27.61 -45.93 -21.03
C TRP A 524 -27.80 -44.92 -19.94
N GLY A 525 -28.54 -43.88 -20.26
CA GLY A 525 -28.69 -42.73 -19.38
C GLY A 525 -29.16 -43.06 -17.99
N ASN A 526 -30.24 -43.85 -17.90
CA ASN A 526 -30.86 -44.10 -16.61
C ASN A 526 -29.92 -44.82 -15.65
N ASN A 527 -28.84 -45.36 -16.20
CA ASN A 527 -27.86 -46.07 -15.42
C ASN A 527 -27.03 -45.17 -14.55
N TYR A 528 -26.85 -43.93 -14.98
CA TYR A 528 -26.00 -43.01 -14.24
C TYR A 528 -26.65 -42.66 -12.93
N LYS A 529 -27.93 -43.00 -12.80
CA LYS A 529 -28.71 -42.69 -11.58
C LYS A 529 -28.15 -43.46 -10.40
N LYS A 530 -27.66 -44.66 -10.68
CA LYS A 530 -27.07 -45.51 -9.64
C LYS A 530 -25.85 -44.83 -9.03
N LEU A 531 -25.38 -43.77 -9.68
CA LEU A 531 -24.18 -43.07 -9.25
C LEU A 531 -24.50 -41.65 -8.82
N PHE A 532 -25.51 -41.05 -9.42
CA PHE A 532 -25.85 -39.68 -9.06
C PHE A 532 -26.43 -39.68 -7.66
N SER A 533 -27.34 -40.62 -7.42
CA SER A 533 -28.02 -40.70 -6.14
C SER A 533 -27.04 -41.01 -4.98
N ILE A 534 -25.81 -41.34 -5.31
CA ILE A 534 -24.80 -41.61 -4.29
C ILE A 534 -23.72 -40.49 -4.16
N GLY A 535 -23.79 -39.49 -5.03
CA GLY A 535 -22.94 -38.31 -4.86
C GLY A 535 -22.05 -37.95 -6.04
N LEU A 536 -22.06 -38.80 -7.06
CA LEU A 536 -21.23 -38.55 -8.22
C LEU A 536 -21.54 -37.17 -8.83
N ASP A 537 -20.51 -36.33 -8.88
CA ASP A 537 -20.62 -34.99 -9.41
C ASP A 537 -20.56 -34.97 -10.93
N PHE A 538 -19.41 -35.28 -11.50
CA PHE A 538 -19.31 -35.33 -12.97
C PHE A 538 -18.76 -36.65 -13.56
N VAL A 539 -18.55 -36.67 -14.87
CA VAL A 539 -18.29 -37.95 -15.53
C VAL A 539 -16.88 -38.04 -16.09
N TRP A 540 -16.32 -39.24 -16.07
CA TRP A 540 -14.99 -39.48 -16.58
C TRP A 540 -15.14 -40.56 -17.63
N GLN A 541 -15.45 -40.16 -18.85
CA GLN A 541 -15.73 -41.10 -19.92
C GLN A 541 -14.46 -41.71 -20.55
N ASP A 542 -14.20 -43.00 -20.28
CA ASP A 542 -12.96 -43.63 -20.74
C ASP A 542 -13.15 -44.83 -21.69
N MET A 543 -12.04 -45.46 -22.08
CA MET A 543 -11.98 -46.58 -23.05
C MET A 543 -13.09 -46.49 -24.09
N THR A 544 -13.18 -45.31 -24.71
CA THR A 544 -14.34 -44.91 -25.48
C THR A 544 -14.37 -45.42 -26.91
N VAL A 545 -13.33 -46.15 -27.29
CA VAL A 545 -13.11 -46.45 -28.69
C VAL A 545 -14.21 -47.26 -29.35
N PRO A 546 -14.61 -48.40 -28.74
CA PRO A 546 -14.20 -49.01 -27.44
C PRO A 546 -12.77 -49.53 -27.40
N ALA A 547 -12.06 -49.22 -26.33
CA ALA A 547 -10.67 -49.64 -26.21
C ALA A 547 -10.52 -51.09 -25.76
N MET A 548 -10.80 -52.06 -26.61
CA MET A 548 -10.70 -53.46 -26.21
C MET A 548 -9.27 -54.03 -26.32
N MET A 549 -9.04 -55.18 -25.69
CA MET A 549 -7.75 -55.88 -25.67
C MET A 549 -7.38 -56.35 -27.09
N PRO A 550 -6.13 -56.15 -27.51
CA PRO A 550 -5.76 -56.76 -28.80
C PRO A 550 -6.24 -58.21 -28.83
N HIS A 551 -6.50 -58.74 -30.02
CA HIS A 551 -7.07 -60.09 -30.16
C HIS A 551 -7.12 -60.54 -31.61
N LYS A 552 -6.74 -61.79 -31.84
CA LYS A 552 -6.83 -62.39 -33.16
C LYS A 552 -8.03 -63.34 -33.25
N ILE A 553 -8.82 -63.20 -34.32
CA ILE A 553 -9.93 -64.09 -34.62
C ILE A 553 -9.46 -65.53 -34.60
N GLY A 554 -10.06 -66.32 -33.72
CA GLY A 554 -9.67 -67.71 -33.60
C GLY A 554 -9.13 -67.97 -32.22
N ASP A 555 -8.31 -67.04 -31.72
CA ASP A 555 -7.81 -67.11 -30.35
C ASP A 555 -8.96 -66.99 -29.32
N ASP A 556 -8.73 -67.43 -28.09
CA ASP A 556 -9.72 -67.27 -27.02
C ASP A 556 -9.96 -65.81 -26.70
N ILE A 557 -11.07 -65.53 -26.03
CA ILE A 557 -11.48 -64.15 -25.78
C ILE A 557 -10.49 -63.42 -24.90
N ASN A 558 -9.89 -64.15 -23.95
CA ASN A 558 -8.99 -63.56 -22.97
C ASN A 558 -7.52 -63.71 -23.36
N VAL A 559 -7.28 -64.04 -24.62
CA VAL A 559 -5.93 -64.20 -25.13
C VAL A 559 -5.70 -63.20 -26.24
N LYS A 560 -4.71 -62.33 -26.06
CA LYS A 560 -4.28 -61.43 -27.11
C LYS A 560 -3.16 -62.07 -27.89
N PRO A 561 -2.93 -61.61 -29.12
CA PRO A 561 -1.80 -61.98 -30.00
C PRO A 561 -0.40 -61.67 -29.44
N ASP A 562 0.63 -62.28 -30.02
CA ASP A 562 2.00 -61.84 -29.82
C ASP A 562 2.11 -60.31 -30.01
N GLY A 563 2.79 -59.63 -29.11
CA GLY A 563 2.90 -58.18 -29.18
C GLY A 563 3.38 -57.62 -30.51
N ASN A 564 4.14 -58.42 -31.25
CA ASN A 564 4.69 -58.02 -32.55
C ASN A 564 3.73 -58.22 -33.73
N TRP A 565 2.55 -58.75 -33.44
CA TRP A 565 1.51 -58.97 -34.46
C TRP A 565 0.45 -57.89 -34.34
N PRO A 566 -0.16 -57.54 -35.47
CA PRO A 566 0.29 -57.96 -36.78
C PRO A 566 1.46 -57.10 -37.25
N ASN A 567 2.01 -57.40 -38.41
CA ASN A 567 3.09 -56.59 -38.99
C ASN A 567 3.12 -56.72 -40.50
N ALA A 568 3.99 -55.95 -41.16
CA ALA A 568 4.03 -55.93 -42.63
C ALA A 568 4.31 -57.31 -43.25
N ASP A 569 5.17 -58.08 -42.60
CA ASP A 569 5.50 -59.44 -43.05
C ASP A 569 4.38 -60.41 -42.73
N ASP A 570 3.50 -60.04 -41.81
CA ASP A 570 2.48 -60.93 -41.33
C ASP A 570 1.16 -60.19 -41.13
N PRO A 571 0.64 -59.55 -42.19
CA PRO A 571 -0.48 -58.60 -42.04
C PRO A 571 -1.68 -59.20 -41.34
N SER A 572 -2.58 -58.33 -40.89
CA SER A 572 -3.76 -58.73 -40.15
C SER A 572 -4.64 -59.69 -40.94
N ASN A 573 -4.91 -59.36 -42.20
CA ASN A 573 -5.82 -60.14 -43.05
C ASN A 573 -7.18 -60.42 -42.42
N GLY A 574 -7.80 -59.37 -41.89
CA GLY A 574 -9.14 -59.44 -41.33
C GLY A 574 -9.29 -60.24 -40.04
N GLN A 575 -8.20 -60.41 -39.31
CA GLN A 575 -8.24 -61.22 -38.09
C GLN A 575 -7.98 -60.38 -36.85
N TYR A 576 -7.33 -59.24 -37.02
CA TYR A 576 -7.02 -58.35 -35.90
C TYR A 576 -8.18 -57.41 -35.58
N ASN A 577 -8.38 -57.16 -34.29
CA ASN A 577 -9.46 -56.30 -33.85
C ASN A 577 -9.06 -54.82 -33.73
N TRP A 578 -7.79 -54.52 -34.01
CA TRP A 578 -7.22 -53.18 -33.80
C TRP A 578 -7.69 -52.56 -32.48
N LYS A 579 -7.68 -53.39 -31.45
CA LYS A 579 -7.93 -52.91 -30.11
C LYS A 579 -9.29 -52.22 -30.02
N THR A 580 -10.33 -52.97 -30.38
CA THR A 580 -11.73 -52.52 -30.39
C THR A 580 -12.50 -53.67 -31.05
N TYR A 581 -13.79 -53.48 -31.32
CA TYR A 581 -14.58 -54.40 -32.15
C TYR A 581 -13.80 -54.87 -33.37
N HIS A 582 -13.78 -56.17 -33.65
CA HIS A 582 -13.22 -56.60 -34.92
C HIS A 582 -14.02 -55.85 -35.98
N PRO A 583 -13.32 -55.17 -36.91
CA PRO A 583 -13.91 -54.17 -37.83
C PRO A 583 -15.16 -54.65 -38.59
N GLN A 584 -15.30 -55.95 -38.75
CA GLN A 584 -16.41 -56.55 -39.49
C GLN A 584 -17.77 -56.55 -38.79
N VAL A 585 -17.78 -56.37 -37.48
CA VAL A 585 -19.02 -56.50 -36.70
C VAL A 585 -20.13 -55.56 -37.17
N LEU A 586 -21.29 -56.15 -37.45
CA LEU A 586 -22.47 -55.38 -37.83
C LEU A 586 -23.06 -54.61 -36.66
N VAL A 587 -22.75 -53.32 -36.61
CA VAL A 587 -23.35 -52.42 -35.66
C VAL A 587 -24.43 -51.59 -36.34
N THR A 588 -25.45 -51.22 -35.58
CA THR A 588 -26.56 -50.44 -36.08
C THR A 588 -26.10 -48.99 -36.33
N ASP A 589 -26.62 -48.37 -37.37
CA ASP A 589 -26.03 -47.15 -37.89
C ASP A 589 -26.15 -46.08 -36.86
N MET A 590 -25.10 -45.28 -36.74
CA MET A 590 -25.04 -44.25 -35.72
C MET A 590 -25.06 -42.88 -36.37
N ARG A 591 -25.11 -42.88 -37.69
CA ARG A 591 -25.01 -41.67 -38.46
C ARG A 591 -26.33 -41.33 -39.09
N TYR A 592 -27.04 -42.38 -39.51
CA TYR A 592 -28.39 -42.30 -40.08
C TYR A 592 -29.28 -43.17 -39.21
N GLU A 593 -30.31 -42.59 -38.58
CA GLU A 593 -31.15 -43.42 -37.73
C GLU A 593 -32.13 -44.27 -38.55
N ASN A 594 -32.69 -45.31 -37.92
CA ASN A 594 -33.63 -46.20 -38.58
C ASN A 594 -33.17 -46.49 -40.02
N HIS A 595 -31.91 -46.87 -40.16
CA HIS A 595 -31.34 -47.00 -41.48
C HIS A 595 -30.87 -48.43 -41.78
N GLY A 596 -30.48 -49.14 -40.74
CA GLY A 596 -30.01 -50.52 -40.90
C GLY A 596 -28.71 -50.74 -40.14
N ARG A 597 -28.04 -51.84 -40.44
CA ARG A 597 -26.73 -52.11 -39.85
C ARG A 597 -25.63 -52.03 -40.90
N GLU A 598 -24.50 -51.46 -40.49
CA GLU A 598 -23.26 -51.40 -41.28
C GLU A 598 -22.18 -52.06 -40.43
N PRO A 599 -21.07 -52.48 -41.07
CA PRO A 599 -19.92 -52.86 -40.25
C PRO A 599 -19.29 -51.61 -39.63
N MET A 600 -18.68 -51.79 -38.46
CA MET A 600 -18.09 -50.69 -37.71
C MET A 600 -16.98 -49.94 -38.46
N VAL A 601 -16.35 -50.60 -39.43
CA VAL A 601 -15.26 -49.94 -40.16
C VAL A 601 -15.71 -48.65 -40.81
N THR A 602 -17.02 -48.52 -41.05
CA THR A 602 -17.56 -47.39 -41.80
C THR A 602 -17.87 -46.18 -40.94
N GLN A 603 -17.88 -46.38 -39.62
CA GLN A 603 -18.14 -45.28 -38.69
C GLN A 603 -17.32 -45.36 -37.40
N ARG A 604 -16.14 -45.96 -37.49
CA ARG A 604 -15.33 -46.19 -36.29
C ARG A 604 -15.19 -44.91 -35.48
N ASN A 605 -14.81 -43.82 -36.14
CA ASN A 605 -14.56 -42.55 -35.46
C ASN A 605 -15.78 -41.85 -34.85
N ILE A 606 -16.94 -42.51 -34.84
CA ILE A 606 -18.16 -41.94 -34.23
C ILE A 606 -18.60 -42.58 -32.92
N HIS A 607 -18.14 -43.80 -32.64
CA HIS A 607 -18.57 -44.51 -31.45
C HIS A 607 -18.46 -43.69 -30.12
N ALA A 608 -17.31 -43.07 -29.87
CA ALA A 608 -17.13 -42.27 -28.67
C ALA A 608 -17.98 -41.00 -28.63
N TYR A 609 -18.18 -40.36 -29.77
CA TYR A 609 -18.97 -39.15 -29.83
C TYR A 609 -20.35 -39.52 -29.36
N THR A 610 -20.86 -40.60 -29.94
CA THR A 610 -22.19 -41.11 -29.70
C THR A 610 -22.37 -41.57 -28.26
N LEU A 611 -21.36 -42.24 -27.69
CA LEU A 611 -21.36 -42.61 -26.27
C LEU A 611 -21.46 -41.37 -25.40
N CYS A 612 -20.68 -40.34 -25.75
CA CYS A 612 -20.71 -39.05 -25.06
C CYS A 612 -22.05 -38.30 -25.17
N GLU A 613 -22.62 -38.25 -26.38
CA GLU A 613 -23.94 -37.66 -26.61
C GLU A 613 -24.96 -38.25 -25.65
N SER A 614 -24.85 -39.55 -25.39
CA SER A 614 -25.85 -40.24 -24.61
C SER A 614 -25.69 -40.04 -23.10
N THR A 615 -24.46 -39.95 -22.63
CA THR A 615 -24.27 -39.61 -21.24
C THR A 615 -24.74 -38.18 -21.04
N ARG A 616 -24.59 -37.34 -22.05
CA ARG A 616 -25.07 -35.97 -21.95
C ARG A 616 -26.60 -35.84 -21.89
N LYS A 617 -27.26 -36.20 -22.98
CA LYS A 617 -28.69 -35.95 -23.09
C LYS A 617 -29.47 -36.81 -22.12
N GLU A 618 -29.06 -38.05 -21.98
CA GLU A 618 -29.85 -39.03 -21.24
C GLU A 618 -29.34 -39.32 -19.85
N GLY A 619 -28.11 -38.90 -19.59
CA GLY A 619 -27.52 -39.15 -18.29
C GLY A 619 -27.67 -37.92 -17.45
N ILE A 620 -26.82 -36.92 -17.73
CA ILE A 620 -26.73 -35.69 -16.94
C ILE A 620 -28.00 -34.82 -17.05
N VAL A 621 -28.52 -34.62 -18.27
CA VAL A 621 -29.58 -33.61 -18.46
C VAL A 621 -30.93 -34.12 -18.00
N GLU A 622 -31.30 -35.33 -18.45
CA GLU A 622 -32.57 -35.99 -18.12
C GLU A 622 -32.71 -36.37 -16.66
N ASN A 623 -31.57 -36.67 -16.03
CA ASN A 623 -31.54 -37.14 -14.66
C ASN A 623 -30.93 -36.11 -13.74
N ALA A 624 -30.95 -34.85 -14.14
CA ALA A 624 -30.35 -33.81 -13.32
C ALA A 624 -30.98 -33.77 -11.94
N ASP A 625 -32.25 -34.18 -11.87
CA ASP A 625 -33.03 -34.22 -10.64
C ASP A 625 -32.32 -35.07 -9.60
N THR A 626 -31.57 -36.06 -10.05
CA THR A 626 -30.89 -36.96 -9.12
C THR A 626 -29.50 -36.52 -8.73
N LEU A 627 -28.89 -35.61 -9.47
CA LEU A 627 -27.63 -35.05 -9.03
C LEU A 627 -27.85 -34.45 -7.64
N THR A 628 -26.77 -34.32 -6.85
CA THR A 628 -26.97 -33.93 -5.46
C THR A 628 -26.57 -32.49 -5.15
N LYS A 629 -25.29 -32.24 -4.95
CA LYS A 629 -24.86 -30.91 -4.53
C LYS A 629 -24.87 -29.87 -5.67
N PHE A 630 -24.68 -30.33 -6.90
CA PHE A 630 -24.72 -29.46 -8.07
C PHE A 630 -25.61 -30.07 -9.15
N ARG A 631 -26.43 -29.25 -9.79
CA ARG A 631 -27.33 -29.78 -10.80
C ARG A 631 -26.66 -29.81 -12.17
N ARG A 632 -25.84 -28.78 -12.47
CA ARG A 632 -25.07 -28.79 -13.72
C ARG A 632 -23.94 -29.78 -13.59
N SER A 633 -23.48 -30.29 -14.73
CA SER A 633 -22.45 -31.30 -14.70
C SER A 633 -21.64 -31.26 -15.99
N TYR A 634 -20.68 -32.15 -16.11
CA TYR A 634 -19.79 -32.15 -17.25
C TYR A 634 -19.26 -33.56 -17.49
N ILE A 635 -18.56 -33.71 -18.62
CA ILE A 635 -17.87 -34.93 -18.93
C ILE A 635 -16.44 -34.62 -19.31
N ILE A 636 -15.50 -35.40 -18.79
CA ILE A 636 -14.15 -35.36 -19.30
C ILE A 636 -13.95 -36.70 -19.99
N SER A 637 -13.77 -36.63 -21.31
CA SER A 637 -13.77 -37.80 -22.19
C SER A 637 -12.38 -38.04 -22.83
N ARG A 638 -12.10 -39.28 -23.21
CA ARG A 638 -10.81 -39.60 -23.81
C ARG A 638 -10.86 -39.68 -25.34
N GLY A 639 -12.00 -40.07 -25.88
CA GLY A 639 -12.17 -40.07 -27.34
C GLY A 639 -13.39 -39.31 -27.82
N GLY A 640 -13.56 -39.21 -29.14
CA GLY A 640 -14.72 -38.53 -29.70
C GLY A 640 -14.41 -37.98 -31.07
N TYR A 641 -15.31 -37.16 -31.60
CA TYR A 641 -15.19 -36.66 -32.96
C TYR A 641 -15.74 -35.28 -32.96
N ILE A 642 -15.09 -34.39 -33.70
CA ILE A 642 -15.58 -33.05 -33.98
C ILE A 642 -17.02 -32.91 -33.59
N GLY A 643 -17.31 -31.87 -32.83
CA GLY A 643 -18.64 -31.59 -32.35
C GLY A 643 -18.82 -32.04 -30.92
N ASN A 644 -17.88 -32.81 -30.42
CA ASN A 644 -17.99 -33.42 -29.09
C ASN A 644 -18.12 -32.38 -27.95
N GLN A 645 -17.80 -31.13 -28.25
CA GLN A 645 -17.76 -30.03 -27.27
C GLN A 645 -19.12 -29.69 -26.66
N HIS A 646 -20.16 -30.22 -27.28
CA HIS A 646 -21.51 -30.02 -26.79
C HIS A 646 -21.87 -31.10 -25.73
N PHE A 647 -20.92 -31.96 -25.39
CA PHE A 647 -21.15 -32.95 -24.33
C PHE A 647 -20.28 -32.71 -23.11
N GLY A 648 -19.23 -31.89 -23.30
CA GLY A 648 -18.15 -31.70 -22.32
C GLY A 648 -16.81 -31.67 -23.03
N GLY A 649 -15.74 -31.94 -22.31
CA GLY A 649 -14.39 -31.79 -22.85
C GLY A 649 -13.58 -33.06 -22.86
N MET A 650 -12.26 -32.91 -22.80
CA MET A 650 -11.33 -33.97 -23.14
C MET A 650 -10.04 -33.93 -22.34
N TRP A 651 -9.51 -35.11 -22.03
CA TRP A 651 -8.12 -35.19 -21.61
C TRP A 651 -7.45 -36.10 -22.59
N VAL A 652 -6.16 -35.86 -22.84
CA VAL A 652 -5.45 -36.58 -23.89
C VAL A 652 -4.97 -37.97 -23.46
N GLY A 653 -5.88 -38.81 -23.00
CA GLY A 653 -5.55 -40.18 -22.68
C GLY A 653 -4.22 -40.33 -21.99
N ASP A 654 -3.46 -41.33 -22.46
CA ASP A 654 -2.31 -41.83 -21.70
C ASP A 654 -0.95 -41.30 -22.03
N ASN A 655 -0.69 -40.05 -21.67
CA ASN A 655 0.67 -39.52 -21.85
C ASN A 655 1.68 -40.23 -20.95
N SER A 656 2.89 -39.69 -20.93
CA SER A 656 3.93 -40.18 -20.05
C SER A 656 4.71 -39.03 -19.48
N THR A 657 5.75 -39.37 -18.74
CA THR A 657 6.46 -38.46 -17.86
C THR A 657 7.83 -38.11 -18.41
N THR A 658 7.87 -37.39 -19.54
CA THR A 658 9.11 -36.92 -20.14
C THR A 658 8.90 -35.54 -20.72
N SER A 659 9.97 -34.76 -20.87
CA SER A 659 9.91 -33.43 -21.46
C SER A 659 9.06 -33.41 -22.73
N ASN A 660 9.25 -34.39 -23.60
CA ASN A 660 8.50 -34.49 -24.84
C ASN A 660 7.00 -34.41 -24.56
N TYR A 661 6.52 -35.18 -23.61
CA TYR A 661 5.09 -35.21 -23.32
C TYR A 661 4.55 -33.89 -22.79
N ILE A 662 5.41 -33.04 -22.24
CA ILE A 662 4.99 -31.71 -21.80
C ILE A 662 4.71 -30.86 -23.01
N GLN A 663 5.69 -30.82 -23.90
CA GLN A 663 5.59 -30.14 -25.18
C GLN A 663 4.33 -30.59 -25.89
N MET A 664 4.20 -31.89 -26.04
CA MET A 664 3.08 -32.49 -26.73
C MET A 664 1.82 -31.97 -26.09
N MET A 665 1.70 -32.07 -24.77
CA MET A 665 0.48 -31.65 -24.07
C MET A 665 0.08 -30.22 -24.47
N ILE A 666 1.05 -29.32 -24.61
CA ILE A 666 0.77 -27.93 -24.97
C ILE A 666 0.29 -27.81 -26.42
N ALA A 667 1.10 -28.28 -27.37
CA ALA A 667 0.68 -28.28 -28.76
C ALA A 667 -0.71 -28.90 -28.92
N ASN A 668 -0.92 -30.08 -28.34
CA ASN A 668 -2.21 -30.75 -28.31
C ASN A 668 -3.27 -29.79 -27.82
N ASN A 669 -3.07 -29.19 -26.66
CA ASN A 669 -4.05 -28.26 -26.14
C ASN A 669 -4.40 -27.23 -27.21
N ILE A 670 -3.39 -26.48 -27.67
CA ILE A 670 -3.60 -25.40 -28.65
C ILE A 670 -4.40 -25.88 -29.87
N ASN A 671 -4.10 -27.09 -30.36
CA ASN A 671 -4.69 -27.66 -31.60
C ASN A 671 -6.10 -28.16 -31.41
N MET A 672 -6.34 -28.67 -30.20
CA MET A 672 -7.65 -29.09 -29.81
C MET A 672 -8.58 -27.91 -29.65
N ASN A 673 -8.03 -26.74 -29.30
CA ASN A 673 -8.86 -25.54 -29.23
C ASN A 673 -9.35 -25.10 -30.60
N MET A 674 -8.44 -25.01 -31.55
CA MET A 674 -8.82 -24.62 -32.88
C MET A 674 -9.59 -25.72 -33.61
N SER A 675 -9.94 -26.79 -32.90
CA SER A 675 -10.78 -27.84 -33.49
C SER A 675 -12.14 -27.88 -32.81
N CYS A 676 -12.42 -26.79 -32.10
CA CYS A 676 -13.66 -26.58 -31.39
C CYS A 676 -13.78 -27.50 -30.18
N LEU A 677 -12.64 -27.84 -29.59
CA LEU A 677 -12.59 -28.51 -28.30
C LEU A 677 -11.65 -27.71 -27.37
N PRO A 678 -12.21 -26.78 -26.60
CA PRO A 678 -11.45 -25.82 -25.82
C PRO A 678 -11.05 -26.40 -24.47
N LEU A 679 -12.00 -27.05 -23.80
CA LEU A 679 -11.82 -27.51 -22.45
C LEU A 679 -11.23 -28.91 -22.44
N VAL A 680 -10.00 -29.00 -22.90
CA VAL A 680 -9.20 -30.20 -22.87
C VAL A 680 -7.93 -29.91 -22.08
N GLY A 681 -7.11 -30.94 -21.90
CA GLY A 681 -5.88 -30.85 -21.18
C GLY A 681 -5.23 -32.24 -21.19
N SER A 682 -4.03 -32.35 -20.64
CA SER A 682 -3.38 -33.63 -20.53
C SER A 682 -3.01 -33.87 -19.08
N ASP A 683 -2.89 -35.12 -18.67
CA ASP A 683 -2.53 -35.43 -17.28
C ASP A 683 -1.23 -34.76 -16.87
N ILE A 684 -1.28 -34.02 -15.77
CA ILE A 684 -0.09 -33.36 -15.27
C ILE A 684 0.84 -34.37 -14.64
N GLY A 685 2.11 -34.33 -15.03
CA GLY A 685 3.08 -35.30 -14.55
C GLY A 685 3.15 -36.58 -15.36
N GLY A 686 2.18 -36.78 -16.25
CA GLY A 686 2.18 -37.96 -17.11
C GLY A 686 1.54 -39.17 -16.47
N PHE A 687 0.73 -39.90 -17.26
CA PHE A 687 0.03 -41.06 -16.76
C PHE A 687 0.93 -42.29 -16.54
N THR A 688 1.63 -42.74 -17.57
CA THR A 688 2.41 -43.97 -17.49
C THR A 688 3.80 -43.80 -16.88
N SER A 689 4.36 -44.91 -16.42
CA SER A 689 5.76 -45.02 -15.95
C SER A 689 6.71 -44.52 -17.04
N TYR A 690 7.97 -44.29 -16.69
CA TYR A 690 8.92 -43.77 -17.69
C TYR A 690 10.35 -44.31 -17.56
N ASP A 691 10.72 -44.78 -16.38
CA ASP A 691 12.10 -45.24 -16.11
C ASP A 691 12.26 -46.70 -16.55
N ASN A 692 13.20 -46.94 -17.48
CA ASN A 692 13.38 -48.27 -18.07
C ASN A 692 14.07 -49.30 -17.17
N GLU A 693 14.80 -48.82 -16.16
CA GLU A 693 15.43 -49.71 -15.18
C GLU A 693 14.38 -50.17 -14.19
N ASN A 694 13.63 -49.20 -13.70
CA ASN A 694 12.70 -49.39 -12.62
C ASN A 694 11.47 -48.53 -12.90
N GLN A 695 10.39 -49.20 -13.31
CA GLN A 695 9.18 -48.54 -13.73
C GLN A 695 8.51 -47.75 -12.60
N ARG A 696 8.85 -48.09 -11.37
CA ARG A 696 8.19 -47.50 -10.21
C ARG A 696 8.72 -46.10 -9.87
N THR A 697 9.84 -45.72 -10.47
CA THR A 697 10.39 -44.42 -10.16
C THR A 697 9.36 -43.34 -10.54
N PRO A 698 9.13 -42.38 -9.64
CA PRO A 698 8.12 -41.34 -9.89
C PRO A 698 8.72 -40.10 -10.50
N CYS A 699 7.86 -39.24 -11.04
CA CYS A 699 8.25 -38.00 -11.68
C CYS A 699 9.27 -37.25 -10.82
N THR A 700 10.32 -36.73 -11.44
CA THR A 700 11.26 -35.90 -10.71
C THR A 700 10.56 -34.63 -10.27
N GLY A 701 11.11 -33.98 -9.26
CA GLY A 701 10.57 -32.74 -8.78
C GLY A 701 10.53 -31.72 -9.89
N ASP A 702 11.65 -31.57 -10.62
CA ASP A 702 11.77 -30.49 -11.60
C ASP A 702 10.87 -30.67 -12.83
N LEU A 703 10.78 -31.91 -13.31
CA LEU A 703 9.81 -32.26 -14.33
C LEU A 703 8.39 -32.01 -13.81
N MET A 704 8.13 -32.33 -12.54
CA MET A 704 6.81 -32.01 -11.97
C MET A 704 6.49 -30.50 -11.98
N VAL A 705 7.48 -29.67 -11.68
CA VAL A 705 7.30 -28.22 -11.73
C VAL A 705 7.02 -27.76 -13.15
N ARG A 706 7.81 -28.21 -14.11
CA ARG A 706 7.57 -27.72 -15.45
C ARG A 706 6.22 -28.22 -15.98
N TYR A 707 5.81 -29.41 -15.54
CA TYR A 707 4.58 -30.03 -16.00
C TYR A 707 3.39 -29.25 -15.44
N VAL A 708 3.52 -28.79 -14.19
CA VAL A 708 2.44 -28.03 -13.58
C VAL A 708 2.40 -26.61 -14.15
N GLN A 709 3.58 -25.99 -14.24
CA GLN A 709 3.71 -24.64 -14.79
C GLN A 709 3.13 -24.51 -16.20
N ALA A 710 3.30 -25.57 -16.99
CA ALA A 710 2.82 -25.58 -18.36
C ALA A 710 1.30 -25.75 -18.44
N GLY A 711 0.71 -26.47 -17.48
CA GLY A 711 -0.72 -26.73 -17.56
C GLY A 711 -1.61 -26.00 -16.56
N CYS A 712 -1.03 -25.09 -15.80
CA CYS A 712 -1.72 -24.48 -14.69
C CYS A 712 -2.72 -23.46 -15.19
N LEU A 713 -2.80 -23.35 -16.52
CA LEU A 713 -3.62 -22.34 -17.16
C LEU A 713 -4.20 -22.94 -18.41
N LEU A 714 -3.94 -24.22 -18.61
CA LEU A 714 -4.69 -24.99 -19.59
C LEU A 714 -6.10 -25.28 -19.01
N PRO A 715 -7.11 -25.43 -19.87
CA PRO A 715 -8.49 -25.59 -19.45
C PRO A 715 -8.73 -26.65 -18.38
N TRP A 716 -8.25 -27.86 -18.59
CA TRP A 716 -8.55 -28.94 -17.65
C TRP A 716 -7.25 -29.28 -16.91
N PHE A 717 -7.28 -29.17 -15.59
CA PHE A 717 -6.09 -29.30 -14.77
C PHE A 717 -6.18 -30.49 -13.81
N ARG A 718 -5.50 -31.57 -14.17
CA ARG A 718 -5.60 -32.78 -13.39
C ARG A 718 -4.35 -33.62 -13.40
N ASN A 719 -3.88 -33.88 -12.19
CA ASN A 719 -2.76 -34.76 -11.97
C ASN A 719 -3.28 -36.18 -11.85
N HIS A 720 -3.03 -37.00 -12.86
CA HIS A 720 -3.49 -38.40 -12.83
C HIS A 720 -2.37 -39.36 -13.23
N TYR A 721 -2.36 -40.56 -12.65
CA TYR A 721 -1.28 -41.52 -12.92
C TYR A 721 -1.60 -42.98 -12.59
N ASP A 722 -0.88 -43.85 -13.28
CA ASP A 722 -0.89 -45.28 -13.07
C ASP A 722 -0.09 -45.54 -11.78
N ARG A 723 -0.73 -46.06 -10.74
CA ARG A 723 0.00 -46.30 -9.48
C ARG A 723 0.36 -47.75 -9.32
N TRP A 724 1.63 -48.04 -9.01
CA TRP A 724 2.06 -49.38 -8.67
C TRP A 724 1.53 -49.74 -7.27
N ILE A 725 0.75 -50.81 -7.19
CA ILE A 725 0.37 -51.38 -5.91
C ILE A 725 0.47 -52.86 -6.06
N GLU A 726 0.51 -53.60 -4.96
CA GLU A 726 0.73 -55.05 -5.03
C GLU A 726 -0.31 -55.74 -5.91
N SER A 727 -1.52 -55.18 -5.95
CA SER A 727 -2.66 -55.74 -6.68
C SER A 727 -2.60 -55.48 -8.20
N LYS A 728 -1.66 -54.63 -8.59
CA LYS A 728 -1.46 -54.20 -9.97
C LYS A 728 0.01 -53.80 -10.21
N ASP A 729 0.82 -54.75 -10.68
CA ASP A 729 2.29 -54.62 -10.73
C ASP A 729 2.83 -53.83 -11.93
N HIS A 730 2.13 -52.75 -12.26
CA HIS A 730 2.66 -51.76 -13.18
C HIS A 730 2.30 -50.35 -12.73
N GLY A 731 3.26 -49.45 -12.88
CA GLY A 731 3.06 -48.05 -12.57
C GLY A 731 4.12 -47.50 -11.66
N LYS A 732 3.83 -46.31 -11.12
CA LYS A 732 4.79 -45.55 -10.33
C LYS A 732 4.33 -45.44 -8.86
N ASP A 733 5.28 -45.17 -7.97
CA ASP A 733 5.03 -45.15 -6.53
C ASP A 733 4.03 -44.09 -6.03
N TYR A 734 4.17 -42.85 -6.52
CA TYR A 734 3.30 -41.74 -6.15
C TYR A 734 3.50 -40.63 -7.15
N GLN A 735 2.61 -39.65 -7.15
CA GLN A 735 2.79 -38.52 -8.05
C GLN A 735 2.07 -37.26 -7.60
N GLU A 736 1.35 -37.39 -6.50
CA GLU A 736 0.63 -36.31 -5.87
C GLU A 736 1.55 -35.13 -5.58
N LEU A 737 1.02 -33.93 -5.74
CA LEU A 737 1.80 -32.72 -5.56
C LEU A 737 2.51 -32.65 -4.22
N TYR A 738 1.84 -33.15 -3.19
CA TYR A 738 2.30 -32.99 -1.82
C TYR A 738 3.47 -33.90 -1.46
N MET A 739 3.74 -34.88 -2.33
CA MET A 739 4.82 -35.82 -2.13
C MET A 739 6.13 -35.25 -2.63
N TYR A 740 6.18 -33.94 -2.84
CA TYR A 740 7.41 -33.28 -3.26
C TYR A 740 7.77 -32.16 -2.30
N PRO A 741 8.44 -32.50 -1.19
CA PRO A 741 8.87 -31.57 -0.16
C PRO A 741 9.70 -30.41 -0.68
N ASN A 742 10.70 -30.72 -1.51
CA ASN A 742 11.59 -29.68 -2.06
C ASN A 742 10.87 -28.64 -2.87
N GLU A 743 9.86 -29.07 -3.60
CA GLU A 743 9.20 -28.22 -4.56
C GLU A 743 7.85 -27.75 -4.09
N MET A 744 7.41 -28.23 -2.93
CA MET A 744 6.05 -27.98 -2.47
C MET A 744 5.63 -26.53 -2.71
N ASP A 745 6.39 -25.60 -2.16
CA ASP A 745 6.00 -24.21 -2.20
C ASP A 745 5.78 -23.68 -3.64
N THR A 746 6.72 -23.97 -4.53
CA THR A 746 6.56 -23.55 -5.93
C THR A 746 5.31 -24.20 -6.47
N LEU A 747 5.23 -25.51 -6.31
CA LEU A 747 4.08 -26.25 -6.75
C LEU A 747 2.81 -25.51 -6.37
N ARG A 748 2.56 -25.39 -5.07
CA ARG A 748 1.32 -24.85 -4.50
C ARG A 748 0.97 -23.44 -4.95
N LYS A 749 1.97 -22.56 -5.00
CA LYS A 749 1.75 -21.18 -5.40
C LYS A 749 1.21 -21.09 -6.83
N PHE A 750 1.68 -21.98 -7.69
CA PHE A 750 1.16 -22.06 -9.04
C PHE A 750 -0.26 -22.61 -9.11
N VAL A 751 -0.69 -23.37 -8.10
CA VAL A 751 -2.10 -23.71 -8.04
C VAL A 751 -2.93 -22.53 -7.50
N GLU A 752 -2.51 -21.92 -6.40
CA GLU A 752 -3.19 -20.70 -5.91
C GLU A 752 -3.40 -19.68 -7.02
N PHE A 753 -2.35 -19.48 -7.82
CA PHE A 753 -2.33 -18.55 -8.95
C PHE A 753 -3.39 -18.80 -10.00
N ARG A 754 -3.58 -20.07 -10.35
CA ARG A 754 -4.61 -20.50 -11.26
C ARG A 754 -5.93 -20.15 -10.61
N TYR A 755 -6.00 -20.37 -9.31
CA TYR A 755 -7.24 -20.18 -8.57
C TYR A 755 -7.66 -18.72 -8.53
N ARG A 756 -6.68 -17.82 -8.45
CA ARG A 756 -7.01 -16.40 -8.50
C ARG A 756 -7.51 -16.03 -9.88
N TRP A 757 -7.00 -16.69 -10.91
CA TRP A 757 -7.47 -16.46 -12.27
C TRP A 757 -8.57 -17.42 -12.77
N GLN A 758 -9.29 -18.03 -11.83
CA GLN A 758 -10.44 -18.88 -12.11
C GLN A 758 -11.49 -18.22 -12.98
N GLU A 759 -11.91 -17.00 -12.64
CA GLU A 759 -12.91 -16.34 -13.47
C GLU A 759 -12.35 -16.03 -14.86
N VAL A 760 -11.05 -15.81 -14.99
CA VAL A 760 -10.47 -15.68 -16.31
C VAL A 760 -10.80 -16.92 -17.20
N LEU A 761 -10.64 -18.12 -16.66
CA LEU A 761 -11.02 -19.37 -17.34
C LEU A 761 -12.53 -19.50 -17.54
N TYR A 762 -13.28 -19.26 -16.50
CA TYR A 762 -14.72 -19.29 -16.58
C TYR A 762 -15.20 -18.42 -17.74
N THR A 763 -14.72 -17.18 -17.77
CA THR A 763 -15.18 -16.18 -18.71
C THR A 763 -14.76 -16.53 -20.13
N ALA A 764 -13.60 -17.14 -20.27
CA ALA A 764 -13.08 -17.46 -21.58
C ALA A 764 -13.95 -18.58 -22.13
N MET A 765 -14.34 -19.46 -21.23
CA MET A 765 -15.24 -20.54 -21.51
C MET A 765 -16.58 -20.00 -21.94
N TYR A 766 -17.12 -19.04 -21.21
CA TYR A 766 -18.30 -18.36 -21.66
C TYR A 766 -18.10 -17.83 -23.08
N GLN A 767 -16.98 -17.17 -23.36
CA GLN A 767 -16.73 -16.60 -24.67
C GLN A 767 -16.68 -17.69 -25.71
N ASN A 768 -16.60 -18.93 -25.26
CA ASN A 768 -16.61 -20.07 -26.17
C ASN A 768 -18.01 -20.59 -26.39
N ALA A 769 -18.83 -20.59 -25.35
CA ALA A 769 -20.18 -21.05 -25.52
C ALA A 769 -20.92 -20.03 -26.32
N ALA A 770 -20.72 -18.76 -25.99
CA ALA A 770 -21.47 -17.69 -26.62
C ALA A 770 -21.01 -17.44 -28.05
N PHE A 771 -19.69 -17.29 -28.20
CA PHE A 771 -19.13 -16.77 -29.44
C PHE A 771 -18.22 -17.76 -30.17
N GLY A 772 -17.90 -18.86 -29.50
CA GLY A 772 -17.10 -19.93 -30.09
C GLY A 772 -15.59 -19.72 -30.10
N LYS A 773 -15.13 -18.62 -29.49
CA LYS A 773 -13.71 -18.38 -29.39
C LYS A 773 -13.01 -19.51 -28.63
N PRO A 774 -11.82 -19.90 -29.09
CA PRO A 774 -10.91 -20.85 -28.45
C PRO A 774 -10.39 -20.29 -27.16
N ILE A 775 -10.45 -21.05 -26.07
CA ILE A 775 -9.89 -20.51 -24.85
C ILE A 775 -8.43 -20.17 -25.10
N ILE A 776 -7.69 -21.19 -25.56
CA ILE A 776 -6.27 -21.11 -25.85
C ILE A 776 -6.04 -20.70 -27.31
N LYS A 777 -5.00 -19.91 -27.55
CA LYS A 777 -4.82 -19.25 -28.83
C LYS A 777 -3.41 -19.51 -29.37
N ALA A 778 -3.33 -20.16 -30.53
CA ALA A 778 -2.07 -20.28 -31.25
C ALA A 778 -1.40 -18.92 -31.35
N ALA A 779 -0.08 -18.91 -31.24
CA ALA A 779 0.68 -17.69 -31.51
C ALA A 779 0.24 -17.06 -32.84
N SER A 780 0.00 -17.90 -33.83
CA SER A 780 -0.34 -17.44 -35.17
C SER A 780 -1.76 -16.86 -35.30
N MET A 781 -2.49 -16.81 -34.18
CA MET A 781 -3.79 -16.15 -34.13
C MET A 781 -3.62 -14.65 -33.87
N TYR A 782 -2.50 -14.26 -33.26
CA TYR A 782 -2.20 -12.85 -33.08
C TYR A 782 -1.89 -12.29 -34.45
N ASN A 783 -2.61 -11.25 -34.89
CA ASN A 783 -2.46 -10.81 -36.26
C ASN A 783 -1.38 -9.75 -36.42
N ASN A 784 -0.85 -9.65 -37.64
CA ASN A 784 0.12 -8.61 -38.04
C ASN A 784 1.53 -8.78 -37.50
N ASP A 785 1.83 -9.99 -37.07
CA ASP A 785 3.10 -10.27 -36.44
C ASP A 785 3.84 -11.36 -37.23
N SER A 786 5.00 -11.04 -37.77
CA SER A 786 5.70 -11.95 -38.67
C SER A 786 6.67 -12.86 -37.93
N ASN A 787 6.56 -12.89 -36.61
CA ASN A 787 7.48 -13.62 -35.74
C ASN A 787 6.78 -14.50 -34.72
N VAL A 788 5.45 -14.49 -34.71
CA VAL A 788 4.69 -15.36 -33.79
C VAL A 788 4.74 -16.82 -34.23
N ARG A 789 4.86 -17.03 -35.53
CA ARG A 789 4.79 -18.37 -36.11
C ARG A 789 6.00 -19.23 -35.72
N ARG A 790 7.16 -18.60 -35.57
CA ARG A 790 8.37 -19.32 -35.27
C ARG A 790 8.36 -19.66 -33.80
N ALA A 791 7.53 -18.93 -33.06
CA ALA A 791 7.44 -19.06 -31.62
C ALA A 791 6.23 -19.87 -31.19
N GLN A 792 5.59 -20.54 -32.15
CA GLN A 792 4.24 -21.07 -31.96
C GLN A 792 4.14 -22.43 -31.29
N ASN A 793 5.27 -23.12 -31.15
CA ASN A 793 5.30 -24.43 -30.49
C ASN A 793 5.05 -24.35 -28.99
N ASP A 794 5.51 -23.26 -28.38
CA ASP A 794 5.49 -23.14 -26.94
C ASP A 794 5.07 -21.77 -26.48
N HIS A 795 4.60 -20.94 -27.41
CA HIS A 795 3.97 -19.68 -27.04
C HIS A 795 2.50 -19.80 -27.35
N PHE A 796 1.67 -19.39 -26.40
CA PHE A 796 0.21 -19.38 -26.57
C PHE A 796 -0.42 -18.28 -25.73
N LEU A 797 -1.61 -17.80 -26.11
CA LEU A 797 -2.28 -16.77 -25.32
C LEU A 797 -3.69 -17.15 -24.90
N LEU A 798 -4.21 -16.41 -23.92
CA LEU A 798 -5.57 -16.59 -23.45
C LEU A 798 -5.97 -15.42 -22.58
N GLY A 799 -7.25 -15.35 -22.22
CA GLY A 799 -7.72 -14.49 -21.15
C GLY A 799 -8.07 -13.09 -21.59
N GLY A 800 -8.92 -12.44 -20.79
CA GLY A 800 -9.21 -11.04 -20.98
C GLY A 800 -10.43 -10.81 -21.82
N HIS A 801 -10.70 -9.55 -22.11
CA HIS A 801 -11.91 -9.14 -22.79
C HIS A 801 -11.94 -9.68 -24.21
N ASP A 802 -10.78 -9.75 -24.83
CA ASP A 802 -10.70 -10.12 -26.23
C ASP A 802 -10.12 -11.51 -26.36
N GLY A 803 -9.52 -11.96 -25.26
CA GLY A 803 -8.89 -13.26 -25.19
C GLY A 803 -7.43 -13.31 -25.57
N TYR A 804 -6.80 -12.17 -25.79
CA TYR A 804 -5.37 -12.14 -26.06
C TYR A 804 -4.64 -11.29 -25.03
N ARG A 805 -5.01 -11.44 -23.75
CA ARG A 805 -4.42 -10.62 -22.69
C ARG A 805 -3.28 -11.28 -21.92
N ILE A 806 -3.30 -12.59 -21.76
CA ILE A 806 -2.21 -13.27 -21.10
C ILE A 806 -1.44 -14.08 -22.13
N LEU A 807 -0.11 -14.02 -22.07
CA LEU A 807 0.80 -14.79 -22.91
C LEU A 807 1.65 -15.76 -22.11
N CYS A 808 1.54 -17.05 -22.40
CA CYS A 808 2.34 -18.05 -21.73
C CYS A 808 3.41 -18.65 -22.63
N ALA A 809 4.59 -18.87 -22.08
CA ALA A 809 5.68 -19.52 -22.78
C ALA A 809 6.42 -20.45 -21.82
N PRO A 810 5.70 -21.44 -21.26
CA PRO A 810 6.26 -22.33 -20.25
C PRO A 810 7.57 -23.01 -20.72
N VAL A 811 8.50 -23.22 -19.81
CA VAL A 811 9.74 -23.90 -20.18
C VAL A 811 9.39 -25.36 -20.41
N VAL A 812 9.97 -25.97 -21.44
CA VAL A 812 9.50 -27.30 -21.86
C VAL A 812 10.54 -28.41 -21.81
N TRP A 813 11.61 -28.16 -21.04
CA TRP A 813 12.72 -29.11 -20.85
C TRP A 813 13.10 -29.26 -19.39
N GLU A 814 13.29 -30.50 -18.95
CA GLU A 814 13.76 -30.78 -17.58
C GLU A 814 15.16 -30.21 -17.38
N ASN A 815 15.50 -29.92 -16.12
CA ASN A 815 16.76 -29.28 -15.70
C ASN A 815 17.20 -28.11 -16.57
N SER A 816 16.29 -27.16 -16.77
CA SER A 816 16.52 -26.01 -17.66
C SER A 816 16.04 -24.70 -17.02
N THR A 817 16.90 -23.70 -16.98
CA THR A 817 16.60 -22.43 -16.32
C THR A 817 16.63 -21.22 -17.27
N GLU A 818 16.45 -21.46 -18.56
CA GLU A 818 16.25 -20.40 -19.52
C GLU A 818 15.42 -20.91 -20.70
N ARG A 819 14.93 -19.98 -21.52
CA ARG A 819 14.22 -20.33 -22.76
C ARG A 819 14.20 -19.12 -23.66
N GLU A 820 14.06 -19.35 -24.96
CA GLU A 820 13.94 -18.27 -25.94
C GLU A 820 12.53 -17.68 -25.94
N LEU A 821 12.42 -16.37 -25.72
CA LEU A 821 11.15 -15.72 -25.52
C LEU A 821 10.82 -14.69 -26.61
N TYR A 822 9.63 -14.77 -27.18
CA TYR A 822 9.17 -13.74 -28.11
C TYR A 822 7.91 -13.01 -27.65
N LEU A 823 8.04 -11.72 -27.34
CA LEU A 823 6.86 -10.89 -27.07
C LEU A 823 6.19 -10.47 -28.39
N PRO A 824 4.88 -10.74 -28.54
CA PRO A 824 4.23 -10.30 -29.77
C PRO A 824 4.21 -8.79 -29.86
N VAL A 825 4.12 -8.28 -31.10
CA VAL A 825 4.43 -6.90 -31.46
C VAL A 825 3.24 -5.92 -31.53
N LEU A 826 3.57 -4.63 -31.49
CA LEU A 826 2.57 -3.55 -31.45
C LEU A 826 1.75 -3.46 -30.13
N THR A 827 2.29 -3.97 -29.03
CA THR A 827 1.66 -3.86 -27.69
C THR A 827 2.72 -4.02 -26.57
N GLN A 828 2.38 -3.62 -25.34
CA GLN A 828 3.26 -3.83 -24.19
C GLN A 828 2.89 -5.06 -23.34
N TRP A 829 3.89 -5.69 -22.73
CA TRP A 829 3.67 -6.84 -21.85
C TRP A 829 4.26 -6.66 -20.43
N TYR A 830 3.74 -7.42 -19.47
CA TYR A 830 4.22 -7.33 -18.08
C TYR A 830 4.42 -8.68 -17.42
N LYS A 831 5.64 -8.88 -16.91
CA LYS A 831 5.96 -10.12 -16.26
C LYS A 831 5.00 -10.35 -15.11
N PHE A 832 4.24 -11.41 -15.21
CA PHE A 832 3.39 -11.77 -14.11
C PHE A 832 3.80 -13.14 -13.58
N GLY A 833 2.96 -13.68 -12.70
CA GLY A 833 3.17 -14.96 -12.05
C GLY A 833 2.65 -14.96 -10.62
N PRO A 834 2.59 -16.13 -10.00
CA PRO A 834 2.32 -16.25 -8.57
C PRO A 834 3.14 -15.30 -7.64
N ASP A 835 4.26 -14.77 -8.11
CA ASP A 835 5.02 -13.86 -7.25
C ASP A 835 4.38 -12.48 -7.24
N PHE A 836 3.80 -12.13 -8.37
CA PHE A 836 3.44 -10.74 -8.60
C PHE A 836 2.19 -10.23 -7.89
N ASP A 837 1.39 -11.13 -7.32
CA ASP A 837 0.26 -10.66 -6.53
C ASP A 837 0.72 -9.77 -5.36
N THR A 838 1.67 -10.27 -4.59
CA THR A 838 2.15 -9.57 -3.40
C THR A 838 3.43 -8.74 -3.66
N LYS A 839 3.57 -8.18 -4.86
CA LYS A 839 4.67 -7.26 -5.12
C LYS A 839 4.34 -6.40 -6.34
N PRO A 840 5.04 -5.24 -6.47
CA PRO A 840 4.81 -4.35 -7.61
C PRO A 840 5.25 -5.02 -8.90
N LEU A 841 4.55 -4.71 -9.98
CA LEU A 841 4.93 -5.09 -11.32
C LEU A 841 6.29 -4.48 -11.68
N GLU A 842 6.99 -5.14 -12.59
CA GLU A 842 8.21 -4.58 -13.10
C GLU A 842 7.90 -3.68 -14.30
N GLY A 843 8.90 -2.96 -14.80
CA GLY A 843 8.72 -2.08 -15.96
C GLY A 843 8.16 -2.81 -17.18
N ALA A 844 7.76 -2.05 -18.18
CA ALA A 844 7.11 -2.64 -19.35
C ALA A 844 8.11 -3.49 -20.14
N MET A 845 7.60 -4.46 -20.90
CA MET A 845 8.41 -5.17 -21.88
C MET A 845 7.88 -4.84 -23.27
N ASN A 846 8.72 -4.23 -24.10
CA ASN A 846 8.30 -3.68 -25.37
C ASN A 846 8.02 -4.80 -26.34
N GLY A 847 6.77 -4.92 -26.76
CA GLY A 847 6.34 -6.01 -27.63
C GLY A 847 7.11 -6.00 -28.92
N GLY A 848 7.29 -7.18 -29.51
CA GLY A 848 8.07 -7.36 -30.73
C GLY A 848 9.49 -7.83 -30.49
N ASP A 849 9.86 -7.97 -29.22
CA ASP A 849 11.22 -8.38 -28.80
C ASP A 849 11.47 -9.88 -28.90
N ARG A 850 12.67 -10.25 -29.32
CA ARG A 850 13.14 -11.62 -29.14
C ARG A 850 14.30 -11.63 -28.14
N ILE A 851 14.16 -12.41 -27.08
CA ILE A 851 15.22 -12.52 -26.12
C ILE A 851 15.73 -13.96 -26.04
N TYR A 852 16.99 -14.16 -26.43
CA TYR A 852 17.69 -15.44 -26.28
C TYR A 852 18.14 -15.66 -24.84
N ASN A 853 17.90 -16.84 -24.30
CA ASN A 853 18.34 -17.10 -22.94
C ASN A 853 17.62 -16.27 -21.89
N TYR A 854 16.33 -16.01 -22.10
CA TYR A 854 15.53 -15.31 -21.09
C TYR A 854 15.53 -16.19 -19.85
N PRO A 855 15.99 -15.65 -18.71
CA PRO A 855 16.14 -16.48 -17.52
C PRO A 855 14.80 -16.87 -16.88
N VAL A 856 14.71 -18.14 -16.47
CA VAL A 856 13.52 -18.70 -15.87
C VAL A 856 13.98 -19.66 -14.78
N PRO A 857 14.19 -19.15 -13.55
CA PRO A 857 14.49 -20.07 -12.47
C PRO A 857 13.35 -21.10 -12.33
N GLN A 858 13.65 -22.25 -11.70
CA GLN A 858 12.67 -23.32 -11.55
C GLN A 858 11.37 -22.82 -10.93
N SER A 859 11.47 -21.81 -10.05
CA SER A 859 10.32 -21.27 -9.32
C SER A 859 9.43 -20.34 -10.18
N GLU A 860 9.73 -20.23 -11.47
CA GLU A 860 9.08 -19.24 -12.33
C GLU A 860 8.70 -19.86 -13.66
N SER A 861 7.56 -19.46 -14.21
CA SER A 861 7.28 -19.72 -15.61
C SER A 861 7.07 -18.38 -16.35
N PRO A 862 7.37 -18.37 -17.65
CA PRO A 862 7.16 -17.14 -18.39
C PRO A 862 5.69 -16.91 -18.66
N ILE A 863 5.10 -16.00 -17.90
CA ILE A 863 3.69 -15.66 -18.09
C ILE A 863 3.50 -14.15 -18.03
N PHE A 864 2.87 -13.56 -19.04
CA PHE A 864 2.81 -12.11 -19.16
C PHE A 864 1.40 -11.57 -19.32
N VAL A 865 1.10 -10.45 -18.68
CA VAL A 865 -0.17 -9.77 -18.92
C VAL A 865 0.03 -8.51 -19.71
N ARG A 866 -0.74 -8.37 -20.78
CA ARG A 866 -0.66 -7.28 -21.74
C ARG A 866 -1.13 -5.94 -21.15
N GLU A 867 -0.69 -4.82 -21.70
CA GLU A 867 -1.26 -3.54 -21.32
C GLU A 867 -2.72 -3.56 -21.72
N GLY A 868 -3.56 -2.82 -21.00
CA GLY A 868 -4.96 -2.73 -21.35
C GLY A 868 -5.86 -3.82 -20.75
N ALA A 869 -5.27 -4.77 -20.04
CA ALA A 869 -6.05 -5.86 -19.42
C ALA A 869 -6.68 -5.49 -18.08
N ILE A 870 -7.95 -5.87 -17.88
CA ILE A 870 -8.52 -5.85 -16.53
C ILE A 870 -9.06 -7.24 -16.25
N LEU A 871 -8.59 -7.83 -15.16
CA LEU A 871 -8.79 -9.25 -14.97
C LEU A 871 -9.63 -9.58 -13.75
N PRO A 872 -10.75 -10.31 -13.96
CA PRO A 872 -11.50 -10.74 -12.80
C PRO A 872 -10.66 -11.76 -12.00
N THR A 873 -10.37 -11.44 -10.74
CA THR A 873 -9.50 -12.24 -9.86
C THR A 873 -10.31 -12.66 -8.62
N ARG A 874 -9.91 -13.72 -7.90
CA ARG A 874 -10.72 -14.18 -6.74
C ARG A 874 -9.91 -14.69 -5.55
N TYR A 875 -10.02 -13.94 -4.45
CA TYR A 875 -9.38 -14.27 -3.17
C TYR A 875 -10.39 -14.83 -2.17
N THR A 876 -9.92 -15.76 -1.33
CA THR A 876 -10.72 -16.21 -0.20
C THR A 876 -10.70 -15.12 0.85
N LEU A 877 -11.81 -15.05 1.58
CA LEU A 877 -11.96 -14.10 2.66
C LEU A 877 -10.93 -14.41 3.76
N ASN A 878 -11.01 -15.61 4.33
CA ASN A 878 -10.08 -15.99 5.40
C ASN A 878 -8.62 -16.16 5.00
N GLY A 879 -8.30 -15.98 3.72
CA GLY A 879 -6.91 -16.03 3.23
C GLY A 879 -6.34 -17.42 2.94
N GLU A 880 -7.09 -18.47 3.29
CA GLU A 880 -6.66 -19.85 3.11
C GLU A 880 -6.89 -20.38 1.69
N ASN A 881 -6.59 -21.65 1.45
CA ASN A 881 -6.86 -22.28 0.17
C ASN A 881 -8.05 -23.24 0.23
N LYS A 882 -9.11 -22.94 -0.51
CA LYS A 882 -10.29 -23.80 -0.52
C LYS A 882 -10.85 -24.09 -1.92
N SER A 883 -11.37 -25.30 -2.13
CA SER A 883 -11.98 -25.70 -3.40
C SER A 883 -12.86 -24.61 -4.03
N LEU A 884 -12.86 -24.53 -5.34
CA LEU A 884 -13.70 -23.55 -6.01
C LEU A 884 -15.17 -23.76 -5.67
N ASN A 885 -15.58 -25.01 -5.53
CA ASN A 885 -17.01 -25.33 -5.44
C ASN A 885 -17.54 -24.95 -4.09
N THR A 886 -16.64 -24.69 -3.15
CA THR A 886 -17.05 -24.15 -1.85
C THR A 886 -16.88 -22.62 -1.74
N TYR A 887 -16.39 -21.97 -2.79
CA TYR A 887 -16.42 -20.51 -2.86
C TYR A 887 -17.85 -19.99 -2.82
N THR A 888 -18.05 -18.86 -2.16
CA THR A 888 -19.33 -18.18 -2.19
C THR A 888 -19.05 -16.71 -2.47
N ASP A 889 -20.10 -15.93 -2.68
CA ASP A 889 -19.90 -14.54 -3.11
C ASP A 889 -19.27 -13.59 -2.06
N GLU A 890 -18.91 -14.11 -0.88
CA GLU A 890 -18.22 -13.30 0.12
C GLU A 890 -16.70 -13.25 -0.15
N ASP A 891 -16.16 -14.33 -0.72
CA ASP A 891 -14.75 -14.36 -1.15
C ASP A 891 -14.59 -13.37 -2.31
N PRO A 892 -13.89 -12.27 -2.07
CA PRO A 892 -13.85 -11.12 -2.96
C PRO A 892 -13.73 -11.43 -4.46
N LEU A 893 -14.23 -10.51 -5.29
CA LEU A 893 -14.08 -10.54 -6.74
C LEU A 893 -13.36 -9.25 -7.06
N VAL A 894 -12.26 -9.36 -7.78
CA VAL A 894 -11.32 -8.23 -7.92
C VAL A 894 -10.96 -7.92 -9.37
N PHE A 895 -11.52 -6.84 -9.88
CA PHE A 895 -11.19 -6.38 -11.21
C PHE A 895 -9.87 -5.62 -11.16
N GLU A 896 -8.82 -6.33 -11.54
CA GLU A 896 -7.48 -5.80 -11.48
C GLU A 896 -7.18 -5.09 -12.79
N VAL A 897 -7.17 -3.76 -12.73
CA VAL A 897 -6.73 -2.96 -13.84
C VAL A 897 -5.21 -3.00 -13.89
N PHE A 898 -4.65 -3.18 -15.08
CA PHE A 898 -3.22 -3.22 -15.28
C PHE A 898 -2.78 -1.94 -15.97
N PRO A 899 -1.47 -1.80 -16.26
CA PRO A 899 -1.09 -0.59 -16.95
C PRO A 899 -1.94 -0.43 -18.22
N LEU A 900 -2.12 0.82 -18.66
CA LEU A 900 -3.03 1.13 -19.75
C LEU A 900 -2.38 0.98 -21.11
N GLY A 901 -3.18 0.60 -22.10
CA GLY A 901 -2.75 0.52 -23.47
C GLY A 901 -3.40 1.65 -24.27
N ASN A 902 -2.58 2.62 -24.68
CA ASN A 902 -3.07 3.84 -25.30
C ASN A 902 -4.21 4.44 -24.46
N ASN A 903 -3.89 4.67 -23.19
CA ASN A 903 -4.82 5.19 -22.17
C ASN A 903 -6.15 4.46 -22.08
N ARG A 904 -6.16 3.20 -22.49
CA ARG A 904 -7.36 2.39 -22.47
C ARG A 904 -7.11 1.10 -21.70
N ALA A 905 -8.16 0.49 -21.16
CA ALA A 905 -8.12 -0.84 -20.57
C ALA A 905 -9.55 -1.37 -20.57
N ASP A 906 -9.73 -2.69 -20.71
CA ASP A 906 -11.05 -3.32 -20.78
C ASP A 906 -11.06 -4.70 -20.11
N GLY A 907 -12.24 -5.15 -19.69
CA GLY A 907 -12.38 -6.43 -19.04
C GLY A 907 -13.80 -6.97 -19.11
N MET A 908 -13.89 -8.31 -19.18
CA MET A 908 -15.17 -9.00 -19.24
C MET A 908 -15.19 -9.97 -18.08
N CYS A 909 -16.38 -10.25 -17.57
CA CYS A 909 -16.56 -11.25 -16.53
C CYS A 909 -17.94 -11.83 -16.55
N TYR A 910 -18.00 -13.14 -16.75
CA TYR A 910 -19.23 -13.90 -16.69
C TYR A 910 -19.48 -14.21 -15.22
N LEU A 911 -20.72 -14.07 -14.76
CA LEU A 911 -21.04 -14.50 -13.41
C LEU A 911 -22.24 -15.40 -13.46
N ASP A 912 -22.28 -16.38 -12.58
CA ASP A 912 -23.46 -17.24 -12.41
C ASP A 912 -23.24 -18.08 -11.14
N ASP A 913 -24.21 -18.90 -10.75
CA ASP A 913 -24.15 -19.53 -9.42
C ASP A 913 -23.06 -20.60 -9.27
N GLY A 914 -22.45 -20.98 -10.39
CA GLY A 914 -21.37 -21.94 -10.37
C GLY A 914 -21.76 -23.25 -11.00
N GLY A 915 -23.07 -23.51 -11.07
CA GLY A 915 -23.56 -24.81 -11.53
C GLY A 915 -24.31 -25.53 -10.43
N VAL A 916 -24.50 -24.83 -9.31
CA VAL A 916 -25.35 -25.34 -8.24
C VAL A 916 -26.70 -25.71 -8.85
N THR A 917 -27.10 -24.95 -9.86
CA THR A 917 -28.26 -25.28 -10.66
C THR A 917 -27.99 -24.98 -12.14
N THR A 918 -28.89 -25.46 -12.99
CA THR A 918 -28.78 -25.29 -14.44
C THR A 918 -29.65 -24.13 -14.98
N ASN A 919 -29.94 -23.14 -14.14
CA ASN A 919 -30.77 -22.00 -14.52
C ASN A 919 -30.07 -20.96 -15.40
N ALA A 920 -28.76 -21.10 -15.58
CA ALA A 920 -28.03 -20.23 -16.48
C ALA A 920 -28.22 -20.69 -17.95
N GLU A 921 -27.98 -21.97 -18.20
CA GLU A 921 -28.20 -22.56 -19.51
C GLU A 921 -29.69 -22.70 -19.80
N ASP A 922 -30.50 -22.87 -18.75
CA ASP A 922 -31.90 -23.15 -18.96
C ASP A 922 -32.77 -21.89 -19.02
N ASN A 923 -32.41 -20.85 -18.28
CA ASN A 923 -33.35 -19.74 -18.12
C ASN A 923 -32.72 -18.37 -18.40
N GLY A 924 -31.42 -18.39 -18.69
CA GLY A 924 -30.66 -17.18 -18.97
C GLY A 924 -30.30 -16.47 -17.69
N LYS A 925 -30.28 -17.21 -16.59
CA LYS A 925 -29.87 -16.64 -15.30
C LYS A 925 -28.38 -16.50 -15.18
N PHE A 926 -27.82 -15.51 -15.87
CA PHE A 926 -26.39 -15.21 -15.69
C PHE A 926 -26.13 -13.72 -15.87
N SER A 927 -24.89 -13.31 -15.61
CA SER A 927 -24.47 -11.93 -15.84
C SER A 927 -23.21 -11.86 -16.70
N VAL A 928 -23.06 -10.75 -17.41
CA VAL A 928 -21.86 -10.51 -18.17
C VAL A 928 -21.50 -9.06 -17.88
N VAL A 929 -20.57 -8.87 -16.97
CA VAL A 929 -20.10 -7.53 -16.62
C VAL A 929 -18.98 -7.08 -17.56
N LYS A 930 -19.18 -5.95 -18.21
CA LYS A 930 -18.08 -5.28 -18.88
C LYS A 930 -17.50 -4.17 -18.01
N VAL A 931 -16.27 -3.77 -18.29
CA VAL A 931 -15.62 -2.73 -17.52
C VAL A 931 -14.58 -2.05 -18.39
N ALA A 932 -14.53 -0.73 -18.32
CA ALA A 932 -13.57 0.04 -19.08
C ALA A 932 -12.80 0.96 -18.18
N ALA A 933 -11.77 1.58 -18.72
CA ALA A 933 -10.90 2.46 -17.96
C ALA A 933 -10.23 3.39 -18.97
N GLU A 934 -10.21 4.69 -18.69
CA GLU A 934 -9.54 5.61 -19.59
C GLU A 934 -8.87 6.66 -18.76
N GLN A 935 -7.64 7.01 -19.14
CA GLN A 935 -6.92 8.13 -18.52
C GLN A 935 -7.12 9.36 -19.39
N ASP A 936 -7.49 10.48 -18.78
CA ASP A 936 -7.68 11.73 -19.55
C ASP A 936 -7.11 12.93 -18.82
N GLY A 937 -5.83 13.21 -19.04
CA GLY A 937 -5.16 14.20 -18.23
C GLY A 937 -5.20 13.69 -16.81
N GLY A 938 -5.90 14.41 -15.94
CA GLY A 938 -5.90 14.08 -14.51
C GLY A 938 -6.95 13.09 -14.03
N THR A 939 -7.96 12.80 -14.86
CA THR A 939 -9.08 11.96 -14.42
C THR A 939 -9.03 10.57 -15.05
N GLU A 940 -9.07 9.52 -14.22
CA GLU A 940 -9.19 8.15 -14.75
C GLU A 940 -10.62 7.61 -14.52
N THR A 941 -11.32 7.25 -15.58
CA THR A 941 -12.72 6.80 -15.42
C THR A 941 -12.92 5.31 -15.63
N ILE A 942 -13.09 4.58 -14.53
CA ILE A 942 -13.37 3.16 -14.59
C ILE A 942 -14.88 2.96 -14.69
N THR A 943 -15.36 2.40 -15.79
CA THR A 943 -16.79 2.27 -15.99
C THR A 943 -17.29 0.84 -15.95
N PHE A 944 -18.34 0.59 -15.16
CA PHE A 944 -18.99 -0.72 -15.15
C PHE A 944 -20.33 -0.72 -15.87
N THR A 945 -20.48 -1.59 -16.86
CA THR A 945 -21.76 -1.73 -17.50
C THR A 945 -22.05 -3.22 -17.53
N ASN A 946 -23.30 -3.61 -17.82
CA ASN A 946 -23.65 -5.02 -17.99
C ASN A 946 -24.28 -5.36 -19.35
N ASP A 947 -24.15 -6.60 -19.81
CA ASP A 947 -24.87 -7.02 -21.02
C ASP A 947 -26.18 -7.65 -20.60
N CYS A 948 -26.16 -8.27 -19.43
CA CYS A 948 -27.37 -8.58 -18.70
C CYS A 948 -26.93 -8.83 -17.29
N TYR A 949 -27.76 -8.53 -16.32
CA TYR A 949 -27.38 -8.84 -14.96
C TYR A 949 -28.47 -9.67 -14.33
N GLU A 950 -28.44 -10.96 -14.59
CA GLU A 950 -29.52 -11.84 -14.19
C GLU A 950 -29.08 -12.63 -12.98
N TYR A 951 -27.76 -12.67 -12.79
CA TYR A 951 -27.21 -13.26 -11.59
C TYR A 951 -26.70 -12.13 -10.71
N VAL A 952 -27.21 -12.07 -9.47
CA VAL A 952 -26.89 -10.98 -8.54
C VAL A 952 -25.69 -11.30 -7.67
N PHE A 953 -24.51 -10.93 -8.12
CA PHE A 953 -23.33 -11.18 -7.31
C PHE A 953 -23.49 -10.59 -5.90
N GLY A 954 -23.54 -11.45 -4.89
CA GLY A 954 -23.99 -11.06 -3.54
C GLY A 954 -22.99 -10.45 -2.54
N GLY A 955 -21.79 -10.14 -2.99
CA GLY A 955 -20.80 -9.59 -2.08
C GLY A 955 -20.10 -8.43 -2.71
N PRO A 956 -19.43 -7.60 -1.88
CA PRO A 956 -18.69 -6.43 -2.35
C PRO A 956 -17.61 -6.91 -3.29
N PHE A 957 -17.26 -6.08 -4.27
CA PHE A 957 -16.21 -6.39 -5.23
C PHE A 957 -15.27 -5.22 -5.31
N TYR A 958 -14.11 -5.40 -5.92
CA TYR A 958 -13.04 -4.39 -5.81
C TYR A 958 -12.45 -4.06 -7.15
N VAL A 959 -12.01 -2.80 -7.30
CA VAL A 959 -11.14 -2.39 -8.41
C VAL A 959 -9.71 -2.27 -7.89
N ARG A 960 -8.77 -2.86 -8.61
CA ARG A 960 -7.39 -2.75 -8.19
C ARG A 960 -6.61 -2.03 -9.26
N VAL A 961 -6.30 -0.76 -9.03
CA VAL A 961 -5.52 -0.02 -10.01
C VAL A 961 -4.03 -0.22 -9.76
N ARG A 962 -3.29 -0.46 -10.84
CA ARG A 962 -1.88 -0.75 -10.76
C ARG A 962 -1.10 0.46 -11.20
N GLY A 963 -0.26 0.95 -10.32
CA GLY A 963 0.64 2.04 -10.70
C GLY A 963 0.07 3.41 -10.42
N ALA A 964 -1.21 3.47 -10.08
CA ALA A 964 -1.78 4.72 -9.61
C ALA A 964 -1.96 4.54 -8.12
N GLN A 965 -1.50 5.52 -7.33
CA GLN A 965 -1.49 5.40 -5.85
C GLN A 965 -2.61 6.18 -5.13
N SER A 966 -2.21 7.06 -4.20
CA SER A 966 -3.17 7.84 -3.41
C SER A 966 -3.78 9.00 -4.20
N PRO A 967 -5.13 9.06 -4.23
CA PRO A 967 -5.92 9.98 -5.02
C PRO A 967 -6.28 11.25 -4.28
N SER A 968 -6.83 12.21 -4.99
CA SER A 968 -7.31 13.45 -4.38
C SER A 968 -8.79 13.29 -4.09
N ASN A 969 -9.44 12.45 -4.88
CA ASN A 969 -10.83 12.08 -4.63
C ASN A 969 -11.24 10.94 -5.55
N ILE A 970 -12.17 10.10 -5.09
CA ILE A 970 -12.83 9.13 -5.95
C ILE A 970 -14.32 9.34 -5.86
N HIS A 971 -14.93 9.60 -7.01
CA HIS A 971 -16.38 9.69 -7.08
C HIS A 971 -16.90 8.35 -7.59
N VAL A 972 -18.00 7.88 -7.00
CA VAL A 972 -18.68 6.72 -7.54
C VAL A 972 -20.11 7.06 -7.91
N SER A 973 -20.43 6.88 -9.19
CA SER A 973 -21.76 7.14 -9.73
C SER A 973 -22.45 5.80 -9.94
N SER A 974 -23.72 5.71 -9.60
CA SER A 974 -24.42 4.44 -9.78
C SER A 974 -25.91 4.66 -9.81
N GLY A 975 -26.66 3.65 -10.27
CA GLY A 975 -28.11 3.77 -10.34
C GLY A 975 -28.64 4.07 -8.96
N ALA A 976 -27.90 3.58 -7.96
CA ALA A 976 -28.17 3.81 -6.53
C ALA A 976 -26.94 4.44 -5.84
N GLY A 977 -26.15 5.14 -6.64
CA GLY A 977 -24.96 5.82 -6.13
C GLY A 977 -24.89 7.29 -6.53
N SER A 978 -24.34 8.08 -5.61
CA SER A 978 -23.87 9.43 -5.88
C SER A 978 -22.96 9.71 -4.68
N GLN A 979 -22.08 8.74 -4.41
CA GLN A 979 -21.31 8.67 -3.18
C GLN A 979 -19.82 8.92 -3.44
N ASP A 980 -19.22 9.79 -2.62
CA ASP A 980 -17.78 9.95 -2.64
C ASP A 980 -17.13 8.86 -1.81
N MET A 981 -15.88 8.53 -2.11
CA MET A 981 -15.19 7.52 -1.36
C MET A 981 -14.28 8.19 -0.34
N LYS A 982 -14.15 7.56 0.83
CA LYS A 982 -13.28 8.03 1.88
C LYS A 982 -12.19 7.00 2.13
N VAL A 983 -11.03 7.49 2.55
CA VAL A 983 -9.89 6.64 2.88
C VAL A 983 -10.23 5.60 3.95
N SER A 984 -10.03 4.34 3.61
CA SER A 984 -10.32 3.24 4.50
C SER A 984 -9.43 3.37 5.70
N SER A 985 -9.83 2.78 6.80
CA SER A 985 -8.98 2.70 7.98
C SER A 985 -8.30 1.31 8.12
N ALA A 986 -8.45 0.43 7.13
CA ALA A 986 -7.70 -0.82 7.12
C ALA A 986 -6.33 -0.58 6.46
N THR A 987 -5.29 -1.24 6.97
CA THR A 987 -3.95 -1.06 6.39
C THR A 987 -3.39 -2.34 5.82
N SER A 988 -4.21 -3.36 5.67
CA SER A 988 -3.74 -4.56 5.02
C SER A 988 -4.83 -5.07 4.10
N ARG A 989 -4.46 -5.76 3.02
CA ARG A 989 -5.45 -6.28 2.09
C ARG A 989 -6.46 -7.18 2.83
N ALA A 990 -5.95 -7.93 3.80
CA ALA A 990 -6.74 -8.90 4.54
C ALA A 990 -7.78 -8.18 5.39
N ALA A 991 -7.36 -7.04 5.96
CA ALA A 991 -8.20 -6.24 6.83
C ALA A 991 -9.19 -5.41 6.03
N LEU A 992 -8.87 -5.15 4.76
CA LEU A 992 -9.76 -4.45 3.86
C LEU A 992 -10.91 -5.37 3.49
N PHE A 993 -10.60 -6.61 3.13
CA PHE A 993 -11.61 -7.58 2.73
C PHE A 993 -12.57 -7.84 3.89
N ASN A 994 -12.00 -8.22 5.04
CA ASN A 994 -12.78 -8.73 6.17
C ASN A 994 -13.45 -7.65 7.02
N ASP A 995 -12.75 -6.55 7.21
CA ASP A 995 -13.27 -5.47 8.03
C ASP A 995 -13.72 -4.29 7.16
N GLY A 996 -12.90 -3.96 6.16
CA GLY A 996 -13.15 -2.85 5.23
C GLY A 996 -14.59 -2.43 4.99
N GLU A 997 -14.81 -1.13 5.06
CA GLU A 997 -16.12 -0.52 4.83
C GLU A 997 -16.44 -0.39 3.32
N ASN A 998 -17.65 -0.75 2.90
CA ASN A 998 -18.08 -0.39 1.55
C ASN A 998 -17.76 1.08 1.33
N GLY A 999 -17.23 1.43 0.15
CA GLY A 999 -16.86 2.82 -0.14
C GLY A 999 -15.49 3.22 0.36
N ASP A 1000 -14.72 2.22 0.82
CA ASP A 1000 -13.37 2.46 1.30
C ASP A 1000 -12.35 2.22 0.21
N PHE A 1001 -11.43 3.17 0.01
CA PHE A 1001 -10.29 2.88 -0.81
C PHE A 1001 -9.11 2.67 0.11
N TRP A 1002 -8.21 1.78 -0.26
CA TRP A 1002 -6.98 1.59 0.50
C TRP A 1002 -5.76 1.69 -0.40
N VAL A 1003 -4.83 2.55 -0.02
CA VAL A 1003 -3.56 2.67 -0.73
C VAL A 1003 -2.59 1.55 -0.33
N ASP A 1004 -2.25 0.69 -1.29
CA ASP A 1004 -1.39 -0.47 -1.06
C ASP A 1004 0.02 -0.15 -1.53
N GLN A 1005 0.87 0.31 -0.60
CA GLN A 1005 2.26 0.63 -0.91
C GLN A 1005 3.01 -0.60 -1.38
N GLU A 1006 2.86 -1.69 -0.64
CA GLU A 1006 3.55 -2.94 -0.92
C GLU A 1006 3.45 -3.39 -2.39
N THR A 1007 2.24 -3.36 -2.98
CA THR A 1007 2.06 -3.80 -4.38
C THR A 1007 1.99 -2.67 -5.41
N ASP A 1008 2.05 -1.43 -4.91
CA ASP A 1008 1.89 -0.25 -5.75
C ASP A 1008 0.53 -0.30 -6.42
N SER A 1009 -0.51 -0.33 -5.60
CA SER A 1009 -1.88 -0.48 -6.09
C SER A 1009 -2.85 0.37 -5.30
N LEU A 1010 -4.01 0.63 -5.88
CA LEU A 1010 -5.09 1.28 -5.19
C LEU A 1010 -6.27 0.32 -5.20
N TRP A 1011 -6.74 -0.02 -4.01
CA TRP A 1011 -7.88 -0.93 -3.89
C TRP A 1011 -9.20 -0.20 -3.60
N LEU A 1012 -10.20 -0.43 -4.43
CA LEU A 1012 -11.51 0.15 -4.21
C LEU A 1012 -12.45 -0.93 -3.77
N LYS A 1013 -12.97 -0.76 -2.55
CA LYS A 1013 -14.02 -1.61 -2.04
C LYS A 1013 -15.32 -0.91 -2.43
N LEU A 1014 -16.20 -1.62 -3.13
CA LEU A 1014 -17.51 -1.09 -3.55
C LEU A 1014 -18.62 -2.09 -3.20
N PRO A 1015 -19.89 -1.65 -3.14
CA PRO A 1015 -21.00 -2.54 -2.79
C PRO A 1015 -21.38 -3.44 -3.93
N ASN A 1016 -22.04 -4.57 -3.59
CA ASN A 1016 -22.47 -5.54 -4.61
C ASN A 1016 -23.46 -5.02 -5.66
N VAL A 1017 -24.14 -3.91 -5.34
CA VAL A 1017 -25.26 -3.40 -6.16
C VAL A 1017 -24.79 -2.46 -7.27
N VAL A 1018 -23.54 -2.04 -7.19
CA VAL A 1018 -22.98 -1.13 -8.16
C VAL A 1018 -22.24 -1.87 -9.29
N LEU A 1019 -22.08 -3.18 -9.11
CA LEU A 1019 -21.44 -4.05 -10.08
C LEU A 1019 -21.99 -3.88 -11.52
N PRO A 1020 -23.34 -3.94 -11.68
CA PRO A 1020 -23.90 -3.95 -13.04
C PRO A 1020 -23.84 -2.61 -13.79
N ASP A 1021 -23.36 -1.56 -13.13
CA ASP A 1021 -23.52 -0.20 -13.65
C ASP A 1021 -22.89 0.82 -12.71
N ALA A 1022 -21.89 1.55 -13.19
CA ALA A 1022 -21.20 2.56 -12.36
C ALA A 1022 -20.18 3.42 -13.12
N VAL A 1023 -19.93 4.62 -12.62
CA VAL A 1023 -18.85 5.46 -13.15
C VAL A 1023 -17.92 5.90 -12.02
N ILE A 1024 -16.75 5.30 -11.98
CA ILE A 1024 -15.79 5.58 -10.94
C ILE A 1024 -14.80 6.57 -11.50
N THR A 1025 -14.83 7.79 -11.00
CA THR A 1025 -13.90 8.80 -11.51
C THR A 1025 -12.82 9.17 -10.46
N ILE A 1026 -11.56 9.04 -10.86
CA ILE A 1026 -10.41 9.11 -9.96
C ILE A 1026 -9.55 10.34 -10.28
N THR A 1027 -9.49 11.27 -9.34
CA THR A 1027 -9.05 12.63 -9.63
C THR A 1027 -7.73 13.01 -8.94
N THR B 3 8.98 -11.93 54.45
CA THR B 3 8.70 -12.95 55.50
C THR B 3 8.02 -12.35 56.75
N ASP B 4 8.83 -12.06 57.78
CA ASP B 4 8.35 -11.34 58.95
C ASP B 4 7.48 -12.18 59.90
N ASN B 5 6.99 -13.34 59.43
CA ASN B 5 5.99 -14.11 60.17
C ASN B 5 5.16 -13.17 61.04
N PRO B 6 4.45 -12.25 60.38
CA PRO B 6 3.81 -11.08 60.97
C PRO B 6 3.25 -11.34 62.36
N ASP B 7 2.26 -12.23 62.44
CA ASP B 7 1.51 -12.50 63.66
C ASP B 7 2.33 -13.05 64.82
N GLY B 8 3.32 -13.88 64.53
CA GLY B 8 4.25 -14.37 65.56
C GLY B 8 4.04 -15.82 65.94
N ILE B 9 3.71 -16.64 64.94
CA ILE B 9 3.30 -18.02 65.15
C ILE B 9 4.45 -19.01 65.31
N ASP B 10 4.34 -19.87 66.31
CA ASP B 10 5.24 -20.99 66.45
C ASP B 10 4.63 -22.21 65.75
N TYR B 11 5.27 -22.66 64.67
CA TYR B 11 4.74 -23.75 63.83
C TYR B 11 5.18 -25.14 64.29
N LYS B 12 4.21 -25.89 64.80
CA LYS B 12 4.48 -27.16 65.43
C LYS B 12 3.80 -28.28 64.69
N THR B 13 3.36 -27.97 63.47
CA THR B 13 2.92 -29.03 62.56
C THR B 13 3.23 -28.75 61.09
N TYR B 14 3.89 -29.70 60.46
CA TYR B 14 4.26 -29.54 59.07
C TYR B 14 3.75 -30.69 58.25
N ASP B 15 3.65 -31.85 58.88
CA ASP B 15 3.24 -33.05 58.17
C ASP B 15 1.73 -33.19 58.00
N TYR B 16 1.33 -33.95 56.99
CA TYR B 16 -0.02 -34.44 56.91
C TYR B 16 -0.36 -35.18 58.21
N VAL B 17 -1.51 -34.86 58.79
CA VAL B 17 -1.94 -35.54 59.99
C VAL B 17 -3.25 -36.26 59.67
N GLY B 18 -3.17 -37.56 59.38
CA GLY B 18 -4.35 -38.33 59.00
C GLY B 18 -5.45 -38.15 60.03
N VAL B 19 -6.70 -38.42 59.63
CA VAL B 19 -7.91 -38.18 60.47
C VAL B 19 -7.82 -38.85 61.85
N TRP B 20 -6.99 -39.90 61.91
CA TRP B 20 -6.77 -40.70 63.10
C TRP B 20 -5.95 -39.98 64.17
N GLY B 21 -5.13 -39.01 63.75
CA GLY B 21 -4.33 -38.21 64.68
C GLY B 21 -4.86 -36.79 64.82
N PHE B 22 -6.10 -36.56 64.39
CA PHE B 22 -6.82 -35.33 64.71
C PHE B 22 -7.95 -35.63 65.70
N SER B 23 -7.70 -35.28 66.95
CA SER B 23 -8.61 -35.65 68.03
C SER B 23 -8.96 -34.46 68.89
N PRO B 24 -9.92 -33.64 68.44
CA PRO B 24 -10.31 -32.56 69.33
C PRO B 24 -11.09 -33.12 70.50
N LEU B 25 -11.91 -34.15 70.25
CA LEU B 25 -12.72 -34.74 71.32
C LEU B 25 -11.89 -35.29 72.50
N SER B 26 -10.60 -35.51 72.28
CA SER B 26 -9.71 -35.96 73.35
C SER B 26 -9.74 -34.99 74.52
N ASN B 27 -10.05 -33.74 74.19
CA ASN B 27 -10.21 -32.66 75.15
C ASN B 27 -8.91 -32.06 75.64
N THR B 28 -8.00 -32.88 76.14
CA THR B 28 -6.86 -32.35 76.90
C THR B 28 -5.88 -31.50 76.07
N ASN B 29 -5.56 -30.32 76.59
CA ASN B 29 -4.73 -29.34 75.89
C ASN B 29 -5.59 -28.44 75.01
N TRP B 30 -6.82 -28.84 74.78
CA TRP B 30 -7.73 -28.02 74.00
C TRP B 30 -8.44 -26.97 74.85
N PHE B 31 -8.69 -25.83 74.24
CA PHE B 31 -9.43 -24.75 74.86
C PHE B 31 -10.84 -24.78 74.30
N ALA B 32 -11.81 -24.52 75.14
CA ALA B 32 -13.15 -24.28 74.66
C ALA B 32 -13.68 -23.09 75.43
N ALA B 33 -14.73 -22.48 74.93
CA ALA B 33 -15.33 -21.36 75.63
C ALA B 33 -16.05 -21.82 76.90
N GLY B 34 -16.04 -20.97 77.92
CA GLY B 34 -16.72 -21.26 79.20
C GLY B 34 -17.39 -20.09 79.92
N SER B 35 -17.21 -18.89 79.38
CA SER B 35 -17.74 -17.64 79.95
C SER B 35 -17.34 -16.44 79.10
N SER B 36 -18.09 -15.35 79.22
CA SER B 36 -17.85 -14.19 78.37
C SER B 36 -18.47 -12.90 78.90
N THR B 37 -18.15 -11.78 78.25
CA THR B 37 -18.70 -10.47 78.60
C THR B 37 -18.84 -9.60 77.35
N PRO B 38 -20.05 -9.08 77.11
CA PRO B 38 -20.35 -8.32 75.90
C PRO B 38 -19.31 -7.29 75.50
N GLY B 39 -19.21 -7.08 74.19
CA GLY B 39 -18.21 -6.19 73.62
C GLY B 39 -18.75 -5.42 72.43
N GLY B 40 -20.06 -5.14 72.45
CA GLY B 40 -20.66 -4.19 71.50
C GLY B 40 -21.07 -4.76 70.15
N ILE B 41 -22.04 -4.09 69.54
CA ILE B 41 -22.65 -4.53 68.29
C ILE B 41 -22.61 -3.38 67.30
N THR B 42 -21.57 -3.32 66.47
CA THR B 42 -21.52 -2.31 65.41
C THR B 42 -21.72 -2.97 64.03
N ASP B 43 -22.43 -2.27 63.15
CA ASP B 43 -22.87 -2.83 61.86
C ASP B 43 -23.87 -4.00 62.12
N TRP B 44 -23.50 -5.24 61.76
CA TRP B 44 -24.33 -6.44 62.05
C TRP B 44 -23.46 -7.51 62.68
N THR B 45 -22.37 -7.05 63.29
CA THR B 45 -21.33 -7.93 63.80
C THR B 45 -21.11 -7.68 65.28
N ALA B 46 -21.74 -8.51 66.11
CA ALA B 46 -21.52 -8.46 67.54
C ALA B 46 -20.15 -9.05 67.89
N THR B 47 -19.68 -8.73 69.08
CA THR B 47 -18.37 -9.16 69.51
C THR B 47 -18.50 -9.54 70.99
N MET B 48 -18.15 -10.78 71.30
CA MET B 48 -18.12 -11.27 72.68
C MET B 48 -16.68 -11.49 73.14
N ASN B 49 -16.29 -10.84 74.25
CA ASN B 49 -14.98 -11.11 74.79
C ASN B 49 -15.08 -12.44 75.53
N VAL B 50 -14.46 -13.47 74.97
CA VAL B 50 -14.68 -14.84 75.42
C VAL B 50 -13.50 -15.46 76.19
N ASN B 51 -13.72 -15.70 77.48
CA ASN B 51 -12.81 -16.52 78.29
C ASN B 51 -12.83 -17.98 77.85
N PHE B 52 -11.70 -18.41 77.31
CA PHE B 52 -11.45 -19.80 76.92
C PHE B 52 -10.67 -20.53 78.00
N ASP B 53 -11.16 -21.71 78.38
CA ASP B 53 -10.55 -22.46 79.47
C ASP B 53 -10.02 -23.82 79.00
N ARG B 54 -8.85 -24.21 79.50
CA ARG B 54 -8.32 -25.53 79.18
C ARG B 54 -9.29 -26.55 79.72
N ILE B 55 -9.94 -27.29 78.82
CA ILE B 55 -10.91 -28.32 79.22
C ILE B 55 -10.38 -29.15 80.37
N ASP B 56 -9.14 -29.60 80.22
CA ASP B 56 -8.48 -30.53 81.12
C ASP B 56 -7.91 -29.88 82.36
N ASN B 57 -7.77 -28.56 82.35
CA ASN B 57 -7.17 -27.79 83.45
C ASN B 57 -7.59 -26.32 83.43
N PRO B 58 -8.83 -26.03 83.88
CA PRO B 58 -9.48 -24.72 83.73
C PRO B 58 -8.86 -23.55 84.49
N SER B 59 -7.98 -23.78 85.46
CA SER B 59 -7.33 -22.66 86.12
C SER B 59 -6.53 -21.88 85.07
N ILE B 60 -6.30 -22.54 83.94
CA ILE B 60 -5.64 -21.96 82.78
C ILE B 60 -6.67 -21.29 81.87
N THR B 61 -6.66 -19.96 81.83
CA THR B 61 -7.61 -19.22 81.02
C THR B 61 -6.92 -18.16 80.18
N VAL B 62 -7.30 -18.09 78.92
CA VAL B 62 -6.98 -16.94 78.08
C VAL B 62 -8.32 -16.42 77.60
N GLN B 63 -8.30 -15.43 76.73
CA GLN B 63 -9.52 -14.86 76.23
C GLN B 63 -9.27 -14.12 74.92
N HIS B 64 -10.13 -14.37 73.95
CA HIS B 64 -9.99 -13.74 72.66
C HIS B 64 -11.34 -13.22 72.17
N PRO B 65 -11.36 -12.04 71.53
CA PRO B 65 -12.58 -11.52 70.93
C PRO B 65 -13.17 -12.52 69.94
N VAL B 66 -14.48 -12.71 70.02
CA VAL B 66 -15.18 -13.56 69.07
C VAL B 66 -16.24 -12.74 68.36
N GLN B 67 -16.26 -12.83 67.03
CA GLN B 67 -17.23 -12.10 66.24
C GLN B 67 -18.37 -13.02 65.80
N VAL B 68 -19.59 -12.58 66.08
CA VAL B 68 -20.79 -13.22 65.57
C VAL B 68 -21.49 -12.22 64.66
N GLN B 69 -21.47 -12.51 63.35
CA GLN B 69 -21.99 -11.62 62.31
C GLN B 69 -23.11 -12.28 61.51
N VAL B 70 -24.29 -11.68 61.49
CA VAL B 70 -25.31 -12.09 60.54
C VAL B 70 -24.82 -11.74 59.13
N THR B 71 -24.83 -12.71 58.22
CA THR B 71 -24.42 -12.43 56.85
C THR B 71 -25.57 -12.14 55.87
N SER B 72 -26.73 -12.73 56.11
CA SER B 72 -27.93 -12.41 55.33
C SER B 72 -29.20 -12.79 56.08
N TYR B 73 -30.10 -11.82 56.26
CA TYR B 73 -31.33 -12.01 57.03
C TYR B 73 -32.37 -12.79 56.23
N ASN B 74 -32.55 -12.42 54.97
CA ASN B 74 -33.53 -13.09 54.13
C ASN B 74 -33.06 -14.50 53.77
N ASN B 75 -31.76 -14.68 53.71
CA ASN B 75 -31.25 -15.99 53.37
C ASN B 75 -30.93 -16.87 54.58
N ASN B 76 -30.94 -16.27 55.76
CA ASN B 76 -30.88 -17.04 56.98
C ASN B 76 -29.50 -17.62 57.22
N SER B 77 -28.50 -16.76 57.30
CA SER B 77 -27.14 -17.26 57.50
C SER B 77 -26.32 -16.27 58.28
N TYR B 78 -25.46 -16.81 59.14
CA TYR B 78 -24.54 -15.98 59.90
C TYR B 78 -23.16 -16.61 59.91
N ARG B 79 -22.31 -16.08 60.77
CA ARG B 79 -20.88 -16.28 60.70
C ARG B 79 -20.29 -16.13 62.10
N VAL B 80 -19.33 -16.96 62.45
CA VAL B 80 -18.63 -16.90 63.74
C VAL B 80 -17.12 -16.97 63.52
N ARG B 81 -16.39 -15.93 63.88
CA ARG B 81 -14.94 -15.98 63.72
C ARG B 81 -14.15 -15.32 64.84
N PHE B 82 -13.03 -15.94 65.18
CA PHE B 82 -12.04 -15.29 66.02
C PHE B 82 -10.63 -15.65 65.54
N ASN B 83 -9.61 -15.26 66.29
CA ASN B 83 -8.23 -15.50 65.89
C ASN B 83 -7.27 -15.50 67.08
N PRO B 84 -7.04 -16.70 67.64
CA PRO B 84 -6.24 -16.93 68.83
C PRO B 84 -4.74 -16.75 68.61
N ASP B 85 -4.34 -16.05 67.55
CA ASP B 85 -2.92 -15.81 67.26
C ASP B 85 -2.63 -14.31 66.99
N GLY B 86 -3.69 -13.54 66.73
CA GLY B 86 -3.53 -12.13 66.43
C GLY B 86 -4.89 -11.50 66.24
N PRO B 87 -4.93 -10.26 65.76
CA PRO B 87 -6.20 -9.60 65.48
C PRO B 87 -6.94 -10.33 64.39
N ILE B 88 -8.27 -10.34 64.46
CA ILE B 88 -9.10 -10.96 63.45
C ILE B 88 -9.02 -10.16 62.16
N ARG B 89 -8.69 -10.83 61.06
CA ARG B 89 -8.41 -10.12 59.80
C ARG B 89 -9.15 -10.74 58.61
N ASP B 90 -9.78 -9.88 57.81
CA ASP B 90 -10.52 -10.28 56.61
C ASP B 90 -9.55 -10.79 55.56
N VAL B 91 -9.99 -11.75 54.75
CA VAL B 91 -9.17 -12.21 53.63
C VAL B 91 -9.23 -11.25 52.42
N THR B 92 -8.14 -11.19 51.65
CA THR B 92 -8.15 -10.50 50.36
C THR B 92 -8.48 -11.46 49.20
N ARG B 93 -8.10 -12.73 49.37
CA ARG B 93 -8.48 -13.78 48.43
C ARG B 93 -9.24 -14.86 49.17
N GLY B 94 -10.14 -15.54 48.48
CA GLY B 94 -10.93 -16.58 49.11
C GLY B 94 -12.38 -16.45 48.70
N PRO B 95 -13.17 -17.51 48.90
CA PRO B 95 -14.58 -17.57 48.51
C PRO B 95 -15.43 -16.46 49.14
N ILE B 96 -15.21 -16.18 50.42
CA ILE B 96 -16.02 -15.16 51.12
C ILE B 96 -15.27 -13.84 51.29
N LEU B 97 -15.78 -12.80 50.66
CA LEU B 97 -15.12 -11.51 50.67
C LEU B 97 -15.95 -10.49 51.43
N LYS B 98 -15.27 -9.65 52.20
CA LYS B 98 -15.94 -8.58 52.92
C LYS B 98 -16.83 -7.70 52.02
N GLN B 99 -16.30 -7.30 50.87
CA GLN B 99 -17.07 -6.47 49.94
C GLN B 99 -18.42 -7.12 49.65
N GLN B 100 -18.40 -8.44 49.44
CA GLN B 100 -19.64 -9.16 49.15
C GLN B 100 -20.63 -9.25 50.32
N LEU B 101 -20.13 -9.41 51.54
CA LEU B 101 -21.03 -9.44 52.70
C LEU B 101 -21.60 -8.05 53.02
N ASP B 102 -20.78 -7.01 52.81
CA ASP B 102 -21.16 -5.59 52.87
C ASP B 102 -22.31 -5.26 51.92
N TRP B 103 -22.20 -5.74 50.69
CA TRP B 103 -23.20 -5.46 49.68
C TRP B 103 -24.54 -6.10 50.08
N ILE B 104 -24.52 -7.38 50.42
CA ILE B 104 -25.73 -8.10 50.80
C ILE B 104 -26.40 -7.37 51.95
N ARG B 105 -25.59 -6.95 52.89
CA ARG B 105 -26.11 -6.29 54.07
C ARG B 105 -26.65 -4.90 53.69
N THR B 106 -26.08 -4.27 52.68
CA THR B 106 -26.58 -2.97 52.29
C THR B 106 -27.94 -3.15 51.63
N GLN B 107 -28.03 -4.06 50.68
CA GLN B 107 -29.30 -4.35 50.05
C GLN B 107 -30.36 -4.70 51.06
N GLU B 108 -30.06 -5.68 51.90
CA GLU B 108 -31.01 -6.16 52.88
C GLU B 108 -31.42 -5.08 53.86
N LEU B 109 -30.48 -4.22 54.24
CA LEU B 109 -30.76 -3.08 55.10
C LEU B 109 -31.76 -2.15 54.46
N SER B 110 -31.71 -2.02 53.15
CA SER B 110 -32.51 -1.05 52.44
C SER B 110 -33.80 -1.68 51.97
N GLU B 111 -34.26 -2.69 52.70
CA GLU B 111 -35.58 -3.26 52.48
C GLU B 111 -36.25 -3.35 53.85
N GLY B 112 -35.53 -2.83 54.84
CA GLY B 112 -35.99 -2.84 56.23
C GLY B 112 -35.69 -4.13 56.99
N CYS B 113 -34.77 -4.95 56.48
CA CYS B 113 -34.42 -6.22 57.11
C CYS B 113 -33.67 -5.98 58.42
N ASP B 114 -34.20 -6.50 59.52
CA ASP B 114 -33.68 -6.20 60.86
C ASP B 114 -33.71 -7.41 61.77
N PRO B 115 -32.52 -7.91 62.10
CA PRO B 115 -32.24 -9.07 62.92
C PRO B 115 -32.10 -8.72 64.40
N GLY B 116 -32.67 -7.59 64.79
CA GLY B 116 -32.65 -7.13 66.18
C GLY B 116 -31.57 -7.70 67.07
N MET B 117 -30.32 -7.34 66.79
CA MET B 117 -29.16 -7.87 67.51
C MET B 117 -29.00 -7.17 68.86
N THR B 118 -29.00 -7.96 69.93
CA THR B 118 -29.09 -7.43 71.26
C THR B 118 -28.43 -8.34 72.30
N PHE B 119 -27.80 -7.73 73.29
CA PHE B 119 -27.33 -8.45 74.48
C PHE B 119 -28.38 -8.32 75.59
N THR B 120 -28.56 -9.37 76.39
CA THR B 120 -29.55 -9.36 77.48
C THR B 120 -28.89 -8.99 78.81
N SER B 121 -29.70 -8.98 79.87
CA SER B 121 -29.19 -8.70 81.21
C SER B 121 -27.98 -9.57 81.55
N GLU B 122 -28.11 -10.87 81.31
CA GLU B 122 -27.07 -11.85 81.62
C GLU B 122 -25.90 -11.81 80.63
N GLY B 123 -26.01 -11.01 79.58
CA GLY B 123 -24.95 -10.93 78.59
C GLY B 123 -24.96 -12.12 77.62
N PHE B 124 -26.14 -12.68 77.38
CA PHE B 124 -26.33 -13.55 76.24
C PHE B 124 -26.56 -12.66 75.02
N LEU B 125 -26.34 -13.21 73.84
CA LEU B 125 -26.62 -12.51 72.59
C LEU B 125 -27.77 -13.21 71.86
N THR B 126 -28.80 -12.46 71.51
CA THR B 126 -29.85 -12.99 70.65
C THR B 126 -29.98 -12.18 69.38
N PHE B 127 -30.41 -12.85 68.32
CA PHE B 127 -30.68 -12.18 67.07
C PHE B 127 -31.68 -12.99 66.25
N GLU B 128 -31.99 -12.48 65.07
CA GLU B 128 -33.09 -12.99 64.25
C GLU B 128 -32.82 -13.02 62.76
N THR B 129 -33.51 -13.90 62.06
CA THR B 129 -33.46 -13.89 60.62
C THR B 129 -34.89 -14.06 60.10
N LYS B 130 -35.07 -13.93 58.79
CA LYS B 130 -36.38 -14.07 58.16
C LYS B 130 -37.16 -15.29 58.67
N ASP B 131 -36.50 -16.39 58.99
CA ASP B 131 -37.21 -17.61 59.44
C ASP B 131 -36.64 -18.31 60.69
N LEU B 132 -35.73 -17.63 61.39
CA LEU B 132 -35.01 -18.23 62.53
C LEU B 132 -34.76 -17.24 63.64
N SER B 133 -34.43 -17.77 64.81
CA SER B 133 -33.97 -16.96 65.92
C SER B 133 -32.90 -17.79 66.61
N VAL B 134 -31.78 -17.15 66.92
CA VAL B 134 -30.64 -17.84 67.46
C VAL B 134 -30.36 -17.25 68.82
N ILE B 135 -29.80 -18.08 69.69
CA ILE B 135 -29.46 -17.66 71.03
C ILE B 135 -28.12 -18.28 71.46
N ILE B 136 -27.12 -17.41 71.64
CA ILE B 136 -25.78 -17.80 72.11
C ILE B 136 -25.64 -17.37 73.58
N TYR B 137 -25.33 -18.30 74.48
CA TYR B 137 -25.26 -17.99 75.93
C TYR B 137 -23.88 -17.49 76.34
N GLY B 138 -23.64 -17.30 77.64
CA GLY B 138 -22.37 -16.77 78.12
C GLY B 138 -21.13 -17.54 77.69
N ASN B 139 -21.26 -18.85 77.56
CA ASN B 139 -20.14 -19.71 77.16
C ASN B 139 -20.29 -20.13 75.70
N PHE B 140 -21.06 -19.35 74.95
CA PHE B 140 -21.21 -19.56 73.52
C PHE B 140 -22.07 -20.79 73.13
N LYS B 141 -22.76 -21.40 74.09
CA LYS B 141 -23.74 -22.44 73.75
C LYS B 141 -24.73 -21.84 72.78
N THR B 142 -24.78 -22.36 71.56
CA THR B 142 -25.63 -21.77 70.53
C THR B 142 -26.84 -22.64 70.24
N ARG B 143 -28.00 -22.00 70.07
CA ARG B 143 -29.24 -22.67 69.70
C ARG B 143 -30.00 -21.94 68.59
N VAL B 144 -30.30 -22.65 67.51
CA VAL B 144 -31.05 -22.08 66.40
C VAL B 144 -32.45 -22.69 66.32
N THR B 145 -33.45 -21.82 66.46
CA THR B 145 -34.82 -22.24 66.45
C THR B 145 -35.49 -21.73 65.20
N ARG B 146 -36.20 -22.60 64.51
CA ARG B 146 -36.96 -22.19 63.35
C ARG B 146 -38.30 -21.57 63.81
N LYS B 147 -38.41 -20.25 63.65
CA LYS B 147 -39.56 -19.48 64.10
C LYS B 147 -40.92 -20.14 63.86
N SER B 148 -41.18 -20.58 62.64
CA SER B 148 -42.51 -21.10 62.27
C SER B 148 -43.05 -22.31 63.04
N ASP B 149 -42.20 -22.99 63.80
CA ASP B 149 -42.68 -24.14 64.61
C ASP B 149 -41.86 -24.42 65.87
N GLY B 150 -40.94 -23.51 66.16
CA GLY B 150 -40.11 -23.58 67.35
C GLY B 150 -39.11 -24.72 67.38
N LYS B 151 -38.77 -25.28 66.22
CA LYS B 151 -37.88 -26.45 66.18
C LYS B 151 -36.40 -26.10 66.32
N VAL B 152 -35.77 -26.56 67.40
CA VAL B 152 -34.33 -26.44 67.56
C VAL B 152 -33.71 -27.31 66.47
N ILE B 153 -33.12 -26.66 65.48
CA ILE B 153 -32.60 -27.38 64.32
C ILE B 153 -31.09 -27.60 64.40
N MET B 154 -30.40 -26.78 65.20
CA MET B 154 -28.95 -26.93 65.40
C MET B 154 -28.48 -26.29 66.70
N GLU B 155 -27.90 -27.08 67.59
CA GLU B 155 -27.23 -26.57 68.80
C GLU B 155 -25.82 -27.14 68.84
N ASN B 156 -24.86 -26.34 69.29
CA ASN B 156 -23.49 -26.85 69.37
C ASN B 156 -23.30 -27.79 70.57
N ASP B 157 -22.06 -28.08 70.93
CA ASP B 157 -21.83 -29.05 71.99
C ASP B 157 -21.24 -28.45 73.25
N GLU B 158 -21.45 -29.18 74.35
CA GLU B 158 -20.96 -28.84 75.68
C GLU B 158 -20.43 -30.11 76.35
N VAL B 159 -19.17 -30.07 76.76
CA VAL B 159 -18.56 -31.15 77.51
C VAL B 159 -18.33 -30.65 78.92
N GLY B 160 -18.53 -31.54 79.89
CA GLY B 160 -18.42 -31.17 81.29
C GLY B 160 -17.00 -31.15 81.84
N THR B 161 -16.82 -30.43 82.95
CA THR B 161 -15.60 -30.52 83.75
C THR B 161 -15.94 -30.98 85.17
N ALA B 162 -14.90 -31.09 86.00
CA ALA B 162 -15.09 -31.56 87.37
C ALA B 162 -15.83 -30.51 88.17
N SER B 163 -15.17 -29.39 88.46
CA SER B 163 -15.83 -28.31 89.19
C SER B 163 -15.53 -26.97 88.56
N SER B 164 -15.72 -26.86 87.25
CA SER B 164 -15.50 -25.58 86.55
C SER B 164 -16.55 -25.27 85.51
N GLY B 165 -17.55 -26.14 85.38
CA GLY B 165 -18.66 -25.86 84.50
C GLY B 165 -18.47 -26.37 83.09
N ASN B 166 -19.56 -26.33 82.32
CA ASN B 166 -19.57 -26.77 80.95
C ASN B 166 -18.74 -25.87 80.05
N LYS B 167 -17.94 -26.48 79.20
CA LYS B 167 -17.17 -25.72 78.24
C LYS B 167 -17.63 -26.12 76.86
N CYS B 168 -18.29 -25.19 76.16
CA CYS B 168 -18.87 -25.47 74.85
C CYS B 168 -17.82 -25.62 73.75
N ARG B 169 -17.84 -26.76 73.06
CA ARG B 169 -16.81 -27.07 72.08
C ARG B 169 -17.08 -26.51 70.67
N GLY B 170 -18.15 -25.74 70.52
CA GLY B 170 -18.43 -25.04 69.26
C GLY B 170 -17.32 -24.05 68.90
N LEU B 171 -16.37 -23.86 69.83
CA LEU B 171 -15.21 -23.01 69.62
C LEU B 171 -14.04 -23.59 70.41
N MET B 172 -13.06 -24.18 69.74
CA MET B 172 -11.94 -24.86 70.39
C MET B 172 -10.63 -24.50 69.71
N PHE B 173 -9.55 -24.42 70.48
CA PHE B 173 -8.23 -24.43 69.89
C PHE B 173 -7.19 -25.00 70.82
N VAL B 174 -6.32 -25.85 70.29
CA VAL B 174 -5.21 -26.38 71.07
C VAL B 174 -4.37 -25.24 71.63
N ASP B 175 -4.01 -25.37 72.92
CA ASP B 175 -3.15 -24.39 73.58
C ASP B 175 -1.98 -24.14 72.65
N ARG B 176 -1.62 -22.87 72.45
CA ARG B 176 -0.56 -22.56 71.52
C ARG B 176 0.82 -23.04 71.96
N LEU B 177 0.93 -23.47 73.21
CA LEU B 177 2.16 -24.08 73.69
C LEU B 177 2.31 -25.49 73.12
N TYR B 178 1.20 -26.08 72.66
CA TYR B 178 1.20 -27.49 72.24
C TYR B 178 0.71 -27.73 70.79
N GLY B 179 0.39 -26.66 70.05
CA GLY B 179 -0.15 -26.83 68.70
C GLY B 179 -0.88 -25.61 68.18
N ASN B 180 -1.57 -25.77 67.05
CA ASN B 180 -2.25 -24.66 66.37
C ASN B 180 -3.65 -25.00 65.86
N ALA B 181 -4.03 -26.26 65.96
CA ALA B 181 -5.33 -26.67 65.44
C ALA B 181 -6.45 -25.83 66.04
N ILE B 182 -7.63 -25.97 65.46
CA ILE B 182 -8.85 -25.39 65.98
C ILE B 182 -9.99 -26.34 65.67
N ALA B 183 -11.13 -26.18 66.33
CA ALA B 183 -12.21 -27.16 66.15
C ALA B 183 -13.53 -26.65 66.62
N SER B 184 -14.60 -27.09 65.98
CA SER B 184 -15.94 -26.74 66.39
C SER B 184 -16.81 -28.01 66.39
N VAL B 185 -17.31 -28.37 67.57
CA VAL B 185 -18.18 -29.54 67.72
C VAL B 185 -19.66 -29.16 67.85
N ASN B 186 -20.46 -29.50 66.86
CA ASN B 186 -21.92 -29.42 66.91
C ASN B 186 -22.58 -30.67 67.52
N LYS B 187 -23.86 -30.58 67.82
CA LYS B 187 -24.60 -31.74 68.30
C LYS B 187 -25.11 -32.52 67.10
N ASN B 188 -24.91 -33.83 67.10
CA ASN B 188 -25.22 -34.60 65.89
C ASN B 188 -26.36 -35.58 66.12
N PHE B 189 -27.45 -35.39 65.38
CA PHE B 189 -28.69 -36.11 65.64
C PHE B 189 -28.97 -37.29 64.70
N ARG B 190 -27.95 -37.79 64.01
CA ARG B 190 -28.14 -38.83 63.01
C ARG B 190 -28.84 -40.09 63.52
N ASN B 191 -28.55 -40.46 64.77
CA ASN B 191 -29.11 -41.66 65.40
C ASN B 191 -30.53 -41.49 65.97
N ASP B 192 -30.92 -40.24 66.18
CA ASP B 192 -32.27 -39.92 66.65
C ASP B 192 -33.26 -40.43 65.62
N ALA B 193 -34.20 -41.27 66.05
CA ALA B 193 -35.11 -41.94 65.12
C ALA B 193 -36.07 -40.99 64.39
N VAL B 194 -36.24 -39.78 64.91
CA VAL B 194 -37.11 -38.80 64.27
C VAL B 194 -36.35 -37.88 63.31
N LYS B 195 -35.15 -37.47 63.69
CA LYS B 195 -34.32 -36.58 62.86
C LYS B 195 -33.53 -37.33 61.75
N GLN B 196 -32.79 -38.36 62.14
CA GLN B 196 -32.10 -39.22 61.17
C GLN B 196 -31.20 -38.38 60.30
N GLU B 197 -30.46 -37.47 60.93
CA GLU B 197 -29.66 -36.49 60.20
C GLU B 197 -28.81 -37.05 59.08
N GLY B 198 -28.59 -36.21 58.08
CA GLY B 198 -27.83 -36.60 56.92
C GLY B 198 -26.79 -35.56 56.61
N PHE B 199 -25.56 -36.03 56.46
CA PHE B 199 -24.45 -35.15 56.19
C PHE B 199 -24.00 -35.34 54.74
N TYR B 200 -24.25 -34.34 53.90
CA TYR B 200 -23.89 -34.37 52.48
C TYR B 200 -22.76 -33.38 52.19
N GLY B 201 -22.29 -33.35 50.94
CA GLY B 201 -21.32 -32.33 50.51
C GLY B 201 -19.91 -32.85 50.41
N ALA B 202 -19.00 -32.23 51.16
CA ALA B 202 -17.64 -32.75 51.35
C ALA B 202 -16.81 -32.87 50.07
N GLY B 203 -17.20 -32.14 49.03
CA GLY B 203 -16.40 -32.10 47.82
C GLY B 203 -16.38 -33.41 47.07
N GLU B 204 -15.17 -33.90 46.75
CA GLU B 204 -14.96 -35.10 45.94
C GLU B 204 -14.74 -36.41 46.75
N VAL B 205 -15.06 -36.40 48.03
CA VAL B 205 -14.76 -37.55 48.87
C VAL B 205 -15.50 -38.83 48.44
N ASN B 206 -14.82 -39.96 48.47
CA ASN B 206 -15.42 -41.20 48.00
C ASN B 206 -15.77 -42.09 49.17
N CYS B 207 -16.97 -42.67 49.18
CA CYS B 207 -17.32 -43.50 50.31
C CYS B 207 -17.87 -44.87 49.96
N LYS B 208 -17.00 -45.87 50.10
CA LYS B 208 -17.40 -47.26 49.88
C LYS B 208 -18.23 -47.66 51.08
N TYR B 209 -19.41 -48.18 50.81
CA TYR B 209 -20.22 -48.86 51.82
C TYR B 209 -20.54 -50.26 51.30
N GLN B 210 -20.02 -51.28 51.98
CA GLN B 210 -19.97 -52.64 51.43
C GLN B 210 -19.36 -52.64 50.01
N ASP B 211 -20.20 -52.83 48.99
CA ASP B 211 -19.70 -53.02 47.63
C ASP B 211 -19.98 -51.87 46.65
N THR B 212 -20.58 -50.79 47.15
CA THR B 212 -21.00 -49.66 46.32
C THR B 212 -20.45 -48.34 46.83
N TYR B 213 -20.10 -47.43 45.93
CA TYR B 213 -19.73 -46.11 46.38
C TYR B 213 -20.97 -45.19 46.44
N ILE B 214 -21.08 -44.47 47.55
CA ILE B 214 -22.35 -43.81 47.92
C ILE B 214 -22.25 -42.30 48.02
N LEU B 215 -23.42 -41.65 47.87
CA LEU B 215 -23.56 -40.21 47.90
C LEU B 215 -23.36 -39.55 49.28
N GLU B 216 -23.86 -40.19 50.33
CA GLU B 216 -23.92 -39.56 51.65
C GLU B 216 -22.67 -39.74 52.50
N ARG B 217 -22.33 -38.71 53.26
CA ARG B 217 -21.11 -38.61 54.05
C ARG B 217 -21.45 -38.60 55.55
N THR B 218 -22.19 -39.62 55.99
CA THR B 218 -22.61 -39.65 57.38
C THR B 218 -21.83 -40.66 58.22
N GLY B 219 -21.51 -40.27 59.46
CA GLY B 219 -20.70 -41.09 60.35
C GLY B 219 -19.33 -41.44 59.79
N ILE B 220 -18.64 -40.46 59.21
CA ILE B 220 -17.31 -40.68 58.61
C ILE B 220 -16.38 -39.51 58.86
N ALA B 221 -15.08 -39.79 58.89
CA ALA B 221 -14.06 -38.78 59.21
C ALA B 221 -13.24 -38.38 57.99
N MET B 222 -13.62 -37.29 57.36
CA MET B 222 -12.96 -36.84 56.13
C MET B 222 -11.90 -35.80 56.38
N THR B 223 -11.23 -35.38 55.31
CA THR B 223 -10.23 -34.34 55.43
C THR B 223 -10.10 -33.55 54.11
N ASN B 224 -9.40 -32.42 54.16
CA ASN B 224 -9.19 -31.64 52.96
C ASN B 224 -7.72 -31.30 52.90
N TYR B 225 -7.02 -31.99 52.02
CA TYR B 225 -5.57 -31.96 51.95
C TYR B 225 -5.22 -32.23 50.50
N ASN B 226 -5.45 -31.23 49.64
CA ASN B 226 -5.28 -31.36 48.19
C ASN B 226 -4.03 -32.15 47.78
N TYR B 227 -4.26 -33.26 47.07
CA TYR B 227 -3.23 -34.27 46.88
C TYR B 227 -3.22 -34.79 45.44
N ASP B 228 -2.04 -35.25 45.01
CA ASP B 228 -1.81 -35.89 43.71
C ASP B 228 -2.37 -37.31 43.75
N ASN B 229 -3.61 -37.44 44.18
CA ASN B 229 -4.22 -38.73 44.48
C ASN B 229 -4.70 -39.55 43.28
N LEU B 230 -3.80 -39.92 42.38
CA LEU B 230 -4.14 -40.83 41.31
C LEU B 230 -4.92 -42.02 41.88
N ASN B 231 -6.00 -42.40 41.20
CA ASN B 231 -6.87 -43.53 41.60
C ASN B 231 -7.64 -43.31 42.89
N TYR B 232 -7.37 -42.19 43.54
CA TYR B 232 -8.04 -41.82 44.76
C TYR B 232 -7.60 -42.70 45.92
N ASN B 233 -6.66 -43.60 45.67
CA ASN B 233 -6.16 -44.46 46.73
C ASN B 233 -4.64 -44.49 46.87
N GLN B 234 -3.98 -43.34 46.74
CA GLN B 234 -2.52 -43.27 46.77
C GLN B 234 -1.90 -43.89 48.03
N TRP B 235 -1.02 -44.87 47.84
CA TRP B 235 -0.48 -45.67 48.95
C TRP B 235 -0.09 -44.87 50.19
N ASP B 236 0.68 -43.80 50.00
CA ASP B 236 1.14 -42.96 51.10
C ASP B 236 0.06 -42.21 51.92
N LEU B 237 -1.21 -42.48 51.65
CA LEU B 237 -2.31 -41.94 52.44
C LEU B 237 -3.04 -43.04 53.18
N ARG B 238 -2.47 -44.24 53.18
CA ARG B 238 -3.07 -45.38 53.87
C ARG B 238 -3.05 -45.21 55.41
N PRO B 239 -4.08 -45.75 56.08
CA PRO B 239 -4.17 -45.76 57.54
C PRO B 239 -3.04 -46.60 58.10
N PRO B 240 -2.32 -46.08 59.12
CA PRO B 240 -1.19 -46.80 59.67
C PRO B 240 -1.40 -48.31 59.68
N HIS B 241 -0.38 -49.06 59.28
CA HIS B 241 -0.36 -50.54 59.38
C HIS B 241 -1.46 -51.23 58.59
N HIS B 242 -1.82 -50.63 57.46
CA HIS B 242 -2.88 -51.18 56.62
C HIS B 242 -2.32 -52.33 55.82
N ASP B 243 -2.99 -53.49 55.88
CA ASP B 243 -2.59 -54.61 55.03
C ASP B 243 -3.36 -54.55 53.72
N GLY B 244 -2.66 -54.81 52.62
CA GLY B 244 -3.31 -55.09 51.36
C GLY B 244 -3.82 -53.87 50.62
N ALA B 245 -4.66 -54.10 49.63
CA ALA B 245 -5.17 -53.03 48.77
C ALA B 245 -5.77 -51.87 49.58
N LEU B 246 -5.49 -50.65 49.16
CA LEU B 246 -6.11 -49.48 49.76
C LEU B 246 -7.18 -48.94 48.81
N ASN B 247 -8.44 -49.23 49.10
CA ASN B 247 -9.54 -48.79 48.24
C ASN B 247 -9.91 -47.32 48.48
N PRO B 248 -10.34 -46.59 47.42
CA PRO B 248 -10.81 -45.24 47.67
C PRO B 248 -11.87 -45.25 48.75
N ASP B 249 -11.71 -44.39 49.75
CA ASP B 249 -12.64 -44.34 50.85
C ASP B 249 -12.61 -43.01 51.57
N TYR B 250 -13.51 -42.87 52.50
CA TYR B 250 -13.83 -41.58 53.07
C TYR B 250 -12.66 -40.84 53.74
N TYR B 251 -11.73 -41.60 54.31
CA TYR B 251 -10.64 -40.97 55.03
C TYR B 251 -9.50 -40.54 54.11
N ILE B 252 -9.77 -40.56 52.81
CA ILE B 252 -8.76 -40.18 51.83
C ILE B 252 -9.07 -38.81 51.22
N PRO B 253 -8.14 -37.86 51.39
CA PRO B 253 -8.23 -36.51 50.87
C PRO B 253 -8.24 -36.52 49.36
N MET B 254 -8.96 -35.59 48.75
CA MET B 254 -9.01 -35.49 47.30
C MET B 254 -8.33 -34.25 46.73
N TYR B 255 -8.72 -33.85 45.52
CA TYR B 255 -8.05 -32.76 44.82
C TYR B 255 -8.61 -31.40 45.17
N TYR B 256 -9.84 -31.35 45.62
CA TYR B 256 -10.53 -30.10 45.76
C TYR B 256 -10.80 -29.86 47.24
N ALA B 257 -10.56 -28.66 47.74
CA ALA B 257 -10.79 -28.42 49.17
C ALA B 257 -12.20 -27.90 49.44
N ALA B 258 -13.08 -28.80 49.84
CA ALA B 258 -14.45 -28.44 50.21
C ALA B 258 -14.76 -28.78 51.67
N PRO B 259 -14.25 -27.96 52.60
CA PRO B 259 -14.61 -28.07 54.01
C PRO B 259 -16.03 -27.53 54.19
N TRP B 260 -17.02 -28.36 53.90
CA TRP B 260 -18.38 -27.91 53.67
C TRP B 260 -19.32 -29.08 53.77
N LEU B 261 -20.36 -28.94 54.59
CA LEU B 261 -21.33 -30.03 54.75
C LEU B 261 -22.75 -29.50 54.71
N ILE B 262 -23.66 -30.33 54.21
CA ILE B 262 -25.05 -29.99 54.28
C ILE B 262 -25.74 -30.97 55.21
N VAL B 263 -26.27 -30.44 56.30
CA VAL B 263 -27.06 -31.21 57.25
C VAL B 263 -28.55 -31.15 56.88
N ASN B 264 -29.21 -32.31 56.87
CA ASN B 264 -30.60 -32.36 56.47
C ASN B 264 -31.30 -33.40 57.30
N GLY B 265 -32.22 -32.94 58.15
CA GLY B 265 -32.94 -33.83 59.05
C GLY B 265 -34.37 -33.94 58.59
N CYS B 266 -35.08 -34.92 59.14
CA CYS B 266 -36.51 -35.10 58.88
C CYS B 266 -36.84 -35.08 57.42
N ALA B 267 -36.00 -35.72 56.61
CA ALA B 267 -36.17 -35.69 55.17
C ALA B 267 -37.60 -36.06 54.81
N GLY B 268 -38.16 -35.37 53.82
CA GLY B 268 -39.43 -35.73 53.18
C GLY B 268 -40.67 -35.70 54.06
N THR B 269 -40.61 -34.93 55.14
CA THR B 269 -41.77 -34.73 55.99
C THR B 269 -42.07 -33.24 56.02
N SER B 270 -43.23 -32.88 56.59
CA SER B 270 -43.65 -31.49 56.68
C SER B 270 -42.58 -30.60 57.35
N GLU B 271 -41.84 -31.18 58.28
CA GLU B 271 -40.93 -30.42 59.11
C GLU B 271 -39.48 -30.61 58.69
N GLN B 272 -39.27 -31.08 57.46
CA GLN B 272 -37.92 -31.27 56.92
C GLN B 272 -37.09 -29.98 57.03
N TYR B 273 -35.82 -30.11 57.43
CA TYR B 273 -35.00 -28.93 57.68
C TYR B 273 -33.56 -29.17 57.27
N SER B 274 -32.92 -28.11 56.76
CA SER B 274 -31.59 -28.18 56.15
C SER B 274 -30.71 -27.00 56.56
N TYR B 275 -29.39 -27.22 56.55
CA TYR B 275 -28.44 -26.15 56.84
C TYR B 275 -27.01 -26.54 56.51
N GLY B 276 -26.32 -25.66 55.81
CA GLY B 276 -24.92 -25.80 55.45
C GLY B 276 -23.94 -25.29 56.50
N TRP B 277 -22.74 -25.85 56.46
CA TRP B 277 -21.69 -25.55 57.42
C TRP B 277 -20.41 -25.38 56.61
N PHE B 278 -19.75 -24.23 56.79
CA PHE B 278 -18.55 -23.91 56.03
C PHE B 278 -17.44 -23.37 56.91
N MET B 279 -16.38 -24.14 57.10
CA MET B 279 -15.30 -23.58 57.85
C MET B 279 -14.27 -23.05 56.86
N ASP B 280 -14.46 -21.79 56.50
CA ASP B 280 -13.53 -21.08 55.61
C ASP B 280 -12.11 -21.13 56.14
N ASN B 281 -11.29 -22.02 55.60
CA ASN B 281 -9.96 -22.22 56.15
C ASN B 281 -9.10 -23.02 55.20
N VAL B 282 -7.94 -22.47 54.87
CA VAL B 282 -7.12 -23.00 53.78
C VAL B 282 -5.94 -23.87 54.25
N SER B 283 -5.74 -23.98 55.57
CA SER B 283 -4.92 -25.07 56.10
C SER B 283 -5.69 -26.40 55.97
N GLN B 284 -5.05 -27.50 56.31
CA GLN B 284 -5.71 -28.81 56.18
C GLN B 284 -6.91 -28.87 57.12
N SER B 285 -8.10 -29.11 56.57
CA SER B 285 -9.27 -29.13 57.39
C SER B 285 -9.77 -30.56 57.58
N TYR B 286 -10.69 -30.75 58.55
CA TYR B 286 -11.29 -32.07 58.85
C TYR B 286 -12.78 -31.93 59.06
N MET B 287 -13.49 -33.04 58.81
CA MET B 287 -14.91 -33.08 58.96
C MET B 287 -15.33 -34.45 59.51
N ASN B 288 -15.68 -34.48 60.79
CA ASN B 288 -16.10 -35.71 61.43
C ASN B 288 -17.61 -35.78 61.68
N THR B 289 -18.29 -36.65 60.95
CA THR B 289 -19.74 -36.69 61.04
C THR B 289 -20.30 -37.84 61.88
N GLY B 290 -19.54 -38.28 62.89
CA GLY B 290 -20.00 -39.38 63.72
C GLY B 290 -19.19 -40.66 63.55
N ASP B 291 -17.91 -40.51 63.25
CA ASP B 291 -17.03 -41.66 63.11
C ASP B 291 -16.32 -41.93 64.41
N THR B 292 -16.43 -43.17 64.88
CA THR B 292 -15.74 -43.61 66.09
C THR B 292 -14.42 -44.28 65.75
N THR B 293 -14.15 -44.43 64.46
CA THR B 293 -12.96 -45.12 64.02
C THR B 293 -11.75 -44.30 64.40
N TRP B 294 -10.72 -44.97 64.89
CA TRP B 294 -9.50 -44.31 65.34
C TRP B 294 -9.77 -43.43 66.54
N ASN B 295 -11.00 -43.53 67.07
CA ASN B 295 -11.46 -42.67 68.15
C ASN B 295 -11.33 -41.19 67.80
N SER B 296 -11.80 -40.87 66.61
CA SER B 296 -11.71 -39.52 66.05
C SER B 296 -12.89 -38.69 66.49
N GLY B 297 -14.02 -39.38 66.69
CA GLY B 297 -15.24 -38.74 67.17
C GLY B 297 -16.23 -39.68 67.85
N GLN B 298 -17.48 -39.25 67.90
CA GLN B 298 -18.57 -40.00 68.51
C GLN B 298 -19.82 -39.93 67.63
N GLU B 299 -20.60 -41.01 67.65
CA GLU B 299 -21.79 -41.06 66.80
C GLU B 299 -22.81 -39.94 67.07
N ASP B 300 -22.71 -39.31 68.25
CA ASP B 300 -23.65 -38.27 68.66
C ASP B 300 -23.08 -36.87 68.51
N LEU B 301 -21.89 -36.77 67.91
CA LEU B 301 -21.23 -35.48 67.65
C LEU B 301 -20.80 -35.35 66.19
N ALA B 302 -20.87 -34.12 65.68
CA ALA B 302 -20.39 -33.80 64.35
C ALA B 302 -19.43 -32.62 64.53
N TYR B 303 -18.29 -32.60 63.85
CA TYR B 303 -17.36 -31.48 64.02
C TYR B 303 -16.61 -31.12 62.75
N MET B 304 -15.88 -30.00 62.83
CA MET B 304 -14.95 -29.57 61.79
C MET B 304 -13.72 -28.97 62.50
N GLY B 305 -12.59 -28.96 61.81
CA GLY B 305 -11.37 -28.41 62.41
C GLY B 305 -10.26 -28.14 61.40
N ALA B 306 -9.12 -27.65 61.88
CA ALA B 306 -8.00 -27.37 61.00
C ALA B 306 -6.70 -27.54 61.77
N GLN B 307 -5.62 -27.81 61.04
CA GLN B 307 -4.26 -27.76 61.61
C GLN B 307 -3.80 -26.33 61.97
N TYR B 308 -4.36 -25.33 61.28
CA TYR B 308 -4.00 -23.94 61.58
C TYR B 308 -5.20 -23.02 61.66
N GLY B 309 -4.99 -21.88 62.32
CA GLY B 309 -5.99 -20.84 62.39
C GLY B 309 -5.95 -20.05 61.11
N PRO B 310 -6.84 -19.05 60.97
CA PRO B 310 -7.82 -18.66 61.97
C PRO B 310 -9.17 -19.42 61.90
N PHE B 311 -10.06 -19.11 62.84
CA PHE B 311 -11.42 -19.65 62.94
C PHE B 311 -12.42 -18.73 62.24
N ASP B 312 -12.96 -19.16 61.12
CA ASP B 312 -13.85 -18.33 60.32
C ASP B 312 -14.90 -19.27 59.73
N GLN B 313 -16.08 -19.30 60.34
CA GLN B 313 -17.03 -20.37 60.15
C GLN B 313 -18.40 -19.81 59.78
N HIS B 314 -19.11 -20.45 58.86
CA HIS B 314 -20.38 -19.94 58.32
C HIS B 314 -21.49 -20.95 58.40
N PHE B 315 -22.64 -20.51 58.86
CA PHE B 315 -23.76 -21.37 59.05
C PHE B 315 -24.90 -20.88 58.17
N VAL B 316 -25.24 -21.67 57.15
CA VAL B 316 -26.10 -21.25 56.06
C VAL B 316 -27.42 -22.02 56.04
N TYR B 317 -28.56 -21.37 56.18
CA TYR B 317 -29.80 -22.16 56.23
C TYR B 317 -30.73 -21.98 55.03
N GLY B 318 -30.54 -20.91 54.26
CA GLY B 318 -31.30 -20.73 53.02
C GLY B 318 -32.71 -20.20 53.18
N ALA B 319 -33.35 -19.84 52.08
CA ALA B 319 -34.58 -19.05 52.13
C ALA B 319 -35.82 -19.80 51.62
N GLY B 320 -35.62 -20.75 50.72
CA GLY B 320 -36.66 -21.72 50.43
C GLY B 320 -36.49 -22.82 51.46
N GLY B 321 -37.13 -23.96 51.23
CA GLY B 321 -36.91 -25.14 52.05
C GLY B 321 -36.20 -26.21 51.24
N GLY B 322 -35.54 -27.14 51.90
CA GLY B 322 -34.90 -28.23 51.20
C GLY B 322 -33.45 -27.94 50.92
N MET B 323 -32.70 -28.98 50.59
CA MET B 323 -31.27 -28.87 50.40
C MET B 323 -30.84 -27.83 49.36
N GLU B 324 -31.45 -27.87 48.17
CA GLU B 324 -31.02 -26.96 47.11
C GLU B 324 -30.87 -25.49 47.55
N VAL B 326 -29.95 -24.20 50.31
CA VAL B 326 -28.71 -24.00 51.07
C VAL B 326 -27.60 -23.63 50.10
N VAL B 327 -27.61 -24.31 48.95
CA VAL B 327 -26.64 -24.07 47.90
C VAL B 327 -26.80 -22.67 47.33
N THR B 328 -28.03 -22.29 46.99
CA THR B 328 -28.19 -20.97 46.40
C THR B 328 -27.85 -19.82 47.39
N ALA B 329 -28.18 -20.03 48.67
CA ALA B 329 -27.77 -19.08 49.70
C ALA B 329 -26.24 -19.00 49.84
N PHE B 330 -25.57 -20.15 49.90
CA PHE B 330 -24.09 -20.22 49.98
C PHE B 330 -23.41 -19.52 48.81
N SER B 331 -24.00 -19.69 47.62
CA SER B 331 -23.45 -19.11 46.42
C SER B 331 -23.49 -17.61 46.48
N LEU B 332 -24.54 -17.06 47.10
CA LEU B 332 -24.71 -15.61 47.16
C LEU B 332 -23.62 -15.01 48.02
N LEU B 333 -23.22 -15.73 49.06
CA LEU B 333 -22.18 -15.22 49.94
C LEU B 333 -20.86 -15.20 49.20
N GLN B 334 -20.64 -16.18 48.32
CA GLN B 334 -19.43 -16.20 47.49
C GLN B 334 -19.70 -15.44 46.22
N GLY B 335 -20.74 -14.61 46.25
CA GLY B 335 -21.23 -13.93 45.05
C GLY B 335 -20.38 -12.79 44.54
N LYS B 336 -20.78 -12.25 43.39
CA LYS B 336 -20.04 -11.20 42.73
C LYS B 336 -21.01 -10.06 42.40
N GLU B 337 -22.17 -10.11 43.04
CA GLU B 337 -23.15 -9.01 43.02
C GLU B 337 -22.54 -7.62 43.25
N PHE B 338 -21.38 -7.55 43.92
CA PHE B 338 -20.72 -6.26 44.22
C PHE B 338 -19.84 -5.73 43.10
N GLU B 339 -19.83 -6.43 41.97
CA GLU B 339 -19.08 -5.94 40.82
C GLU B 339 -20.07 -5.57 39.73
N ASN B 340 -21.34 -5.53 40.12
CA ASN B 340 -22.44 -5.27 39.22
C ASN B 340 -22.42 -6.25 38.05
N GLN B 341 -22.28 -7.53 38.39
CA GLN B 341 -22.14 -8.55 37.37
C GLN B 341 -23.49 -8.85 36.74
N VAL B 342 -23.68 -8.27 35.56
CA VAL B 342 -24.89 -8.45 34.83
C VAL B 342 -25.21 -9.95 34.68
N LEU B 343 -24.17 -10.78 34.57
CA LEU B 343 -24.42 -12.20 34.31
C LEU B 343 -23.69 -13.18 35.26
N ASN B 344 -22.41 -12.93 35.53
CA ASN B 344 -21.67 -13.88 36.34
C ASN B 344 -21.79 -13.62 37.83
N LYS B 345 -23.01 -13.75 38.33
CA LYS B 345 -23.32 -13.40 39.69
C LYS B 345 -22.75 -14.41 40.68
N ARG B 346 -22.90 -15.69 40.37
CA ARG B 346 -22.61 -16.71 41.36
C ARG B 346 -21.58 -17.68 40.86
N SER B 347 -21.37 -17.66 39.54
CA SER B 347 -20.28 -18.37 38.87
C SER B 347 -19.98 -17.63 37.54
N VAL B 348 -19.00 -18.10 36.76
CA VAL B 348 -18.80 -17.55 35.42
C VAL B 348 -19.34 -18.49 34.39
N MET B 349 -19.79 -17.93 33.27
CA MET B 349 -20.46 -18.71 32.25
C MET B 349 -19.51 -19.24 31.22
N PRO B 350 -19.56 -20.55 30.94
CA PRO B 350 -18.65 -21.10 29.95
C PRO B 350 -19.01 -20.54 28.59
N PRO B 351 -18.19 -20.81 27.58
CA PRO B 351 -18.70 -20.78 26.23
C PRO B 351 -19.60 -22.00 26.02
N LYS B 352 -20.53 -21.86 25.09
CA LYS B 352 -21.34 -22.98 24.64
C LYS B 352 -20.54 -24.27 24.57
N TYR B 353 -19.43 -24.23 23.82
CA TYR B 353 -18.67 -25.44 23.45
C TYR B 353 -18.16 -26.30 24.61
N VAL B 354 -18.10 -25.70 25.79
CA VAL B 354 -17.68 -26.39 26.97
C VAL B 354 -18.62 -27.55 27.27
N PHE B 355 -19.78 -27.55 26.63
CA PHE B 355 -20.71 -28.63 26.92
C PHE B 355 -20.65 -29.71 25.84
N GLY B 356 -19.64 -29.64 24.98
CA GLY B 356 -19.52 -30.59 23.88
C GLY B 356 -18.68 -31.79 24.27
N PHE B 357 -18.47 -32.72 23.35
CA PHE B 357 -17.68 -33.92 23.69
C PHE B 357 -16.21 -33.79 23.28
N PHE B 358 -15.31 -33.98 24.23
CA PHE B 358 -13.90 -33.76 24.00
C PHE B 358 -13.14 -35.05 24.22
N GLN B 359 -12.12 -35.30 23.40
CA GLN B 359 -11.24 -36.43 23.63
C GLN B 359 -9.87 -35.98 24.12
N GLY B 360 -9.53 -36.34 25.34
CA GLY B 360 -8.21 -36.03 25.86
C GLY B 360 -7.33 -37.26 25.76
N VAL B 361 -6.04 -37.06 25.56
CA VAL B 361 -5.13 -38.19 25.50
C VAL B 361 -3.75 -37.83 26.00
N PHE B 362 -3.23 -38.60 26.94
CA PHE B 362 -1.83 -38.47 27.30
C PHE B 362 -1.08 -39.54 26.53
N GLY B 363 -0.29 -39.11 25.56
CA GLY B 363 0.45 -40.04 24.69
C GLY B 363 0.23 -39.91 23.19
N THR B 364 0.07 -38.69 22.71
CA THR B 364 0.06 -38.44 21.28
C THR B 364 1.47 -38.05 20.91
N SER B 365 1.86 -38.25 19.65
CA SER B 365 3.24 -37.94 19.25
C SER B 365 3.38 -36.79 18.23
N SER B 366 2.27 -36.41 17.59
CA SER B 366 2.28 -35.41 16.54
C SER B 366 0.88 -34.96 16.13
N LEU B 367 0.82 -33.86 15.38
CA LEU B 367 -0.45 -33.48 14.77
C LEU B 367 -0.84 -34.49 13.70
N LEU B 368 -0.12 -34.49 12.59
CA LEU B 368 -0.49 -35.29 11.41
C LEU B 368 0.22 -36.65 11.35
N ARG B 369 -0.43 -37.63 10.72
CA ARG B 369 0.19 -38.93 10.53
C ARG B 369 1.54 -38.78 9.84
N ALA B 370 1.71 -37.67 9.13
CA ALA B 370 2.90 -37.43 8.31
C ALA B 370 4.13 -36.96 9.09
N HIS B 371 4.00 -36.67 10.38
CA HIS B 371 5.19 -36.33 11.16
C HIS B 371 5.27 -37.14 12.42
N MET B 372 4.52 -38.24 12.44
CA MET B 372 4.48 -39.10 13.59
C MET B 372 5.74 -39.94 13.65
N PRO B 373 6.52 -39.80 14.73
CA PRO B 373 7.76 -40.54 14.90
C PRO B 373 7.43 -41.97 15.31
N ALA B 374 7.95 -42.95 14.57
CA ALA B 374 7.66 -44.36 14.82
C ALA B 374 7.94 -44.76 16.26
N GLY B 375 7.08 -45.64 16.79
CA GLY B 375 7.17 -46.10 18.19
C GLY B 375 5.98 -47.01 18.42
N GLU B 376 6.16 -48.05 19.23
CA GLU B 376 5.06 -49.01 19.41
C GLU B 376 3.83 -48.28 19.89
N ASN B 377 2.77 -48.33 19.08
CA ASN B 377 1.50 -47.73 19.45
C ASN B 377 1.52 -46.22 19.62
N ASN B 378 2.23 -45.52 18.77
CA ASN B 378 2.06 -44.08 18.75
C ASN B 378 0.82 -43.78 17.96
N ILE B 379 0.54 -42.48 17.78
CA ILE B 379 -0.71 -42.03 17.20
C ILE B 379 -0.74 -40.52 17.24
N SER B 380 -1.28 -39.93 16.18
CA SER B 380 -1.34 -38.47 16.05
C SER B 380 -2.76 -37.95 16.24
N VAL B 381 -2.85 -36.69 16.62
CA VAL B 381 -4.13 -36.00 16.72
C VAL B 381 -5.02 -36.32 15.52
N GLU B 382 -4.41 -36.23 14.34
CA GLU B 382 -5.09 -36.53 13.10
C GLU B 382 -5.96 -37.79 13.22
N GLU B 383 -5.33 -38.94 13.47
CA GLU B 383 -6.07 -40.21 13.56
C GLU B 383 -7.24 -40.12 14.53
N ILE B 384 -7.08 -39.38 15.62
CA ILE B 384 -8.17 -39.30 16.60
C ILE B 384 -9.31 -38.56 15.94
N VAL B 385 -9.02 -37.36 15.45
CA VAL B 385 -10.01 -36.54 14.80
C VAL B 385 -10.76 -37.33 13.73
N GLU B 386 -10.02 -38.13 12.96
CA GLU B 386 -10.62 -38.90 11.87
C GLU B 386 -11.54 -39.95 12.43
N GLY B 387 -11.10 -40.62 13.48
CA GLY B 387 -11.93 -41.68 14.04
C GLY B 387 -13.33 -41.17 14.33
N TYR B 388 -13.40 -40.00 14.94
CA TYR B 388 -14.69 -39.45 15.33
C TYR B 388 -15.47 -38.86 14.14
N GLN B 389 -14.83 -38.02 13.34
CA GLN B 389 -15.55 -37.40 12.25
C GLN B 389 -15.94 -38.42 11.17
N ASN B 390 -14.96 -39.23 10.77
CA ASN B 390 -15.15 -40.34 9.85
C ASN B 390 -16.30 -41.29 10.22
N ASN B 391 -16.77 -41.24 11.46
CA ASN B 391 -17.87 -42.12 11.82
C ASN B 391 -19.04 -41.34 12.37
N ASN B 392 -19.19 -40.11 11.87
CA ASN B 392 -20.29 -39.22 12.24
C ASN B 392 -20.61 -39.23 13.73
N PHE B 393 -19.56 -39.11 14.55
CA PHE B 393 -19.75 -38.86 15.97
C PHE B 393 -19.92 -37.36 16.07
N PRO B 394 -20.67 -36.90 17.08
CA PRO B 394 -20.58 -35.47 17.39
C PRO B 394 -19.29 -35.22 18.15
N PHE B 395 -18.39 -34.43 17.59
CA PHE B 395 -17.09 -34.22 18.23
C PHE B 395 -16.76 -32.72 18.36
N GLU B 396 -16.57 -32.31 19.60
CA GLU B 396 -16.29 -30.92 19.97
C GLU B 396 -14.85 -30.47 19.74
N GLY B 397 -13.89 -31.30 20.16
CA GLY B 397 -12.48 -30.96 20.09
C GLY B 397 -11.69 -31.95 20.95
N LEU B 398 -10.41 -31.66 21.21
CA LEU B 398 -9.62 -32.54 22.06
C LEU B 398 -8.85 -31.82 23.16
N ALA B 399 -8.38 -32.62 24.11
CA ALA B 399 -7.52 -32.16 25.17
C ALA B 399 -6.08 -32.51 24.80
N VAL B 400 -5.37 -31.50 24.31
CA VAL B 400 -4.04 -31.64 23.79
C VAL B 400 -3.08 -31.58 24.97
N ASP B 401 -2.41 -32.69 25.25
CA ASP B 401 -1.66 -32.82 26.50
C ASP B 401 -0.26 -32.19 26.44
N VAL B 402 0.63 -32.60 27.34
CA VAL B 402 1.96 -32.01 27.42
C VAL B 402 2.81 -32.60 26.34
N ASP B 403 2.28 -33.63 25.69
CA ASP B 403 2.93 -34.21 24.52
C ASP B 403 3.33 -33.13 23.52
N MET B 404 2.46 -32.13 23.33
CA MET B 404 2.73 -31.08 22.35
C MET B 404 3.76 -30.04 22.82
N GLN B 405 4.10 -30.05 24.10
CA GLN B 405 5.07 -29.08 24.59
C GLN B 405 6.46 -29.41 24.10
N ASP B 406 7.31 -28.40 24.03
CA ASP B 406 8.71 -28.65 23.69
C ASP B 406 9.36 -29.14 24.97
N ASN B 407 9.58 -30.45 25.04
CA ASN B 407 10.12 -31.06 26.26
C ASN B 407 9.56 -30.50 27.57
N LEU B 408 8.26 -30.70 27.79
CA LEU B 408 7.61 -30.35 29.04
C LEU B 408 7.78 -28.90 29.47
N ARG B 409 8.08 -28.01 28.53
CA ARG B 409 8.12 -26.59 28.87
C ARG B 409 6.74 -26.02 28.57
N VAL B 410 6.07 -25.53 29.60
CA VAL B 410 4.70 -25.09 29.45
C VAL B 410 4.62 -23.77 28.64
N PHE B 411 3.56 -23.62 27.85
CA PHE B 411 3.35 -22.47 26.97
C PHE B 411 4.09 -22.60 25.61
N THR B 412 4.97 -23.58 25.50
CA THR B 412 5.65 -23.83 24.24
C THR B 412 5.04 -24.98 23.48
N THR B 413 5.20 -24.95 22.17
CA THR B 413 4.84 -26.06 21.29
C THR B 413 6.07 -26.45 20.49
N LYS B 414 6.24 -27.74 20.22
CA LYS B 414 7.33 -28.21 19.38
C LYS B 414 6.83 -28.54 17.97
N GLY B 415 7.75 -28.52 17.01
CA GLY B 415 7.43 -28.57 15.60
C GLY B 415 6.45 -29.62 15.10
N GLU B 416 6.45 -30.80 15.73
CA GLU B 416 5.62 -31.92 15.28
C GLU B 416 4.15 -31.62 15.46
N PHE B 417 3.85 -30.61 16.27
CA PHE B 417 2.45 -30.28 16.56
C PHE B 417 1.94 -29.17 15.66
N TRP B 418 2.53 -29.18 14.45
CA TRP B 418 2.28 -28.23 13.39
C TRP B 418 2.26 -28.96 12.05
N THR B 419 1.41 -28.50 11.12
CA THR B 419 1.27 -29.10 9.80
C THR B 419 2.56 -29.06 9.02
N ALA B 420 3.32 -27.98 9.14
CA ALA B 420 4.55 -27.86 8.36
C ALA B 420 5.77 -28.45 9.07
N ASN B 421 5.56 -28.96 10.28
CA ASN B 421 6.60 -29.56 11.11
C ASN B 421 7.65 -28.56 11.59
N ARG B 422 7.17 -27.45 12.15
CA ARG B 422 8.04 -26.48 12.77
C ARG B 422 7.19 -25.39 13.40
N VAL B 423 7.70 -24.78 14.46
CA VAL B 423 6.94 -23.82 15.26
C VAL B 423 6.84 -22.48 14.56
N GLY B 424 5.64 -21.91 14.52
CA GLY B 424 5.45 -20.61 13.89
C GLY B 424 4.99 -19.59 14.91
N THR B 425 4.65 -18.38 14.46
CA THR B 425 4.01 -17.43 15.34
C THR B 425 2.52 -17.64 15.22
N GLY B 426 2.12 -18.25 14.10
CA GLY B 426 0.70 -18.48 13.83
C GLY B 426 0.18 -17.50 12.80
N GLY B 427 -0.94 -17.85 12.18
CA GLY B 427 -1.54 -17.04 11.14
C GLY B 427 -1.19 -17.55 9.76
N ASP B 428 -0.23 -18.48 9.67
CA ASP B 428 0.22 -19.00 8.38
C ASP B 428 -0.68 -20.08 7.79
N PRO B 429 -1.27 -19.80 6.61
CA PRO B 429 -2.15 -20.76 5.97
C PRO B 429 -1.42 -22.04 5.57
N ASN B 430 -0.13 -21.89 5.27
CA ASN B 430 0.74 -22.99 4.86
C ASN B 430 1.54 -23.62 6.01
N ASN B 431 1.32 -23.16 7.24
CA ASN B 431 1.91 -23.83 8.41
C ASN B 431 1.09 -23.60 9.67
N ARG B 432 0.10 -24.47 9.87
CA ARG B 432 -0.85 -24.37 10.99
C ARG B 432 -0.43 -25.14 12.24
N SER B 433 -0.93 -24.71 13.39
CA SER B 433 -0.66 -25.38 14.66
C SER B 433 -1.75 -26.37 14.86
N VAL B 434 -1.65 -27.20 15.90
CA VAL B 434 -2.68 -28.18 16.15
C VAL B 434 -4.02 -27.47 16.36
N PHE B 435 -3.98 -26.33 17.04
CA PHE B 435 -5.17 -25.53 17.28
C PHE B 435 -5.72 -24.91 16.00
N GLU B 436 -4.90 -24.19 15.25
CA GLU B 436 -5.35 -23.61 14.00
C GLU B 436 -5.91 -24.66 13.07
N TRP B 437 -5.17 -25.76 12.91
CA TRP B 437 -5.62 -26.91 12.15
C TRP B 437 -6.99 -27.33 12.66
N ALA B 438 -7.12 -27.44 13.98
CA ALA B 438 -8.32 -28.00 14.60
C ALA B 438 -9.53 -27.13 14.31
N HIS B 439 -9.33 -25.81 14.36
CA HIS B 439 -10.38 -24.87 14.04
C HIS B 439 -10.90 -25.17 12.64
N ASP B 440 -9.97 -25.50 11.73
CA ASP B 440 -10.32 -25.77 10.34
C ASP B 440 -11.06 -27.10 10.18
N LYS B 441 -11.35 -27.73 11.31
CA LYS B 441 -12.08 -29.00 11.39
C LYS B 441 -13.38 -28.81 12.18
N GLY B 442 -13.66 -27.56 12.54
CA GLY B 442 -14.74 -27.22 13.45
C GLY B 442 -14.48 -27.66 14.88
N LEU B 443 -13.23 -27.74 15.30
CA LEU B 443 -12.96 -28.29 16.62
C LEU B 443 -12.39 -27.23 17.52
N VAL B 444 -12.46 -27.47 18.83
CA VAL B 444 -11.82 -26.58 19.80
C VAL B 444 -10.96 -27.38 20.72
N CYS B 445 -10.16 -26.68 21.50
CA CYS B 445 -9.18 -27.33 22.35
C CYS B 445 -8.97 -26.61 23.65
N GLN B 446 -8.68 -27.41 24.66
CA GLN B 446 -7.96 -26.97 25.83
C GLN B 446 -6.60 -27.63 25.69
N THR B 447 -5.55 -26.98 26.16
CA THR B 447 -4.25 -27.63 26.26
C THR B 447 -3.76 -27.59 27.70
N ASN B 448 -2.97 -28.60 28.07
CA ASN B 448 -2.59 -28.80 29.46
C ASN B 448 -1.62 -27.72 29.94
N ILE B 449 -1.96 -27.06 31.04
CA ILE B 449 -1.10 -26.05 31.60
C ILE B 449 -0.91 -26.27 33.10
N THR B 450 0.32 -26.56 33.50
CA THR B 450 0.63 -26.66 34.90
C THR B 450 1.48 -25.44 35.19
N CYS B 451 1.66 -25.11 36.46
CA CYS B 451 2.46 -23.94 36.79
C CYS B 451 3.92 -24.34 37.05
N PHE B 452 4.30 -25.52 36.56
CA PHE B 452 5.69 -25.93 36.60
C PHE B 452 6.49 -25.26 35.50
N LEU B 453 7.47 -24.44 35.86
CA LEU B 453 8.31 -23.80 34.85
C LEU B 453 9.65 -24.53 34.79
N ARG B 454 9.92 -25.23 33.69
CA ARG B 454 11.04 -26.16 33.68
C ARG B 454 12.38 -25.49 33.91
N ASN B 455 13.19 -26.12 34.75
CA ASN B 455 14.41 -25.53 35.27
C ASN B 455 15.68 -26.25 34.83
N ASP B 456 15.58 -27.53 34.49
CA ASP B 456 16.74 -28.28 34.00
C ASP B 456 16.81 -28.23 32.46
N ASN B 457 17.29 -27.11 31.94
CA ASN B 457 17.11 -26.81 30.52
C ASN B 457 18.21 -27.28 29.57
N GLU B 458 19.20 -27.97 30.12
CA GLU B 458 20.24 -28.61 29.30
C GLU B 458 20.82 -27.60 28.30
N GLY B 459 21.09 -26.37 28.75
CA GLY B 459 21.65 -25.32 27.90
C GLY B 459 20.73 -24.66 26.88
N GLN B 460 19.56 -25.26 26.66
CA GLN B 460 18.52 -24.73 25.78
C GLN B 460 17.85 -23.47 26.35
N ASP B 461 17.21 -22.68 25.48
CA ASP B 461 16.54 -21.44 25.91
C ASP B 461 15.06 -21.64 26.23
N TYR B 462 14.61 -21.01 27.31
CA TYR B 462 13.19 -21.09 27.70
C TYR B 462 12.73 -19.80 28.36
N GLU B 463 12.28 -18.87 27.51
CA GLU B 463 11.89 -17.52 27.93
C GLU B 463 11.04 -17.44 29.19
N VAL B 464 10.15 -18.42 29.41
CA VAL B 464 9.26 -18.37 30.58
C VAL B 464 10.02 -18.57 31.88
N ASN B 465 10.84 -19.60 31.96
CA ASN B 465 11.67 -19.83 33.14
C ASN B 465 12.79 -18.79 33.21
N GLN B 466 13.10 -18.17 32.06
CA GLN B 466 14.11 -17.11 32.02
C GLN B 466 13.59 -15.81 32.66
N THR B 467 12.35 -15.44 32.37
CA THR B 467 11.77 -14.26 33.01
C THR B 467 11.48 -14.56 34.49
N LEU B 468 10.91 -15.73 34.76
CA LEU B 468 10.59 -16.07 36.14
C LEU B 468 11.77 -15.76 37.07
N ARG B 469 12.98 -16.08 36.62
CA ARG B 469 14.20 -15.77 37.37
C ARG B 469 14.51 -14.29 37.39
N GLU B 470 14.59 -13.68 36.21
CA GLU B 470 14.87 -12.25 36.09
C GLU B 470 14.19 -11.46 37.17
N ARG B 471 12.86 -11.47 37.12
CA ARG B 471 12.02 -10.60 37.95
C ARG B 471 11.87 -11.10 39.39
N GLN B 472 12.52 -12.22 39.71
CA GLN B 472 12.46 -12.80 41.04
C GLN B 472 11.03 -13.12 41.44
N LEU B 473 10.34 -13.89 40.59
CA LEU B 473 8.94 -14.22 40.79
C LEU B 473 8.73 -15.65 41.31
N TYR B 474 9.83 -16.33 41.61
CA TYR B 474 9.77 -17.73 42.03
C TYR B 474 9.64 -17.92 43.54
N THR B 475 9.24 -19.11 43.95
CA THR B 475 9.23 -19.44 45.36
C THR B 475 10.66 -19.68 45.83
N LYS B 476 11.03 -19.08 46.97
CA LYS B 476 12.38 -19.17 47.52
C LYS B 476 12.54 -20.42 48.38
N ASN B 477 13.77 -20.91 48.53
CA ASN B 477 14.03 -22.09 49.37
C ASN B 477 14.24 -21.79 50.87
N ASP B 478 13.65 -20.70 51.33
CA ASP B 478 13.77 -20.26 52.72
C ASP B 478 12.76 -20.96 53.62
N SER B 479 13.13 -21.16 54.88
CA SER B 479 12.22 -21.72 55.89
C SER B 479 12.59 -21.26 57.31
N LEU B 480 11.62 -21.39 58.22
CA LEU B 480 11.79 -21.01 59.62
C LEU B 480 12.63 -22.05 60.35
N THR B 481 13.03 -23.10 59.63
CA THR B 481 13.76 -24.19 60.25
C THR B 481 14.95 -24.69 59.43
N GLY B 482 15.45 -23.85 58.53
CA GLY B 482 16.60 -24.18 57.69
C GLY B 482 16.58 -25.53 56.95
N THR B 483 15.41 -26.11 56.78
CA THR B 483 15.31 -27.40 56.07
C THR B 483 15.88 -27.27 54.66
N ASP B 484 16.79 -28.17 54.27
CA ASP B 484 17.35 -28.06 52.93
C ASP B 484 16.49 -28.75 51.87
N PHE B 485 15.88 -27.92 51.03
CA PHE B 485 14.85 -28.40 50.10
C PHE B 485 15.40 -29.06 48.85
N GLY B 486 16.51 -28.53 48.35
CA GLY B 486 17.12 -29.05 47.14
C GLY B 486 17.90 -27.97 46.41
N MET B 487 18.85 -28.41 45.60
CA MET B 487 19.59 -27.52 44.74
C MET B 487 20.14 -28.33 43.57
N THR B 488 20.15 -27.70 42.40
CA THR B 488 20.88 -28.22 41.26
C THR B 488 21.79 -27.12 40.72
N ASP B 489 22.48 -27.42 39.63
CA ASP B 489 23.45 -26.49 39.10
C ASP B 489 22.79 -25.39 38.28
N ASP B 490 21.60 -25.68 37.76
CA ASP B 490 20.77 -24.69 37.05
C ASP B 490 20.40 -23.50 37.96
N GLY B 491 20.11 -23.79 39.22
CA GLY B 491 19.73 -22.75 40.16
C GLY B 491 18.34 -22.20 39.91
N PRO B 492 18.06 -20.99 40.44
CA PRO B 492 18.98 -20.19 41.26
C PRO B 492 19.35 -20.84 42.60
N SER B 493 20.23 -20.18 43.34
CA SER B 493 20.70 -20.68 44.62
C SER B 493 19.68 -20.43 45.73
N ASP B 494 18.65 -19.64 45.44
CA ASP B 494 17.71 -19.19 46.46
C ASP B 494 16.27 -19.47 46.01
N ALA B 495 16.10 -20.58 45.32
CA ALA B 495 14.82 -20.95 44.73
C ALA B 495 14.48 -22.38 45.11
N TYR B 496 13.24 -22.59 45.52
CA TYR B 496 12.74 -23.90 45.82
C TYR B 496 12.70 -24.57 44.48
N ILE B 497 13.38 -25.69 44.36
CA ILE B 497 13.39 -26.40 43.10
C ILE B 497 12.75 -27.78 43.29
N GLY B 498 11.55 -27.94 42.73
CA GLY B 498 10.84 -29.22 42.82
C GLY B 498 11.05 -30.05 41.59
N HIS B 499 10.47 -31.24 41.57
CA HIS B 499 10.55 -32.11 40.40
C HIS B 499 9.14 -32.56 39.99
N LEU B 500 8.92 -32.72 38.69
CA LEU B 500 7.63 -33.09 38.12
C LEU B 500 7.75 -34.48 37.51
N ASP B 501 6.79 -35.36 37.80
CA ASP B 501 6.93 -36.76 37.38
C ASP B 501 5.65 -37.40 36.82
N TYR B 502 5.56 -37.44 35.49
CA TYR B 502 4.44 -38.06 34.81
C TYR B 502 4.77 -39.53 34.53
N GLY B 503 5.62 -40.12 35.36
CA GLY B 503 6.02 -41.52 35.24
C GLY B 503 6.65 -41.89 33.90
N GLY B 504 7.14 -43.11 33.81
CA GLY B 504 7.64 -43.67 32.55
C GLY B 504 8.81 -42.96 31.92
N GLY B 505 9.66 -42.35 32.75
CA GLY B 505 10.85 -41.67 32.23
C GLY B 505 10.58 -40.24 31.81
N VAL B 506 9.32 -39.84 31.85
CA VAL B 506 8.91 -38.51 31.46
C VAL B 506 8.85 -37.60 32.66
N GLU B 507 9.88 -36.77 32.83
CA GLU B 507 10.04 -35.96 34.02
C GLU B 507 10.95 -34.76 33.79
N CYS B 508 11.01 -33.87 34.78
CA CYS B 508 11.89 -32.70 34.72
C CYS B 508 11.88 -31.90 36.04
N ASP B 509 12.95 -31.15 36.27
CA ASP B 509 13.06 -30.21 37.40
C ASP B 509 12.16 -29.00 37.11
N ALA B 510 11.81 -28.23 38.13
CA ALA B 510 10.97 -27.05 37.92
C ALA B 510 11.08 -25.95 38.99
N LEU B 511 10.79 -24.72 38.59
CA LEU B 511 10.55 -23.66 39.53
C LEU B 511 9.03 -23.48 39.61
N PHE B 512 8.58 -22.63 40.54
CA PHE B 512 7.15 -22.37 40.72
C PHE B 512 6.91 -20.91 41.09
N PRO B 513 5.81 -20.32 40.60
CA PRO B 513 5.42 -18.97 40.92
C PRO B 513 5.08 -18.80 42.39
N ASP B 514 5.45 -17.64 42.93
CA ASP B 514 5.15 -17.30 44.30
C ASP B 514 3.96 -16.35 44.30
N TRP B 515 2.77 -16.90 44.02
CA TRP B 515 1.51 -16.17 43.90
C TRP B 515 1.24 -15.00 44.83
N GLY B 516 1.67 -15.12 46.08
CA GLY B 516 1.58 -14.01 47.02
C GLY B 516 2.11 -12.70 46.45
N ARG B 517 3.33 -12.75 45.91
CA ARG B 517 4.01 -11.54 45.39
C ARG B 517 3.13 -10.70 44.46
N PRO B 518 3.19 -9.37 44.60
CA PRO B 518 2.45 -8.59 43.62
C PRO B 518 3.19 -8.71 42.31
N ASP B 519 2.46 -8.61 41.20
CA ASP B 519 3.05 -8.74 39.89
C ASP B 519 3.03 -10.18 39.41
N VAL B 520 3.07 -11.13 40.33
CA VAL B 520 3.12 -12.56 39.96
C VAL B 520 1.95 -12.99 39.08
N ALA B 521 0.73 -12.87 39.57
CA ALA B 521 -0.42 -13.25 38.76
C ALA B 521 -0.31 -12.61 37.37
N GLU B 522 0.18 -11.38 37.35
CA GLU B 522 0.33 -10.62 36.11
C GLU B 522 1.26 -11.31 35.13
N TRP B 523 2.50 -11.52 35.57
CA TRP B 523 3.49 -12.12 34.70
C TRP B 523 2.95 -13.41 34.12
N TRP B 524 2.27 -14.20 34.98
CA TRP B 524 1.74 -15.52 34.62
C TRP B 524 0.67 -15.43 33.53
N GLY B 525 -0.39 -14.68 33.79
CA GLY B 525 -1.42 -14.48 32.76
C GLY B 525 -0.89 -14.14 31.37
N ASN B 526 0.02 -13.18 31.29
CA ASN B 526 0.59 -12.76 30.03
C ASN B 526 1.22 -13.88 29.18
N ASN B 527 1.74 -14.92 29.83
CA ASN B 527 2.27 -16.08 29.12
C ASN B 527 1.21 -16.72 28.24
N TYR B 528 -0.04 -16.66 28.67
CA TYR B 528 -1.13 -17.24 27.90
C TYR B 528 -1.28 -16.62 26.52
N LYS B 529 -0.59 -15.50 26.29
CA LYS B 529 -0.61 -14.86 24.98
C LYS B 529 0.02 -15.77 23.92
N LYS B 530 0.90 -16.66 24.36
CA LYS B 530 1.70 -17.47 23.45
C LYS B 530 0.93 -18.65 22.90
N LEU B 531 -0.05 -19.13 23.66
CA LEU B 531 -0.94 -20.17 23.20
C LEU B 531 -2.15 -19.58 22.49
N PHE B 532 -2.74 -18.54 23.07
CA PHE B 532 -3.96 -18.00 22.49
C PHE B 532 -3.68 -17.54 21.07
N SER B 533 -2.56 -16.85 20.88
CA SER B 533 -2.23 -16.27 19.59
C SER B 533 -1.90 -17.35 18.57
N ILE B 534 -1.99 -18.61 18.95
CA ILE B 534 -1.93 -19.66 17.94
C ILE B 534 -3.15 -20.58 17.91
N GLY B 535 -4.27 -20.12 18.48
CA GLY B 535 -5.53 -20.82 18.34
C GLY B 535 -6.07 -21.47 19.59
N LEU B 536 -5.26 -21.53 20.65
CA LEU B 536 -5.73 -22.17 21.87
C LEU B 536 -7.07 -21.56 22.31
N ASP B 537 -8.01 -22.41 22.67
CA ASP B 537 -9.37 -21.97 22.99
C ASP B 537 -9.58 -21.77 24.48
N PHE B 538 -9.31 -22.81 25.27
CA PHE B 538 -9.42 -22.74 26.73
C PHE B 538 -8.42 -23.64 27.45
N VAL B 539 -8.54 -23.70 28.77
CA VAL B 539 -7.42 -24.09 29.60
C VAL B 539 -7.65 -25.37 30.37
N TRP B 540 -6.71 -26.31 30.23
CA TRP B 540 -6.75 -27.57 30.96
C TRP B 540 -5.74 -27.47 32.09
N GLN B 541 -6.19 -26.95 33.23
CA GLN B 541 -5.35 -26.68 34.39
C GLN B 541 -5.06 -27.94 35.22
N ASP B 542 -3.77 -28.29 35.39
CA ASP B 542 -3.37 -29.62 35.90
C ASP B 542 -2.35 -29.57 37.06
N MET B 543 -2.07 -30.74 37.66
CA MET B 543 -1.08 -30.85 38.73
C MET B 543 -1.10 -29.66 39.64
N THR B 544 -2.25 -29.33 40.20
CA THR B 544 -2.45 -27.98 40.72
C THR B 544 -2.08 -27.75 42.17
N VAL B 545 -1.90 -28.84 42.91
CA VAL B 545 -1.64 -28.73 44.34
C VAL B 545 -0.59 -27.68 44.75
N PRO B 546 0.56 -27.60 44.06
CA PRO B 546 1.05 -28.29 42.86
C PRO B 546 1.46 -29.74 43.10
N ALA B 547 1.26 -30.60 42.11
CA ALA B 547 1.55 -32.03 42.26
C ALA B 547 3.00 -32.38 41.93
N MET B 548 3.84 -32.42 42.94
CA MET B 548 5.24 -32.74 42.73
C MET B 548 5.53 -34.24 42.83
N MET B 549 6.80 -34.59 42.80
CA MET B 549 7.22 -35.97 42.95
C MET B 549 7.46 -36.19 44.43
N PRO B 550 7.06 -37.34 44.96
CA PRO B 550 7.37 -37.63 46.36
C PRO B 550 8.88 -37.51 46.56
N HIS B 551 9.29 -36.73 47.56
CA HIS B 551 10.73 -36.49 47.78
C HIS B 551 11.08 -36.23 49.26
N LYS B 552 12.25 -36.72 49.67
CA LYS B 552 12.70 -36.65 51.05
C LYS B 552 13.93 -35.75 51.18
N ILE B 553 13.99 -34.96 52.25
CA ILE B 553 15.16 -34.12 52.50
C ILE B 553 16.42 -34.96 52.57
N GLY B 554 17.45 -34.53 51.86
CA GLY B 554 18.71 -35.29 51.80
C GLY B 554 18.90 -35.94 50.46
N ASP B 555 17.94 -36.76 50.05
CA ASP B 555 17.88 -37.32 48.69
C ASP B 555 18.03 -36.24 47.59
N ASP B 556 18.54 -36.62 46.43
CA ASP B 556 18.60 -35.68 45.30
C ASP B 556 17.19 -35.36 44.80
N ILE B 557 17.03 -34.15 44.28
CA ILE B 557 15.75 -33.64 43.81
C ILE B 557 15.04 -34.57 42.83
N ASN B 558 15.79 -35.25 41.98
CA ASN B 558 15.21 -36.11 40.97
C ASN B 558 14.97 -37.53 41.46
N VAL B 559 15.29 -37.76 42.72
CA VAL B 559 15.12 -39.07 43.36
C VAL B 559 13.86 -39.06 44.24
N LYS B 560 13.20 -40.22 44.34
CA LYS B 560 12.04 -40.35 45.23
C LYS B 560 12.17 -41.51 46.23
N PRO B 561 11.73 -41.29 47.47
CA PRO B 561 11.88 -42.23 48.58
C PRO B 561 11.19 -43.54 48.30
N ASP B 562 11.54 -44.58 49.05
CA ASP B 562 10.89 -45.88 48.89
C ASP B 562 9.41 -45.62 48.65
N GLY B 563 8.82 -46.34 47.70
CA GLY B 563 7.40 -46.19 47.38
C GLY B 563 6.51 -46.47 48.58
N ASN B 564 7.09 -47.10 49.59
CA ASN B 564 6.36 -47.59 50.75
C ASN B 564 6.72 -46.75 51.97
N TRP B 565 7.55 -45.74 51.73
CA TRP B 565 7.95 -44.78 52.75
C TRP B 565 7.34 -43.43 52.38
N PRO B 566 6.82 -42.69 53.37
CA PRO B 566 6.84 -42.99 54.79
C PRO B 566 5.71 -43.90 55.22
N ASN B 567 5.72 -44.20 56.52
CA ASN B 567 4.73 -45.05 57.17
C ASN B 567 4.77 -44.86 58.69
N ALA B 568 4.17 -45.79 59.41
CA ALA B 568 3.94 -45.64 60.84
C ALA B 568 5.20 -45.83 61.67
N ASP B 569 5.96 -46.88 61.36
CA ASP B 569 7.14 -47.27 62.13
C ASP B 569 8.37 -46.53 61.62
N ASP B 570 8.22 -45.94 60.44
CA ASP B 570 9.17 -44.98 59.93
C ASP B 570 8.37 -43.77 59.44
N PRO B 571 8.10 -42.82 60.34
CA PRO B 571 7.23 -41.69 59.99
C PRO B 571 7.96 -40.71 59.09
N SER B 572 7.38 -39.54 58.89
CA SER B 572 8.02 -38.49 58.13
C SER B 572 8.98 -37.69 58.99
N ASN B 573 8.62 -37.42 60.23
CA ASN B 573 9.44 -36.54 61.09
C ASN B 573 9.98 -35.32 60.36
N GLY B 574 9.14 -34.75 59.49
CA GLY B 574 9.46 -33.50 58.82
C GLY B 574 10.40 -33.65 57.65
N GLN B 575 10.46 -34.85 57.08
CA GLN B 575 11.36 -35.12 55.96
C GLN B 575 10.61 -35.11 54.61
N TYR B 576 9.36 -35.60 54.63
CA TYR B 576 8.56 -35.85 53.43
C TYR B 576 7.88 -34.61 52.92
N ASN B 577 7.58 -34.60 51.62
CA ASN B 577 6.93 -33.44 51.00
C ASN B 577 5.45 -33.66 50.66
N TRP B 578 4.96 -34.88 50.86
CA TRP B 578 3.56 -35.21 50.55
C TRP B 578 3.17 -34.78 49.17
N LYS B 579 3.86 -35.35 48.18
CA LYS B 579 3.78 -35.02 46.75
C LYS B 579 3.46 -33.58 46.42
N THR B 580 4.28 -32.66 46.94
CA THR B 580 4.06 -31.23 46.73
C THR B 580 5.24 -30.40 47.26
N TYR B 581 5.03 -29.10 47.39
CA TYR B 581 5.93 -28.21 48.09
C TYR B 581 6.24 -28.82 49.43
N HIS B 582 7.50 -28.80 49.80
CA HIS B 582 7.86 -29.14 51.16
C HIS B 582 7.13 -28.17 52.08
N PRO B 583 6.31 -28.71 52.99
CA PRO B 583 5.39 -28.00 53.87
C PRO B 583 6.05 -26.85 54.62
N GLN B 584 7.34 -26.97 54.86
CA GLN B 584 8.06 -26.01 55.67
C GLN B 584 8.28 -24.71 54.90
N VAL B 585 8.18 -24.79 53.58
CA VAL B 585 8.61 -23.71 52.69
C VAL B 585 7.87 -22.38 52.85
N LEU B 586 8.61 -21.30 52.94
CA LEU B 586 8.00 -20.00 53.13
C LEU B 586 7.50 -19.42 51.83
N VAL B 587 6.17 -19.34 51.72
CA VAL B 587 5.48 -18.70 50.60
C VAL B 587 4.89 -17.35 50.99
N THR B 588 4.81 -16.43 50.04
CA THR B 588 4.21 -15.12 50.30
C THR B 588 2.72 -15.29 50.47
N ASP B 589 2.23 -14.99 51.67
CA ASP B 589 0.84 -15.20 52.07
C ASP B 589 -0.26 -14.87 51.03
N MET B 590 -0.86 -15.90 50.47
CA MET B 590 -1.96 -15.80 49.49
C MET B 590 -3.35 -15.50 50.08
N ARG B 591 -3.43 -15.28 51.40
CA ARG B 591 -4.69 -15.00 52.09
C ARG B 591 -4.92 -13.51 52.33
N TYR B 592 -3.83 -12.78 52.53
CA TYR B 592 -3.85 -11.34 52.87
C TYR B 592 -2.67 -10.64 52.17
N GLU B 593 -2.95 -9.92 51.09
CA GLU B 593 -1.87 -9.35 50.28
C GLU B 593 -0.89 -8.49 51.07
N ASN B 594 0.32 -8.36 50.54
CA ASN B 594 1.37 -7.48 51.10
C ASN B 594 1.56 -7.63 52.61
N HIS B 595 1.55 -8.87 53.09
CA HIS B 595 1.39 -9.14 54.53
C HIS B 595 2.54 -9.92 55.17
N GLY B 596 3.43 -10.45 54.34
CA GLY B 596 4.56 -11.23 54.85
C GLY B 596 4.57 -12.59 54.20
N ARG B 597 5.31 -13.53 54.81
CA ARG B 597 5.39 -14.91 54.31
C ARG B 597 5.07 -15.89 55.42
N GLU B 598 4.37 -16.97 55.07
CA GLU B 598 4.10 -18.05 56.02
C GLU B 598 4.57 -19.40 55.45
N PRO B 599 4.80 -20.38 56.33
CA PRO B 599 4.98 -21.73 55.80
C PRO B 599 3.71 -22.23 55.05
N MET B 600 3.92 -23.07 54.03
CA MET B 600 2.84 -23.53 53.15
C MET B 600 1.77 -24.35 53.87
N VAL B 601 2.13 -24.98 55.00
CA VAL B 601 1.17 -25.82 55.69
C VAL B 601 -0.08 -25.05 56.12
N THR B 602 0.04 -23.72 56.17
CA THR B 602 -1.02 -22.84 56.68
C THR B 602 -2.07 -22.45 55.65
N GLN B 603 -1.78 -22.70 54.37
CA GLN B 603 -2.69 -22.33 53.29
C GLN B 603 -2.57 -23.28 52.12
N ARG B 604 -2.27 -24.53 52.40
CA ARG B 604 -1.93 -25.49 51.36
C ARG B 604 -3.04 -25.52 50.34
N ASN B 605 -4.25 -25.44 50.84
CA ASN B 605 -5.42 -25.68 50.03
C ASN B 605 -5.92 -24.52 49.18
N ILE B 606 -5.15 -23.43 49.14
CA ILE B 606 -5.54 -22.27 48.36
C ILE B 606 -4.68 -22.10 47.13
N HIS B 607 -3.63 -22.92 47.01
CA HIS B 607 -2.75 -22.85 45.84
C HIS B 607 -3.57 -22.99 44.56
N ALA B 608 -4.19 -24.15 44.35
CA ALA B 608 -4.94 -24.39 43.11
C ALA B 608 -6.07 -23.39 42.83
N TYR B 609 -6.52 -22.70 43.88
CA TYR B 609 -7.55 -21.69 43.74
C TYR B 609 -6.87 -20.45 43.17
N THR B 610 -5.75 -20.08 43.76
CA THR B 610 -5.04 -18.86 43.37
C THR B 610 -4.48 -18.97 41.94
N LEU B 611 -3.87 -20.11 41.63
CA LEU B 611 -3.41 -20.36 40.27
C LEU B 611 -4.55 -20.17 39.30
N CYS B 612 -5.67 -20.87 39.55
CA CYS B 612 -6.85 -20.70 38.72
C CYS B 612 -7.25 -19.23 38.55
N GLU B 613 -7.35 -18.54 39.67
CA GLU B 613 -7.84 -17.18 39.70
C GLU B 613 -6.99 -16.28 38.81
N SER B 614 -5.71 -16.62 38.71
CA SER B 614 -4.79 -15.83 37.93
C SER B 614 -4.93 -16.10 36.46
N THR B 615 -5.00 -17.37 36.10
CA THR B 615 -5.26 -17.77 34.74
C THR B 615 -6.50 -17.06 34.21
N ARG B 616 -7.58 -17.08 35.01
CA ARG B 616 -8.82 -16.41 34.61
C ARG B 616 -8.74 -14.88 34.58
N LYS B 617 -8.14 -14.26 35.61
CA LYS B 617 -8.13 -12.79 35.65
C LYS B 617 -7.11 -12.25 34.67
N GLU B 618 -5.84 -12.43 34.99
CA GLU B 618 -4.79 -11.86 34.19
C GLU B 618 -4.59 -12.66 32.90
N GLY B 619 -5.26 -13.81 32.81
CA GLY B 619 -5.14 -14.65 31.63
C GLY B 619 -6.23 -14.43 30.59
N ILE B 620 -7.38 -15.06 30.81
CA ILE B 620 -8.51 -15.09 29.88
C ILE B 620 -9.16 -13.72 29.55
N VAL B 621 -9.47 -12.94 30.59
CA VAL B 621 -10.20 -11.69 30.41
C VAL B 621 -9.26 -10.55 30.06
N GLU B 622 -8.07 -10.56 30.63
CA GLU B 622 -7.10 -9.50 30.38
C GLU B 622 -6.42 -9.66 29.01
N ASN B 623 -6.62 -10.81 28.38
CA ASN B 623 -6.00 -11.08 27.08
C ASN B 623 -6.96 -11.71 26.11
N ALA B 624 -8.22 -11.33 26.22
CA ALA B 624 -9.25 -11.82 25.31
C ALA B 624 -8.94 -11.30 23.89
N ASP B 625 -8.28 -10.15 23.82
CA ASP B 625 -7.91 -9.56 22.54
C ASP B 625 -7.10 -10.54 21.67
N THR B 626 -6.25 -11.34 22.32
CA THR B 626 -5.38 -12.28 21.61
C THR B 626 -6.05 -13.61 21.25
N LEU B 627 -7.10 -13.99 21.95
CA LEU B 627 -7.88 -15.14 21.52
C LEU B 627 -8.32 -14.97 20.07
N THR B 628 -8.65 -16.09 19.42
CA THR B 628 -9.02 -16.03 18.01
C THR B 628 -10.51 -16.22 17.82
N LYS B 629 -10.91 -17.47 17.61
CA LYS B 629 -12.25 -17.78 17.15
C LYS B 629 -13.35 -17.44 18.16
N PHE B 630 -13.09 -17.65 19.46
CA PHE B 630 -14.04 -17.30 20.55
C PHE B 630 -13.37 -16.47 21.64
N ARG B 631 -14.04 -15.38 22.04
CA ARG B 631 -13.45 -14.41 22.94
C ARG B 631 -13.63 -14.79 24.40
N ARG B 632 -14.68 -15.56 24.67
CA ARG B 632 -14.92 -16.10 26.00
C ARG B 632 -14.23 -17.44 26.08
N SER B 633 -13.71 -17.76 27.25
CA SER B 633 -12.84 -18.90 27.45
C SER B 633 -13.23 -19.58 28.77
N TYR B 634 -12.47 -20.57 29.21
CA TYR B 634 -12.83 -21.36 30.39
C TYR B 634 -11.61 -22.11 30.95
N ILE B 635 -11.74 -22.56 32.19
CA ILE B 635 -10.71 -23.37 32.84
C ILE B 635 -11.36 -24.64 33.37
N ILE B 636 -10.90 -25.78 32.90
CA ILE B 636 -11.26 -27.02 33.53
C ILE B 636 -10.05 -27.34 34.36
N SER B 637 -10.24 -27.33 35.67
CA SER B 637 -9.14 -27.51 36.58
C SER B 637 -9.27 -28.80 37.40
N ARG B 638 -8.15 -29.29 37.90
CA ARG B 638 -8.10 -30.52 38.67
C ARG B 638 -8.19 -30.15 40.13
N GLY B 639 -7.70 -28.96 40.46
CA GLY B 639 -7.65 -28.52 41.85
C GLY B 639 -8.26 -27.15 42.08
N GLY B 640 -8.49 -26.83 43.36
CA GLY B 640 -9.02 -25.54 43.74
C GLY B 640 -9.65 -25.59 45.11
N TYR B 641 -10.33 -24.51 45.49
CA TYR B 641 -10.92 -24.42 46.82
C TYR B 641 -12.32 -23.86 46.62
N ILE B 642 -13.22 -24.19 47.54
CA ILE B 642 -14.55 -23.57 47.55
C ILE B 642 -14.45 -22.11 47.10
N GLY B 643 -15.26 -21.73 46.12
CA GLY B 643 -15.22 -20.37 45.56
C GLY B 643 -14.72 -20.41 44.13
N ASN B 644 -14.38 -21.61 43.70
CA ASN B 644 -13.54 -21.87 42.55
C ASN B 644 -14.29 -21.89 41.22
N GLN B 645 -15.61 -21.88 41.33
CA GLN B 645 -16.53 -21.85 40.21
C GLN B 645 -16.52 -20.46 39.57
N HIS B 646 -15.86 -19.53 40.25
CA HIS B 646 -15.79 -18.21 39.68
C HIS B 646 -14.74 -18.08 38.61
N PHE B 647 -13.95 -19.13 38.46
CA PHE B 647 -12.92 -19.20 37.46
C PHE B 647 -13.20 -20.32 36.46
N GLY B 648 -14.30 -21.04 36.66
CA GLY B 648 -14.66 -22.11 35.74
C GLY B 648 -15.08 -23.41 36.39
N GLY B 649 -14.65 -24.51 35.80
CA GLY B 649 -15.08 -25.84 36.17
C GLY B 649 -13.93 -26.71 36.59
N MET B 650 -14.21 -28.00 36.75
CA MET B 650 -13.27 -28.97 37.29
C MET B 650 -13.46 -30.30 36.60
N TRP B 651 -12.44 -31.15 36.64
CA TRP B 651 -12.63 -32.59 36.41
C TRP B 651 -12.00 -33.35 37.57
N VAL B 652 -12.56 -34.52 37.88
CA VAL B 652 -12.24 -35.19 39.12
C VAL B 652 -11.00 -36.06 39.00
N GLY B 653 -9.95 -35.50 38.40
CA GLY B 653 -8.60 -36.06 38.45
C GLY B 653 -8.39 -37.42 37.83
N ASP B 654 -7.40 -38.14 38.36
CA ASP B 654 -6.94 -39.35 37.71
C ASP B 654 -7.77 -40.56 38.09
N ASN B 655 -8.98 -40.64 37.58
CA ASN B 655 -9.84 -41.79 37.85
C ASN B 655 -9.38 -43.11 37.16
N SER B 656 -10.26 -44.10 37.09
CA SER B 656 -9.86 -45.41 36.56
C SER B 656 -11.02 -46.17 35.97
N THR B 657 -10.71 -47.28 35.30
CA THR B 657 -11.70 -48.03 34.50
C THR B 657 -12.30 -49.25 35.18
N THR B 658 -13.28 -49.01 36.06
CA THR B 658 -14.03 -50.08 36.75
C THR B 658 -15.39 -49.54 37.24
N SER B 659 -16.34 -50.45 37.49
CA SER B 659 -17.68 -50.06 37.95
C SER B 659 -17.64 -49.10 39.13
N ASN B 660 -16.80 -49.41 40.10
CA ASN B 660 -16.63 -48.59 41.29
C ASN B 660 -16.28 -47.13 40.98
N TYR B 661 -15.81 -46.84 39.77
CA TYR B 661 -15.46 -45.48 39.38
C TYR B 661 -16.54 -44.77 38.57
N ILE B 662 -17.38 -45.50 37.88
CA ILE B 662 -18.56 -44.84 37.34
C ILE B 662 -19.41 -44.32 38.50
N GLN B 663 -19.52 -45.13 39.56
CA GLN B 663 -20.29 -44.79 40.76
C GLN B 663 -19.69 -43.58 41.44
N MET B 664 -18.37 -43.58 41.52
CA MET B 664 -17.68 -42.50 42.15
C MET B 664 -17.76 -41.20 41.33
N MET B 665 -17.86 -41.33 40.01
CA MET B 665 -18.00 -40.17 39.11
C MET B 665 -19.34 -39.47 39.32
N ILE B 666 -20.39 -40.27 39.55
CA ILE B 666 -21.74 -39.76 39.77
C ILE B 666 -21.83 -39.05 41.12
N ALA B 667 -21.63 -39.81 42.21
CA ALA B 667 -21.44 -39.23 43.53
C ALA B 667 -20.61 -37.94 43.48
N ASN B 668 -19.38 -38.01 42.99
CA ASN B 668 -18.55 -36.81 42.86
C ASN B 668 -19.23 -35.65 42.14
N ASN B 669 -19.79 -35.94 40.98
CA ASN B 669 -20.50 -34.92 40.27
C ASN B 669 -21.52 -34.30 41.24
N ILE B 670 -22.55 -35.06 41.59
CA ILE B 670 -23.58 -34.60 42.53
C ILE B 670 -23.03 -33.83 43.75
N ASN B 671 -22.22 -34.52 44.53
CA ASN B 671 -21.65 -33.96 45.73
C ASN B 671 -20.99 -32.64 45.45
N MET B 672 -20.33 -32.54 44.30
CA MET B 672 -19.52 -31.35 43.94
C MET B 672 -20.39 -30.17 43.48
N ASN B 673 -21.51 -30.49 42.84
CA ASN B 673 -22.52 -29.48 42.56
C ASN B 673 -23.01 -28.80 43.84
N MET B 674 -23.14 -29.56 44.92
CA MET B 674 -23.70 -28.98 46.11
C MET B 674 -22.62 -28.32 46.98
N SER B 675 -21.37 -28.55 46.62
CA SER B 675 -20.28 -27.74 47.11
C SER B 675 -20.19 -26.46 46.29
N CYS B 676 -21.13 -26.24 45.38
CA CYS B 676 -21.15 -25.00 44.62
C CYS B 676 -20.14 -24.98 43.50
N LEU B 677 -19.85 -26.16 42.96
CA LEU B 677 -19.07 -26.27 41.71
C LEU B 677 -19.76 -27.21 40.71
N PRO B 678 -20.47 -26.62 39.76
CA PRO B 678 -21.37 -27.25 38.81
C PRO B 678 -20.67 -27.98 37.67
N LEU B 679 -19.77 -27.27 37.02
CA LEU B 679 -19.23 -27.77 35.76
C LEU B 679 -18.12 -28.78 35.98
N VAL B 680 -18.54 -30.04 36.20
CA VAL B 680 -17.68 -31.12 36.63
C VAL B 680 -18.03 -32.41 35.94
N GLY B 681 -17.14 -33.38 36.07
CA GLY B 681 -17.29 -34.67 35.43
C GLY B 681 -16.03 -35.48 35.57
N SER B 682 -16.11 -36.73 35.16
CA SER B 682 -14.97 -37.63 35.25
C SER B 682 -14.53 -38.04 33.89
N ASP B 683 -13.27 -38.42 33.78
CA ASP B 683 -12.74 -38.91 32.53
C ASP B 683 -13.61 -40.08 32.11
N ILE B 684 -14.40 -39.87 31.07
CA ILE B 684 -15.28 -40.91 30.60
C ILE B 684 -14.36 -42.07 30.19
N GLY B 685 -14.65 -43.25 30.72
CA GLY B 685 -13.89 -44.45 30.38
C GLY B 685 -12.84 -44.77 31.42
N GLY B 686 -12.48 -43.77 32.22
CA GLY B 686 -11.42 -43.92 33.21
C GLY B 686 -10.05 -43.55 32.67
N PHE B 687 -9.22 -42.93 33.48
CA PHE B 687 -7.97 -42.38 32.96
C PHE B 687 -6.92 -43.47 32.87
N THR B 688 -6.64 -44.08 34.03
CA THR B 688 -5.57 -45.05 34.23
C THR B 688 -5.93 -46.48 33.86
N SER B 689 -4.89 -47.29 33.71
CA SER B 689 -5.03 -48.71 33.46
C SER B 689 -5.79 -49.39 34.59
N TYR B 690 -6.57 -50.42 34.26
CA TYR B 690 -7.35 -51.14 35.26
C TYR B 690 -6.89 -52.60 35.45
N ASP B 691 -6.70 -53.31 34.33
CA ASP B 691 -6.22 -54.70 34.28
C ASP B 691 -4.94 -54.91 35.11
N ASN B 692 -4.91 -55.96 35.92
CA ASN B 692 -3.69 -56.30 36.67
C ASN B 692 -2.65 -57.10 35.90
N GLU B 693 -3.10 -58.10 35.14
CA GLU B 693 -2.22 -58.92 34.32
C GLU B 693 -1.66 -58.14 33.11
N ASN B 694 -2.19 -56.94 32.86
CA ASN B 694 -1.78 -56.13 31.71
C ASN B 694 -2.45 -54.76 31.67
N GLN B 695 -1.69 -53.74 32.03
CA GLN B 695 -2.17 -52.37 32.06
C GLN B 695 -2.68 -51.91 30.71
N ARG B 696 -2.07 -52.39 29.64
CA ARG B 696 -2.41 -51.96 28.29
C ARG B 696 -3.80 -52.40 27.85
N THR B 697 -4.40 -53.40 28.50
CA THR B 697 -5.78 -53.75 28.16
C THR B 697 -6.64 -52.52 28.34
N PRO B 698 -7.40 -52.14 27.29
CA PRO B 698 -8.36 -51.03 27.36
C PRO B 698 -9.72 -51.43 27.94
N CYS B 699 -10.40 -50.44 28.51
CA CYS B 699 -11.76 -50.54 29.00
C CYS B 699 -12.60 -51.37 28.06
N THR B 700 -13.34 -52.32 28.61
CA THR B 700 -14.17 -53.22 27.79
C THR B 700 -15.33 -52.43 27.20
N GLY B 701 -15.92 -52.95 26.13
CA GLY B 701 -17.01 -52.27 25.45
C GLY B 701 -18.22 -51.96 26.31
N ASP B 702 -18.59 -52.85 27.22
CA ASP B 702 -19.77 -52.62 28.05
C ASP B 702 -19.53 -51.51 29.08
N LEU B 703 -18.50 -51.67 29.88
CA LEU B 703 -18.08 -50.65 30.83
C LEU B 703 -17.95 -49.28 30.15
N MET B 704 -17.51 -49.27 28.90
CA MET B 704 -17.48 -48.02 28.15
C MET B 704 -18.89 -47.48 27.98
N VAL B 705 -19.78 -48.31 27.44
CA VAL B 705 -21.16 -47.90 27.19
C VAL B 705 -21.85 -47.30 28.42
N ARG B 706 -21.64 -47.91 29.57
CA ARG B 706 -22.24 -47.41 30.81
C ARG B 706 -21.54 -46.15 31.33
N TYR B 707 -20.27 -46.00 31.01
CA TYR B 707 -19.50 -44.84 31.44
C TYR B 707 -20.01 -43.65 30.65
N VAL B 708 -20.62 -43.96 29.52
CA VAL B 708 -21.01 -42.94 28.57
C VAL B 708 -22.42 -42.43 28.88
N GLN B 709 -23.28 -43.38 29.22
CA GLN B 709 -24.65 -43.07 29.56
C GLN B 709 -24.71 -42.23 30.84
N ALA B 710 -24.07 -42.73 31.90
CA ALA B 710 -23.95 -42.05 33.18
C ALA B 710 -23.34 -40.64 33.12
N GLY B 711 -22.40 -40.44 32.20
CA GLY B 711 -21.72 -39.16 32.04
C GLY B 711 -22.39 -38.21 31.05
N CYS B 712 -23.25 -38.73 30.20
CA CYS B 712 -23.70 -37.99 29.02
C CYS B 712 -24.55 -36.76 29.32
N LEU B 713 -24.91 -36.57 30.58
CA LEU B 713 -25.72 -35.42 30.94
C LEU B 713 -25.13 -34.74 32.15
N LEU B 714 -24.01 -35.26 32.61
CA LEU B 714 -23.23 -34.52 33.59
C LEU B 714 -22.70 -33.30 32.84
N PRO B 715 -22.37 -32.22 33.57
CA PRO B 715 -21.91 -30.95 32.95
C PRO B 715 -20.70 -31.05 32.02
N TRP B 716 -19.68 -31.81 32.40
CA TRP B 716 -18.42 -31.89 31.62
C TRP B 716 -18.04 -33.30 31.14
N PHE B 717 -18.38 -33.54 29.87
CA PHE B 717 -18.26 -34.81 29.16
C PHE B 717 -16.90 -34.86 28.46
N ARG B 718 -15.94 -35.62 29.01
CA ARG B 718 -14.62 -35.83 28.36
C ARG B 718 -13.99 -37.20 28.56
N ASN B 719 -13.91 -37.98 27.49
CA ASN B 719 -13.17 -39.23 27.48
C ASN B 719 -11.70 -38.92 27.25
N HIS B 720 -10.89 -39.09 28.29
CA HIS B 720 -9.47 -38.80 28.22
C HIS B 720 -8.73 -39.85 29.03
N TYR B 721 -7.52 -40.22 28.65
CA TYR B 721 -6.86 -41.36 29.27
C TYR B 721 -5.35 -41.38 29.17
N ASP B 722 -4.76 -42.37 29.83
CA ASP B 722 -3.33 -42.60 29.83
C ASP B 722 -3.02 -43.65 28.77
N ARG B 723 -2.18 -43.31 27.78
CA ARG B 723 -1.97 -44.19 26.62
C ARG B 723 -0.57 -44.83 26.57
N TRP B 724 -0.53 -46.15 26.56
CA TRP B 724 0.74 -46.85 26.41
C TRP B 724 1.43 -46.44 25.11
N ILE B 725 2.66 -45.93 25.26
CA ILE B 725 3.56 -45.69 24.12
C ILE B 725 5.00 -46.02 24.47
N GLU B 726 5.79 -46.35 23.46
CA GLU B 726 7.19 -46.71 23.64
C GLU B 726 7.91 -45.75 24.58
N SER B 727 7.71 -44.45 24.40
CA SER B 727 8.48 -43.42 25.11
C SER B 727 7.85 -43.01 26.43
N LYS B 728 6.85 -43.78 26.84
CA LYS B 728 6.18 -43.64 28.13
C LYS B 728 5.41 -44.95 28.37
N ASP B 729 6.07 -45.94 28.96
CA ASP B 729 5.59 -47.34 28.92
C ASP B 729 4.44 -47.75 29.87
N HIS B 730 3.51 -46.83 30.11
CA HIS B 730 2.40 -47.09 31.01
C HIS B 730 1.09 -46.56 30.44
N GLY B 731 0.00 -47.24 30.79
CA GLY B 731 -1.31 -46.89 30.27
C GLY B 731 -1.93 -47.94 29.34
N LYS B 732 -3.04 -47.55 28.73
CA LYS B 732 -3.89 -48.41 27.92
C LYS B 732 -3.66 -48.25 26.42
N ASP B 733 -4.11 -49.24 25.65
CA ASP B 733 -3.84 -49.26 24.21
C ASP B 733 -4.62 -48.20 23.45
N TYR B 734 -5.95 -48.25 23.59
CA TYR B 734 -6.83 -47.25 23.00
C TYR B 734 -7.98 -46.98 23.94
N GLN B 735 -8.81 -45.99 23.63
CA GLN B 735 -10.01 -45.71 24.42
C GLN B 735 -11.07 -44.89 23.67
N GLU B 736 -10.65 -44.22 22.61
CA GLU B 736 -11.58 -43.53 21.71
C GLU B 736 -12.88 -44.32 21.52
N LEU B 737 -14.01 -43.63 21.45
CA LEU B 737 -15.31 -44.29 21.29
C LEU B 737 -15.42 -45.02 19.95
N TYR B 738 -14.75 -44.49 18.93
CA TYR B 738 -14.82 -45.08 17.60
C TYR B 738 -13.99 -46.36 17.53
N MET B 739 -13.22 -46.63 18.58
CA MET B 739 -12.49 -47.89 18.63
C MET B 739 -13.38 -49.08 19.02
N TYR B 740 -14.64 -48.84 19.37
CA TYR B 740 -15.51 -49.94 19.77
C TYR B 740 -16.56 -50.19 18.72
N PRO B 741 -16.27 -51.11 17.80
CA PRO B 741 -17.15 -51.26 16.65
C PRO B 741 -18.50 -51.85 17.05
N ASN B 742 -18.51 -52.86 17.92
CA ASN B 742 -19.76 -53.52 18.28
C ASN B 742 -20.71 -52.64 19.08
N GLU B 743 -20.16 -51.62 19.73
CA GLU B 743 -20.93 -50.75 20.59
C GLU B 743 -20.96 -49.35 20.00
N MET B 744 -20.48 -49.21 18.76
CA MET B 744 -20.34 -47.89 18.18
C MET B 744 -21.67 -47.20 18.13
N ASP B 745 -22.68 -47.88 17.62
CA ASP B 745 -24.00 -47.26 17.46
C ASP B 745 -24.61 -46.69 18.73
N THR B 746 -24.57 -47.44 19.83
CA THR B 746 -25.04 -46.92 21.10
C THR B 746 -24.21 -45.71 21.50
N LEU B 747 -22.90 -45.84 21.35
CA LEU B 747 -21.96 -44.79 21.75
C LEU B 747 -22.28 -43.49 21.06
N ARG B 748 -22.38 -43.54 19.74
CA ARG B 748 -22.76 -42.36 19.00
C ARG B 748 -24.10 -41.84 19.49
N LYS B 749 -25.11 -42.70 19.60
CA LYS B 749 -26.45 -42.17 19.80
C LYS B 749 -26.61 -41.44 21.12
N PHE B 750 -25.85 -41.86 22.13
CA PHE B 750 -25.84 -41.14 23.41
C PHE B 750 -25.11 -39.79 23.41
N VAL B 751 -24.15 -39.59 22.52
CA VAL B 751 -23.53 -38.26 22.39
C VAL B 751 -24.41 -37.38 21.52
N GLU B 752 -25.16 -38.02 20.62
CA GLU B 752 -26.17 -37.34 19.81
C GLU B 752 -27.22 -36.79 20.75
N PHE B 753 -27.60 -37.63 21.72
CA PHE B 753 -28.62 -37.32 22.72
C PHE B 753 -28.23 -36.07 23.50
N ARG B 754 -27.14 -36.18 24.25
CA ARG B 754 -26.55 -35.02 24.95
C ARG B 754 -26.64 -33.77 24.09
N TYR B 755 -26.03 -33.80 22.90
CA TYR B 755 -26.05 -32.63 22.02
C TYR B 755 -27.43 -31.99 21.78
N ARG B 756 -28.46 -32.81 21.55
CA ARG B 756 -29.82 -32.26 21.40
C ARG B 756 -30.27 -31.35 22.55
N TRP B 757 -29.82 -31.69 23.76
CA TRP B 757 -30.14 -30.94 24.95
C TRP B 757 -29.01 -30.02 25.38
N GLN B 758 -28.10 -29.71 24.46
CA GLN B 758 -26.99 -28.80 24.75
C GLN B 758 -27.51 -27.50 25.39
N GLU B 759 -28.69 -27.11 24.93
CA GLU B 759 -29.43 -26.00 25.49
C GLU B 759 -29.87 -26.25 26.93
N VAL B 760 -30.58 -27.35 27.18
CA VAL B 760 -30.84 -27.77 28.55
C VAL B 760 -29.63 -27.56 29.50
N LEU B 761 -28.43 -27.98 29.08
CA LEU B 761 -27.25 -27.71 29.90
C LEU B 761 -26.90 -26.22 29.95
N TYR B 762 -26.77 -25.58 28.80
CA TYR B 762 -26.42 -24.17 28.75
C TYR B 762 -27.30 -23.33 29.68
N THR B 763 -28.59 -23.62 29.64
CA THR B 763 -29.58 -22.91 30.42
C THR B 763 -29.40 -23.23 31.90
N ALA B 764 -29.17 -24.49 32.23
CA ALA B 764 -28.92 -24.83 33.61
C ALA B 764 -27.68 -24.07 34.15
N MET B 765 -26.68 -23.90 33.29
CA MET B 765 -25.49 -23.18 33.67
C MET B 765 -25.82 -21.72 33.90
N TYR B 766 -26.58 -21.12 32.98
CA TYR B 766 -27.17 -19.81 33.23
C TYR B 766 -27.78 -19.76 34.62
N GLN B 767 -28.59 -20.78 34.92
CA GLN B 767 -29.33 -20.90 36.16
C GLN B 767 -28.43 -20.92 37.39
N ASN B 768 -27.13 -21.15 37.18
CA ASN B 768 -26.16 -21.27 38.25
C ASN B 768 -25.42 -19.97 38.38
N ALA B 769 -25.08 -19.38 37.24
CA ALA B 769 -24.32 -18.13 37.28
C ALA B 769 -25.27 -17.03 37.72
N ALA B 770 -26.56 -17.29 37.52
CA ALA B 770 -27.59 -16.29 37.67
C ALA B 770 -28.18 -16.32 39.05
N PHE B 771 -28.60 -17.51 39.50
CA PHE B 771 -29.16 -17.69 40.85
C PHE B 771 -28.55 -18.83 41.70
N GLY B 772 -27.50 -19.48 41.21
CA GLY B 772 -26.87 -20.58 41.95
C GLY B 772 -27.50 -21.98 41.92
N LYS B 773 -28.64 -22.18 41.27
CA LYS B 773 -29.20 -23.52 41.24
C LYS B 773 -28.11 -24.47 40.75
N PRO B 774 -27.84 -25.55 41.50
CA PRO B 774 -26.90 -26.55 40.98
C PRO B 774 -27.48 -27.18 39.73
N ILE B 775 -26.64 -27.55 38.78
CA ILE B 775 -27.13 -28.17 37.57
C ILE B 775 -27.66 -29.57 37.92
N ILE B 776 -26.76 -30.40 38.45
CA ILE B 776 -27.03 -31.72 38.95
C ILE B 776 -27.60 -31.65 40.36
N LYS B 777 -28.72 -32.33 40.55
CA LYS B 777 -29.49 -32.30 41.79
C LYS B 777 -29.38 -33.65 42.49
N ALA B 778 -29.09 -33.63 43.77
CA ALA B 778 -29.13 -34.85 44.56
C ALA B 778 -30.60 -35.14 44.73
N ALA B 779 -30.96 -36.41 44.62
CA ALA B 779 -32.35 -36.82 44.80
C ALA B 779 -32.96 -36.30 46.09
N SER B 780 -32.15 -36.20 47.13
CA SER B 780 -32.65 -35.77 48.42
C SER B 780 -33.03 -34.31 48.42
N MET B 781 -32.87 -33.65 47.28
CA MET B 781 -33.22 -32.25 47.09
C MET B 781 -34.65 -32.17 46.57
N TYR B 782 -35.28 -33.34 46.36
CA TYR B 782 -36.69 -33.45 46.00
C TYR B 782 -37.51 -33.46 47.28
N ASN B 783 -38.23 -32.38 47.57
CA ASN B 783 -39.02 -32.28 48.81
C ASN B 783 -40.20 -33.24 48.85
N ASN B 784 -40.57 -33.64 50.06
CA ASN B 784 -41.80 -34.39 50.30
C ASN B 784 -41.78 -35.80 49.74
N ASP B 785 -40.58 -36.40 49.71
CA ASP B 785 -40.39 -37.79 49.28
C ASP B 785 -39.49 -38.54 50.27
N SER B 786 -40.04 -39.57 50.92
CA SER B 786 -39.27 -40.31 51.92
C SER B 786 -38.61 -41.58 51.38
N ASN B 787 -38.47 -41.61 50.05
CA ASN B 787 -37.78 -42.70 49.38
C ASN B 787 -36.52 -42.24 48.62
N VAL B 788 -36.50 -41.00 48.13
CA VAL B 788 -35.35 -40.50 47.35
C VAL B 788 -34.01 -40.69 48.06
N ARG B 789 -34.00 -40.58 49.38
CA ARG B 789 -32.76 -40.69 50.13
C ARG B 789 -32.15 -42.06 49.94
N ARG B 790 -33.00 -43.06 49.83
CA ARG B 790 -32.53 -44.42 49.64
C ARG B 790 -32.07 -44.64 48.19
N ALA B 791 -32.49 -43.78 47.27
CA ALA B 791 -32.14 -43.92 45.84
C ALA B 791 -31.01 -43.01 45.38
N GLN B 792 -30.51 -42.19 46.29
CA GLN B 792 -29.61 -41.08 45.96
C GLN B 792 -28.19 -41.43 45.57
N ASN B 793 -27.90 -42.71 45.40
CA ASN B 793 -26.56 -43.09 45.00
C ASN B 793 -26.35 -43.15 43.49
N ASP B 794 -27.40 -42.89 42.70
CA ASP B 794 -27.36 -43.14 41.26
C ASP B 794 -28.59 -42.60 40.56
N HIS B 795 -29.51 -42.05 41.33
CA HIS B 795 -30.59 -41.26 40.75
C HIS B 795 -30.22 -39.78 40.92
N PHE B 796 -30.44 -38.96 39.90
CA PHE B 796 -30.25 -37.51 40.04
C PHE B 796 -31.15 -36.77 39.10
N LEU B 797 -31.31 -35.46 39.32
CA LEU B 797 -32.14 -34.65 38.43
C LEU B 797 -31.42 -33.45 37.88
N LEU B 798 -32.07 -32.74 36.95
CA LEU B 798 -31.49 -31.61 36.23
C LEU B 798 -32.44 -31.06 35.17
N GLY B 799 -32.13 -29.84 34.69
CA GLY B 799 -32.76 -29.26 33.51
C GLY B 799 -34.21 -28.83 33.61
N GLY B 800 -34.67 -28.11 32.59
CA GLY B 800 -36.04 -27.60 32.57
C GLY B 800 -36.17 -26.27 33.28
N HIS B 801 -37.37 -25.72 33.25
CA HIS B 801 -37.65 -24.44 33.88
C HIS B 801 -37.18 -24.37 35.33
N ASP B 802 -37.14 -25.53 36.00
CA ASP B 802 -36.96 -25.54 37.44
C ASP B 802 -35.77 -26.35 37.90
N GLY B 803 -35.20 -27.11 36.99
CA GLY B 803 -34.02 -27.90 37.30
C GLY B 803 -34.35 -29.33 37.65
N TYR B 804 -35.62 -29.73 37.44
CA TYR B 804 -36.08 -31.05 37.87
C TYR B 804 -36.96 -31.68 36.84
N ARG B 805 -36.65 -31.43 35.58
CA ARG B 805 -37.45 -31.96 34.49
C ARG B 805 -36.88 -33.29 34.04
N ILE B 806 -35.68 -33.60 34.50
CA ILE B 806 -34.99 -34.80 34.03
C ILE B 806 -34.45 -35.65 35.19
N LEU B 807 -34.65 -36.96 35.06
CA LEU B 807 -34.28 -37.93 36.11
C LEU B 807 -33.42 -39.07 35.54
N CYS B 808 -32.20 -39.18 36.03
CA CYS B 808 -31.28 -40.20 35.56
C CYS B 808 -30.98 -41.24 36.63
N ALA B 809 -31.12 -42.51 36.26
CA ALA B 809 -30.63 -43.58 37.12
C ALA B 809 -29.77 -44.57 36.33
N PRO B 810 -28.59 -44.11 35.85
CA PRO B 810 -27.73 -44.98 35.04
C PRO B 810 -27.22 -46.22 35.80
N VAL B 811 -27.27 -47.37 35.12
CA VAL B 811 -26.69 -48.62 35.61
C VAL B 811 -25.22 -48.36 35.88
N VAL B 812 -24.72 -48.85 37.01
CA VAL B 812 -23.36 -48.55 37.43
C VAL B 812 -22.58 -49.81 37.59
N TRP B 813 -23.00 -50.84 36.86
CA TRP B 813 -22.37 -52.13 36.96
C TRP B 813 -22.08 -52.73 35.59
N GLU B 814 -20.92 -53.37 35.45
CA GLU B 814 -20.58 -54.07 34.22
C GLU B 814 -21.36 -55.37 34.13
N ASN B 815 -21.59 -55.83 32.91
CA ASN B 815 -22.32 -57.07 32.66
C ASN B 815 -23.61 -57.20 33.47
N SER B 816 -24.48 -56.21 33.26
CA SER B 816 -25.71 -56.00 34.03
C SER B 816 -26.79 -55.39 33.14
N THR B 817 -27.91 -56.09 32.98
CA THR B 817 -28.97 -55.60 32.08
C THR B 817 -30.29 -55.25 32.77
N GLU B 818 -30.24 -55.01 34.08
CA GLU B 818 -31.37 -54.51 34.87
C GLU B 818 -30.91 -53.78 36.15
N ARG B 819 -31.82 -53.01 36.78
CA ARG B 819 -31.49 -52.26 38.01
C ARG B 819 -32.72 -51.69 38.72
N GLU B 820 -32.56 -51.33 39.99
CA GLU B 820 -33.67 -50.88 40.85
C GLU B 820 -34.00 -49.38 40.72
N LEU B 821 -35.16 -49.09 40.15
CA LEU B 821 -35.51 -47.70 39.85
C LEU B 821 -36.52 -47.10 40.82
N TYR B 822 -36.21 -45.94 41.36
CA TYR B 822 -37.23 -45.20 42.07
C TYR B 822 -37.62 -43.92 41.32
N LEU B 823 -38.90 -43.79 40.99
CA LEU B 823 -39.47 -42.55 40.45
C LEU B 823 -39.97 -41.70 41.62
N PRO B 824 -39.59 -40.40 41.67
CA PRO B 824 -40.02 -39.48 42.72
C PRO B 824 -41.49 -39.04 42.66
N VAL B 825 -42.19 -39.24 43.78
CA VAL B 825 -43.64 -39.10 43.90
C VAL B 825 -44.22 -37.73 43.60
N LEU B 826 -45.56 -37.66 43.58
CA LEU B 826 -46.33 -36.44 43.35
C LEU B 826 -45.96 -35.73 42.05
N THR B 827 -45.58 -36.52 41.05
CA THR B 827 -45.50 -36.10 39.64
C THR B 827 -45.55 -37.34 38.77
N GLN B 828 -45.58 -37.16 37.45
CA GLN B 828 -45.57 -38.27 36.51
C GLN B 828 -44.33 -38.21 35.60
N TRP B 829 -43.94 -39.35 35.03
CA TRP B 829 -42.69 -39.45 34.32
C TRP B 829 -42.87 -40.10 32.96
N TYR B 830 -42.00 -39.77 32.02
CA TYR B 830 -42.01 -40.45 30.73
C TYR B 830 -40.67 -41.10 30.47
N LYS B 831 -40.69 -42.29 29.90
CA LYS B 831 -39.44 -42.94 29.55
C LYS B 831 -38.85 -42.20 28.37
N PHE B 832 -37.62 -41.71 28.51
CA PHE B 832 -36.94 -40.97 27.45
C PHE B 832 -35.54 -41.54 27.21
N GLY B 833 -34.67 -40.75 26.59
CA GLY B 833 -33.39 -41.25 26.08
C GLY B 833 -33.31 -40.91 24.59
N PRO B 834 -32.17 -41.25 23.94
CA PRO B 834 -31.86 -40.97 22.52
C PRO B 834 -32.84 -41.46 21.44
N ASP B 835 -33.45 -42.64 21.62
CA ASP B 835 -34.39 -43.19 20.61
C ASP B 835 -35.72 -42.42 20.55
N PHE B 836 -36.12 -41.88 21.70
CA PHE B 836 -37.42 -41.26 21.83
C PHE B 836 -37.58 -39.92 21.12
N ASP B 837 -36.61 -39.53 20.30
CA ASP B 837 -36.72 -38.30 19.51
C ASP B 837 -37.39 -38.57 18.19
N THR B 838 -37.47 -39.84 17.82
CA THR B 838 -38.01 -40.25 16.51
C THR B 838 -39.04 -41.37 16.63
N LYS B 839 -39.72 -41.42 17.78
CA LYS B 839 -40.92 -42.24 17.98
C LYS B 839 -41.81 -41.56 19.06
N PRO B 840 -43.02 -42.12 19.31
CA PRO B 840 -43.88 -41.49 20.34
C PRO B 840 -43.65 -42.03 21.75
N LEU B 841 -43.73 -41.14 22.74
CA LEU B 841 -43.51 -41.52 24.13
C LEU B 841 -44.35 -42.74 24.50
N GLU B 842 -43.83 -43.57 25.40
CA GLU B 842 -44.60 -44.68 25.96
C GLU B 842 -45.52 -44.09 27.03
N GLY B 843 -46.43 -44.88 27.58
CA GLY B 843 -47.41 -44.34 28.53
C GLY B 843 -46.79 -43.69 29.76
N ALA B 844 -47.55 -42.78 30.37
CA ALA B 844 -47.13 -42.11 31.60
C ALA B 844 -46.75 -43.11 32.67
N MET B 845 -45.84 -42.71 33.56
CA MET B 845 -45.22 -43.62 34.52
C MET B 845 -45.32 -43.00 35.92
N ASN B 846 -46.16 -43.58 36.79
CA ASN B 846 -46.47 -43.00 38.10
C ASN B 846 -45.26 -42.74 39.03
N GLY B 847 -45.23 -41.55 39.62
CA GLY B 847 -44.23 -41.23 40.66
C GLY B 847 -44.41 -42.12 41.86
N GLY B 848 -43.47 -42.04 42.80
CA GLY B 848 -43.55 -42.83 44.02
C GLY B 848 -43.36 -44.33 43.86
N ASP B 849 -43.29 -44.80 42.62
CA ASP B 849 -43.16 -46.23 42.37
C ASP B 849 -41.72 -46.74 42.43
N ARG B 850 -41.51 -47.84 43.14
CA ARG B 850 -40.23 -48.55 43.18
C ARG B 850 -40.33 -49.77 42.30
N ILE B 851 -39.44 -49.85 41.31
CA ILE B 851 -39.47 -50.94 40.35
C ILE B 851 -38.20 -51.74 40.46
N TYR B 852 -38.32 -52.98 40.94
CA TYR B 852 -37.16 -53.86 41.12
C TYR B 852 -36.84 -54.47 39.77
N ASN B 853 -35.60 -54.88 39.57
CA ASN B 853 -35.26 -55.52 38.30
C ASN B 853 -35.74 -54.76 37.06
N TYR B 854 -35.72 -53.42 37.10
CA TYR B 854 -36.16 -52.62 35.96
C TYR B 854 -35.25 -52.90 34.77
N PRO B 855 -35.84 -53.36 33.64
CA PRO B 855 -35.05 -53.77 32.48
C PRO B 855 -34.28 -52.64 31.79
N VAL B 856 -32.98 -52.84 31.59
CA VAL B 856 -32.11 -51.85 30.98
C VAL B 856 -31.07 -52.55 30.09
N PRO B 857 -31.46 -52.87 28.84
CA PRO B 857 -30.49 -53.46 27.93
C PRO B 857 -29.34 -52.51 27.76
N GLN B 858 -28.22 -53.01 27.26
CA GLN B 858 -27.00 -52.20 27.13
C GLN B 858 -27.26 -50.94 26.35
N SER B 859 -28.06 -51.05 25.30
CA SER B 859 -28.29 -49.92 24.40
C SER B 859 -29.12 -48.79 25.02
N GLU B 860 -29.53 -48.95 26.27
CA GLU B 860 -30.36 -47.96 26.91
C GLU B 860 -29.78 -47.47 28.23
N SER B 861 -30.42 -46.44 28.77
CA SER B 861 -30.17 -46.01 30.14
C SER B 861 -31.39 -45.23 30.63
N PRO B 862 -31.77 -45.44 31.90
CA PRO B 862 -32.94 -44.75 32.47
C PRO B 862 -32.74 -43.24 32.51
N ILE B 863 -33.56 -42.52 31.74
CA ILE B 863 -33.50 -41.06 31.65
C ILE B 863 -34.92 -40.60 31.37
N PHE B 864 -35.64 -40.15 32.41
CA PHE B 864 -37.07 -39.84 32.22
C PHE B 864 -37.29 -38.35 32.27
N VAL B 865 -38.30 -37.90 31.54
CA VAL B 865 -38.68 -36.50 31.55
C VAL B 865 -40.02 -36.29 32.27
N ARG B 866 -40.05 -35.25 33.08
CA ARG B 866 -41.18 -34.96 33.94
C ARG B 866 -42.31 -34.35 33.15
N GLU B 867 -43.52 -34.62 33.59
CA GLU B 867 -44.66 -34.00 32.96
C GLU B 867 -44.57 -32.51 33.25
N GLY B 868 -45.12 -31.71 32.37
CA GLY B 868 -45.18 -30.28 32.57
C GLY B 868 -43.86 -29.65 32.22
N ALA B 869 -43.22 -30.18 31.17
CA ALA B 869 -41.90 -29.69 30.78
C ALA B 869 -41.86 -29.11 29.36
N ILE B 870 -41.08 -28.05 29.21
CA ILE B 870 -40.75 -27.56 27.90
C ILE B 870 -39.23 -27.38 27.88
N LEU B 871 -38.60 -28.08 26.93
CA LEU B 871 -37.16 -28.20 26.87
C LEU B 871 -36.63 -27.66 25.56
N PRO B 872 -35.78 -26.64 25.65
CA PRO B 872 -35.13 -26.13 24.45
C PRO B 872 -34.32 -27.27 23.86
N THR B 873 -34.16 -27.28 22.55
CA THR B 873 -33.61 -28.43 21.81
C THR B 873 -32.98 -27.93 20.53
N ARG B 874 -31.90 -28.56 20.06
CA ARG B 874 -31.27 -28.13 18.82
C ARG B 874 -30.98 -29.30 17.91
N TYR B 875 -31.20 -29.10 16.62
CA TYR B 875 -30.81 -30.04 15.57
C TYR B 875 -30.03 -29.26 14.53
N THR B 876 -29.40 -29.97 13.61
CA THR B 876 -28.67 -29.31 12.52
C THR B 876 -29.46 -29.32 11.23
N LEU B 877 -29.54 -28.15 10.60
CA LEU B 877 -30.25 -27.94 9.35
C LEU B 877 -30.17 -29.08 8.32
N ASN B 878 -29.01 -29.72 8.19
CA ASN B 878 -28.78 -30.67 7.09
C ASN B 878 -28.47 -32.06 7.59
N GLY B 879 -29.10 -32.44 8.69
CA GLY B 879 -29.00 -33.81 9.19
C GLY B 879 -27.59 -34.35 9.19
N GLU B 880 -26.74 -33.70 9.97
CA GLU B 880 -25.34 -34.08 10.05
C GLU B 880 -24.77 -33.62 11.40
N ASN B 881 -24.19 -34.55 12.14
CA ASN B 881 -23.59 -34.27 13.42
C ASN B 881 -22.37 -33.38 13.29
N LYS B 882 -22.44 -32.18 13.84
CA LYS B 882 -21.26 -31.31 13.88
C LYS B 882 -20.91 -30.95 15.30
N SER B 883 -19.91 -30.10 15.44
CA SER B 883 -19.45 -29.65 16.72
C SER B 883 -20.42 -28.58 17.20
N LEU B 884 -20.67 -28.54 18.51
CA LEU B 884 -21.52 -27.52 19.12
C LEU B 884 -21.12 -26.12 18.69
N ASN B 885 -19.82 -25.92 18.46
CA ASN B 885 -19.29 -24.60 18.21
C ASN B 885 -19.39 -24.19 16.76
N THR B 886 -19.97 -25.04 15.92
CA THR B 886 -20.18 -24.68 14.51
C THR B 886 -21.66 -24.57 14.15
N TYR B 887 -22.52 -24.69 15.16
CA TYR B 887 -23.92 -24.33 15.03
C TYR B 887 -24.07 -22.81 14.84
N THR B 888 -25.07 -22.41 14.06
CA THR B 888 -25.52 -21.01 14.04
C THR B 888 -27.02 -21.03 14.33
N ASP B 889 -27.62 -19.84 14.42
CA ASP B 889 -29.03 -19.74 14.69
C ASP B 889 -29.90 -20.31 13.58
N GLU B 890 -29.28 -20.59 12.45
CA GLU B 890 -29.98 -21.22 11.32
C GLU B 890 -30.24 -22.68 11.66
N ASP B 891 -29.63 -23.13 12.74
CA ASP B 891 -29.76 -24.49 13.19
C ASP B 891 -30.85 -24.48 14.24
N PRO B 892 -31.94 -25.19 13.95
CA PRO B 892 -33.23 -25.16 14.61
C PRO B 892 -33.21 -25.24 16.14
N LEU B 893 -33.77 -24.21 16.77
CA LEU B 893 -34.16 -24.25 18.19
C LEU B 893 -35.61 -24.67 18.27
N VAL B 894 -35.85 -25.82 18.87
CA VAL B 894 -37.19 -26.38 19.00
C VAL B 894 -37.52 -26.41 20.49
N PHE B 895 -38.72 -25.98 20.87
CA PHE B 895 -39.16 -26.16 22.27
C PHE B 895 -40.07 -27.37 22.38
N GLU B 896 -39.58 -28.42 23.02
CA GLU B 896 -40.34 -29.67 23.09
C GLU B 896 -41.25 -29.72 24.31
N VAL B 897 -42.50 -29.31 24.12
CA VAL B 897 -43.56 -29.48 25.13
C VAL B 897 -43.82 -30.95 25.33
N PHE B 898 -43.63 -31.44 26.54
CA PHE B 898 -43.98 -32.81 26.90
C PHE B 898 -45.38 -32.83 27.46
N PRO B 899 -45.93 -34.02 27.75
CA PRO B 899 -47.30 -33.95 28.20
C PRO B 899 -47.42 -33.11 29.46
N LEU B 900 -48.48 -32.33 29.52
CA LEU B 900 -48.73 -31.42 30.61
C LEU B 900 -48.89 -32.11 31.96
N GLY B 901 -48.51 -31.38 33.00
CA GLY B 901 -48.82 -31.75 34.36
C GLY B 901 -49.66 -30.65 34.99
N ASN B 902 -50.84 -31.02 35.49
CA ASN B 902 -51.83 -30.08 36.01
C ASN B 902 -52.20 -29.03 34.94
N ASN B 903 -52.46 -29.52 33.72
CA ASN B 903 -52.75 -28.70 32.54
C ASN B 903 -51.79 -27.54 32.34
N ARG B 904 -50.55 -27.79 32.72
CA ARG B 904 -49.52 -26.79 32.89
C ARG B 904 -48.23 -27.38 32.31
N ALA B 905 -47.38 -26.51 31.77
CA ALA B 905 -46.03 -26.89 31.35
C ALA B 905 -45.18 -25.64 31.15
N ASP B 906 -43.98 -25.65 31.70
CA ASP B 906 -43.15 -24.45 31.71
C ASP B 906 -41.76 -24.78 31.13
N GLY B 907 -41.06 -23.76 30.61
CA GLY B 907 -39.70 -23.95 30.09
C GLY B 907 -38.89 -22.66 30.09
N MET B 908 -37.56 -22.78 30.05
CA MET B 908 -36.66 -21.61 30.00
C MET B 908 -35.43 -21.93 29.11
N CYS B 909 -34.94 -20.91 28.40
CA CYS B 909 -33.79 -21.10 27.49
C CYS B 909 -32.91 -19.85 27.40
N TYR B 910 -31.70 -19.95 27.93
CA TYR B 910 -30.72 -18.91 27.77
C TYR B 910 -30.27 -18.86 26.30
N LEU B 911 -30.06 -17.65 25.79
CA LEU B 911 -29.54 -17.46 24.43
C LEU B 911 -28.43 -16.42 24.44
N ASP B 912 -27.25 -16.80 23.96
CA ASP B 912 -26.24 -15.83 23.54
C ASP B 912 -25.53 -16.30 22.27
N ASP B 913 -24.42 -15.66 21.94
CA ASP B 913 -23.71 -16.00 20.73
C ASP B 913 -22.67 -17.10 20.96
N GLY B 914 -22.70 -17.71 22.14
CA GLY B 914 -21.90 -18.90 22.42
C GLY B 914 -20.54 -18.64 23.01
N GLY B 915 -20.16 -17.37 23.08
CA GLY B 915 -18.85 -17.05 23.61
C GLY B 915 -17.92 -16.66 22.49
N VAL B 916 -18.49 -16.60 21.29
CA VAL B 916 -17.87 -15.93 20.16
C VAL B 916 -17.48 -14.55 20.66
N THR B 917 -18.34 -13.97 21.50
CA THR B 917 -18.06 -12.70 22.21
C THR B 917 -18.50 -12.65 23.70
N THR B 918 -17.76 -11.89 24.49
CA THR B 918 -18.04 -11.70 25.92
C THR B 918 -18.95 -10.52 26.16
N ASN B 919 -19.83 -10.24 25.21
CA ASN B 919 -20.78 -9.15 25.38
C ASN B 919 -21.94 -9.55 26.28
N ALA B 920 -22.25 -10.85 26.30
CA ALA B 920 -23.27 -11.35 27.21
C ALA B 920 -22.91 -10.96 28.63
N GLU B 921 -21.72 -11.34 29.07
CA GLU B 921 -21.29 -11.07 30.44
C GLU B 921 -20.72 -9.65 30.68
N ASP B 922 -20.16 -9.04 29.62
CA ASP B 922 -19.46 -7.75 29.73
C ASP B 922 -20.41 -6.58 29.64
N ASN B 923 -21.58 -6.82 29.05
CA ASN B 923 -22.66 -5.81 28.98
C ASN B 923 -24.05 -6.39 28.63
N GLY B 924 -24.42 -7.46 29.32
CA GLY B 924 -25.80 -7.93 29.32
C GLY B 924 -26.39 -8.27 27.98
N LYS B 925 -25.54 -8.58 27.02
CA LYS B 925 -25.98 -8.97 25.69
C LYS B 925 -26.39 -10.43 25.61
N PHE B 926 -27.32 -10.82 26.47
CA PHE B 926 -27.84 -12.16 26.42
C PHE B 926 -29.34 -12.07 26.45
N SER B 927 -30.00 -13.22 26.30
CA SER B 927 -31.43 -13.30 26.45
C SER B 927 -31.86 -14.49 27.29
N VAL B 928 -32.94 -14.29 28.04
CA VAL B 928 -33.55 -15.38 28.78
C VAL B 928 -34.98 -15.52 28.30
N VAL B 929 -35.22 -16.56 27.53
CA VAL B 929 -36.55 -16.85 27.05
C VAL B 929 -37.31 -17.69 28.07
N LYS B 930 -38.54 -17.27 28.32
CA LYS B 930 -39.45 -17.99 29.20
C LYS B 930 -40.64 -18.43 28.35
N VAL B 931 -41.16 -19.61 28.61
CA VAL B 931 -42.31 -20.09 27.87
C VAL B 931 -43.23 -20.89 28.81
N ALA B 932 -44.53 -20.68 28.64
CA ALA B 932 -45.53 -21.33 29.49
C ALA B 932 -46.63 -21.93 28.61
N ALA B 933 -47.34 -22.91 29.13
CA ALA B 933 -48.34 -23.61 28.34
C ALA B 933 -49.49 -24.06 29.25
N GLU B 934 -50.70 -23.71 28.83
CA GLU B 934 -51.91 -23.99 29.60
C GLU B 934 -52.99 -24.63 28.74
N GLN B 935 -53.64 -25.66 29.27
CA GLN B 935 -54.81 -26.26 28.62
C GLN B 935 -56.06 -25.81 29.37
N ASP B 936 -56.98 -25.17 28.65
CA ASP B 936 -58.26 -24.80 29.22
C ASP B 936 -59.36 -25.44 28.36
N GLY B 937 -59.84 -26.61 28.79
CA GLY B 937 -60.82 -27.35 27.99
C GLY B 937 -60.34 -27.69 26.59
N GLY B 938 -60.84 -26.97 25.58
CA GLY B 938 -60.52 -27.27 24.19
C GLY B 938 -59.38 -26.47 23.58
N THR B 939 -58.91 -25.46 24.32
CA THR B 939 -57.86 -24.55 23.88
C THR B 939 -56.55 -24.86 24.57
N GLU B 940 -55.46 -24.85 23.80
CA GLU B 940 -54.10 -24.97 24.34
C GLU B 940 -53.34 -23.69 23.99
N THR B 941 -52.70 -23.07 24.98
CA THR B 941 -52.12 -21.74 24.80
C THR B 941 -50.70 -21.65 25.28
N ILE B 942 -49.77 -21.51 24.35
CA ILE B 942 -48.36 -21.37 24.65
C ILE B 942 -47.95 -19.88 24.60
N THR B 943 -47.52 -19.35 25.74
CA THR B 943 -47.14 -17.95 25.84
C THR B 943 -45.61 -17.75 25.98
N PHE B 944 -44.97 -17.28 24.93
CA PHE B 944 -43.60 -16.84 25.04
C PHE B 944 -43.62 -15.47 25.67
N THR B 945 -43.00 -15.35 26.84
CA THR B 945 -42.59 -14.04 27.36
C THR B 945 -41.09 -14.11 27.64
N ASN B 946 -40.51 -13.07 28.26
CA ASN B 946 -39.08 -13.16 28.62
C ASN B 946 -38.64 -12.45 29.94
N ASP B 947 -37.35 -12.53 30.25
CA ASP B 947 -36.74 -11.81 31.38
C ASP B 947 -35.95 -10.69 30.72
N CYS B 948 -35.34 -11.02 29.60
CA CYS B 948 -34.77 -10.00 28.73
C CYS B 948 -34.58 -10.57 27.34
N TYR B 949 -33.99 -9.77 26.47
CA TYR B 949 -33.85 -10.13 25.08
C TYR B 949 -32.91 -9.13 24.40
N GLU B 950 -31.67 -9.12 24.89
CA GLU B 950 -30.62 -8.26 24.39
C GLU B 950 -29.81 -8.94 23.28
N TYR B 951 -30.25 -10.16 22.95
CA TYR B 951 -29.67 -10.95 21.87
C TYR B 951 -30.80 -11.52 20.99
N VAL B 952 -30.76 -11.16 19.71
CA VAL B 952 -31.78 -11.55 18.73
C VAL B 952 -31.38 -12.84 18.03
N PHE B 953 -32.18 -13.88 18.21
CA PHE B 953 -31.96 -15.16 17.58
C PHE B 953 -32.23 -14.97 16.11
N GLY B 954 -31.19 -15.12 15.29
CA GLY B 954 -31.26 -14.81 13.87
C GLY B 954 -31.71 -15.97 13.01
N GLY B 955 -32.56 -16.83 13.56
CA GLY B 955 -33.18 -17.90 12.80
C GLY B 955 -34.59 -18.17 13.28
N PRO B 956 -35.30 -19.07 12.58
CA PRO B 956 -36.64 -19.51 12.97
C PRO B 956 -36.64 -20.52 14.11
N PHE B 957 -37.63 -20.45 14.99
CA PHE B 957 -37.72 -21.38 16.09
C PHE B 957 -39.04 -22.12 16.04
N TYR B 958 -39.01 -23.38 16.45
CA TYR B 958 -40.19 -24.19 16.39
C TYR B 958 -40.71 -24.44 17.79
N VAL B 959 -41.94 -24.94 17.85
CA VAL B 959 -42.52 -25.50 19.06
C VAL B 959 -43.06 -26.86 18.70
N ARG B 960 -42.69 -27.87 19.47
CA ARG B 960 -43.06 -29.24 19.18
C ARG B 960 -43.98 -29.70 20.29
N VAL B 961 -45.20 -30.08 19.96
CA VAL B 961 -46.19 -30.39 21.00
C VAL B 961 -46.46 -31.89 21.14
N ARG B 962 -46.04 -32.47 22.26
CA ARG B 962 -46.20 -33.90 22.50
C ARG B 962 -47.63 -34.29 22.88
N GLY B 963 -48.18 -35.27 22.17
CA GLY B 963 -49.54 -35.77 22.45
C GLY B 963 -50.64 -34.88 21.89
N ALA B 964 -50.37 -34.23 20.78
CA ALA B 964 -51.36 -33.41 20.09
C ALA B 964 -51.22 -33.70 18.61
N GLN B 965 -52.32 -33.68 17.87
CA GLN B 965 -52.21 -33.89 16.42
C GLN B 965 -52.80 -32.74 15.61
N SER B 966 -53.67 -33.07 14.65
CA SER B 966 -54.16 -32.08 13.71
C SER B 966 -55.11 -31.08 14.36
N PRO B 967 -54.73 -29.79 14.36
CA PRO B 967 -55.57 -28.72 14.93
C PRO B 967 -56.60 -28.26 13.90
N SER B 968 -57.61 -27.52 14.33
CA SER B 968 -58.49 -26.92 13.34
C SER B 968 -58.16 -25.47 13.11
N ASN B 969 -57.12 -24.98 13.77
CA ASN B 969 -56.60 -23.64 13.50
C ASN B 969 -55.60 -23.26 14.60
N ILE B 970 -54.62 -22.44 14.24
CA ILE B 970 -53.64 -21.97 15.22
C ILE B 970 -53.40 -20.48 15.01
N HIS B 971 -53.59 -19.68 16.05
CA HIS B 971 -53.34 -18.26 15.93
C HIS B 971 -51.98 -17.93 16.54
N VAL B 972 -51.43 -16.79 16.17
CA VAL B 972 -50.14 -16.34 16.69
C VAL B 972 -50.23 -14.84 16.91
N SER B 973 -49.74 -14.40 18.06
CA SER B 973 -49.86 -13.00 18.46
C SER B 973 -48.54 -12.23 18.22
N SER B 974 -48.44 -11.04 18.83
CA SER B 974 -47.23 -10.22 18.78
C SER B 974 -47.50 -8.84 18.16
N GLY B 975 -47.19 -7.79 18.91
CA GLY B 975 -47.30 -6.44 18.38
C GLY B 975 -46.34 -6.30 17.21
N ALA B 976 -45.46 -7.28 17.10
CA ALA B 976 -44.53 -7.36 15.99
C ALA B 976 -45.01 -8.36 14.92
N GLY B 977 -46.24 -8.21 14.46
CA GLY B 977 -46.76 -9.05 13.39
C GLY B 977 -47.61 -10.19 13.90
N SER B 978 -48.86 -10.23 13.46
CA SER B 978 -49.84 -11.14 14.03
C SER B 978 -50.55 -11.87 12.90
N GLN B 979 -50.98 -13.12 13.14
CA GLN B 979 -51.50 -13.93 12.04
C GLN B 979 -51.84 -15.38 12.39
N ASP B 980 -52.60 -16.03 11.50
CA ASP B 980 -52.94 -17.45 11.56
C ASP B 980 -51.88 -18.35 10.91
N MET B 981 -51.83 -19.60 11.36
CA MET B 981 -50.90 -20.59 10.79
C MET B 981 -51.60 -21.45 9.74
N LYS B 982 -50.98 -21.59 8.58
CA LYS B 982 -51.46 -22.49 7.55
C LYS B 982 -50.82 -23.86 7.77
N VAL B 983 -51.52 -24.92 7.39
CA VAL B 983 -50.95 -26.26 7.42
C VAL B 983 -49.81 -26.27 6.42
N SER B 984 -48.75 -27.03 6.72
CA SER B 984 -47.58 -26.99 5.85
C SER B 984 -47.62 -28.07 4.78
N SER B 985 -47.18 -27.71 3.58
CA SER B 985 -47.15 -28.65 2.48
C SER B 985 -45.99 -29.61 2.66
N ALA B 986 -45.10 -29.32 3.61
CA ALA B 986 -43.96 -30.19 3.91
C ALA B 986 -44.45 -31.36 4.75
N THR B 987 -43.85 -32.53 4.55
CA THR B 987 -44.35 -33.78 5.12
C THR B 987 -43.30 -34.66 5.85
N SER B 988 -42.05 -34.22 5.90
CA SER B 988 -41.08 -34.81 6.79
C SER B 988 -40.34 -33.70 7.52
N ARG B 989 -39.68 -34.03 8.64
CA ARG B 989 -39.06 -33.03 9.48
C ARG B 989 -37.91 -32.34 8.77
N ALA B 990 -37.19 -33.08 7.94
CA ALA B 990 -36.10 -32.47 7.18
C ALA B 990 -36.68 -31.41 6.26
N ALA B 991 -37.82 -31.74 5.65
CA ALA B 991 -38.51 -30.84 4.74
C ALA B 991 -39.03 -29.62 5.49
N LEU B 992 -39.37 -29.78 6.76
CA LEU B 992 -39.93 -28.66 7.51
C LEU B 992 -38.84 -27.63 7.85
N PHE B 993 -37.64 -28.12 8.10
CA PHE B 993 -36.51 -27.27 8.42
C PHE B 993 -36.04 -26.47 7.20
N ASN B 994 -35.81 -27.19 6.10
CA ASN B 994 -35.17 -26.64 4.90
C ASN B 994 -36.14 -25.97 3.93
N ASP B 995 -37.35 -26.52 3.86
CA ASP B 995 -38.34 -26.09 2.86
C ASP B 995 -39.56 -25.37 3.43
N GLY B 996 -40.05 -25.79 4.59
CA GLY B 996 -41.23 -25.17 5.23
C GLY B 996 -41.12 -23.68 5.50
N GLU B 997 -42.22 -22.95 5.29
CA GLU B 997 -42.25 -21.52 5.53
C GLU B 997 -42.61 -21.13 6.96
N ASN B 998 -42.24 -19.90 7.33
CA ASN B 998 -42.67 -19.30 8.58
C ASN B 998 -44.19 -19.33 8.68
N GLY B 999 -44.70 -19.71 9.84
CA GLY B 999 -46.14 -19.76 10.04
C GLY B 999 -46.75 -21.10 9.70
N ASP B 1000 -45.94 -22.04 9.25
CA ASP B 1000 -46.44 -23.38 8.91
C ASP B 1000 -46.61 -24.22 10.17
N PHE B 1001 -47.29 -25.36 10.03
CA PHE B 1001 -47.21 -26.39 11.05
C PHE B 1001 -47.21 -27.76 10.37
N TRP B 1002 -46.53 -28.72 10.98
CA TRP B 1002 -46.39 -30.05 10.39
C TRP B 1002 -47.02 -31.05 11.31
N VAL B 1003 -47.93 -31.84 10.74
CA VAL B 1003 -48.54 -32.92 11.49
C VAL B 1003 -47.64 -34.15 11.39
N ASP B 1004 -46.96 -34.42 12.49
CA ASP B 1004 -45.97 -35.47 12.58
C ASP B 1004 -46.62 -36.75 13.12
N GLN B 1005 -47.24 -37.50 12.22
CA GLN B 1005 -47.95 -38.70 12.63
C GLN B 1005 -46.98 -39.72 13.18
N GLU B 1006 -45.78 -39.74 12.61
CA GLU B 1006 -44.75 -40.70 12.97
C GLU B 1006 -44.35 -40.60 14.44
N THR B 1007 -44.45 -39.38 15.02
CA THR B 1007 -43.99 -39.19 16.41
C THR B 1007 -45.07 -38.60 17.34
N ASP B 1008 -46.31 -38.58 16.89
CA ASP B 1008 -47.41 -38.03 17.69
C ASP B 1008 -47.01 -36.65 18.21
N SER B 1009 -46.28 -35.91 17.39
CA SER B 1009 -45.94 -34.52 17.67
C SER B 1009 -46.65 -33.63 16.66
N LEU B 1010 -46.67 -32.32 16.95
CA LEU B 1010 -47.20 -31.29 16.07
C LEU B 1010 -46.23 -30.10 16.08
N TRP B 1011 -45.44 -29.97 15.01
CA TRP B 1011 -44.39 -28.96 14.97
C TRP B 1011 -44.94 -27.65 14.43
N LEU B 1012 -44.53 -26.53 15.02
CA LEU B 1012 -44.98 -25.21 14.59
C LEU B 1012 -43.77 -24.37 14.21
N LYS B 1013 -43.70 -23.91 12.95
CA LYS B 1013 -42.56 -23.10 12.54
C LYS B 1013 -42.89 -21.60 12.64
N LEU B 1014 -41.97 -20.80 13.17
CA LEU B 1014 -42.29 -19.44 13.57
C LEU B 1014 -41.15 -18.47 13.38
N PRO B 1015 -41.47 -17.26 12.89
CA PRO B 1015 -40.51 -16.17 12.64
C PRO B 1015 -39.66 -15.83 13.86
N ASN B 1016 -38.42 -15.43 13.63
CA ASN B 1016 -37.56 -15.04 14.74
C ASN B 1016 -38.14 -13.87 15.52
N VAL B 1017 -38.87 -13.01 14.82
CA VAL B 1017 -39.36 -11.75 15.39
C VAL B 1017 -40.50 -11.92 16.40
N VAL B 1018 -41.01 -13.15 16.54
CA VAL B 1018 -42.06 -13.43 17.53
C VAL B 1018 -41.53 -14.04 18.84
N LEU B 1019 -40.30 -14.55 18.82
CA LEU B 1019 -39.71 -15.16 20.02
C LEU B 1019 -40.11 -14.48 21.35
N PRO B 1020 -39.99 -13.14 21.42
CA PRO B 1020 -40.12 -12.42 22.69
C PRO B 1020 -41.54 -12.32 23.27
N ASP B 1021 -42.54 -12.09 22.44
CA ASP B 1021 -43.89 -11.84 22.95
C ASP B 1021 -44.97 -12.76 22.35
N ALA B 1022 -44.56 -13.74 21.55
CA ALA B 1022 -45.53 -14.60 20.86
C ALA B 1022 -46.55 -15.26 21.79
N VAL B 1023 -47.83 -14.98 21.57
CA VAL B 1023 -48.87 -15.79 22.20
C VAL B 1023 -49.52 -16.70 21.15
N ILE B 1024 -49.14 -17.96 21.16
CA ILE B 1024 -49.76 -18.95 20.27
C ILE B 1024 -50.96 -19.66 20.91
N THR B 1025 -52.09 -19.67 20.20
CA THR B 1025 -53.30 -20.27 20.77
C THR B 1025 -53.92 -21.33 19.87
N ILE B 1026 -53.54 -22.58 20.10
CA ILE B 1026 -54.02 -23.74 19.37
C ILE B 1026 -55.45 -23.96 19.76
N THR B 1027 -56.22 -24.61 18.91
CA THR B 1027 -57.65 -24.58 19.08
C THR B 1027 -58.36 -25.71 18.37
N THR C 3 39.77 49.16 37.47
CA THR C 3 39.01 48.07 38.17
C THR C 3 38.97 46.76 37.36
N ASP C 4 39.22 46.84 36.05
CA ASP C 4 39.17 45.70 35.09
C ASP C 4 39.72 44.34 35.54
N ASN C 5 38.90 43.29 35.36
CA ASN C 5 39.22 41.89 35.69
C ASN C 5 39.82 41.66 37.08
N PRO C 6 39.03 41.88 38.13
CA PRO C 6 39.46 41.86 39.53
C PRO C 6 39.92 40.51 40.06
N ASP C 7 39.35 39.41 39.55
CA ASP C 7 39.68 38.08 40.08
C ASP C 7 40.76 37.36 39.28
N GLY C 8 41.48 38.12 38.48
CA GLY C 8 42.66 37.64 37.76
C GLY C 8 42.39 36.43 36.90
N ILE C 9 41.21 36.40 36.28
CA ILE C 9 40.79 35.23 35.51
C ILE C 9 41.51 35.12 34.17
N ASP C 10 41.86 33.90 33.78
CA ASP C 10 42.32 33.63 32.43
C ASP C 10 41.16 33.03 31.62
N TYR C 11 40.63 33.83 30.69
CA TYR C 11 39.49 33.43 29.89
C TYR C 11 39.90 32.56 28.72
N LYS C 12 39.64 31.27 28.82
CA LYS C 12 40.09 30.31 27.81
C LYS C 12 39.06 30.15 26.70
N THR C 13 37.87 30.69 26.91
CA THR C 13 36.79 30.48 25.96
C THR C 13 36.15 31.78 25.52
N TYR C 14 35.73 31.84 24.26
CA TYR C 14 34.98 33.00 23.77
C TYR C 14 33.93 32.64 22.73
N ASP C 15 34.18 31.58 21.96
CA ASP C 15 33.23 31.15 20.93
C ASP C 15 32.16 30.31 21.56
N TYR C 16 30.98 30.33 20.95
CA TYR C 16 29.95 29.33 21.18
C TYR C 16 30.57 27.94 21.28
N VAL C 17 30.05 27.14 22.20
CA VAL C 17 30.38 25.73 22.27
C VAL C 17 29.09 24.94 22.42
N GLY C 18 28.65 24.29 21.34
CA GLY C 18 27.44 23.50 21.36
C GLY C 18 27.51 22.38 22.36
N VAL C 19 26.38 21.74 22.64
CA VAL C 19 26.32 20.68 23.64
C VAL C 19 27.25 19.53 23.30
N TRP C 20 27.68 19.48 22.04
CA TRP C 20 28.61 18.47 21.56
C TRP C 20 30.06 18.70 21.97
N GLY C 21 30.39 19.86 22.50
CA GLY C 21 31.79 20.14 22.82
C GLY C 21 31.99 20.56 24.26
N PHE C 22 31.04 20.11 25.09
CA PHE C 22 30.99 20.36 26.53
C PHE C 22 30.77 19.00 27.19
N SER C 23 31.74 18.57 27.98
CA SER C 23 31.86 17.16 28.26
C SER C 23 32.36 16.84 29.65
N PRO C 24 31.60 17.21 30.69
CA PRO C 24 31.96 16.95 32.07
C PRO C 24 32.18 15.47 32.39
N LEU C 25 31.26 14.61 31.94
CA LEU C 25 31.39 13.14 32.06
C LEU C 25 32.73 12.66 31.49
N SER C 26 33.32 13.48 30.63
CA SER C 26 34.66 13.32 30.11
C SER C 26 35.67 12.93 31.20
N ASN C 27 35.55 13.58 32.36
CA ASN C 27 36.52 13.47 33.47
C ASN C 27 37.85 14.20 33.35
N THR C 28 38.48 14.10 32.19
CA THR C 28 39.80 14.65 31.98
C THR C 28 39.84 16.14 32.27
N ASN C 29 40.81 16.55 33.09
CA ASN C 29 41.01 17.97 33.35
C ASN C 29 39.90 18.59 34.19
N TRP C 30 39.07 17.75 34.80
CA TRP C 30 38.00 18.25 35.65
C TRP C 30 38.28 17.95 37.14
N PHE C 31 38.06 18.94 37.98
CA PHE C 31 38.07 18.72 39.41
C PHE C 31 36.73 18.19 39.85
N ALA C 32 36.74 17.31 40.84
CA ALA C 32 35.50 16.98 41.53
C ALA C 32 35.73 16.72 43.05
N ALA C 33 34.68 16.87 43.84
CA ALA C 33 34.81 16.84 45.28
C ALA C 33 35.49 15.56 45.73
N GLY C 34 36.50 15.70 46.59
CA GLY C 34 37.26 14.55 47.06
C GLY C 34 37.05 14.25 48.52
N SER C 35 36.76 15.28 49.31
CA SER C 35 36.62 15.15 50.76
C SER C 35 36.44 16.51 51.40
N SER C 36 36.09 16.54 52.69
CA SER C 36 35.86 17.82 53.33
C SER C 36 36.17 17.89 54.83
N THR C 37 35.95 19.06 55.38
CA THR C 37 36.13 19.33 56.81
C THR C 37 35.09 20.37 57.12
N PRO C 38 34.32 20.14 58.20
CA PRO C 38 33.32 21.13 58.57
C PRO C 38 33.94 22.53 58.65
N GLY C 39 33.15 23.57 58.40
CA GLY C 39 33.65 24.94 58.29
C GLY C 39 32.70 25.98 58.89
N GLY C 40 31.85 25.51 59.80
CA GLY C 40 30.93 26.39 60.54
C GLY C 40 29.54 26.60 59.96
N ILE C 41 28.60 26.96 60.81
CA ILE C 41 27.29 27.34 60.38
C ILE C 41 26.89 28.63 61.10
N THR C 42 26.76 29.71 60.34
CA THR C 42 26.06 30.86 60.87
C THR C 42 24.80 30.97 60.04
N ASP C 43 23.69 31.31 60.67
CA ASP C 43 22.39 31.37 60.00
C ASP C 43 21.92 30.00 59.51
N TRP C 44 21.43 29.96 58.28
CA TRP C 44 20.97 28.73 57.67
C TRP C 44 21.95 28.33 56.55
N THR C 45 23.15 28.89 56.61
CA THR C 45 24.22 28.57 55.67
C THR C 45 25.34 27.88 56.40
N ALA C 46 25.74 26.72 55.88
CA ALA C 46 26.83 25.93 56.44
C ALA C 46 27.99 25.97 55.46
N THR C 47 29.22 25.86 55.93
CA THR C 47 30.34 25.78 54.99
C THR C 47 31.06 24.43 55.11
N MET C 48 31.35 23.81 53.98
CA MET C 48 32.24 22.66 53.95
C MET C 48 33.48 23.07 53.17
N ASN C 49 34.63 22.85 53.79
CA ASN C 49 35.89 23.12 53.11
C ASN C 49 36.23 21.88 52.33
N VAL C 50 35.81 21.87 51.08
CA VAL C 50 35.99 20.72 50.21
C VAL C 50 37.28 20.79 49.43
N ASN C 51 38.07 19.73 49.50
CA ASN C 51 39.21 19.59 48.63
C ASN C 51 38.78 18.97 47.31
N PHE C 52 38.95 19.71 46.23
CA PHE C 52 38.64 19.18 44.90
C PHE C 52 39.89 18.51 44.33
N ASP C 53 39.74 17.23 43.95
CA ASP C 53 40.82 16.48 43.33
C ASP C 53 40.56 16.39 41.83
N ARG C 54 41.61 16.39 41.01
CA ARG C 54 41.48 16.12 39.58
C ARG C 54 41.07 14.70 39.39
N ILE C 55 39.95 14.45 38.72
CA ILE C 55 39.45 13.07 38.58
C ILE C 55 40.40 12.12 37.83
N ASP C 56 41.37 12.68 37.14
CA ASP C 56 42.27 11.91 36.30
C ASP C 56 43.73 12.00 36.72
N ASN C 57 43.94 12.21 38.02
CA ASN C 57 45.26 12.38 38.60
C ASN C 57 45.01 12.99 39.96
N PRO C 58 44.29 12.26 40.83
CA PRO C 58 43.75 12.76 42.09
C PRO C 58 44.80 13.33 43.02
N SER C 59 46.04 12.93 42.76
CA SER C 59 47.20 13.55 43.35
C SER C 59 47.08 15.08 43.39
N ILE C 60 46.67 15.66 42.26
CA ILE C 60 46.49 17.11 42.15
C ILE C 60 45.19 17.58 42.75
N THR C 61 45.29 18.25 43.90
CA THR C 61 44.11 18.73 44.60
C THR C 61 44.25 20.22 44.91
N VAL C 62 43.13 20.91 44.95
CA VAL C 62 43.01 22.28 45.40
C VAL C 62 41.91 22.30 46.44
N GLN C 63 41.64 23.45 47.03
CA GLN C 63 40.65 23.55 48.10
C GLN C 63 39.76 24.78 47.92
N HIS C 64 38.49 24.66 48.30
CA HIS C 64 37.50 25.71 48.04
C HIS C 64 36.29 25.63 49.00
N PRO C 65 35.90 26.77 49.56
CA PRO C 65 34.74 26.70 50.43
C PRO C 65 33.46 26.48 49.62
N VAL C 66 32.65 25.51 50.05
CA VAL C 66 31.33 25.28 49.48
C VAL C 66 30.29 25.68 50.53
N GLN C 67 29.42 26.62 50.19
CA GLN C 67 28.26 26.90 51.03
C GLN C 67 27.11 25.92 50.76
N VAL C 68 26.40 25.54 51.81
CA VAL C 68 25.12 24.88 51.68
C VAL C 68 24.08 25.68 52.47
N GLN C 69 23.10 26.25 51.78
CA GLN C 69 22.06 27.03 52.41
C GLN C 69 20.66 26.37 52.31
N VAL C 70 19.96 26.25 53.42
CA VAL C 70 18.53 25.96 53.35
C VAL C 70 17.83 27.29 53.01
N THR C 71 17.23 27.38 51.83
CA THR C 71 16.62 28.63 51.38
C THR C 71 15.17 28.74 51.78
N SER C 72 14.51 27.60 51.96
CA SER C 72 13.13 27.56 52.43
C SER C 72 12.79 26.26 53.12
N TYR C 73 12.46 26.35 54.40
CA TYR C 73 12.07 25.19 55.17
C TYR C 73 10.63 24.81 54.87
N ASN C 74 9.77 25.81 54.74
CA ASN C 74 8.38 25.55 54.46
C ASN C 74 8.13 25.07 53.03
N ASN C 75 9.02 25.44 52.11
CA ASN C 75 8.82 25.09 50.70
C ASN C 75 9.90 24.16 50.19
N ASN C 76 10.64 23.58 51.12
CA ASN C 76 11.47 22.43 50.83
C ASN C 76 12.54 22.73 49.79
N SER C 77 13.28 23.81 49.99
CA SER C 77 14.34 24.15 49.04
C SER C 77 15.65 24.46 49.75
N TYR C 78 16.75 23.97 49.19
CA TYR C 78 18.10 24.43 49.57
C TYR C 78 18.92 25.00 48.38
N ARG C 79 20.24 25.09 48.57
CA ARG C 79 21.14 25.77 47.64
C ARG C 79 22.58 25.40 47.92
N VAL C 80 23.36 25.29 46.85
CA VAL C 80 24.79 25.01 46.97
C VAL C 80 25.56 25.94 46.04
N ARG C 81 26.56 26.61 46.60
CA ARG C 81 27.28 27.64 45.85
C ARG C 81 28.76 27.66 46.24
N PHE C 82 29.61 28.04 45.29
CA PHE C 82 31.02 28.25 45.54
C PHE C 82 31.69 28.96 44.36
N ASN C 83 32.90 29.42 44.59
CA ASN C 83 33.60 30.10 43.55
C ASN C 83 34.98 29.54 43.45
N PRO C 84 35.25 28.87 42.33
CA PRO C 84 36.57 28.31 42.14
C PRO C 84 37.57 29.38 41.73
N ASP C 85 37.10 30.61 41.55
CA ASP C 85 37.98 31.65 41.01
C ASP C 85 38.16 32.85 41.91
N GLY C 86 37.36 32.95 42.97
CA GLY C 86 37.41 34.10 43.84
C GLY C 86 36.54 33.87 45.06
N PRO C 87 36.38 34.91 45.89
CA PRO C 87 35.50 34.80 47.04
C PRO C 87 34.06 34.61 46.59
N ILE C 88 33.21 34.05 47.45
CA ILE C 88 31.83 33.84 47.09
C ILE C 88 31.13 35.20 47.13
N ARG C 89 30.44 35.55 46.05
CA ARG C 89 29.87 36.88 45.95
C ARG C 89 28.40 36.92 45.58
N ASP C 90 27.62 37.56 46.44
CA ASP C 90 26.20 37.79 46.21
C ASP C 90 26.06 38.73 45.04
N VAL C 91 25.17 38.40 44.11
CA VAL C 91 24.92 39.24 42.96
C VAL C 91 23.99 40.41 43.36
N THR C 92 24.02 41.47 42.59
CA THR C 92 23.24 42.65 42.92
C THR C 92 22.08 42.79 41.94
N ARG C 93 22.19 42.07 40.83
CA ARG C 93 21.12 41.93 39.87
C ARG C 93 20.99 40.45 39.46
N GLY C 94 19.75 39.99 39.36
CA GLY C 94 19.50 38.58 39.06
C GLY C 94 18.22 38.15 39.73
N PRO C 95 17.72 36.95 39.35
CA PRO C 95 16.44 36.41 39.82
C PRO C 95 16.39 36.23 41.32
N ILE C 96 17.38 35.57 41.88
CA ILE C 96 17.43 35.32 43.31
C ILE C 96 18.30 36.35 43.98
N LEU C 97 17.72 37.16 44.84
CA LEU C 97 18.45 38.21 45.54
C LEU C 97 18.57 37.90 47.02
N LYS C 98 19.67 38.37 47.63
CA LYS C 98 19.92 38.13 49.06
C LYS C 98 18.80 38.68 49.96
N GLN C 99 18.18 39.78 49.56
CA GLN C 99 17.24 40.45 50.42
C GLN C 99 15.94 39.67 50.43
N GLN C 100 15.71 38.88 49.38
CA GLN C 100 14.50 38.06 49.33
C GLN C 100 14.73 36.78 50.09
N LEU C 101 15.85 36.11 49.84
CA LEU C 101 16.22 34.96 50.65
C LEU C 101 16.18 35.32 52.14
N ASP C 102 16.73 36.48 52.50
CA ASP C 102 16.78 36.94 53.88
C ASP C 102 15.36 37.03 54.48
N TRP C 103 14.39 37.43 53.65
CA TRP C 103 13.03 37.64 54.07
C TRP C 103 12.36 36.33 54.36
N ILE C 104 12.54 35.38 53.44
CA ILE C 104 11.97 34.07 53.61
C ILE C 104 12.44 33.48 54.91
N ARG C 105 13.75 33.53 55.14
CA ARG C 105 14.32 32.96 56.34
C ARG C 105 13.78 33.66 57.57
N THR C 106 13.64 34.98 57.49
CA THR C 106 13.14 35.75 58.61
C THR C 106 11.74 35.31 58.96
N GLN C 107 10.83 35.32 57.99
CA GLN C 107 9.45 34.81 58.19
C GLN C 107 9.42 33.49 58.92
N GLU C 108 10.10 32.50 58.31
CA GLU C 108 10.02 31.14 58.77
C GLU C 108 10.62 31.02 60.15
N LEU C 109 11.63 31.84 60.43
CA LEU C 109 12.25 31.86 61.74
C LEU C 109 11.29 32.32 62.83
N SER C 110 10.46 33.32 62.54
CA SER C 110 9.48 33.74 63.53
C SER C 110 8.28 32.76 63.63
N GLU C 111 8.19 31.84 62.68
CA GLU C 111 7.22 30.72 62.72
C GLU C 111 7.76 29.55 63.54
N GLY C 112 9.08 29.53 63.71
CA GLY C 112 9.72 28.49 64.48
C GLY C 112 10.23 27.34 63.64
N CYS C 113 10.38 27.53 62.34
CA CYS C 113 11.03 26.53 61.50
C CYS C 113 12.48 26.33 61.92
N ASP C 114 12.89 25.06 62.03
CA ASP C 114 14.23 24.71 62.50
C ASP C 114 14.77 23.58 61.64
N PRO C 115 15.62 23.92 60.68
CA PRO C 115 16.26 22.96 59.80
C PRO C 115 17.15 22.02 60.59
N GLY C 116 17.51 22.43 61.80
CA GLY C 116 18.49 21.70 62.60
C GLY C 116 19.79 21.42 61.85
N MET C 117 20.30 22.42 61.12
CA MET C 117 21.57 22.27 60.42
C MET C 117 22.62 21.84 61.42
N THR C 118 23.35 20.79 61.05
CA THR C 118 24.24 20.14 61.98
C THR C 118 25.32 19.36 61.25
N PHE C 119 26.55 19.60 61.64
CA PHE C 119 27.64 18.70 61.32
C PHE C 119 27.67 17.59 62.34
N THR C 120 27.62 16.35 61.88
CA THR C 120 27.82 15.20 62.76
C THR C 120 29.30 15.14 63.12
N SER C 121 29.63 14.26 64.07
CA SER C 121 31.00 14.17 64.57
C SER C 121 31.93 13.82 63.42
N GLU C 122 31.39 13.05 62.48
CA GLU C 122 32.10 12.55 61.31
C GLU C 122 32.35 13.65 60.28
N GLY C 123 31.65 14.77 60.40
CA GLY C 123 31.86 15.88 59.47
C GLY C 123 30.79 15.97 58.42
N PHE C 124 29.81 15.07 58.51
CA PHE C 124 28.72 14.98 57.55
C PHE C 124 27.73 16.09 57.84
N LEU C 125 27.27 16.76 56.80
CA LEU C 125 26.29 17.82 56.98
C LEU C 125 24.88 17.26 56.83
N THR C 126 24.05 17.50 57.83
CA THR C 126 22.65 17.09 57.75
C THR C 126 21.71 18.23 58.09
N PHE C 127 20.55 18.21 57.44
CA PHE C 127 19.49 19.15 57.76
C PHE C 127 18.11 18.59 57.41
N GLU C 128 17.09 19.42 57.60
CA GLU C 128 15.71 19.02 57.40
C GLU C 128 14.91 20.19 56.90
N THR C 129 14.01 19.89 55.98
CA THR C 129 12.97 20.82 55.59
C THR C 129 11.60 20.24 55.99
N LYS C 130 10.54 21.00 55.81
CA LYS C 130 9.22 20.58 56.29
C LYS C 130 9.06 19.08 56.06
N ASP C 131 9.21 18.66 54.80
CA ASP C 131 8.88 17.31 54.36
C ASP C 131 10.08 16.43 54.09
N LEU C 132 11.24 17.02 53.89
CA LEU C 132 12.41 16.23 53.53
C LEU C 132 13.51 16.29 54.59
N SER C 133 14.49 15.43 54.43
CA SER C 133 15.70 15.55 55.20
C SER C 133 16.91 15.23 54.30
N VAL C 134 18.01 15.95 54.52
CA VAL C 134 19.18 15.84 53.65
C VAL C 134 20.41 15.38 54.42
N ILE C 135 21.27 14.60 53.76
CA ILE C 135 22.59 14.28 54.30
C ILE C 135 23.65 14.39 53.22
N ILE C 136 24.84 14.78 53.63
CA ILE C 136 25.94 15.03 52.70
C ILE C 136 27.24 14.54 53.32
N TYR C 137 27.90 13.59 52.68
CA TYR C 137 29.06 12.95 53.26
C TYR C 137 30.33 13.71 52.98
N GLY C 138 31.46 13.06 53.23
CA GLY C 138 32.77 13.70 53.15
C GLY C 138 33.08 14.29 51.80
N ASN C 139 32.85 13.53 50.73
CA ASN C 139 33.18 13.98 49.38
C ASN C 139 32.03 14.71 48.71
N PHE C 140 30.99 14.98 49.47
CA PHE C 140 29.79 15.66 48.95
C PHE C 140 28.76 14.75 48.30
N LYS C 141 28.95 13.44 48.41
CA LYS C 141 27.91 12.50 48.07
C LYS C 141 26.69 13.00 48.84
N THR C 142 25.54 13.09 48.19
CA THR C 142 24.41 13.76 48.79
C THR C 142 23.10 13.01 48.58
N ARG C 143 22.32 12.85 49.65
CA ARG C 143 21.01 12.22 49.54
C ARG C 143 19.86 13.01 50.16
N VAL C 144 19.00 13.56 49.30
CA VAL C 144 17.72 14.10 49.70
C VAL C 144 16.64 13.01 49.81
N THR C 145 16.05 12.90 51.00
CA THR C 145 15.08 11.87 51.33
C THR C 145 13.74 12.47 51.80
N ARG C 146 12.63 11.91 51.31
CA ARG C 146 11.29 12.29 51.77
C ARG C 146 11.04 11.67 53.13
N LYS C 147 10.41 12.40 54.04
CA LYS C 147 10.19 11.90 55.38
C LYS C 147 8.98 10.99 55.44
N SER C 148 7.88 11.40 54.79
CA SER C 148 6.64 10.64 54.90
C SER C 148 6.87 9.14 54.61
N ASP C 149 7.61 8.82 53.56
CA ASP C 149 7.77 7.42 53.17
C ASP C 149 9.22 7.00 53.01
N GLY C 150 10.13 7.75 53.60
CA GLY C 150 11.55 7.36 53.59
C GLY C 150 12.20 7.22 52.22
N LYS C 151 11.61 7.83 51.20
CA LYS C 151 12.04 7.59 49.84
C LYS C 151 13.10 8.58 49.37
N VAL C 152 14.21 8.04 48.85
CA VAL C 152 15.24 8.89 48.25
C VAL C 152 14.72 9.52 46.99
N ILE C 153 14.36 10.79 47.08
CA ILE C 153 13.81 11.45 45.91
C ILE C 153 14.90 12.05 45.03
N MET C 154 16.07 12.35 45.59
CA MET C 154 17.23 12.74 44.76
C MET C 154 18.62 12.50 45.33
N GLU C 155 19.52 12.08 44.44
CA GLU C 155 20.92 11.91 44.79
C GLU C 155 21.86 12.26 43.65
N ASN C 156 23.00 12.86 44.00
CA ASN C 156 24.02 13.22 43.03
C ASN C 156 24.98 12.06 42.70
N ASP C 157 25.92 12.31 41.79
CA ASP C 157 26.71 11.26 41.18
C ASP C 157 28.13 11.20 41.74
N GLU C 158 28.67 9.99 41.81
CA GLU C 158 30.05 9.74 42.19
C GLU C 158 30.72 8.99 41.04
N VAL C 159 31.90 9.46 40.63
CA VAL C 159 32.75 8.70 39.72
C VAL C 159 33.88 8.02 40.53
N GLY C 160 34.18 6.77 40.24
CA GLY C 160 35.22 6.06 40.97
C GLY C 160 36.55 6.29 40.30
N THR C 161 37.65 6.07 41.04
CA THR C 161 39.00 6.27 40.49
C THR C 161 39.84 5.01 40.61
N ALA C 162 41.05 5.05 40.05
CA ALA C 162 41.97 3.92 40.07
C ALA C 162 42.07 3.30 41.46
N SER C 163 42.27 4.14 42.48
CA SER C 163 42.44 3.66 43.84
C SER C 163 42.43 4.77 44.88
N SER C 164 42.04 5.98 44.47
CA SER C 164 42.01 7.12 45.39
C SER C 164 40.63 7.35 46.00
N GLY C 165 39.62 6.61 45.55
CA GLY C 165 38.28 6.76 46.10
C GLY C 165 37.32 7.48 45.16
N ASN C 166 36.05 7.48 45.50
CA ASN C 166 35.06 8.11 44.66
C ASN C 166 35.05 9.63 44.81
N LYS C 167 34.95 10.32 43.69
CA LYS C 167 34.86 11.76 43.70
C LYS C 167 33.44 12.19 43.30
N CYS C 168 32.85 13.05 44.12
CA CYS C 168 31.50 13.53 43.86
C CYS C 168 31.45 14.50 42.71
N ARG C 169 30.79 14.08 41.63
CA ARG C 169 30.66 14.90 40.45
C ARG C 169 29.47 15.79 40.58
N GLY C 170 28.93 15.90 41.80
CA GLY C 170 27.92 16.90 42.12
C GLY C 170 28.60 18.26 42.12
N LEU C 171 29.94 18.23 42.20
CA LEU C 171 30.73 19.46 42.21
C LEU C 171 31.90 19.32 41.23
N MET C 172 31.89 20.14 40.18
CA MET C 172 32.87 20.03 39.11
C MET C 172 33.25 21.38 38.52
N PHE C 173 34.52 21.51 38.17
CA PHE C 173 35.01 22.67 37.45
C PHE C 173 36.31 22.29 36.82
N VAL C 174 36.52 22.76 35.59
CA VAL C 174 37.74 22.46 34.85
C VAL C 174 38.95 23.08 35.52
N ASP C 175 40.02 22.30 35.56
CA ASP C 175 41.31 22.79 36.00
C ASP C 175 41.50 24.16 35.38
N ARG C 176 41.70 25.20 36.20
CA ARG C 176 41.82 26.56 35.66
C ARG C 176 43.03 26.74 34.73
N LEU C 177 43.91 25.74 34.67
CA LEU C 177 45.00 25.71 33.71
C LEU C 177 44.52 25.53 32.25
N TYR C 178 43.29 25.05 32.09
CA TYR C 178 42.74 24.64 30.79
C TYR C 178 41.33 25.22 30.53
N GLY C 179 40.64 25.67 31.58
CA GLY C 179 39.29 26.21 31.40
C GLY C 179 38.65 27.02 32.51
N ASN C 180 37.37 27.32 32.31
CA ASN C 180 36.59 28.16 33.19
C ASN C 180 35.23 27.55 33.48
N ALA C 181 34.94 26.40 32.88
CA ALA C 181 33.63 25.78 32.96
C ALA C 181 33.35 25.06 34.28
N ILE C 182 32.06 24.78 34.52
CA ILE C 182 31.56 24.12 35.72
C ILE C 182 30.44 23.15 35.38
N ALA C 183 30.19 22.18 36.28
CA ALA C 183 29.13 21.20 36.06
C ALA C 183 28.68 20.58 37.35
N SER C 184 27.49 20.00 37.34
CA SER C 184 26.94 19.27 38.49
C SER C 184 26.16 18.08 38.00
N VAL C 185 26.40 16.91 38.60
CA VAL C 185 25.77 15.66 38.14
C VAL C 185 24.89 14.95 39.16
N ASN C 186 23.68 14.63 38.73
CA ASN C 186 22.77 13.83 39.50
C ASN C 186 22.63 12.49 38.84
N LYS C 187 22.15 11.53 39.63
CA LYS C 187 21.67 10.29 39.06
C LYS C 187 20.34 10.60 38.44
N ASN C 188 20.14 9.95 37.30
CA ASN C 188 19.01 10.16 36.44
C ASN C 188 18.32 8.83 36.39
N PHE C 189 17.01 8.78 36.65
CA PHE C 189 16.30 7.50 36.75
C PHE C 189 15.26 7.36 35.65
N ARG C 190 15.50 8.03 34.54
CA ARG C 190 14.61 7.96 33.39
C ARG C 190 14.40 6.49 32.95
N ASN C 191 15.39 5.64 33.20
CA ASN C 191 15.29 4.23 32.79
C ASN C 191 14.78 3.28 33.88
N ASP C 192 14.71 3.73 35.14
CA ASP C 192 14.16 2.89 36.22
C ASP C 192 12.70 2.55 35.96
N ALA C 193 12.36 1.27 36.10
CA ALA C 193 11.06 0.73 35.64
C ALA C 193 9.86 1.34 36.37
N VAL C 194 9.99 1.50 37.67
CA VAL C 194 8.92 2.10 38.46
C VAL C 194 8.98 3.64 38.39
N LYS C 195 10.15 4.21 38.68
CA LYS C 195 10.29 5.65 38.67
C LYS C 195 9.94 6.29 37.32
N GLN C 196 10.55 5.80 36.23
CA GLN C 196 10.43 6.42 34.89
C GLN C 196 10.52 7.94 34.94
N GLU C 197 11.58 8.46 35.52
CA GLU C 197 11.75 9.90 35.60
C GLU C 197 11.68 10.60 34.25
N GLY C 198 10.93 11.70 34.19
CA GLY C 198 11.00 12.60 33.05
C GLY C 198 11.33 14.04 33.46
N PHE C 199 12.04 14.77 32.60
CA PHE C 199 12.43 16.15 32.89
C PHE C 199 11.62 17.15 32.10
N TYR C 200 11.34 18.30 32.71
CA TYR C 200 10.52 19.33 32.08
C TYR C 200 11.10 20.74 32.25
N GLY C 201 10.54 21.71 31.53
CA GLY C 201 10.96 23.09 31.69
C GLY C 201 11.93 23.59 30.63
N ALA C 202 12.95 24.34 31.08
CA ALA C 202 14.01 24.86 30.21
C ALA C 202 13.53 25.66 29.03
N GLY C 203 12.72 26.66 29.30
CA GLY C 203 12.45 27.70 28.33
C GLY C 203 11.72 27.24 27.09
N GLU C 204 12.23 27.68 25.94
CA GLU C 204 11.60 27.49 24.64
C GLU C 204 12.43 26.51 23.82
N VAL C 205 13.13 25.61 24.48
CA VAL C 205 13.93 24.68 23.71
C VAL C 205 12.89 23.94 22.92
N ASN C 206 13.15 23.66 21.65
CA ASN C 206 12.26 22.76 20.93
C ASN C 206 12.83 21.32 20.86
N CYS C 207 11.97 20.33 20.88
CA CYS C 207 12.42 18.96 20.68
C CYS C 207 11.43 18.22 19.82
N LYS C 208 11.95 17.61 18.76
CA LYS C 208 11.23 16.83 17.77
C LYS C 208 11.30 15.34 18.07
N TYR C 209 10.15 14.67 17.98
CA TYR C 209 10.10 13.23 18.06
C TYR C 209 9.36 12.69 16.86
N GLN C 210 10.10 12.03 15.98
CA GLN C 210 9.55 11.59 14.69
C GLN C 210 8.99 12.76 13.84
N ASP C 211 7.67 12.89 13.78
CA ASP C 211 7.07 13.99 13.03
C ASP C 211 6.71 15.16 13.94
N THR C 212 6.59 14.88 15.24
CA THR C 212 5.84 15.75 16.13
C THR C 212 6.70 16.33 17.22
N TYR C 213 6.61 17.65 17.39
CA TYR C 213 7.33 18.37 18.47
C TYR C 213 6.62 18.16 19.80
N ILE C 214 7.41 17.85 20.84
CA ILE C 214 6.89 17.39 22.13
C ILE C 214 7.19 18.34 23.31
N LEU C 215 6.77 17.95 24.50
CA LEU C 215 6.90 18.80 25.66
C LEU C 215 8.02 18.36 26.61
N GLU C 216 8.14 17.06 26.86
CA GLU C 216 9.17 16.54 27.76
C GLU C 216 10.59 16.82 27.23
N ARG C 217 11.57 16.85 28.12
CA ARG C 217 12.98 17.14 27.74
C ARG C 217 13.92 16.14 28.40
N THR C 218 13.71 14.88 28.09
CA THR C 218 14.42 13.78 28.71
C THR C 218 15.30 13.14 27.64
N GLY C 219 16.52 12.80 28.03
CA GLY C 219 17.48 12.14 27.14
C GLY C 219 17.92 13.09 26.07
N ILE C 220 18.11 14.35 26.46
CA ILE C 220 18.55 15.36 25.50
C ILE C 220 19.58 16.35 26.06
N ALA C 221 20.45 16.80 25.16
CA ALA C 221 21.48 17.76 25.49
C ALA C 221 21.02 19.14 25.04
N MET C 222 20.99 20.09 25.97
CA MET C 222 20.45 21.41 25.70
C MET C 222 21.44 22.48 26.10
N THR C 223 21.34 23.66 25.50
CA THR C 223 22.20 24.77 25.85
C THR C 223 21.39 26.04 26.06
N ASN C 224 21.99 27.05 26.66
CA ASN C 224 21.35 28.32 26.75
C ASN C 224 22.34 29.32 26.22
N TYR C 225 22.11 29.74 24.99
CA TYR C 225 22.99 30.67 24.32
C TYR C 225 22.14 31.72 23.61
N ASN C 226 21.53 32.63 24.37
CA ASN C 226 20.49 33.50 23.86
C ASN C 226 20.78 34.03 22.44
N TYR C 227 20.02 33.55 21.46
CA TYR C 227 20.35 33.78 20.07
C TYR C 227 19.32 34.56 19.23
N ASP C 228 19.81 35.20 18.19
CA ASP C 228 18.96 35.76 17.15
C ASP C 228 18.54 34.58 16.22
N ASN C 229 17.90 33.57 16.81
CA ASN C 229 17.69 32.30 16.15
C ASN C 229 16.41 32.30 15.33
N LEU C 230 16.42 33.02 14.21
CA LEU C 230 15.22 33.15 13.39
C LEU C 230 14.79 31.80 12.80
N ASN C 231 13.54 31.43 13.02
CA ASN C 231 12.97 30.17 12.58
C ASN C 231 13.36 29.03 13.48
N TYR C 232 14.04 29.35 14.58
CA TYR C 232 14.44 28.37 15.58
C TYR C 232 15.54 27.37 15.12
N ASN C 233 16.13 27.62 13.94
CA ASN C 233 17.05 26.66 13.29
C ASN C 233 18.17 27.30 12.45
N GLN C 234 18.63 28.47 12.87
CA GLN C 234 19.69 29.19 12.14
C GLN C 234 20.88 28.31 11.72
N TRP C 235 21.29 28.46 10.47
CA TRP C 235 22.31 27.61 9.87
C TRP C 235 23.60 27.61 10.68
N ASP C 236 24.00 28.79 11.13
CA ASP C 236 25.27 28.90 11.84
C ASP C 236 25.33 28.16 13.16
N LEU C 237 24.18 27.60 13.57
CA LEU C 237 24.06 26.82 14.78
C LEU C 237 23.87 25.31 14.55
N ARG C 238 24.40 24.81 13.45
CA ARG C 238 24.28 23.40 13.11
C ARG C 238 25.40 22.56 13.72
N PRO C 239 25.11 21.27 13.99
CA PRO C 239 26.10 20.36 14.57
C PRO C 239 27.30 20.09 13.66
N PRO C 240 28.50 19.99 14.22
CA PRO C 240 29.66 19.79 13.37
C PRO C 240 29.39 18.83 12.21
N HIS C 241 29.72 19.30 11.00
CA HIS C 241 29.58 18.53 9.76
C HIS C 241 28.15 18.12 9.45
N HIS C 242 27.17 19.00 9.72
CA HIS C 242 25.78 18.61 9.49
C HIS C 242 25.44 18.80 8.02
N ASP C 243 24.78 17.82 7.42
CA ASP C 243 24.46 17.96 5.99
C ASP C 243 22.98 17.93 5.66
N GLY C 244 22.54 18.93 4.89
CA GLY C 244 21.12 19.07 4.53
C GLY C 244 20.41 20.06 5.42
N ALA C 245 19.09 20.20 5.24
CA ALA C 245 18.30 21.11 6.09
C ALA C 245 18.50 20.78 7.57
N LEU C 246 18.39 21.80 8.40
CA LEU C 246 18.54 21.68 9.84
C LEU C 246 17.18 22.02 10.45
N ASN C 247 16.59 21.14 11.25
CA ASN C 247 15.27 21.43 11.82
C ASN C 247 15.39 22.15 13.14
N PRO C 248 14.35 22.90 13.55
CA PRO C 248 14.41 23.20 14.97
C PRO C 248 14.45 21.87 15.73
N ASP C 249 15.33 21.79 16.72
CA ASP C 249 15.40 20.62 17.59
C ASP C 249 16.17 21.01 18.87
N TYR C 250 16.45 20.01 19.70
CA TYR C 250 16.72 20.22 21.11
C TYR C 250 18.13 20.62 21.44
N TYR C 251 19.07 20.39 20.53
CA TYR C 251 20.46 20.83 20.74
C TYR C 251 20.66 22.23 20.20
N ILE C 252 19.57 22.90 19.86
CA ILE C 252 19.64 24.29 19.41
C ILE C 252 19.08 25.25 20.46
N PRO C 253 19.80 26.35 20.69
CA PRO C 253 19.45 27.35 21.68
C PRO C 253 18.35 28.30 21.16
N MET C 254 17.61 28.92 22.10
CA MET C 254 16.58 29.89 21.74
C MET C 254 16.89 31.25 22.34
N TYR C 255 15.83 32.03 22.52
CA TYR C 255 15.91 33.41 22.95
C TYR C 255 16.00 33.63 24.47
N TYR C 256 15.36 32.72 25.21
CA TYR C 256 15.25 32.83 26.67
C TYR C 256 16.14 31.82 27.38
N ALA C 257 17.04 32.31 28.24
CA ALA C 257 17.94 31.42 28.98
C ALA C 257 17.34 30.84 30.27
N ALA C 258 16.96 29.56 30.22
CA ALA C 258 16.32 28.90 31.35
C ALA C 258 17.06 27.66 31.76
N PRO C 259 18.21 27.83 32.47
CA PRO C 259 18.90 26.68 33.02
C PRO C 259 18.10 26.19 34.21
N TRP C 260 17.04 25.42 33.94
CA TRP C 260 16.03 25.06 34.92
C TRP C 260 15.38 23.75 34.49
N LEU C 261 15.50 22.74 35.32
CA LEU C 261 14.80 21.48 35.07
C LEU C 261 13.81 21.20 36.19
N ILE C 262 12.61 20.74 35.84
CA ILE C 262 11.71 20.13 36.85
C ILE C 262 11.60 18.63 36.64
N VAL C 263 12.11 17.87 37.59
CA VAL C 263 12.07 16.41 37.55
C VAL C 263 10.71 15.86 37.99
N ASN C 264 10.18 14.89 37.26
CA ASN C 264 8.96 14.20 37.69
C ASN C 264 9.06 12.67 37.66
N GLY C 265 9.37 12.05 38.80
CA GLY C 265 9.41 10.60 38.90
C GLY C 265 8.21 9.98 39.61
N CYS C 266 8.00 8.70 39.39
CA CYS C 266 6.83 7.96 39.88
C CYS C 266 5.52 8.69 39.54
N ALA C 267 5.40 9.13 38.29
CA ALA C 267 4.23 9.89 37.85
C ALA C 267 2.89 9.20 38.10
N GLY C 268 1.96 9.94 38.71
CA GLY C 268 0.54 9.51 38.80
C GLY C 268 0.16 8.62 39.96
N THR C 269 1.08 8.47 40.92
CA THR C 269 0.95 7.46 41.96
C THR C 269 1.05 8.04 43.37
N SER C 270 0.78 7.21 44.38
CA SER C 270 0.93 7.63 45.78
C SER C 270 2.34 8.17 46.06
N GLU C 271 3.32 7.68 45.31
CA GLU C 271 4.69 8.00 45.63
C GLU C 271 5.28 9.04 44.67
N GLN C 272 4.42 9.76 43.95
CA GLN C 272 4.92 10.75 43.00
C GLN C 272 5.77 11.82 43.72
N TYR C 273 6.79 12.30 43.04
CA TYR C 273 7.62 13.31 43.62
C TYR C 273 8.16 14.20 42.54
N SER C 274 8.19 15.50 42.84
CA SER C 274 8.70 16.49 41.89
C SER C 274 9.73 17.33 42.61
N TYR C 275 10.80 17.68 41.89
CA TYR C 275 11.80 18.63 42.39
C TYR C 275 12.41 19.45 41.27
N GLY C 276 12.70 20.71 41.55
CA GLY C 276 13.29 21.61 40.58
C GLY C 276 14.77 21.89 40.77
N TRP C 277 15.38 22.40 39.71
CA TRP C 277 16.81 22.44 39.59
C TRP C 277 17.21 23.65 38.79
N PHE C 278 17.69 24.68 39.47
CA PHE C 278 18.06 25.96 38.85
C PHE C 278 19.56 26.16 38.89
N MET C 279 20.25 26.02 37.78
CA MET C 279 21.61 26.51 37.82
C MET C 279 21.57 28.01 37.54
N ASP C 280 21.86 28.79 38.57
CA ASP C 280 21.88 30.25 38.44
C ASP C 280 23.18 30.74 37.82
N ASN C 281 23.18 30.84 36.49
CA ASN C 281 24.38 31.20 35.73
C ASN C 281 24.01 31.89 34.41
N VAL C 282 24.80 32.90 34.04
CA VAL C 282 24.49 33.72 32.87
C VAL C 282 25.57 33.74 31.81
N SER C 283 26.56 32.86 31.94
CA SER C 283 27.40 32.52 30.79
C SER C 283 26.72 31.31 30.14
N GLN C 284 27.09 31.02 28.91
CA GLN C 284 26.44 29.92 28.23
C GLN C 284 26.32 28.72 29.16
N SER C 285 25.11 28.17 29.28
CA SER C 285 24.82 27.13 30.25
C SER C 285 24.19 25.86 29.63
N TYR C 286 24.13 24.79 30.40
CA TYR C 286 23.75 23.48 29.85
C TYR C 286 22.85 22.66 30.77
N MET C 287 21.85 22.04 30.17
CA MET C 287 21.06 21.01 30.84
C MET C 287 21.16 19.76 30.01
N ASN C 288 21.87 18.77 30.50
CA ASN C 288 21.95 17.49 29.79
C ASN C 288 21.27 16.32 30.50
N THR C 289 20.14 15.87 29.97
CA THR C 289 19.25 14.98 30.70
C THR C 289 19.41 13.51 30.31
N GLY C 290 20.65 13.12 29.98
CA GLY C 290 20.98 11.74 29.70
C GLY C 290 21.15 11.40 28.22
N ASP C 291 21.61 12.38 27.44
CA ASP C 291 21.74 12.20 25.99
C ASP C 291 23.06 11.50 25.65
N THR C 292 23.00 10.38 24.92
CA THR C 292 24.24 9.69 24.52
C THR C 292 24.91 10.36 23.32
N THR C 293 24.15 11.08 22.51
CA THR C 293 24.70 11.73 21.31
C THR C 293 25.93 12.57 21.64
N TRP C 294 26.93 12.56 20.76
CA TRP C 294 28.21 13.27 20.97
C TRP C 294 28.98 12.87 22.22
N ASN C 295 28.55 11.77 22.82
CA ASN C 295 29.08 11.29 24.08
C ASN C 295 28.97 12.33 25.18
N SER C 296 28.04 13.27 25.03
CA SER C 296 27.93 14.39 25.94
C SER C 296 27.40 13.91 27.28
N GLY C 297 26.48 12.96 27.23
CA GLY C 297 25.78 12.48 28.41
C GLY C 297 25.70 10.98 28.51
N GLN C 298 25.24 10.48 29.64
CA GLN C 298 25.10 9.05 29.90
C GLN C 298 23.63 8.70 30.14
N GLU C 299 23.20 7.53 29.65
CA GLU C 299 21.79 7.20 29.74
C GLU C 299 21.31 7.54 31.13
N ASP C 300 22.05 7.09 32.13
CA ASP C 300 21.59 7.06 33.53
C ASP C 300 22.05 8.24 34.40
N LEU C 301 22.60 9.28 33.78
CA LEU C 301 22.99 10.46 34.54
C LEU C 301 22.38 11.71 33.94
N ALA C 302 22.34 12.79 34.71
CA ALA C 302 21.83 14.07 34.25
C ALA C 302 22.72 15.13 34.82
N TYR C 303 22.81 16.27 34.14
CA TYR C 303 23.70 17.33 34.62
C TYR C 303 23.40 18.76 34.14
N MET C 304 24.01 19.73 34.81
CA MET C 304 23.92 21.11 34.36
C MET C 304 25.32 21.72 34.44
N GLY C 305 25.64 22.65 33.57
CA GLY C 305 27.00 23.20 33.54
C GLY C 305 27.00 24.58 32.95
N ALA C 306 28.17 25.19 32.85
CA ALA C 306 28.27 26.50 32.28
C ALA C 306 29.73 26.74 31.89
N GLN C 307 29.98 27.57 30.87
CA GLN C 307 31.36 27.80 30.43
C GLN C 307 32.12 28.67 31.41
N TYR C 308 31.41 29.45 32.21
CA TYR C 308 32.07 30.23 33.25
C TYR C 308 31.42 30.14 34.63
N GLY C 309 32.23 30.33 35.67
CA GLY C 309 31.74 30.42 37.06
C GLY C 309 30.89 31.66 37.27
N PRO C 310 30.34 31.82 38.48
CA PRO C 310 30.52 30.94 39.62
C PRO C 310 29.60 29.72 39.60
N PHE C 311 29.70 28.92 40.64
CA PHE C 311 28.83 27.79 40.79
C PHE C 311 27.77 28.18 41.78
N ASP C 312 26.51 28.11 41.37
CA ASP C 312 25.44 28.53 42.26
C ASP C 312 24.17 27.85 41.79
N GLN C 313 23.65 26.94 42.60
CA GLN C 313 22.48 26.21 42.15
C GLN C 313 21.51 25.83 43.22
N HIS C 314 20.23 25.84 42.84
CA HIS C 314 19.14 25.62 43.76
C HIS C 314 18.42 24.29 43.51
N PHE C 315 17.95 23.68 44.59
CA PHE C 315 17.06 22.57 44.49
C PHE C 315 15.75 22.92 45.19
N VAL C 316 14.66 22.82 44.45
CA VAL C 316 13.36 23.32 44.91
C VAL C 316 12.28 22.21 44.88
N TYR C 317 11.96 21.57 46.00
CA TYR C 317 10.99 20.49 45.91
CA TYR C 317 10.97 20.47 46.00
C TYR C 317 9.52 20.95 46.00
N GLY C 318 9.30 22.13 46.60
CA GLY C 318 7.98 22.73 46.65
C GLY C 318 7.26 22.39 47.94
N ALA C 319 6.20 23.14 48.25
CA ALA C 319 5.50 23.02 49.53
C ALA C 319 4.58 21.78 49.65
N GLY C 320 3.84 21.48 48.59
CA GLY C 320 3.00 20.29 48.55
C GLY C 320 3.52 19.35 47.49
N GLY C 321 2.68 18.41 47.06
CA GLY C 321 3.06 17.48 46.01
C GLY C 321 2.46 17.91 44.69
N GLY C 322 3.24 17.86 43.62
CA GLY C 322 2.77 18.20 42.30
C GLY C 322 3.72 19.14 41.63
N MET C 323 4.00 18.90 40.35
CA MET C 323 4.94 19.67 39.57
C MET C 323 4.74 21.15 39.70
N GLU C 324 3.49 21.59 39.64
CA GLU C 324 3.15 23.00 39.69
C GLU C 324 3.68 23.58 40.97
N VAL C 326 6.20 23.01 42.45
CA VAL C 326 7.62 23.30 42.24
C VAL C 326 7.84 24.67 41.56
N VAL C 327 7.10 24.91 40.48
CA VAL C 327 7.04 26.20 39.82
C VAL C 327 6.83 27.34 40.83
N THR C 328 5.89 27.16 41.74
CA THR C 328 5.43 28.23 42.64
C THR C 328 6.40 28.50 43.78
N ALA C 329 7.20 27.50 44.11
CA ALA C 329 8.19 27.68 45.13
C ALA C 329 9.41 28.39 44.53
N PHE C 330 9.71 28.08 43.27
CA PHE C 330 10.77 28.74 42.52
C PHE C 330 10.48 30.24 42.50
N SER C 331 9.23 30.57 42.19
CA SER C 331 8.80 31.95 42.05
C SER C 331 8.91 32.71 43.37
N LEU C 332 8.65 32.01 44.47
CA LEU C 332 8.76 32.59 45.78
C LEU C 332 10.23 32.90 46.12
N LEU C 333 11.15 32.15 45.51
CA LEU C 333 12.54 32.44 45.73
C LEU C 333 12.93 33.73 45.03
N GLN C 334 12.21 34.10 44.00
CA GLN C 334 12.57 35.24 43.18
C GLN C 334 11.66 36.39 43.48
N GLY C 335 10.72 36.17 44.39
CA GLY C 335 9.65 37.12 44.68
C GLY C 335 10.09 38.42 45.34
N LYS C 336 9.18 39.37 45.44
CA LYS C 336 9.53 40.68 45.95
C LYS C 336 8.79 40.98 47.24
N GLU C 337 8.34 39.93 47.93
CA GLU C 337 7.77 40.13 49.25
C GLU C 337 8.62 41.07 50.10
N PHE C 338 9.96 41.04 49.96
CA PHE C 338 10.86 41.89 50.76
C PHE C 338 10.68 43.39 50.51
N GLU C 339 10.25 43.72 49.28
CA GLU C 339 9.89 45.08 48.87
C GLU C 339 8.46 45.46 49.29
N ASN C 340 7.78 44.55 49.99
CA ASN C 340 6.39 44.73 50.46
C ASN C 340 5.41 45.00 49.34
N GLN C 341 5.63 44.35 48.21
CA GLN C 341 4.66 44.34 47.12
C GLN C 341 3.34 43.83 47.65
N VAL C 342 2.32 44.64 47.46
CA VAL C 342 1.01 44.28 47.94
C VAL C 342 0.29 43.47 46.86
N LEU C 343 0.68 43.67 45.60
CA LEU C 343 0.11 42.90 44.47
C LEU C 343 1.19 42.14 43.70
N ASN C 344 2.18 42.89 43.21
CA ASN C 344 3.23 42.31 42.39
C ASN C 344 4.30 41.53 43.18
N LYS C 345 3.97 40.32 43.61
CA LYS C 345 4.90 39.57 44.43
C LYS C 345 5.76 38.54 43.67
N ARG C 346 5.19 37.90 42.64
CA ARG C 346 5.90 36.83 41.94
C ARG C 346 6.15 37.22 40.50
N SER C 347 5.29 38.10 40.02
CA SER C 347 5.40 38.70 38.70
C SER C 347 4.79 40.08 38.86
N VAL C 348 4.79 40.86 37.77
CA VAL C 348 4.06 42.14 37.72
C VAL C 348 2.89 41.95 36.80
N MET C 349 1.77 42.60 37.15
CA MET C 349 0.53 42.50 36.38
C MET C 349 0.58 43.39 35.17
N PRO C 350 0.00 42.93 34.06
CA PRO C 350 -0.07 43.78 32.89
C PRO C 350 -1.33 44.61 33.01
N PRO C 351 -1.49 45.60 32.14
CA PRO C 351 -2.81 46.17 32.00
C PRO C 351 -3.72 45.10 31.44
N LYS C 352 -5.00 45.16 31.83
CA LYS C 352 -6.01 44.30 31.26
C LYS C 352 -5.76 44.10 29.77
N TYR C 353 -5.47 45.22 29.08
CA TYR C 353 -5.46 45.28 27.63
C TYR C 353 -4.44 44.39 26.96
N VAL C 354 -3.50 43.89 27.74
CA VAL C 354 -2.47 43.02 27.20
C VAL C 354 -3.05 41.66 26.85
N PHE C 355 -4.26 41.37 27.33
CA PHE C 355 -4.85 40.06 27.05
C PHE C 355 -5.77 40.03 25.84
N GLY C 356 -5.85 41.16 25.14
CA GLY C 356 -6.67 41.26 23.91
C GLY C 356 -5.89 40.89 22.66
N PHE C 357 -6.56 40.89 21.52
CA PHE C 357 -5.93 40.50 20.27
C PHE C 357 -5.15 41.63 19.58
N PHE C 358 -3.87 41.39 19.33
CA PHE C 358 -3.05 42.42 18.70
C PHE C 358 -2.66 41.98 17.31
N GLN C 359 -2.41 42.97 16.45
CA GLN C 359 -2.01 42.73 15.07
C GLN C 359 -0.72 43.52 14.73
N GLY C 360 0.28 42.79 14.25
CA GLY C 360 1.58 43.36 14.06
C GLY C 360 2.04 43.11 12.64
N VAL C 361 2.68 44.13 12.06
CA VAL C 361 3.13 44.07 10.71
C VAL C 361 4.51 44.69 10.62
N PHE C 362 5.45 43.95 10.03
CA PHE C 362 6.75 44.53 9.69
C PHE C 362 6.71 44.99 8.26
N GLY C 363 6.23 46.21 8.02
CA GLY C 363 6.11 46.68 6.65
C GLY C 363 4.84 47.46 6.40
N THR C 364 4.45 48.24 7.40
CA THR C 364 3.55 49.33 7.20
C THR C 364 4.46 50.47 6.73
N SER C 365 3.89 51.55 6.21
CA SER C 365 4.73 52.64 5.71
C SER C 365 4.03 53.99 5.86
N SER C 366 2.93 53.98 6.60
CA SER C 366 2.25 55.21 7.00
C SER C 366 1.13 54.90 8.00
N LEU C 367 0.71 55.95 8.71
CA LEU C 367 -0.51 55.89 9.50
C LEU C 367 -1.70 55.83 8.55
N LEU C 368 -1.95 56.94 7.86
CA LEU C 368 -3.15 57.11 7.04
C LEU C 368 -2.94 56.69 5.60
N ARG C 369 -3.98 56.13 4.99
CA ARG C 369 -3.87 55.66 3.60
C ARG C 369 -3.39 56.79 2.70
N ALA C 370 -3.97 57.96 2.92
CA ALA C 370 -3.75 59.11 2.07
C ALA C 370 -2.30 59.54 2.09
N HIS C 371 -1.52 59.02 3.05
CA HIS C 371 -0.12 59.38 3.12
C HIS C 371 0.81 58.19 2.87
N MET C 372 0.27 57.12 2.32
CA MET C 372 1.09 55.98 2.02
C MET C 372 1.79 56.21 0.71
N PRO C 373 3.14 56.21 0.72
CA PRO C 373 3.81 56.42 -0.55
C PRO C 373 3.61 55.20 -1.44
N ALA C 374 3.61 55.42 -2.75
CA ALA C 374 3.45 54.32 -3.69
C ALA C 374 4.54 53.28 -3.47
N GLY C 375 4.25 52.04 -3.83
CA GLY C 375 5.12 50.91 -3.58
C GLY C 375 4.32 49.62 -3.58
N GLU C 376 4.82 48.61 -4.26
CA GLU C 376 4.10 47.36 -4.38
C GLU C 376 3.73 46.80 -3.00
N ASN C 377 2.47 46.44 -2.84
CA ASN C 377 1.97 45.76 -1.64
C ASN C 377 1.91 46.61 -0.38
N ASN C 378 2.39 47.85 -0.47
CA ASN C 378 2.36 48.76 0.67
C ASN C 378 1.02 48.83 1.35
N ILE C 379 1.03 48.95 2.66
CA ILE C 379 -0.17 49.01 3.46
C ILE C 379 0.01 50.07 4.55
N SER C 380 -1.08 50.71 4.93
CA SER C 380 -1.04 51.67 6.04
C SER C 380 -1.71 51.06 7.26
N VAL C 381 -1.32 51.57 8.42
CA VAL C 381 -1.92 51.19 9.69
C VAL C 381 -3.42 51.30 9.59
N GLU C 382 -3.88 52.37 8.96
CA GLU C 382 -5.30 52.65 8.81
C GLU C 382 -6.07 51.48 8.22
N GLU C 383 -5.48 50.85 7.21
CA GLU C 383 -6.09 49.72 6.54
C GLU C 383 -6.12 48.51 7.47
N ILE C 384 -5.09 48.34 8.27
CA ILE C 384 -5.08 47.19 9.16
C ILE C 384 -6.23 47.33 10.15
N VAL C 385 -6.33 48.50 10.76
CA VAL C 385 -7.42 48.78 11.68
C VAL C 385 -8.78 48.56 11.01
N GLU C 386 -8.96 49.15 9.82
CA GLU C 386 -10.23 49.09 9.08
C GLU C 386 -10.71 47.66 8.80
N GLY C 387 -9.81 46.81 8.35
CA GLY C 387 -10.17 45.43 8.14
C GLY C 387 -10.86 44.90 9.39
N TYR C 388 -10.16 44.93 10.52
CA TYR C 388 -10.71 44.42 11.75
C TYR C 388 -12.00 45.08 12.19
N GLN C 389 -11.94 46.38 12.47
CA GLN C 389 -13.10 47.11 12.98
C GLN C 389 -14.37 46.98 12.11
N ASN C 390 -14.26 47.29 10.81
CA ASN C 390 -15.36 47.13 9.86
C ASN C 390 -15.97 45.74 9.95
N ASN C 391 -15.12 44.74 10.16
CA ASN C 391 -15.55 43.35 10.17
C ASN C 391 -15.92 42.84 11.56
N ASN C 392 -16.18 43.76 12.48
CA ASN C 392 -16.61 43.42 13.83
C ASN C 392 -15.74 42.35 14.45
N PHE C 393 -14.44 42.59 14.49
CA PHE C 393 -13.51 41.72 15.18
C PHE C 393 -13.23 42.29 16.56
N PRO C 394 -13.19 41.45 17.58
CA PRO C 394 -12.68 42.02 18.81
C PRO C 394 -11.24 42.36 18.50
N PHE C 395 -10.80 43.58 18.73
CA PHE C 395 -9.47 43.96 18.28
C PHE C 395 -8.86 45.11 19.09
N GLU C 396 -7.67 44.87 19.62
CA GLU C 396 -7.13 45.65 20.73
C GLU C 396 -6.17 46.75 20.28
N GLY C 397 -5.51 46.53 19.17
CA GLY C 397 -4.56 47.50 18.66
C GLY C 397 -3.40 46.81 17.98
N LEU C 398 -2.26 47.50 17.96
CA LEU C 398 -1.23 47.24 16.97
C LEU C 398 0.15 47.03 17.53
N ALA C 399 0.96 46.32 16.76
CA ALA C 399 2.36 46.27 17.06
C ALA C 399 3.07 47.10 16.00
N VAL C 400 3.27 48.37 16.28
CA VAL C 400 3.87 49.28 15.30
C VAL C 400 5.36 49.05 15.23
N ASP C 401 5.79 48.45 14.13
CA ASP C 401 7.19 48.10 13.98
C ASP C 401 8.04 49.34 13.71
N VAL C 402 9.34 49.11 13.54
CA VAL C 402 10.32 50.19 13.37
C VAL C 402 10.12 50.95 12.08
N ASP C 403 9.16 50.48 11.28
CA ASP C 403 8.82 51.17 10.05
C ASP C 403 8.53 52.63 10.36
N MET C 404 8.12 52.91 11.60
CA MET C 404 7.62 54.23 11.93
C MET C 404 8.74 55.18 12.32
N GLN C 405 9.85 54.62 12.79
CA GLN C 405 10.99 55.42 13.17
C GLN C 405 11.49 56.30 12.01
N ASP C 406 12.21 57.37 12.34
CA ASP C 406 12.89 58.14 11.31
C ASP C 406 14.14 57.38 10.94
N ASN C 407 14.14 56.82 9.75
CA ASN C 407 15.27 56.00 9.34
C ASN C 407 15.93 55.22 10.49
N LEU C 408 15.20 54.24 11.02
CA LEU C 408 15.69 53.31 12.04
C LEU C 408 16.22 53.95 13.33
N ARG C 409 15.89 55.21 13.56
CA ARG C 409 16.26 55.84 14.80
C ARG C 409 15.23 55.54 15.88
N VAL C 410 15.54 54.57 16.73
CA VAL C 410 14.65 54.17 17.81
C VAL C 410 14.34 55.38 18.73
N PHE C 411 13.11 55.46 19.22
CA PHE C 411 12.66 56.57 20.07
C PHE C 411 12.16 57.82 19.29
N THR C 412 12.24 57.77 17.96
CA THR C 412 11.62 58.80 17.13
C THR C 412 10.49 58.25 16.26
N THR C 413 9.85 59.16 15.52
CA THR C 413 8.84 58.86 14.50
C THR C 413 9.14 59.68 13.24
N LYS C 414 8.58 59.25 12.11
CA LYS C 414 8.73 59.97 10.86
C LYS C 414 7.36 60.54 10.44
N GLY C 415 7.39 61.66 9.70
CA GLY C 415 6.18 62.32 9.24
C GLY C 415 5.05 61.39 8.82
N GLU C 416 5.39 60.34 8.08
CA GLU C 416 4.38 59.40 7.55
C GLU C 416 3.41 58.90 8.59
N PHE C 417 3.86 58.81 9.84
CA PHE C 417 3.06 58.20 10.87
C PHE C 417 2.26 59.18 11.73
N TRP C 418 1.91 60.31 11.13
CA TRP C 418 1.03 61.30 11.76
C TRP C 418 -0.14 61.62 10.81
N THR C 419 -1.25 62.14 11.33
CA THR C 419 -2.39 62.43 10.44
C THR C 419 -2.12 63.64 9.54
N ALA C 420 -1.07 64.40 9.85
CA ALA C 420 -0.73 65.57 9.04
C ALA C 420 0.65 65.45 8.42
N ASN C 421 1.20 64.25 8.45
CA ASN C 421 2.35 63.95 7.63
C ASN C 421 3.64 64.64 8.07
N ARG C 422 3.62 65.30 9.22
CA ARG C 422 4.83 65.83 9.83
C ARG C 422 4.92 65.51 11.33
N VAL C 423 6.13 65.58 11.88
CA VAL C 423 6.33 65.20 13.28
C VAL C 423 5.88 66.28 14.27
N GLY C 424 4.87 65.98 15.07
CA GLY C 424 4.40 66.92 16.08
C GLY C 424 5.03 66.55 17.40
N THR C 425 4.62 67.22 18.47
CA THR C 425 5.09 66.84 19.79
C THR C 425 3.96 66.27 20.66
N GLY C 426 2.81 66.06 20.05
CA GLY C 426 1.71 65.41 20.76
C GLY C 426 0.74 66.38 21.41
N GLY C 427 -0.49 65.91 21.60
CA GLY C 427 -1.55 66.72 22.15
C GLY C 427 -2.07 67.75 21.15
N ASP C 428 -1.75 67.54 19.87
CA ASP C 428 -2.24 68.40 18.81
C ASP C 428 -3.37 67.68 18.06
N PRO C 429 -4.63 68.17 18.20
CA PRO C 429 -5.81 67.45 17.73
C PRO C 429 -5.91 67.51 16.21
N ASN C 430 -5.07 68.35 15.64
CA ASN C 430 -5.01 68.52 14.20
C ASN C 430 -3.80 67.81 13.59
N ASN C 431 -3.01 67.14 14.42
CA ASN C 431 -1.94 66.28 13.93
C ASN C 431 -1.70 65.13 14.90
N ARG C 432 -2.42 64.05 14.74
CA ARG C 432 -2.29 62.97 15.71
C ARG C 432 -1.30 61.92 15.26
N SER C 433 -0.37 61.57 16.14
CA SER C 433 0.52 60.45 15.92
C SER C 433 -0.28 59.16 15.72
N VAL C 434 0.40 58.13 15.24
CA VAL C 434 -0.19 56.83 15.10
C VAL C 434 -0.82 56.45 16.42
N PHE C 435 -0.24 56.92 17.50
CA PHE C 435 -0.67 56.52 18.82
C PHE C 435 -1.94 57.24 19.31
N GLU C 436 -1.94 58.55 19.29
CA GLU C 436 -3.14 59.28 19.66
C GLU C 436 -4.28 58.82 18.76
N TRP C 437 -4.04 58.78 17.45
CA TRP C 437 -5.02 58.34 16.50
C TRP C 437 -5.53 56.93 16.87
N ALA C 438 -4.60 56.05 17.21
CA ALA C 438 -4.94 54.69 17.65
C ALA C 438 -5.90 54.73 18.82
N HIS C 439 -5.66 55.67 19.73
CA HIS C 439 -6.51 55.93 20.89
C HIS C 439 -7.94 56.36 20.58
N ASP C 440 -8.10 57.29 19.63
CA ASP C 440 -9.43 57.75 19.26
C ASP C 440 -10.23 56.68 18.55
N LYS C 441 -9.52 55.71 17.97
CA LYS C 441 -10.14 54.51 17.39
C LYS C 441 -10.48 53.47 18.48
N GLY C 442 -10.14 53.76 19.74
CA GLY C 442 -10.43 52.85 20.85
C GLY C 442 -9.39 51.75 21.03
N LEU C 443 -8.17 51.99 20.58
CA LEU C 443 -7.14 50.97 20.60
C LEU C 443 -5.98 51.33 21.54
N VAL C 444 -5.09 50.36 21.80
CA VAL C 444 -3.80 50.66 22.39
C VAL C 444 -2.72 50.06 21.50
N CYS C 445 -1.48 50.51 21.68
CA CYS C 445 -0.38 50.08 20.82
C CYS C 445 0.91 49.82 21.57
N GLN C 446 1.74 49.01 20.96
CA GLN C 446 3.08 48.83 21.43
C GLN C 446 4.00 49.21 20.27
N THR C 447 5.27 49.50 20.56
CA THR C 447 6.21 49.81 19.49
C THR C 447 7.52 49.14 19.72
N ASN C 448 8.14 48.72 18.63
CA ASN C 448 9.42 48.09 18.74
C ASN C 448 10.40 49.03 19.41
N ILE C 449 11.07 48.54 20.45
CA ILE C 449 12.25 49.21 20.99
C ILE C 449 13.41 48.22 21.16
N THR C 450 14.49 48.49 20.44
CA THR C 450 15.73 47.78 20.68
C THR C 450 16.69 48.78 21.32
N CYS C 451 17.79 48.27 21.86
CA CYS C 451 18.82 49.14 22.41
C CYS C 451 19.92 49.46 21.37
N PHE C 452 19.55 49.43 20.08
CA PHE C 452 20.45 49.78 19.00
C PHE C 452 20.26 51.24 18.68
N LEU C 453 21.27 52.07 19.00
CA LEU C 453 21.18 53.53 18.81
C LEU C 453 21.99 53.99 17.60
N ARG C 454 21.29 54.22 16.49
CA ARG C 454 21.93 54.38 15.18
C ARG C 454 23.13 55.30 15.20
N ASN C 455 24.18 54.92 14.49
CA ASN C 455 25.44 55.62 14.58
C ASN C 455 25.83 56.37 13.32
N ASP C 456 25.50 55.77 12.17
CA ASP C 456 25.68 56.40 10.87
C ASP C 456 24.48 57.31 10.53
N ASN C 457 24.51 58.53 11.03
CA ASN C 457 23.38 59.43 10.85
C ASN C 457 23.66 60.48 9.80
N GLU C 458 24.89 60.45 9.27
CA GLU C 458 25.28 61.35 8.19
C GLU C 458 25.16 62.85 8.56
N GLY C 459 25.71 63.21 9.73
CA GLY C 459 25.68 64.58 10.19
C GLY C 459 24.32 64.98 10.75
N GLN C 460 23.25 64.32 10.27
CA GLN C 460 21.88 64.56 10.75
C GLN C 460 21.81 64.31 12.24
N ASP C 461 20.88 64.96 12.90
CA ASP C 461 20.90 64.99 14.35
C ASP C 461 20.06 63.93 15.02
N TYR C 462 20.70 63.16 15.89
CA TYR C 462 20.03 62.10 16.60
C TYR C 462 20.38 62.21 18.08
N GLU C 463 19.54 62.94 18.80
CA GLU C 463 19.79 63.28 20.19
C GLU C 463 20.06 62.07 21.10
N VAL C 464 19.40 60.94 20.84
CA VAL C 464 19.57 59.75 21.66
C VAL C 464 21.00 59.19 21.56
N ASN C 465 21.51 59.08 20.33
CA ASN C 465 22.88 58.64 20.11
C ASN C 465 23.87 59.69 20.59
N GLN C 466 23.49 60.95 20.40
CA GLN C 466 24.30 62.09 20.80
C GLN C 466 24.63 62.00 22.27
N THR C 467 23.58 61.98 23.09
CA THR C 467 23.71 61.95 24.54
C THR C 467 24.48 60.73 25.04
N LEU C 468 24.32 59.60 24.36
CA LEU C 468 25.05 58.38 24.68
C LEU C 468 26.58 58.55 24.55
N ARG C 469 27.04 59.30 23.55
CA ARG C 469 28.46 59.61 23.39
C ARG C 469 28.98 60.66 24.40
N GLU C 470 28.24 61.77 24.52
CA GLU C 470 28.53 62.86 25.46
C GLU C 470 28.96 62.33 26.80
N ARG C 471 28.15 61.41 27.30
CA ARG C 471 28.25 60.94 28.66
C ARG C 471 29.06 59.65 28.70
N GLN C 472 29.39 59.14 27.51
CA GLN C 472 30.19 57.92 27.34
C GLN C 472 29.59 56.71 28.01
N LEU C 473 28.31 56.49 27.73
CA LEU C 473 27.54 55.42 28.33
C LEU C 473 27.49 54.23 27.39
N TYR C 474 28.44 54.17 26.47
CA TYR C 474 28.41 53.16 25.44
C TYR C 474 29.42 52.08 25.75
N THR C 475 29.11 50.89 25.27
CA THR C 475 29.99 49.77 25.37
C THR C 475 31.17 50.14 24.52
N LYS C 476 32.38 49.76 24.93
CA LYS C 476 33.58 50.22 24.23
C LYS C 476 34.35 49.09 23.56
N ASN C 477 35.24 49.46 22.63
CA ASN C 477 36.00 48.52 21.83
C ASN C 477 37.19 47.87 22.55
N ASP C 478 37.12 47.76 23.87
CA ASP C 478 38.22 47.20 24.63
C ASP C 478 38.06 45.68 24.75
N SER C 479 39.17 44.97 24.79
CA SER C 479 39.19 43.52 24.91
C SER C 479 40.54 43.12 25.45
N LEU C 480 40.56 42.08 26.26
CA LEU C 480 41.82 41.65 26.86
C LEU C 480 42.76 41.00 25.86
N THR C 481 42.34 40.91 24.59
CA THR C 481 43.01 40.05 23.61
C THR C 481 43.49 40.84 22.39
N GLY C 482 43.26 42.16 22.41
CA GLY C 482 43.59 43.04 21.31
C GLY C 482 42.78 42.74 20.06
N THR C 483 41.55 42.29 20.24
CA THR C 483 40.70 41.95 19.11
C THR C 483 40.13 43.21 18.48
N ASP C 484 40.37 43.40 17.19
CA ASP C 484 39.85 44.59 16.53
C ASP C 484 38.43 44.39 16.06
N PHE C 485 37.50 45.10 16.71
CA PHE C 485 36.06 44.99 16.48
C PHE C 485 35.51 45.78 15.29
N GLY C 486 36.34 46.62 14.69
CA GLY C 486 35.92 47.41 13.52
C GLY C 486 35.73 48.88 13.82
N MET C 487 35.51 49.67 12.77
CA MET C 487 35.32 51.09 12.98
C MET C 487 34.60 51.66 11.77
N THR C 488 33.97 52.81 11.95
CA THR C 488 33.47 53.57 10.83
C THR C 488 34.06 54.97 10.93
N ASP C 489 33.60 55.86 10.05
CA ASP C 489 34.05 57.24 10.08
C ASP C 489 33.23 58.06 11.08
N ASP C 490 32.17 57.44 11.62
CA ASP C 490 31.23 58.13 12.50
C ASP C 490 31.75 58.25 13.93
N GLY C 491 32.52 57.27 14.36
CA GLY C 491 33.08 57.27 15.72
C GLY C 491 32.12 56.77 16.79
N PRO C 492 32.48 56.98 18.08
CA PRO C 492 33.77 57.47 18.55
C PRO C 492 34.89 56.47 18.34
N SER C 493 36.12 56.93 18.49
CA SER C 493 37.30 56.11 18.23
C SER C 493 37.37 54.86 19.13
N ASP C 494 36.66 54.91 20.26
CA ASP C 494 36.72 53.86 21.27
C ASP C 494 35.38 53.12 21.54
N ALA C 495 34.53 53.02 20.53
CA ALA C 495 33.21 52.43 20.71
C ALA C 495 33.06 51.09 20.01
N TYR C 496 32.39 50.14 20.67
CA TYR C 496 31.91 48.97 19.96
C TYR C 496 30.91 49.45 18.94
N ILE C 497 31.04 49.07 17.69
CA ILE C 497 30.09 49.48 16.68
C ILE C 497 29.57 48.30 15.91
N GLY C 498 28.30 47.96 16.14
CA GLY C 498 27.71 46.77 15.54
C GLY C 498 26.85 47.20 14.39
N HIS C 499 26.20 46.24 13.76
CA HIS C 499 25.30 46.54 12.65
C HIS C 499 23.96 45.87 12.93
N LEU C 500 22.89 46.55 12.57
CA LEU C 500 21.53 46.04 12.65
C LEU C 500 21.14 45.73 11.21
N ASP C 501 20.50 44.58 11.00
CA ASP C 501 20.29 44.03 9.67
C ASP C 501 19.01 43.21 9.63
N TYR C 502 17.92 43.87 9.29
CA TYR C 502 16.61 43.24 9.17
C TYR C 502 16.44 42.62 7.79
N GLY C 503 17.41 42.83 6.91
CA GLY C 503 17.38 42.21 5.58
C GLY C 503 16.81 43.15 4.55
N GLY C 504 16.91 42.73 3.28
CA GLY C 504 16.43 43.56 2.18
C GLY C 504 17.02 44.94 2.24
N GLY C 505 18.32 45.02 2.53
CA GLY C 505 19.02 46.30 2.56
C GLY C 505 18.56 47.22 3.68
N VAL C 506 17.74 46.69 4.57
CA VAL C 506 17.28 47.48 5.71
C VAL C 506 18.26 47.31 6.89
N GLU C 507 19.21 48.22 7.00
CA GLU C 507 20.29 48.03 7.93
C GLU C 507 20.87 49.38 8.30
N CYS C 508 21.63 49.40 9.40
CA CYS C 508 22.29 50.61 9.87
C CYS C 508 23.29 50.25 10.96
N ASP C 509 24.32 51.08 11.13
CA ASP C 509 25.32 50.92 12.22
C ASP C 509 24.70 51.31 13.56
N ALA C 510 25.26 50.79 14.66
CA ALA C 510 24.74 51.11 15.97
C ALA C 510 25.77 51.08 17.10
N LEU C 511 25.54 51.92 18.11
CA LEU C 511 26.17 51.80 19.43
C LEU C 511 25.19 51.16 20.43
N PHE C 512 25.67 50.88 21.64
CA PHE C 512 24.86 50.22 22.65
C PHE C 512 25.15 50.73 24.05
N PRO C 513 24.15 50.64 24.93
CA PRO C 513 24.30 51.09 26.28
C PRO C 513 24.91 50.00 27.17
N ASP C 514 26.15 50.22 27.59
CA ASP C 514 26.88 49.37 28.52
C ASP C 514 26.24 49.43 29.92
N TRP C 515 25.21 48.59 30.13
CA TRP C 515 24.26 48.67 31.25
C TRP C 515 24.87 48.64 32.66
N GLY C 516 25.97 47.92 32.83
CA GLY C 516 26.58 47.76 34.13
C GLY C 516 27.00 49.09 34.74
N ARG C 517 27.09 50.10 33.89
CA ARG C 517 27.46 51.44 34.33
C ARG C 517 26.36 52.11 35.16
N PRO C 518 26.77 52.84 36.20
CA PRO C 518 25.79 53.64 36.92
C PRO C 518 25.37 54.78 36.01
N ASP C 519 24.06 55.00 35.88
CA ASP C 519 23.57 56.13 35.09
C ASP C 519 23.01 55.71 33.75
N VAL C 520 23.46 54.58 33.24
CA VAL C 520 22.97 54.10 31.95
C VAL C 520 21.47 53.77 32.03
N ALA C 521 21.04 53.15 33.11
CA ALA C 521 19.62 52.83 33.28
C ALA C 521 18.75 54.09 33.38
N GLU C 522 19.22 55.11 34.08
CA GLU C 522 18.45 56.37 34.16
C GLU C 522 18.31 56.95 32.76
N TRP C 523 19.45 57.15 32.10
CA TRP C 523 19.47 57.65 30.74
C TRP C 523 18.53 56.87 29.83
N TRP C 524 18.49 55.55 29.99
CA TRP C 524 17.72 54.71 29.10
C TRP C 524 16.23 54.88 29.38
N GLY C 525 15.85 54.76 30.64
CA GLY C 525 14.47 54.92 31.02
C GLY C 525 13.90 56.20 30.45
N ASN C 526 14.69 57.26 30.54
CA ASN C 526 14.23 58.61 30.24
C ASN C 526 13.94 58.83 28.76
N ASN C 527 14.69 58.17 27.89
CA ASN C 527 14.38 58.22 26.46
C ASN C 527 12.94 57.82 26.16
N TYR C 528 12.30 57.10 27.08
CA TYR C 528 10.94 56.61 26.82
C TYR C 528 9.92 57.74 26.80
N LYS C 529 10.26 58.86 27.44
CA LYS C 529 9.35 60.02 27.49
C LYS C 529 9.05 60.53 26.08
N LYS C 530 10.07 60.46 25.21
CA LYS C 530 9.94 60.88 23.82
C LYS C 530 8.81 60.13 23.13
N LEU C 531 8.37 59.03 23.74
CA LEU C 531 7.34 58.16 23.18
C LEU C 531 6.05 58.10 23.99
N PHE C 532 6.10 58.09 25.32
CA PHE C 532 4.86 58.07 26.09
C PHE C 532 4.09 59.39 25.91
N SER C 533 4.83 60.48 25.82
CA SER C 533 4.21 61.80 25.71
C SER C 533 3.39 61.93 24.41
N ILE C 534 3.61 61.01 23.47
CA ILE C 534 2.88 61.02 22.20
C ILE C 534 1.87 59.84 22.10
N GLY C 535 1.67 59.11 23.18
CA GLY C 535 0.61 58.12 23.19
C GLY C 535 1.00 56.66 23.39
N LEU C 536 2.29 56.34 23.24
CA LEU C 536 2.71 54.94 23.36
C LEU C 536 2.22 54.29 24.68
N ASP C 537 1.51 53.17 24.55
CA ASP C 537 0.89 52.55 25.69
C ASP C 537 1.81 51.56 26.37
N PHE C 538 2.39 50.66 25.59
CA PHE C 538 3.35 49.70 26.13
C PHE C 538 4.42 49.30 25.13
N VAL C 539 5.35 48.48 25.60
CA VAL C 539 6.63 48.29 24.94
C VAL C 539 6.73 46.91 24.34
N TRP C 540 7.48 46.85 23.26
CA TRP C 540 7.73 45.64 22.51
C TRP C 540 9.24 45.57 22.41
N GLN C 541 9.89 44.91 23.36
CA GLN C 541 11.34 44.86 23.44
C GLN C 541 11.95 43.81 22.50
N ASP C 542 12.74 44.24 21.52
CA ASP C 542 13.24 43.35 20.44
C ASP C 542 14.80 43.29 20.32
N MET C 543 15.31 42.37 19.50
CA MET C 543 16.74 42.28 19.18
C MET C 543 17.62 42.39 20.42
N THR C 544 17.23 41.66 21.46
CA THR C 544 17.74 41.89 22.79
C THR C 544 19.03 41.18 23.13
N VAL C 545 19.46 40.27 22.27
CA VAL C 545 20.62 39.45 22.62
C VAL C 545 21.82 40.20 23.23
N PRO C 546 22.29 41.26 22.59
CA PRO C 546 21.77 42.00 21.45
C PRO C 546 21.99 41.32 20.10
N ALA C 547 20.94 41.22 19.31
CA ALA C 547 21.01 40.57 18.02
C ALA C 547 21.69 41.44 16.98
N MET C 548 23.00 41.30 16.85
CA MET C 548 23.72 41.98 15.80
C MET C 548 23.78 41.14 14.54
N MET C 549 24.12 41.78 13.43
CA MET C 549 24.36 41.10 12.16
C MET C 549 25.58 40.20 12.26
N PRO C 550 25.49 38.95 11.75
CA PRO C 550 26.68 38.11 11.73
C PRO C 550 27.87 38.88 11.19
N HIS C 551 29.06 38.62 11.72
CA HIS C 551 30.24 39.41 11.39
C HIS C 551 31.54 38.73 11.82
N LYS C 552 32.46 38.62 10.86
CA LYS C 552 33.80 38.11 11.10
C LYS C 552 34.76 39.28 11.35
N ILE C 553 35.65 39.11 12.33
CA ILE C 553 36.61 40.13 12.68
C ILE C 553 37.47 40.43 11.48
N GLY C 554 37.84 41.70 11.29
CA GLY C 554 38.65 42.11 10.14
C GLY C 554 37.88 42.30 8.84
N ASP C 555 36.55 42.21 8.91
CA ASP C 555 35.68 42.53 7.77
C ASP C 555 35.02 43.88 8.01
N ASP C 556 34.50 44.50 6.97
CA ASP C 556 33.81 45.78 7.12
C ASP C 556 32.58 45.60 7.99
N ILE C 557 32.21 46.67 8.68
CA ILE C 557 31.18 46.60 9.72
C ILE C 557 29.79 46.32 9.18
N ASN C 558 29.59 46.45 7.87
CA ASN C 558 28.29 46.16 7.24
C ASN C 558 28.36 44.95 6.31
N VAL C 559 29.41 44.14 6.51
CA VAL C 559 29.62 42.90 5.77
C VAL C 559 29.47 41.68 6.67
N LYS C 560 28.58 40.78 6.29
CA LYS C 560 28.43 39.51 6.99
C LYS C 560 29.33 38.46 6.34
N PRO C 561 29.76 37.47 7.12
CA PRO C 561 30.59 36.42 6.54
C PRO C 561 29.80 35.60 5.52
N ASP C 562 30.47 34.63 4.90
CA ASP C 562 29.76 33.67 4.09
C ASP C 562 28.68 32.97 4.94
N GLY C 563 27.51 32.74 4.37
CA GLY C 563 26.44 32.07 5.10
C GLY C 563 26.92 30.81 5.79
N ASN C 564 27.67 30.00 5.04
CA ASN C 564 28.24 28.75 5.51
C ASN C 564 29.25 28.88 6.65
N TRP C 565 29.87 30.04 6.77
CA TRP C 565 30.86 30.28 7.83
C TRP C 565 30.16 30.87 9.07
N PRO C 566 30.64 30.51 10.28
CA PRO C 566 31.63 29.46 10.54
C PRO C 566 31.05 28.03 10.48
N ASN C 567 31.94 27.04 10.59
CA ASN C 567 31.57 25.62 10.53
C ASN C 567 32.69 24.71 11.05
N ALA C 568 32.46 23.40 11.08
CA ALA C 568 33.44 22.51 11.70
C ALA C 568 34.82 22.54 11.02
N ASP C 569 34.81 22.51 9.68
CA ASP C 569 36.03 22.50 8.89
C ASP C 569 36.69 23.88 8.91
N ASP C 570 35.90 24.89 9.27
CA ASP C 570 36.40 26.24 9.36
C ASP C 570 35.83 26.96 10.55
N PRO C 571 36.40 26.72 11.75
CA PRO C 571 35.86 27.21 13.00
C PRO C 571 36.00 28.70 13.11
N SER C 572 35.73 29.21 14.29
CA SER C 572 35.61 30.62 14.48
C SER C 572 36.92 31.20 15.01
N ASN C 573 37.52 30.48 15.95
CA ASN C 573 38.79 30.92 16.56
C ASN C 573 38.81 32.40 16.95
N GLY C 574 37.78 32.83 17.68
CA GLY C 574 37.70 34.20 18.16
C GLY C 574 37.24 35.22 17.15
N GLN C 575 37.17 34.84 15.88
CA GLN C 575 36.83 35.80 14.85
C GLN C 575 35.32 35.98 14.59
N TYR C 576 34.46 35.12 15.14
CA TYR C 576 33.01 35.22 14.90
C TYR C 576 32.27 35.83 16.09
N ASN C 577 31.36 36.75 15.79
CA ASN C 577 30.62 37.53 16.78
C ASN C 577 29.36 36.83 17.35
N TRP C 578 29.01 35.69 16.76
CA TRP C 578 27.82 34.93 17.15
C TRP C 578 26.57 35.79 17.18
N LYS C 579 26.42 36.58 16.12
CA LYS C 579 25.23 37.41 15.91
C LYS C 579 24.91 38.22 17.16
N THR C 580 25.97 38.69 17.81
CA THR C 580 25.86 39.60 18.93
C THR C 580 27.16 40.43 19.01
N TYR C 581 27.41 41.03 20.17
CA TYR C 581 28.73 41.45 20.56
C TYR C 581 29.74 40.34 20.34
N HIS C 582 30.67 40.53 19.42
CA HIS C 582 31.92 39.77 19.49
C HIS C 582 32.18 39.50 20.97
N PRO C 583 32.35 38.24 21.32
CA PRO C 583 32.36 37.83 22.72
C PRO C 583 33.49 38.40 23.62
N GLN C 584 34.53 38.97 23.02
CA GLN C 584 35.67 39.46 23.81
C GLN C 584 35.50 40.89 24.36
N VAL C 585 34.54 41.65 23.84
CA VAL C 585 34.34 43.03 24.30
C VAL C 585 34.17 43.12 25.81
N LEU C 586 34.99 43.95 26.45
CA LEU C 586 34.83 44.27 27.86
C LEU C 586 33.58 45.12 28.11
N VAL C 587 32.57 44.47 28.68
CA VAL C 587 31.35 45.12 29.15
C VAL C 587 31.42 45.24 30.66
N THR C 588 30.89 46.32 31.21
CA THR C 588 30.90 46.52 32.65
C THR C 588 29.94 45.52 33.25
N ASP C 589 30.30 45.01 34.43
CA ASP C 589 29.63 43.85 35.00
C ASP C 589 28.17 44.17 35.29
N MET C 590 27.30 43.26 34.88
CA MET C 590 25.86 43.41 35.10
C MET C 590 25.39 42.54 36.25
N ARG C 591 26.31 41.76 36.82
CA ARG C 591 25.96 40.82 37.89
C ARG C 591 26.34 41.41 39.25
N TYR C 592 27.44 42.14 39.28
CA TYR C 592 28.00 42.71 40.49
C TYR C 592 28.29 44.17 40.24
N GLU C 593 27.39 45.04 40.68
CA GLU C 593 27.55 46.47 40.47
C GLU C 593 28.92 46.91 41.00
N ASN C 594 29.52 47.86 40.28
CA ASN C 594 30.84 48.38 40.61
C ASN C 594 31.85 47.28 40.92
N HIS C 595 32.17 46.51 39.89
CA HIS C 595 33.12 45.41 40.01
C HIS C 595 34.10 45.47 38.85
N GLY C 596 33.90 46.45 37.97
CA GLY C 596 34.72 46.58 36.77
C GLY C 596 34.07 45.87 35.61
N ARG C 597 34.85 45.58 34.59
CA ARG C 597 34.32 44.97 33.38
C ARG C 597 34.78 43.52 33.28
N GLU C 598 33.99 42.73 32.58
CA GLU C 598 34.39 41.40 32.17
C GLU C 598 34.05 41.30 30.69
N PRO C 599 34.63 40.32 30.00
CA PRO C 599 34.18 40.04 28.65
C PRO C 599 32.75 39.53 28.67
N MET C 600 31.96 39.90 27.66
CA MET C 600 30.57 39.52 27.58
C MET C 600 30.32 38.03 27.65
N VAL C 601 31.29 37.22 27.26
CA VAL C 601 31.08 35.78 27.21
C VAL C 601 30.69 35.24 28.59
N THR C 602 31.09 35.95 29.65
CA THR C 602 30.90 35.52 31.03
C THR C 602 29.48 35.76 31.51
N GLN C 603 28.77 36.64 30.81
CA GLN C 603 27.43 36.99 31.17
C GLN C 603 26.56 37.32 29.96
N ARG C 604 26.70 36.55 28.88
CA ARG C 604 25.97 36.85 27.66
C ARG C 604 24.46 36.83 27.88
N ASN C 605 24.04 35.96 28.79
CA ASN C 605 22.63 35.65 28.96
C ASN C 605 21.88 36.59 29.89
N ILE C 606 22.57 37.61 30.37
CA ILE C 606 21.95 38.56 31.31
C ILE C 606 21.66 39.90 30.63
N HIS C 607 22.16 40.08 29.40
CA HIS C 607 22.04 41.36 28.71
C HIS C 607 20.59 41.81 28.66
N ALA C 608 19.76 41.00 27.97
CA ALA C 608 18.34 41.29 27.84
C ALA C 608 17.65 41.43 29.20
N TYR C 609 17.92 40.53 30.13
CA TYR C 609 17.30 40.68 31.45
C TYR C 609 17.44 42.14 31.87
N THR C 610 18.65 42.66 31.69
CA THR C 610 19.06 44.01 32.12
C THR C 610 18.45 45.11 31.29
N LEU C 611 18.43 44.95 29.97
CA LEU C 611 17.68 45.84 29.09
C LEU C 611 16.23 45.98 29.60
N CYS C 612 15.52 44.86 29.72
CA CYS C 612 14.14 44.82 30.21
C CYS C 612 13.94 45.41 31.59
N GLU C 613 14.91 45.18 32.48
CA GLU C 613 14.75 45.60 33.84
C GLU C 613 14.69 47.11 33.86
N SER C 614 15.55 47.70 33.03
CA SER C 614 15.75 49.12 32.99
C SER C 614 14.59 49.79 32.30
N THR C 615 14.09 49.16 31.25
CA THR C 615 12.87 49.61 30.58
C THR C 615 11.70 49.67 31.57
N ARG C 616 11.63 48.70 32.47
CA ARG C 616 10.55 48.68 33.45
C ARG C 616 10.74 49.73 34.56
N LYS C 617 11.88 49.69 35.25
CA LYS C 617 12.09 50.50 36.45
C LYS C 617 12.23 52.00 36.13
N GLU C 618 12.98 52.31 35.09
CA GLU C 618 13.27 53.69 34.73
C GLU C 618 12.38 54.19 33.60
N GLY C 619 12.01 53.29 32.70
CA GLY C 619 11.13 53.64 31.62
C GLY C 619 9.72 53.82 32.16
N ILE C 620 9.04 52.70 32.37
CA ILE C 620 7.63 52.70 32.70
C ILE C 620 7.34 53.23 34.09
N VAL C 621 8.20 52.93 35.05
CA VAL C 621 7.89 53.32 36.43
C VAL C 621 8.17 54.81 36.69
N GLU C 622 9.44 55.22 36.68
CA GLU C 622 9.81 56.63 36.91
C GLU C 622 9.02 57.60 36.06
N ASN C 623 8.77 57.22 34.80
CA ASN C 623 8.10 58.11 33.88
C ASN C 623 6.65 57.70 33.57
N ALA C 624 5.93 57.23 34.59
CA ALA C 624 4.50 56.94 34.42
C ALA C 624 3.68 58.21 34.31
N ASP C 625 4.20 59.30 34.86
CA ASP C 625 3.55 60.60 34.82
C ASP C 625 3.38 61.06 33.37
N THR C 626 4.23 60.56 32.48
CA THR C 626 4.16 60.93 31.07
C THR C 626 3.29 59.99 30.22
N LEU C 627 2.95 58.82 30.75
CA LEU C 627 2.01 57.96 30.06
C LEU C 627 0.71 58.71 29.97
N THR C 628 -0.07 58.43 28.93
CA THR C 628 -1.29 59.19 28.73
C THR C 628 -2.53 58.42 29.22
N LYS C 629 -3.15 57.64 28.34
CA LYS C 629 -4.41 56.99 28.65
C LYS C 629 -4.36 55.95 29.76
N PHE C 630 -3.28 55.18 29.85
CA PHE C 630 -3.17 54.18 30.90
C PHE C 630 -1.86 54.36 31.68
N ARG C 631 -1.92 54.37 33.01
CA ARG C 631 -0.71 54.64 33.78
C ARG C 631 0.13 53.38 33.90
N ARG C 632 -0.52 52.25 34.16
CA ARG C 632 0.16 50.97 34.13
C ARG C 632 0.57 50.60 32.71
N SER C 633 1.65 49.84 32.58
CA SER C 633 2.18 49.50 31.26
C SER C 633 2.68 48.06 31.29
N TYR C 634 3.39 47.65 30.26
CA TYR C 634 3.89 46.29 30.22
C TYR C 634 4.97 46.23 29.16
N ILE C 635 5.68 45.11 29.14
CA ILE C 635 6.66 44.90 28.11
C ILE C 635 6.51 43.52 27.57
N ILE C 636 6.54 43.40 26.26
CA ILE C 636 6.67 42.08 25.65
C ILE C 636 8.06 41.97 25.02
N SER C 637 8.94 41.20 25.66
CA SER C 637 10.32 41.08 25.20
C SER C 637 10.61 39.77 24.50
N ARG C 638 11.65 39.80 23.65
CA ARG C 638 12.03 38.68 22.84
C ARG C 638 13.16 37.87 23.40
N GLY C 639 13.56 38.11 24.63
CA GLY C 639 14.71 37.41 25.22
C GLY C 639 14.94 37.87 26.64
N GLY C 640 15.87 37.22 27.34
CA GLY C 640 16.09 37.47 28.77
C GLY C 640 16.11 36.18 29.56
N TYR C 641 16.35 36.31 30.86
CA TYR C 641 16.83 35.24 31.71
C TYR C 641 15.83 35.00 32.79
N ILE C 642 15.85 33.80 33.38
CA ILE C 642 15.00 33.51 34.54
C ILE C 642 14.86 34.79 35.37
N GLY C 643 13.62 35.22 35.54
CA GLY C 643 13.31 36.36 36.37
C GLY C 643 12.61 37.44 35.60
N ASN C 644 12.56 37.28 34.28
CA ASN C 644 12.03 38.32 33.39
C ASN C 644 10.56 38.61 33.65
N GLN C 645 9.92 37.79 34.48
CA GLN C 645 8.50 37.94 34.74
C GLN C 645 8.28 39.17 35.59
N HIS C 646 9.34 39.66 36.20
CA HIS C 646 9.24 40.92 36.98
C HIS C 646 9.35 42.18 36.16
N PHE C 647 9.65 42.04 34.87
CA PHE C 647 9.57 43.18 33.96
C PHE C 647 8.37 43.15 33.00
N GLY C 648 7.86 41.96 32.68
CA GLY C 648 6.79 41.86 31.69
C GLY C 648 6.57 40.42 31.22
N GLY C 649 6.67 40.20 29.92
CA GLY C 649 6.42 38.88 29.34
C GLY C 649 7.23 38.63 28.09
N MET C 650 6.88 37.59 27.36
CA MET C 650 7.72 37.15 26.27
C MET C 650 6.91 36.79 25.05
N TRP C 651 7.52 37.00 23.87
CA TRP C 651 7.02 36.36 22.67
C TRP C 651 8.17 35.59 22.10
N VAL C 652 7.86 34.49 21.44
CA VAL C 652 8.87 33.51 21.09
C VAL C 652 9.54 33.83 19.77
N GLY C 653 9.95 35.08 19.62
CA GLY C 653 10.83 35.46 18.52
C GLY C 653 10.23 35.14 17.17
N ASP C 654 11.10 34.82 16.22
CA ASP C 654 10.67 34.60 14.86
C ASP C 654 10.27 33.16 14.48
N ASN C 655 9.03 32.80 14.78
CA ASN C 655 8.49 31.54 14.29
C ASN C 655 8.20 31.61 12.80
N SER C 656 7.69 30.51 12.28
CA SER C 656 7.27 30.43 10.90
C SER C 656 5.92 29.68 10.81
N THR C 657 5.45 29.45 9.59
CA THR C 657 4.06 29.17 9.30
C THR C 657 3.77 27.71 8.90
N THR C 658 4.04 26.78 9.79
CA THR C 658 3.86 25.37 9.50
C THR C 658 3.28 24.73 10.73
N SER C 659 2.68 23.55 10.56
CA SER C 659 2.06 22.83 11.66
C SER C 659 3.03 22.63 12.79
N ASN C 660 4.29 22.41 12.43
CA ASN C 660 5.32 22.19 13.44
C ASN C 660 5.48 23.42 14.37
N TYR C 661 5.42 24.64 13.83
CA TYR C 661 5.48 25.84 14.70
C TYR C 661 4.25 25.96 15.57
N ILE C 662 3.11 25.42 15.14
CA ILE C 662 1.90 25.45 15.96
C ILE C 662 2.14 24.59 17.19
N GLN C 663 2.73 23.43 16.95
CA GLN C 663 3.07 22.48 18.00
C GLN C 663 4.08 23.09 18.96
N MET C 664 5.23 23.47 18.41
CA MET C 664 6.25 24.21 19.15
C MET C 664 5.67 25.32 19.99
N MET C 665 4.76 26.12 19.42
CA MET C 665 4.10 27.18 20.16
C MET C 665 3.50 26.69 21.45
N ILE C 666 2.68 25.66 21.37
CA ILE C 666 1.97 25.22 22.54
C ILE C 666 2.99 24.77 23.57
N ALA C 667 3.86 23.83 23.20
CA ALA C 667 4.91 23.36 24.10
C ALA C 667 5.78 24.47 24.69
N ASN C 668 6.01 25.55 23.94
CA ASN C 668 6.76 26.69 24.44
C ASN C 668 5.99 27.41 25.51
N ASN C 669 4.70 27.63 25.26
CA ASN C 669 3.89 28.26 26.25
C ASN C 669 3.85 27.41 27.52
N ILE C 670 3.61 26.10 27.37
CA ILE C 670 3.48 25.25 28.53
C ILE C 670 4.78 25.33 29.28
N ASN C 671 5.87 25.23 28.53
CA ASN C 671 7.22 25.20 29.11
C ASN C 671 7.68 26.47 29.83
N MET C 672 7.51 27.61 29.19
CA MET C 672 7.90 28.86 29.80
C MET C 672 7.03 29.10 31.01
N ASN C 673 5.78 28.64 30.96
CA ASN C 673 4.93 28.81 32.13
C ASN C 673 5.48 28.07 33.35
N MET C 674 6.18 26.96 33.14
CA MET C 674 6.74 26.28 34.30
C MET C 674 8.12 26.83 34.62
N SER C 675 8.59 27.75 33.79
CA SER C 675 9.84 28.42 34.08
C SER C 675 9.57 29.79 34.66
N CYS C 676 8.35 29.98 35.12
CA CYS C 676 7.97 31.20 35.85
C CYS C 676 7.91 32.48 34.98
N LEU C 677 8.00 32.31 33.67
CA LEU C 677 7.66 33.34 32.70
C LEU C 677 6.39 32.90 31.99
N PRO C 678 5.23 33.39 32.43
CA PRO C 678 3.97 32.82 32.00
C PRO C 678 3.17 33.65 30.99
N LEU C 679 3.28 34.97 31.00
CA LEU C 679 2.51 35.75 30.03
C LEU C 679 3.31 35.85 28.76
N VAL C 680 3.20 34.80 27.94
CA VAL C 680 4.06 34.57 26.79
C VAL C 680 3.24 34.11 25.61
N GLY C 681 3.78 34.18 24.41
CA GLY C 681 3.03 33.82 23.22
C GLY C 681 3.92 33.76 22.00
N SER C 682 3.47 33.06 20.98
CA SER C 682 4.18 32.98 19.73
C SER C 682 3.37 33.75 18.71
N ASP C 683 4.04 34.43 17.79
CA ASP C 683 3.34 35.10 16.70
C ASP C 683 2.29 34.19 16.07
N ILE C 684 1.05 34.68 15.97
CA ILE C 684 -0.06 33.88 15.48
C ILE C 684 -0.04 33.82 13.97
N GLY C 685 0.00 32.60 13.43
CA GLY C 685 0.13 32.41 12.00
C GLY C 685 1.56 32.35 11.50
N GLY C 686 2.52 32.75 12.33
CA GLY C 686 3.94 32.62 12.00
C GLY C 686 4.55 33.89 11.46
N PHE C 687 5.69 34.29 11.99
CA PHE C 687 6.35 35.51 11.55
C PHE C 687 6.86 35.42 10.13
N THR C 688 7.67 34.41 9.84
CA THR C 688 8.40 34.37 8.57
C THR C 688 7.74 33.50 7.53
N SER C 689 8.03 33.76 6.25
CA SER C 689 7.59 32.96 5.11
C SER C 689 7.85 31.46 5.27
N TYR C 690 7.14 30.67 4.49
CA TYR C 690 7.20 29.22 4.64
C TYR C 690 7.30 28.48 3.30
N ASP C 691 6.72 29.07 2.26
CA ASP C 691 6.59 28.45 0.94
C ASP C 691 7.85 28.62 0.09
N ASN C 692 8.63 27.54 -0.03
CA ASN C 692 9.91 27.57 -0.73
C ASN C 692 9.85 28.13 -2.17
N GLU C 693 8.94 27.62 -2.99
CA GLU C 693 8.84 28.02 -4.39
C GLU C 693 8.50 29.50 -4.54
N ASN C 694 8.03 30.11 -3.46
CA ASN C 694 7.60 31.50 -3.52
C ASN C 694 7.23 32.07 -2.16
N GLN C 695 8.19 32.71 -1.52
CA GLN C 695 8.05 33.21 -0.16
C GLN C 695 6.80 34.04 0.07
N ARG C 696 6.35 34.73 -0.97
CA ARG C 696 5.26 35.68 -0.83
C ARG C 696 3.85 35.09 -0.55
N THR C 697 3.73 33.76 -0.56
CA THR C 697 2.44 33.14 -0.25
C THR C 697 2.13 33.29 1.23
N PRO C 698 0.93 33.80 1.56
CA PRO C 698 0.53 33.91 2.98
C PRO C 698 -0.04 32.60 3.49
N CYS C 699 -0.11 32.48 4.82
CA CYS C 699 -0.69 31.35 5.53
C CYS C 699 -2.01 30.87 4.93
N THR C 700 -2.26 29.57 4.96
CA THR C 700 -3.50 29.00 4.44
C THR C 700 -4.65 29.15 5.41
N GLY C 701 -5.85 29.40 4.89
CA GLY C 701 -7.00 29.62 5.73
C GLY C 701 -7.15 28.59 6.82
N ASP C 702 -6.85 27.33 6.51
CA ASP C 702 -6.98 26.29 7.49
C ASP C 702 -5.91 26.38 8.58
N LEU C 703 -4.66 26.59 8.16
CA LEU C 703 -3.60 26.70 9.15
C LEU C 703 -3.81 27.87 10.09
N MET C 704 -4.22 29.02 9.54
CA MET C 704 -4.50 30.20 10.38
C MET C 704 -5.56 29.92 11.41
N VAL C 705 -6.54 29.08 11.03
CA VAL C 705 -7.60 28.72 11.91
C VAL C 705 -7.04 27.89 13.07
N ARG C 706 -6.20 26.91 12.74
CA ARG C 706 -5.64 26.05 13.78
C ARG C 706 -4.70 26.82 14.69
N TYR C 707 -4.05 27.81 14.11
CA TYR C 707 -3.08 28.68 14.80
C TYR C 707 -3.81 29.54 15.79
N VAL C 708 -4.87 30.18 15.31
CA VAL C 708 -5.67 31.07 16.15
C VAL C 708 -6.34 30.30 17.28
N GLN C 709 -6.98 29.17 16.93
CA GLN C 709 -7.55 28.21 17.88
C GLN C 709 -6.64 27.77 19.04
N ALA C 710 -5.41 27.36 18.71
CA ALA C 710 -4.48 26.90 19.70
C ALA C 710 -3.99 28.07 20.56
N GLY C 711 -3.85 29.22 19.92
CA GLY C 711 -3.30 30.39 20.61
C GLY C 711 -4.36 31.23 21.30
N CYS C 712 -5.63 30.81 21.24
CA CYS C 712 -6.73 31.67 21.64
C CYS C 712 -6.99 31.74 23.14
N LEU C 713 -6.32 30.90 23.91
CA LEU C 713 -6.42 31.02 25.35
C LEU C 713 -5.01 31.04 25.93
N LEU C 714 -4.02 31.17 25.07
CA LEU C 714 -2.68 31.33 25.55
C LEU C 714 -2.52 32.80 25.95
N PRO C 715 -1.74 33.07 27.00
CA PRO C 715 -1.47 34.42 27.54
C PRO C 715 -1.33 35.57 26.53
N TRP C 716 -0.25 35.57 25.76
CA TRP C 716 0.01 36.66 24.82
C TRP C 716 -0.52 36.28 23.47
N PHE C 717 -1.47 37.08 22.98
CA PHE C 717 -2.23 36.73 21.77
C PHE C 717 -2.10 37.80 20.70
N ARG C 718 -1.11 37.61 19.81
CA ARG C 718 -0.79 38.57 18.77
C ARG C 718 -0.46 37.89 17.47
N ASN C 719 -1.12 38.32 16.40
CA ASN C 719 -0.77 37.91 15.04
C ASN C 719 0.28 38.87 14.52
N HIS C 720 1.53 38.45 14.37
CA HIS C 720 2.51 39.34 13.76
C HIS C 720 3.24 38.65 12.62
N TYR C 721 3.79 39.41 11.69
CA TYR C 721 4.39 38.78 10.52
C TYR C 721 5.24 39.70 9.68
N ASP C 722 6.02 39.08 8.83
CA ASP C 722 6.94 39.76 7.93
C ASP C 722 6.18 40.01 6.63
N ARG C 723 5.93 41.26 6.29
CA ARG C 723 5.22 41.55 5.05
C ARG C 723 6.18 41.95 3.93
N TRP C 724 5.93 41.46 2.72
CA TRP C 724 6.73 41.81 1.56
C TRP C 724 6.29 43.16 1.02
N ILE C 725 7.22 44.09 0.86
CA ILE C 725 6.90 45.38 0.26
C ILE C 725 8.02 45.81 -0.67
N GLU C 726 7.74 46.76 -1.57
CA GLU C 726 8.74 47.16 -2.55
C GLU C 726 10.12 47.46 -1.89
N SER C 727 10.10 48.06 -0.71
CA SER C 727 11.31 48.57 -0.05
C SER C 727 11.85 47.57 0.97
N LYS C 728 11.26 46.38 0.96
CA LYS C 728 11.67 45.27 1.78
C LYS C 728 11.18 43.96 1.16
N ASP C 729 11.97 43.42 0.23
CA ASP C 729 11.60 42.27 -0.56
C ASP C 729 11.77 40.92 0.15
N HIS C 730 11.25 40.82 1.37
CA HIS C 730 11.09 39.52 2.00
C HIS C 730 9.80 39.42 2.81
N GLY C 731 9.19 38.24 2.73
CA GLY C 731 7.97 37.97 3.46
C GLY C 731 6.74 37.80 2.59
N LYS C 732 5.59 37.85 3.27
CA LYS C 732 4.33 37.46 2.67
C LYS C 732 3.39 38.65 2.46
N ASP C 733 2.43 38.45 1.58
CA ASP C 733 1.51 39.49 1.14
C ASP C 733 0.65 40.00 2.25
N TYR C 734 -0.21 39.15 2.80
CA TYR C 734 -1.07 39.54 3.91
C TYR C 734 -1.04 38.51 5.03
N GLN C 735 -1.53 38.86 6.23
CA GLN C 735 -1.76 37.80 7.24
C GLN C 735 -2.88 38.13 8.23
N GLU C 736 -3.48 39.30 8.02
CA GLU C 736 -4.58 39.82 8.79
C GLU C 736 -5.79 38.89 8.75
N LEU C 737 -6.37 38.63 9.91
CA LEU C 737 -7.49 37.70 9.99
C LEU C 737 -8.63 38.06 9.04
N TYR C 738 -8.77 39.34 8.74
CA TYR C 738 -9.90 39.82 7.95
C TYR C 738 -9.72 39.59 6.46
N MET C 739 -8.57 39.06 6.06
CA MET C 739 -8.30 38.78 4.66
C MET C 739 -8.66 37.35 4.30
N TYR C 740 -9.37 36.65 5.18
CA TYR C 740 -9.66 35.23 5.00
C TYR C 740 -11.18 34.95 4.93
N PRO C 741 -11.84 35.38 3.84
CA PRO C 741 -13.30 35.42 3.73
C PRO C 741 -14.06 34.12 4.02
N ASN C 742 -13.63 33.00 3.45
CA ASN C 742 -14.24 31.72 3.76
C ASN C 742 -14.19 31.39 5.23
N GLU C 743 -13.11 31.81 5.86
CA GLU C 743 -12.80 31.39 7.20
C GLU C 743 -13.04 32.48 8.23
N MET C 744 -13.64 33.59 7.79
CA MET C 744 -13.76 34.78 8.63
C MET C 744 -14.61 34.53 9.86
N ASP C 745 -15.68 33.75 9.71
CA ASP C 745 -16.59 33.52 10.84
C ASP C 745 -15.95 32.70 11.97
N THR C 746 -15.42 31.53 11.64
CA THR C 746 -14.63 30.78 12.60
C THR C 746 -13.56 31.68 13.22
N LEU C 747 -12.79 32.35 12.36
CA LEU C 747 -11.77 33.23 12.84
C LEU C 747 -12.28 34.21 13.88
N ARG C 748 -13.36 34.91 13.57
CA ARG C 748 -13.86 35.97 14.44
C ARG C 748 -14.38 35.41 15.76
N LYS C 749 -15.05 34.27 15.67
CA LYS C 749 -15.73 33.73 16.82
C LYS C 749 -14.73 33.27 17.90
N PHE C 750 -13.56 32.82 17.47
CA PHE C 750 -12.58 32.35 18.43
C PHE C 750 -11.88 33.51 19.08
N VAL C 751 -11.92 34.68 18.44
CA VAL C 751 -11.45 35.86 19.13
C VAL C 751 -12.51 36.29 20.15
N GLU C 752 -13.78 36.21 19.74
CA GLU C 752 -14.85 36.62 20.64
C GLU C 752 -14.87 35.77 21.91
N PHE C 753 -14.84 34.45 21.74
CA PHE C 753 -14.69 33.50 22.86
C PHE C 753 -13.51 33.84 23.78
N ARG C 754 -12.34 34.11 23.21
CA ARG C 754 -11.23 34.54 24.04
C ARG C 754 -11.68 35.73 24.88
N TYR C 755 -12.16 36.78 24.19
CA TYR C 755 -12.57 38.00 24.88
C TYR C 755 -13.65 37.77 25.93
N ARG C 756 -14.45 36.71 25.79
CA ARG C 756 -15.48 36.41 26.79
C ARG C 756 -14.82 35.96 28.09
N TRP C 757 -13.69 35.27 27.99
CA TRP C 757 -12.96 34.82 29.15
C TRP C 757 -11.77 35.72 29.50
N GLN C 758 -11.92 37.02 29.32
CA GLN C 758 -10.85 37.95 29.64
C GLN C 758 -10.50 37.93 31.13
N GLU C 759 -11.51 37.72 31.97
CA GLU C 759 -11.35 37.72 33.41
C GLU C 759 -10.77 36.40 33.89
N VAL C 760 -10.90 35.35 33.09
CA VAL C 760 -10.26 34.09 33.41
C VAL C 760 -8.76 34.25 33.26
N LEU C 761 -8.36 35.00 32.24
CA LEU C 761 -6.97 35.31 31.96
C LEU C 761 -6.44 36.30 32.98
N TYR C 762 -7.03 37.48 33.00
CA TYR C 762 -6.68 38.50 33.95
C TYR C 762 -6.54 37.97 35.38
N THR C 763 -7.43 37.05 35.76
CA THR C 763 -7.44 36.52 37.12
C THR C 763 -6.29 35.58 37.35
N ALA C 764 -6.01 34.72 36.38
CA ALA C 764 -4.93 33.77 36.55
C ALA C 764 -3.62 34.52 36.56
N MET C 765 -3.56 35.61 35.82
CA MET C 765 -2.40 36.50 35.88
C MET C 765 -2.23 36.95 37.31
N TYR C 766 -3.33 37.35 37.93
CA TYR C 766 -3.30 37.69 39.33
C TYR C 766 -2.84 36.51 40.20
N GLN C 767 -3.19 35.29 39.81
CA GLN C 767 -2.85 34.17 40.64
C GLN C 767 -1.37 33.95 40.52
N ASN C 768 -0.85 34.28 39.37
CA ASN C 768 0.57 34.25 39.11
C ASN C 768 1.33 35.24 39.98
N ALA C 769 0.91 36.49 39.93
CA ALA C 769 1.64 37.54 40.59
C ALA C 769 1.49 37.38 42.08
N ALA C 770 0.40 36.77 42.51
CA ALA C 770 0.05 36.76 43.93
C ALA C 770 0.53 35.51 44.62
N PHE C 771 0.63 34.42 43.86
CA PHE C 771 0.80 33.09 44.42
C PHE C 771 1.87 32.28 43.69
N GLY C 772 2.04 32.61 42.41
CA GLY C 772 3.12 32.06 41.62
C GLY C 772 2.63 31.02 40.65
N LYS C 773 1.32 30.86 40.59
CA LYS C 773 0.73 29.82 39.77
C LYS C 773 0.87 30.11 38.26
N PRO C 774 1.55 29.21 37.56
CA PRO C 774 1.63 29.37 36.13
C PRO C 774 0.23 29.42 35.56
N ILE C 775 0.01 30.26 34.56
CA ILE C 775 -1.28 30.40 33.91
C ILE C 775 -1.65 29.10 33.22
N ILE C 776 -0.84 28.71 32.26
CA ILE C 776 -1.02 27.50 31.51
C ILE C 776 -0.33 26.35 32.24
N LYS C 777 -1.02 25.22 32.37
CA LYS C 777 -0.56 24.09 33.16
C LYS C 777 -0.26 22.92 32.24
N ALA C 778 0.86 22.25 32.46
CA ALA C 778 1.11 20.98 31.78
C ALA C 778 0.13 19.92 32.27
N ALA C 779 -0.23 19.00 31.37
CA ALA C 779 -1.03 17.84 31.73
C ALA C 779 -0.43 17.07 32.92
N SER C 780 0.90 16.93 32.90
CA SER C 780 1.67 16.41 34.04
C SER C 780 1.45 17.08 35.40
N MET C 781 0.78 18.22 35.46
CA MET C 781 0.52 18.88 36.74
C MET C 781 -0.77 18.38 37.39
N TYR C 782 -1.64 17.81 36.55
CA TYR C 782 -2.86 17.18 37.04
C TYR C 782 -2.40 15.93 37.75
N ASN C 783 -2.80 15.79 39.01
CA ASN C 783 -2.25 14.71 39.83
C ASN C 783 -3.05 13.43 39.79
N ASN C 784 -2.41 12.35 40.24
CA ASN C 784 -3.06 11.03 40.38
C ASN C 784 -3.68 10.51 39.09
N ASP C 785 -3.01 10.84 37.99
CA ASP C 785 -3.46 10.47 36.66
C ASP C 785 -2.28 9.91 35.89
N SER C 786 -2.41 8.68 35.42
CA SER C 786 -1.31 8.01 34.81
C SER C 786 -1.29 8.14 33.30
N ASN C 787 -2.25 8.89 32.74
CA ASN C 787 -2.33 9.11 31.29
C ASN C 787 -2.13 10.52 30.75
N VAL C 788 -1.90 11.49 31.65
CA VAL C 788 -1.69 12.88 31.27
C VAL C 788 -0.37 13.08 30.52
N ARG C 789 0.61 12.27 30.87
CA ARG C 789 1.95 12.36 30.34
C ARG C 789 2.05 11.93 28.87
N ARG C 790 1.19 10.99 28.47
CA ARG C 790 1.24 10.48 27.11
C ARG C 790 0.65 11.56 26.25
N ALA C 791 -0.21 12.35 26.87
CA ALA C 791 -1.02 13.37 26.22
C ALA C 791 -0.38 14.74 26.21
N GLN C 792 0.64 14.92 27.04
CA GLN C 792 1.12 16.25 27.47
C GLN C 792 1.72 17.16 26.39
N ASN C 793 1.94 16.63 25.20
CA ASN C 793 2.48 17.42 24.12
C ASN C 793 1.50 18.47 23.61
N ASP C 794 0.21 18.23 23.84
CA ASP C 794 -0.81 19.06 23.21
C ASP C 794 -2.15 19.14 23.95
N HIS C 795 -2.19 18.58 25.16
CA HIS C 795 -3.32 18.78 26.07
C HIS C 795 -2.83 19.69 27.22
N PHE C 796 -3.47 20.82 27.50
CA PHE C 796 -3.08 21.67 28.62
C PHE C 796 -4.27 22.18 29.43
N LEU C 797 -3.99 22.81 30.57
CA LEU C 797 -5.07 23.23 31.46
C LEU C 797 -4.90 24.69 31.87
N LEU C 798 -6.01 25.35 32.19
CA LEU C 798 -5.96 26.70 32.79
C LEU C 798 -7.30 27.11 33.40
N GLY C 799 -7.29 28.19 34.18
CA GLY C 799 -8.52 28.84 34.62
C GLY C 799 -9.25 28.30 35.84
N GLY C 800 -10.25 29.04 36.31
CA GLY C 800 -11.09 28.61 37.40
C GLY C 800 -10.60 29.04 38.76
N HIS C 801 -11.09 28.37 39.81
CA HIS C 801 -10.64 28.65 41.16
C HIS C 801 -9.22 28.14 41.37
N ASP C 802 -8.93 26.95 40.85
CA ASP C 802 -7.67 26.28 41.17
C ASP C 802 -6.66 26.39 40.05
N GLY C 803 -7.13 26.85 38.91
CA GLY C 803 -6.28 26.89 37.74
C GLY C 803 -6.35 25.69 36.80
N TYR C 804 -7.19 24.70 37.13
CA TYR C 804 -7.43 23.56 36.24
C TYR C 804 -8.90 23.37 35.93
N ARG C 805 -9.53 24.37 35.35
CA ARG C 805 -10.95 24.30 35.05
C ARG C 805 -11.23 24.20 33.55
N ILE C 806 -10.22 24.36 32.73
CA ILE C 806 -10.40 24.29 31.30
C ILE C 806 -9.33 23.36 30.76
N LEU C 807 -9.75 22.33 30.04
CA LEU C 807 -8.85 21.52 29.24
C LEU C 807 -8.82 22.11 27.83
N CYS C 808 -7.62 22.22 27.26
CA CYS C 808 -7.45 22.62 25.87
C CYS C 808 -6.61 21.58 25.14
N ALA C 809 -7.02 21.25 23.93
CA ALA C 809 -6.37 20.18 23.19
C ALA C 809 -6.51 20.42 21.70
N PRO C 810 -6.04 21.57 21.22
CA PRO C 810 -6.17 22.02 19.84
C PRO C 810 -5.57 21.04 18.84
N VAL C 811 -6.03 21.11 17.59
CA VAL C 811 -5.56 20.26 16.51
C VAL C 811 -4.27 20.86 15.99
N VAL C 812 -3.22 20.06 15.88
CA VAL C 812 -1.93 20.67 15.65
C VAL C 812 -1.36 20.38 14.27
N TRP C 813 -2.25 19.98 13.36
CA TRP C 813 -1.87 19.64 11.98
C TRP C 813 -2.79 20.28 11.00
N GLU C 814 -2.23 20.94 9.99
CA GLU C 814 -3.07 21.48 8.93
C GLU C 814 -3.80 20.36 8.16
N ASN C 815 -4.84 20.78 7.45
CA ASN C 815 -5.89 19.97 6.78
C ASN C 815 -6.46 18.77 7.55
N SER C 816 -6.66 18.90 8.86
CA SER C 816 -7.11 17.77 9.69
C SER C 816 -8.48 17.98 10.32
N THR C 817 -9.22 16.90 10.54
CA THR C 817 -10.55 17.06 11.15
C THR C 817 -10.82 16.09 12.29
N GLU C 818 -9.75 15.61 12.92
CA GLU C 818 -9.83 14.79 14.14
C GLU C 818 -8.47 14.67 14.84
N ARG C 819 -8.52 14.36 16.13
CA ARG C 819 -7.31 14.12 16.89
C ARG C 819 -7.65 13.11 17.96
N GLU C 820 -6.62 12.57 18.61
CA GLU C 820 -6.82 11.65 19.73
C GLU C 820 -6.80 12.44 21.04
N LEU C 821 -7.91 12.34 21.76
CA LEU C 821 -8.16 13.19 22.93
C LEU C 821 -8.32 12.35 24.19
N TYR C 822 -7.60 12.73 25.23
CA TYR C 822 -7.71 12.07 26.53
C TYR C 822 -8.24 13.04 27.58
N LEU C 823 -9.29 12.66 28.31
CA LEU C 823 -9.79 13.49 29.40
C LEU C 823 -9.12 13.08 30.72
N PRO C 824 -8.75 14.05 31.58
CA PRO C 824 -8.14 13.66 32.87
C PRO C 824 -9.13 13.02 33.84
N VAL C 825 -8.70 11.97 34.53
CA VAL C 825 -9.54 11.14 35.37
C VAL C 825 -9.93 11.79 36.70
N LEU C 826 -11.11 11.40 37.22
CA LEU C 826 -11.60 11.77 38.55
C LEU C 826 -12.36 13.12 38.62
N THR C 827 -12.67 13.68 37.46
CA THR C 827 -13.60 14.78 37.36
C THR C 827 -14.44 14.56 36.09
N GLN C 828 -15.56 15.27 35.92
CA GLN C 828 -16.32 15.20 34.66
C GLN C 828 -16.06 16.46 33.81
N TRP C 829 -16.21 16.33 32.49
CA TRP C 829 -15.86 17.41 31.56
C TRP C 829 -17.00 17.77 30.60
N TYR C 830 -17.04 19.03 30.20
CA TYR C 830 -18.09 19.54 29.32
C TYR C 830 -17.58 20.23 28.05
N LYS C 831 -18.10 19.80 26.90
CA LYS C 831 -17.69 20.37 25.64
C LYS C 831 -17.97 21.87 25.62
N PHE C 832 -16.94 22.67 25.38
CA PHE C 832 -17.14 24.12 25.30
C PHE C 832 -16.53 24.74 24.05
N GLY C 833 -16.73 26.03 23.86
CA GLY C 833 -16.18 26.73 22.71
C GLY C 833 -17.05 27.93 22.37
N PRO C 834 -16.60 28.76 21.41
CA PRO C 834 -17.34 29.96 20.99
C PRO C 834 -18.79 29.66 20.63
N ASP C 835 -19.08 28.40 20.29
CA ASP C 835 -20.43 28.03 19.87
C ASP C 835 -21.36 27.89 21.04
N PHE C 836 -20.80 27.48 22.17
CA PHE C 836 -21.58 27.04 23.33
C PHE C 836 -22.17 28.15 24.19
N ASP C 837 -21.82 29.40 23.93
CA ASP C 837 -22.44 30.49 24.63
C ASP C 837 -23.97 30.53 24.36
N THR C 838 -24.37 30.26 23.12
CA THR C 838 -25.77 30.45 22.68
C THR C 838 -26.52 29.14 22.42
N LYS C 839 -26.17 28.10 23.16
CA LYS C 839 -26.86 26.83 23.03
C LYS C 839 -26.55 25.97 24.24
N PRO C 840 -27.49 25.08 24.60
CA PRO C 840 -27.31 24.20 25.73
C PRO C 840 -25.98 23.47 25.68
N LEU C 841 -25.40 23.24 26.84
CA LEU C 841 -24.28 22.33 26.95
C LEU C 841 -24.79 20.94 26.58
N GLU C 842 -23.85 20.06 26.22
CA GLU C 842 -24.21 18.70 25.90
C GLU C 842 -24.11 17.86 27.16
N GLY C 843 -23.87 16.57 27.00
CA GLY C 843 -23.78 15.70 28.17
C GLY C 843 -22.39 15.60 28.74
N ALA C 844 -22.32 15.42 30.05
CA ALA C 844 -21.06 15.11 30.73
C ALA C 844 -20.25 14.06 29.96
N MET C 845 -18.95 14.32 29.87
CA MET C 845 -18.01 13.38 29.31
C MET C 845 -17.14 12.86 30.45
N ASN C 846 -17.31 11.58 30.79
CA ASN C 846 -16.52 10.92 31.84
C ASN C 846 -15.03 11.18 31.73
N GLY C 847 -14.44 11.65 32.83
CA GLY C 847 -13.01 11.88 32.89
C GLY C 847 -12.25 10.58 32.81
N GLY C 848 -11.11 10.61 32.15
CA GLY C 848 -10.21 9.47 32.03
C GLY C 848 -10.45 8.67 30.77
N ASP C 849 -11.38 9.13 29.94
CA ASP C 849 -11.69 8.48 28.66
C ASP C 849 -10.63 8.79 27.62
N ARG C 850 -10.22 7.79 26.84
CA ARG C 850 -9.41 8.06 25.66
C ARG C 850 -10.22 7.84 24.40
N ILE C 851 -10.43 8.91 23.65
CA ILE C 851 -11.12 8.78 22.39
C ILE C 851 -10.15 8.96 21.24
N TYR C 852 -10.05 7.92 20.40
CA TYR C 852 -9.37 8.02 19.11
C TYR C 852 -10.39 8.52 18.14
N ASN C 853 -10.01 9.46 17.31
CA ASN C 853 -10.92 9.93 16.27
C ASN C 853 -11.93 10.98 16.71
N TYR C 854 -11.79 11.50 17.92
CA TYR C 854 -12.65 12.60 18.32
C TYR C 854 -12.71 13.57 17.14
N PRO C 855 -13.93 13.86 16.66
CA PRO C 855 -14.15 14.74 15.52
C PRO C 855 -13.88 16.24 15.81
N VAL C 856 -13.09 16.88 14.98
CA VAL C 856 -12.90 18.31 15.05
C VAL C 856 -13.01 18.93 13.68
N PRO C 857 -14.23 19.30 13.27
CA PRO C 857 -14.36 20.11 12.06
C PRO C 857 -13.45 21.34 12.16
N GLN C 858 -13.15 21.95 11.02
CA GLN C 858 -12.27 23.11 11.00
C GLN C 858 -12.74 24.15 12.00
N SER C 859 -14.05 24.40 12.03
CA SER C 859 -14.65 25.43 12.88
C SER C 859 -14.66 25.10 14.40
N GLU C 860 -13.89 24.11 14.82
CA GLU C 860 -13.89 23.67 16.22
C GLU C 860 -12.47 23.61 16.75
N SER C 861 -12.35 23.19 18.00
CA SER C 861 -11.09 23.03 18.70
C SER C 861 -11.50 22.44 20.05
N PRO C 862 -10.79 21.41 20.50
CA PRO C 862 -11.27 20.75 21.70
C PRO C 862 -10.94 21.55 22.95
N ILE C 863 -11.91 22.31 23.44
CA ILE C 863 -11.82 22.95 24.73
C ILE C 863 -13.00 22.45 25.59
N PHE C 864 -12.72 22.19 26.87
CA PHE C 864 -13.72 21.66 27.80
C PHE C 864 -13.69 22.41 29.13
N VAL C 865 -14.85 22.57 29.77
CA VAL C 865 -14.91 23.19 31.08
C VAL C 865 -15.28 22.11 32.11
N ARG C 866 -14.48 22.01 33.16
CA ARG C 866 -14.60 20.98 34.17
C ARG C 866 -15.86 21.19 34.99
N GLU C 867 -16.45 20.11 35.50
CA GLU C 867 -17.57 20.29 36.43
C GLU C 867 -17.06 21.11 37.61
N GLY C 868 -17.99 21.79 38.28
CA GLY C 868 -17.67 22.50 39.50
C GLY C 868 -17.06 23.87 39.28
N ALA C 869 -17.05 24.33 38.03
CA ALA C 869 -16.41 25.59 37.69
C ALA C 869 -17.42 26.72 37.55
N ILE C 870 -17.12 27.84 38.22
CA ILE C 870 -17.80 29.10 37.93
C ILE C 870 -16.73 29.96 37.26
N LEU C 871 -17.09 30.69 36.22
CA LEU C 871 -16.10 31.49 35.51
C LEU C 871 -16.53 32.95 35.40
N PRO C 872 -15.72 33.88 35.90
CA PRO C 872 -16.13 35.22 35.53
C PRO C 872 -16.01 35.37 34.02
N THR C 873 -17.04 35.97 33.42
CA THR C 873 -17.27 36.01 32.00
C THR C 873 -17.64 37.46 31.66
N ARG C 874 -17.27 37.96 30.49
CA ARG C 874 -17.58 39.35 30.12
C ARG C 874 -18.39 39.49 28.83
N TYR C 875 -19.27 40.48 28.77
CA TYR C 875 -20.01 40.80 27.56
C TYR C 875 -20.07 42.30 27.40
N THR C 876 -20.20 42.75 26.16
CA THR C 876 -20.41 44.15 25.86
C THR C 876 -21.89 44.48 26.01
N LEU C 877 -22.17 45.70 26.44
CA LEU C 877 -23.54 46.13 26.67
C LEU C 877 -24.33 46.20 25.37
N ASN C 878 -23.77 46.82 24.35
CA ASN C 878 -24.50 47.02 23.10
C ASN C 878 -24.42 45.83 22.14
N GLY C 879 -23.62 44.85 22.48
CA GLY C 879 -23.61 43.58 21.74
C GLY C 879 -22.52 43.49 20.68
N GLU C 880 -21.93 44.64 20.35
CA GLU C 880 -20.85 44.68 19.37
C GLU C 880 -19.52 44.22 19.97
N ASN C 881 -18.56 43.97 19.07
CA ASN C 881 -17.20 43.64 19.45
C ASN C 881 -16.32 44.89 19.58
N LYS C 882 -15.99 45.27 20.80
CA LYS C 882 -14.97 46.31 21.01
C LYS C 882 -13.79 45.78 21.80
N SER C 883 -12.79 46.63 22.00
CA SER C 883 -11.54 46.23 22.65
C SER C 883 -11.69 46.18 24.15
N LEU C 884 -10.99 45.25 24.77
CA LEU C 884 -10.93 45.18 26.23
C LEU C 884 -10.80 46.56 26.85
N ASN C 885 -9.87 47.37 26.35
CA ASN C 885 -9.52 48.63 27.02
C ASN C 885 -10.60 49.70 27.03
N THR C 886 -11.57 49.57 26.14
CA THR C 886 -12.75 50.46 26.15
C THR C 886 -13.96 49.83 26.85
N TYR C 887 -13.74 48.73 27.56
CA TYR C 887 -14.75 48.19 28.45
C TYR C 887 -14.85 49.05 29.72
N THR C 888 -16.07 49.21 30.22
CA THR C 888 -16.32 49.80 31.51
C THR C 888 -17.18 48.81 32.28
N ASP C 889 -17.37 49.06 33.56
CA ASP C 889 -18.13 48.15 34.40
C ASP C 889 -19.61 48.02 34.02
N GLU C 890 -20.06 48.84 33.08
CA GLU C 890 -21.43 48.73 32.56
C GLU C 890 -21.53 47.53 31.62
N ASP C 891 -20.37 47.02 31.20
CA ASP C 891 -20.29 45.86 30.33
C ASP C 891 -20.38 44.57 31.15
N PRO C 892 -21.57 43.94 31.15
CA PRO C 892 -21.92 42.90 32.11
C PRO C 892 -20.79 41.99 32.54
N LEU C 893 -20.66 41.82 33.85
CA LEU C 893 -19.81 40.84 34.47
C LEU C 893 -20.70 39.69 34.84
N VAL C 894 -20.39 38.49 34.37
CA VAL C 894 -21.31 37.35 34.52
C VAL C 894 -20.63 36.12 35.08
N PHE C 895 -21.28 35.46 36.04
CA PHE C 895 -20.66 34.34 36.70
C PHE C 895 -21.32 33.07 36.23
N GLU C 896 -20.70 32.44 35.24
CA GLU C 896 -21.27 31.25 34.64
C GLU C 896 -20.95 30.07 35.55
N VAL C 897 -21.96 29.65 36.30
CA VAL C 897 -21.89 28.43 37.07
C VAL C 897 -22.14 27.27 36.12
N PHE C 898 -21.13 26.45 35.89
CA PHE C 898 -21.31 25.22 35.13
C PHE C 898 -21.90 24.10 36.02
N PRO C 899 -22.23 22.95 35.42
CA PRO C 899 -22.81 21.87 36.23
C PRO C 899 -21.93 21.51 37.41
N LEU C 900 -22.52 21.26 38.56
CA LEU C 900 -21.72 21.07 39.75
C LEU C 900 -20.94 19.77 39.68
N GLY C 901 -19.92 19.68 40.53
CA GLY C 901 -19.14 18.47 40.70
C GLY C 901 -19.15 18.16 42.18
N ASN C 902 -19.76 17.05 42.54
CA ASN C 902 -20.03 16.76 43.95
C ASN C 902 -20.88 17.87 44.59
N ASN C 903 -21.98 18.19 43.93
CA ASN C 903 -22.88 19.25 44.38
C ASN C 903 -22.15 20.52 44.81
N ARG C 904 -21.02 20.80 44.14
CA ARG C 904 -20.14 21.90 44.52
C ARG C 904 -19.63 22.61 43.25
N ALA C 905 -19.38 23.92 43.36
CA ALA C 905 -18.73 24.69 42.31
C ALA C 905 -18.09 25.93 42.91
N ASP C 906 -17.03 26.42 42.30
CA ASP C 906 -16.27 27.50 42.89
C ASP C 906 -15.76 28.48 41.83
N GLY C 907 -15.50 29.71 42.24
CA GLY C 907 -14.99 30.71 41.31
C GLY C 907 -14.09 31.74 41.97
N MET C 908 -13.21 32.33 41.16
CA MET C 908 -12.41 33.47 41.57
C MET C 908 -12.50 34.53 40.47
N CYS C 909 -12.49 35.80 40.88
CA CYS C 909 -12.41 36.90 39.94
C CYS C 909 -11.68 38.07 40.57
N TYR C 910 -10.78 38.68 39.80
CA TYR C 910 -9.94 39.74 40.28
C TYR C 910 -10.33 41.02 39.60
N LEU C 911 -10.74 42.01 40.36
CA LEU C 911 -11.16 43.25 39.76
C LEU C 911 -10.18 44.39 40.07
N ASP C 912 -10.08 45.32 39.12
CA ASP C 912 -9.38 46.59 39.31
C ASP C 912 -9.63 47.42 38.06
N ASP C 913 -9.02 48.59 37.96
CA ASP C 913 -9.42 49.46 36.87
C ASP C 913 -8.87 49.04 35.52
N GLY C 914 -7.97 48.07 35.50
CA GLY C 914 -7.43 47.60 34.23
C GLY C 914 -6.14 48.30 33.89
N GLY C 915 -5.71 49.20 34.77
CA GLY C 915 -4.44 49.86 34.58
C GLY C 915 -4.59 51.28 34.12
N VAL C 916 -5.81 51.81 34.16
CA VAL C 916 -6.00 53.25 33.97
C VAL C 916 -5.10 53.96 34.99
N THR C 917 -5.04 53.45 36.22
CA THR C 917 -4.06 53.90 37.20
C THR C 917 -3.32 52.73 37.86
N THR C 918 -2.13 52.98 38.39
CA THR C 918 -1.37 51.91 39.05
C THR C 918 -1.66 51.86 40.53
N ASN C 919 -2.94 51.96 40.88
CA ASN C 919 -3.31 52.03 42.29
C ASN C 919 -3.44 50.65 42.88
N ALA C 920 -3.58 49.66 42.00
CA ALA C 920 -3.68 48.27 42.43
C ALA C 920 -2.33 47.83 42.93
N GLU C 921 -1.33 47.95 42.08
CA GLU C 921 0.02 47.61 42.48
C GLU C 921 0.58 48.58 43.53
N ASP C 922 0.15 49.84 43.54
CA ASP C 922 0.77 50.78 44.48
C ASP C 922 0.10 50.82 45.89
N ASN C 923 -1.21 51.02 45.96
CA ASN C 923 -1.89 51.11 47.26
C ASN C 923 -2.86 49.96 47.57
N GLY C 924 -2.81 48.91 46.76
CA GLY C 924 -3.65 47.71 46.95
C GLY C 924 -5.10 47.96 46.59
N LYS C 925 -5.34 48.80 45.59
CA LYS C 925 -6.68 49.22 45.21
C LYS C 925 -7.26 48.22 44.25
N PHE C 926 -7.49 47.02 44.75
CA PHE C 926 -8.04 45.95 43.93
C PHE C 926 -8.98 45.03 44.72
N SER C 927 -9.67 44.15 44.00
CA SER C 927 -10.63 43.25 44.65
C SER C 927 -10.49 41.82 44.23
N VAL C 928 -10.71 40.91 45.17
CA VAL C 928 -10.74 39.50 44.85
C VAL C 928 -12.04 38.94 45.37
N VAL C 929 -12.87 38.52 44.43
CA VAL C 929 -14.17 37.94 44.73
C VAL C 929 -14.09 36.44 44.59
N LYS C 930 -14.70 35.73 45.52
CA LYS C 930 -14.86 34.31 45.36
C LYS C 930 -16.36 34.00 45.35
N VAL C 931 -16.72 32.89 44.73
CA VAL C 931 -18.10 32.49 44.71
C VAL C 931 -18.24 30.97 44.86
N ALA C 932 -19.23 30.55 45.64
CA ALA C 932 -19.41 29.13 45.91
C ALA C 932 -20.82 28.70 45.50
N ALA C 933 -20.99 27.42 45.18
CA ALA C 933 -22.30 26.89 44.88
C ALA C 933 -22.44 25.53 45.55
N GLU C 934 -23.61 25.25 46.11
CA GLU C 934 -23.80 24.00 46.82
C GLU C 934 -25.25 23.57 46.68
N GLN C 935 -25.49 22.53 45.87
CA GLN C 935 -26.81 21.88 45.86
C GLN C 935 -26.98 21.02 47.09
N ASP C 936 -28.12 21.13 47.75
CA ASP C 936 -28.42 20.32 48.93
C ASP C 936 -29.91 20.00 48.92
N GLY C 937 -30.27 18.86 48.33
CA GLY C 937 -31.68 18.59 48.08
C GLY C 937 -32.25 19.61 47.11
N GLY C 938 -33.34 20.27 47.50
CA GLY C 938 -34.00 21.26 46.65
C GLY C 938 -33.57 22.71 46.83
N THR C 939 -32.61 22.93 47.74
CA THR C 939 -32.04 24.26 47.99
C THR C 939 -30.63 24.35 47.36
N GLU C 940 -30.37 25.38 46.57
CA GLU C 940 -29.01 25.60 46.02
C GLU C 940 -28.48 26.98 46.41
N THR C 941 -27.30 27.01 47.05
CA THR C 941 -26.78 28.26 47.58
C THR C 941 -25.55 28.76 46.87
N ILE C 942 -25.62 29.98 46.34
CA ILE C 942 -24.50 30.62 45.70
C ILE C 942 -23.97 31.75 46.59
N THR C 943 -22.74 31.63 47.05
CA THR C 943 -22.21 32.58 48.00
C THR C 943 -21.05 33.46 47.47
N PHE C 944 -21.26 34.76 47.48
CA PHE C 944 -20.21 35.70 47.10
C PHE C 944 -19.48 36.21 48.35
N THR C 945 -18.18 35.96 48.40
CA THR C 945 -17.36 36.48 49.49
C THR C 945 -16.21 37.32 48.93
N ASN C 946 -15.47 38.00 49.78
CA ASN C 946 -14.28 38.71 49.27
C ASN C 946 -13.05 38.62 50.14
N ASP C 947 -11.90 38.51 49.50
CA ASP C 947 -10.63 38.57 50.22
C ASP C 947 -10.19 40.02 50.43
N CYS C 948 -10.77 40.92 49.65
CA CYS C 948 -10.67 42.36 49.88
C CYS C 948 -11.54 43.00 48.82
N TYR C 949 -11.97 44.22 49.06
CA TYR C 949 -12.81 44.87 48.07
C TYR C 949 -12.48 46.36 48.02
N GLU C 950 -11.31 46.65 47.47
CA GLU C 950 -10.81 48.01 47.41
C GLU C 950 -11.27 48.66 46.12
N TYR C 951 -11.37 47.87 45.05
CA TYR C 951 -11.91 48.37 43.80
C TYR C 951 -13.40 48.07 43.70
N VAL C 952 -14.18 49.09 43.36
CA VAL C 952 -15.63 48.96 43.34
C VAL C 952 -16.21 48.74 41.96
N PHE C 953 -16.56 47.49 41.63
CA PHE C 953 -17.22 47.23 40.37
C PHE C 953 -18.46 48.08 40.36
N GLY C 954 -18.69 48.78 39.25
CA GLY C 954 -19.62 49.91 39.25
C GLY C 954 -20.89 49.72 38.46
N GLY C 955 -21.24 48.47 38.21
CA GLY C 955 -22.42 48.13 37.45
C GLY C 955 -22.88 46.77 37.90
N PRO C 956 -24.12 46.39 37.55
CA PRO C 956 -24.72 45.13 37.99
C PRO C 956 -23.95 43.96 37.45
N PHE C 957 -24.04 42.82 38.13
CA PHE C 957 -23.43 41.59 37.65
C PHE C 957 -24.46 40.49 37.70
N TYR C 958 -24.17 39.40 36.99
CA TYR C 958 -25.16 38.37 36.76
C TYR C 958 -24.61 37.03 37.20
N VAL C 959 -25.52 36.09 37.42
CA VAL C 959 -25.16 34.73 37.78
C VAL C 959 -25.87 33.83 36.81
N ARG C 960 -25.12 33.18 35.94
CA ARG C 960 -25.75 32.31 34.99
C ARG C 960 -25.58 30.87 35.42
N VAL C 961 -26.61 30.30 36.03
CA VAL C 961 -26.60 28.89 36.38
C VAL C 961 -26.96 28.02 35.17
N ARG C 962 -26.01 27.25 34.68
CA ARG C 962 -26.30 26.24 33.66
C ARG C 962 -27.13 25.10 34.27
N GLY C 963 -27.90 24.42 33.43
CA GLY C 963 -28.76 23.32 33.89
C GLY C 963 -29.90 23.75 34.82
N ALA C 964 -30.00 25.06 35.05
CA ALA C 964 -31.05 25.61 35.91
C ALA C 964 -32.14 26.28 35.10
N GLN C 965 -33.38 25.86 35.32
CA GLN C 965 -34.53 26.53 34.70
C GLN C 965 -35.33 27.33 35.73
N SER C 966 -36.60 27.62 35.43
CA SER C 966 -37.43 28.44 36.32
C SER C 966 -37.56 27.86 37.74
N PRO C 967 -37.29 28.72 38.75
CA PRO C 967 -37.29 28.39 40.16
C PRO C 967 -38.63 28.69 40.84
N SER C 968 -38.81 28.17 42.05
CA SER C 968 -40.00 28.50 42.83
C SER C 968 -39.78 29.84 43.51
N ASN C 969 -38.54 30.07 43.96
CA ASN C 969 -38.15 31.36 44.52
C ASN C 969 -36.63 31.55 44.62
N ILE C 970 -36.21 32.80 44.59
CA ILE C 970 -34.82 33.17 44.83
C ILE C 970 -34.75 34.24 45.90
N HIS C 971 -33.86 34.02 46.87
CA HIS C 971 -33.66 34.96 47.97
C HIS C 971 -32.20 35.44 47.94
N VAL C 972 -31.99 36.74 48.10
CA VAL C 972 -30.65 37.29 48.11
C VAL C 972 -30.35 38.03 49.41
N SER C 973 -29.32 37.57 50.11
CA SER C 973 -28.97 38.11 51.41
C SER C 973 -27.70 38.90 51.28
N SER C 974 -27.74 40.19 51.59
CA SER C 974 -26.54 40.99 51.53
C SER C 974 -26.51 41.99 52.66
N GLY C 975 -25.30 42.45 52.98
CA GLY C 975 -25.12 43.42 54.04
C GLY C 975 -25.86 44.66 53.62
N ALA C 976 -25.88 44.87 52.31
CA ALA C 976 -26.59 45.99 51.67
C ALA C 976 -28.13 45.84 51.74
N GLY C 977 -28.65 44.61 51.73
CA GLY C 977 -30.08 44.40 51.95
C GLY C 977 -30.63 43.05 51.54
N SER C 978 -31.36 42.41 52.47
CA SER C 978 -32.12 41.19 52.18
C SER C 978 -33.35 41.48 51.31
N GLN C 979 -33.59 40.63 50.33
CA GLN C 979 -34.61 40.87 49.31
C GLN C 979 -34.99 39.58 48.58
N ASP C 980 -36.24 39.44 48.19
CA ASP C 980 -36.65 38.37 47.28
C ASP C 980 -36.53 38.82 45.83
N MET C 981 -36.16 37.91 44.93
CA MET C 981 -36.12 38.24 43.50
C MET C 981 -37.49 38.05 42.83
N LYS C 982 -37.66 38.70 41.68
CA LYS C 982 -38.87 38.51 40.88
C LYS C 982 -38.48 38.27 39.42
N VAL C 983 -39.37 37.59 38.68
CA VAL C 983 -39.17 37.36 37.25
C VAL C 983 -39.05 38.68 36.51
N SER C 984 -38.37 38.67 35.37
CA SER C 984 -38.07 39.89 34.65
C SER C 984 -39.01 40.06 33.50
N SER C 985 -39.27 41.31 33.12
CA SER C 985 -40.08 41.57 31.95
C SER C 985 -39.22 41.74 30.70
N ALA C 986 -38.03 41.13 30.73
CA ALA C 986 -37.20 41.03 29.54
C ALA C 986 -37.36 39.63 28.94
N THR C 987 -37.18 39.53 27.62
CA THR C 987 -37.48 38.29 26.91
C THR C 987 -36.29 37.83 26.07
N SER C 988 -35.15 38.45 26.31
CA SER C 988 -33.92 38.12 25.61
C SER C 988 -32.77 38.49 26.53
N ARG C 989 -31.60 37.93 26.26
CA ARG C 989 -30.44 38.28 27.06
C ARG C 989 -30.06 39.76 26.89
N ALA C 990 -30.15 40.24 25.66
CA ALA C 990 -29.87 41.65 25.39
C ALA C 990 -30.81 42.54 26.20
N ALA C 991 -32.07 42.13 26.26
CA ALA C 991 -33.10 42.85 26.98
C ALA C 991 -32.83 42.85 28.48
N LEU C 992 -32.28 41.74 28.97
CA LEU C 992 -31.98 41.62 30.39
C LEU C 992 -30.87 42.58 30.77
N PHE C 993 -29.84 42.67 29.95
CA PHE C 993 -28.72 43.58 30.21
C PHE C 993 -29.17 45.05 30.23
N ASN C 994 -29.91 45.44 29.19
CA ASN C 994 -30.26 46.85 28.98
C ASN C 994 -31.47 47.39 29.75
N ASP C 995 -32.54 46.60 29.79
CA ASP C 995 -33.81 47.03 30.37
C ASP C 995 -34.11 46.38 31.73
N GLY C 996 -33.47 45.23 31.99
CA GLY C 996 -33.75 44.47 33.20
C GLY C 996 -33.44 45.27 34.45
N GLU C 997 -34.18 45.01 35.52
CA GLU C 997 -33.93 45.66 36.80
C GLU C 997 -33.14 44.74 37.72
N ASN C 998 -32.26 45.31 38.53
CA ASN C 998 -31.60 44.52 39.54
C ASN C 998 -32.67 43.88 40.39
N GLY C 999 -32.68 42.56 40.48
CA GLY C 999 -33.67 41.86 41.27
C GLY C 999 -34.37 40.89 40.37
N ASP C 1000 -34.22 41.12 39.06
CA ASP C 1000 -34.86 40.34 38.01
C ASP C 1000 -34.09 39.07 37.75
N PHE C 1001 -34.80 37.95 37.64
CA PHE C 1001 -34.22 36.77 37.01
C PHE C 1001 -34.88 36.53 35.66
N TRP C 1002 -34.18 35.81 34.80
CA TRP C 1002 -34.68 35.53 33.46
C TRP C 1002 -34.42 34.08 33.11
N VAL C 1003 -35.41 33.43 32.52
CA VAL C 1003 -35.22 32.05 32.13
C VAL C 1003 -34.75 31.98 30.68
N ASP C 1004 -33.76 31.15 30.42
CA ASP C 1004 -33.22 31.02 29.08
C ASP C 1004 -33.47 29.60 28.57
N GLN C 1005 -34.65 29.36 28.00
CA GLN C 1005 -35.01 28.02 27.47
C GLN C 1005 -33.99 27.61 26.43
N GLU C 1006 -33.42 28.60 25.78
CA GLU C 1006 -32.60 28.37 24.61
C GLU C 1006 -31.20 27.85 24.95
N THR C 1007 -30.54 28.44 25.96
CA THR C 1007 -29.22 27.94 26.34
C THR C 1007 -29.31 27.05 27.57
N ASP C 1008 -30.55 26.84 28.03
CA ASP C 1008 -30.86 26.09 29.25
C ASP C 1008 -30.11 26.65 30.45
N SER C 1009 -30.37 27.91 30.78
CA SER C 1009 -29.60 28.58 31.80
C SER C 1009 -30.49 29.58 32.49
N LEU C 1010 -30.38 29.67 33.81
CA LEU C 1010 -31.10 30.69 34.59
C LEU C 1010 -30.16 31.87 34.80
N TRP C 1011 -30.63 33.06 34.43
CA TRP C 1011 -29.82 34.27 34.58
C TRP C 1011 -30.32 35.13 35.74
N LEU C 1012 -29.44 35.43 36.69
CA LEU C 1012 -29.78 36.33 37.77
C LEU C 1012 -29.16 37.71 37.57
N LYS C 1013 -29.96 38.76 37.73
CA LYS C 1013 -29.44 40.14 37.67
C LYS C 1013 -29.42 40.74 39.07
N LEU C 1014 -28.27 41.24 39.49
CA LEU C 1014 -28.10 41.69 40.86
C LEU C 1014 -27.37 43.03 40.91
N PRO C 1015 -27.47 43.75 42.03
CA PRO C 1015 -26.89 45.08 42.15
C PRO C 1015 -25.39 45.06 42.44
N ASN C 1016 -24.67 46.05 41.94
CA ASN C 1016 -23.23 46.09 42.11
C ASN C 1016 -22.82 46.10 43.58
N VAL C 1017 -23.63 46.73 44.42
CA VAL C 1017 -23.30 46.86 45.83
C VAL C 1017 -23.20 45.54 46.59
N VAL C 1018 -23.80 44.47 46.05
CA VAL C 1018 -23.88 43.17 46.74
C VAL C 1018 -22.84 42.15 46.22
N LEU C 1019 -21.88 42.63 45.46
CA LEU C 1019 -20.90 41.76 44.84
C LEU C 1019 -19.84 41.23 45.83
N PRO C 1020 -19.46 42.04 46.84
CA PRO C 1020 -18.46 41.54 47.78
C PRO C 1020 -19.01 40.51 48.75
N ASP C 1021 -20.34 40.44 48.85
CA ASP C 1021 -20.98 39.67 49.94
C ASP C 1021 -22.45 39.31 49.70
N ALA C 1022 -22.75 38.04 49.41
CA ALA C 1022 -24.15 37.65 49.17
C ALA C 1022 -24.45 36.16 49.34
N VAL C 1023 -25.65 35.86 49.80
CA VAL C 1023 -26.16 34.48 49.82
C VAL C 1023 -27.42 34.39 48.95
N ILE C 1024 -27.24 33.76 47.81
CA ILE C 1024 -28.32 33.48 46.88
C ILE C 1024 -28.88 32.08 47.16
N THR C 1025 -30.14 31.99 47.56
CA THR C 1025 -30.69 30.67 47.84
C THR C 1025 -31.85 30.36 46.88
N ILE C 1026 -31.58 29.44 45.97
CA ILE C 1026 -32.48 29.11 44.88
C ILE C 1026 -33.26 27.89 45.29
N THR C 1027 -34.58 28.01 45.21
CA THR C 1027 -35.48 27.09 45.86
C THR C 1027 -36.59 26.72 44.88
N THR D 3 -8.53 6.54 -57.33
CA THR D 3 -8.51 7.69 -58.29
C THR D 3 -7.83 8.94 -57.70
N ASP D 4 -7.46 9.89 -58.57
CA ASP D 4 -6.56 11.00 -58.22
C ASP D 4 -7.16 12.38 -58.53
N ASN D 5 -6.27 13.29 -58.97
CA ASN D 5 -6.57 14.70 -59.27
C ASN D 5 -7.97 15.15 -58.84
N PRO D 6 -8.16 15.31 -57.52
CA PRO D 6 -9.49 15.51 -56.94
C PRO D 6 -10.10 16.87 -57.30
N ASP D 7 -9.26 17.91 -57.31
CA ASP D 7 -9.73 19.27 -57.59
C ASP D 7 -9.72 19.53 -59.09
N GLY D 8 -9.71 18.46 -59.87
CA GLY D 8 -9.71 18.55 -61.33
C GLY D 8 -9.00 19.81 -61.82
N ILE D 9 -7.70 19.88 -61.60
CA ILE D 9 -6.90 20.98 -62.11
C ILE D 9 -6.42 20.64 -63.53
N ASP D 10 -6.40 21.63 -64.40
CA ASP D 10 -5.79 21.45 -65.69
C ASP D 10 -4.39 22.06 -65.64
N TYR D 11 -3.37 21.22 -65.76
CA TYR D 11 -1.96 21.64 -65.63
C TYR D 11 -1.41 22.08 -66.98
N LYS D 12 -1.08 23.36 -67.06
CA LYS D 12 -0.74 23.97 -68.33
C LYS D 12 0.75 24.27 -68.36
N THR D 13 1.45 23.89 -67.30
CA THR D 13 2.89 23.94 -67.36
C THR D 13 3.46 22.65 -66.83
N TYR D 14 4.63 22.28 -67.34
CA TYR D 14 5.30 21.10 -66.85
C TYR D 14 6.78 21.38 -66.81
N ASP D 15 7.27 22.06 -67.84
CA ASP D 15 8.72 22.35 -67.93
C ASP D 15 9.17 23.44 -66.97
N TYR D 16 10.45 23.41 -66.64
CA TYR D 16 11.11 24.52 -65.97
C TYR D 16 10.76 25.80 -66.72
N VAL D 17 10.33 26.80 -65.97
CA VAL D 17 10.11 28.10 -66.55
C VAL D 17 11.12 29.02 -65.91
N GLY D 18 12.06 29.55 -66.68
CA GLY D 18 13.07 30.44 -66.11
C GLY D 18 12.50 31.77 -65.66
N VAL D 19 13.28 32.53 -64.88
CA VAL D 19 12.81 33.82 -64.40
C VAL D 19 12.48 34.80 -65.53
N TRP D 20 13.09 34.56 -66.70
CA TRP D 20 12.87 35.38 -67.89
C TRP D 20 11.46 35.19 -68.47
N GLY D 21 10.79 34.15 -68.01
CA GLY D 21 9.49 33.77 -68.53
C GLY D 21 8.41 33.79 -67.46
N PHE D 22 8.77 34.27 -66.27
CA PHE D 22 7.77 34.55 -65.25
C PHE D 22 7.47 36.05 -65.26
N SER D 23 6.29 36.41 -65.77
CA SER D 23 5.95 37.83 -66.02
C SER D 23 4.61 38.27 -65.43
N PRO D 24 4.50 38.28 -64.10
CA PRO D 24 3.25 38.77 -63.57
C PRO D 24 3.09 40.24 -63.90
N LEU D 25 4.18 40.98 -64.01
CA LEU D 25 4.08 42.39 -64.34
C LEU D 25 3.60 42.63 -65.80
N SER D 26 3.40 41.53 -66.54
CA SER D 26 2.74 41.56 -67.85
C SER D 26 1.30 42.04 -67.72
N ASN D 27 0.66 41.66 -66.61
CA ASN D 27 -0.75 41.99 -66.32
C ASN D 27 -1.76 41.17 -67.07
N THR D 28 -1.61 41.15 -68.39
CA THR D 28 -2.59 40.56 -69.28
C THR D 28 -2.72 39.03 -69.08
N ASN D 29 -3.96 38.59 -68.79
CA ASN D 29 -4.30 37.20 -68.45
C ASN D 29 -4.35 36.97 -66.93
N TRP D 30 -3.93 37.96 -66.18
CA TRP D 30 -3.86 37.85 -64.72
C TRP D 30 -5.09 38.45 -64.01
N PHE D 31 -5.52 37.80 -62.95
CA PHE D 31 -6.51 38.38 -62.07
C PHE D 31 -5.79 39.07 -60.92
N ALA D 32 -6.29 40.23 -60.53
CA ALA D 32 -5.84 40.83 -59.28
C ALA D 32 -7.08 41.22 -58.53
N ALA D 33 -6.91 41.69 -57.31
CA ALA D 33 -8.04 42.07 -56.48
C ALA D 33 -8.63 43.41 -56.94
N GLY D 34 -9.96 43.54 -56.80
CA GLY D 34 -10.69 44.73 -57.23
C GLY D 34 -11.63 45.28 -56.17
N SER D 35 -12.42 44.41 -55.58
CA SER D 35 -13.32 44.80 -54.50
C SER D 35 -13.64 43.59 -53.66
N SER D 36 -14.41 43.78 -52.61
CA SER D 36 -14.67 42.69 -51.67
C SER D 36 -15.81 43.01 -50.72
N THR D 37 -16.36 41.96 -50.11
CA THR D 37 -17.36 42.10 -49.07
C THR D 37 -16.96 41.17 -47.92
N PRO D 38 -17.11 41.66 -46.68
CA PRO D 38 -16.68 40.91 -45.50
C PRO D 38 -17.35 39.54 -45.38
N GLY D 39 -16.70 38.65 -44.64
CA GLY D 39 -17.16 37.28 -44.46
C GLY D 39 -16.74 36.75 -43.11
N GLY D 40 -16.80 37.61 -42.10
CA GLY D 40 -16.69 37.18 -40.73
C GLY D 40 -15.30 36.89 -40.17
N ILE D 41 -15.21 36.95 -38.85
CA ILE D 41 -14.03 36.62 -38.07
C ILE D 41 -14.39 35.48 -37.11
N THR D 42 -13.60 34.40 -37.16
CA THR D 42 -13.61 33.35 -36.14
C THR D 42 -12.16 33.03 -35.78
N ASP D 43 -11.89 32.81 -34.50
CA ASP D 43 -10.53 32.75 -33.97
C ASP D 43 -9.74 34.02 -34.34
N TRP D 44 -8.53 33.88 -34.87
CA TRP D 44 -7.77 35.06 -35.29
C TRP D 44 -7.69 35.15 -36.80
N THR D 45 -8.72 34.66 -37.48
CA THR D 45 -8.72 34.50 -38.94
C THR D 45 -9.94 35.12 -39.63
N ALA D 46 -9.74 36.23 -40.31
CA ALA D 46 -10.84 36.84 -41.04
C ALA D 46 -10.96 36.27 -42.44
N THR D 47 -12.04 36.62 -43.12
CA THR D 47 -12.34 36.12 -44.46
C THR D 47 -12.94 37.24 -45.30
N MET D 48 -12.32 37.51 -46.45
CA MET D 48 -12.82 38.48 -47.40
C MET D 48 -13.16 37.81 -48.73
N ASN D 49 -14.39 38.00 -49.18
CA ASN D 49 -14.78 37.56 -50.49
C ASN D 49 -14.22 38.57 -51.46
N VAL D 50 -13.15 38.20 -52.16
CA VAL D 50 -12.54 39.11 -53.11
C VAL D 50 -13.02 38.86 -54.55
N ASN D 51 -13.42 39.93 -55.22
CA ASN D 51 -13.66 39.89 -56.65
C ASN D 51 -12.34 40.16 -57.35
N PHE D 52 -11.92 39.21 -58.20
CA PHE D 52 -10.71 39.36 -58.99
C PHE D 52 -11.08 39.72 -60.41
N ASP D 53 -10.47 40.77 -60.96
CA ASP D 53 -10.76 41.15 -62.32
C ASP D 53 -9.54 40.90 -63.20
N ARG D 54 -9.75 40.71 -64.50
CA ARG D 54 -8.62 40.57 -65.39
C ARG D 54 -8.02 41.94 -65.62
N ILE D 55 -6.71 42.08 -65.38
CA ILE D 55 -6.06 43.40 -65.49
C ILE D 55 -6.16 44.00 -66.90
N ASP D 56 -6.58 43.18 -67.87
CA ASP D 56 -6.63 43.59 -69.27
C ASP D 56 -8.07 43.60 -69.81
N ASN D 57 -8.93 42.75 -69.25
CA ASN D 57 -10.37 42.85 -69.46
C ASN D 57 -11.13 42.72 -68.14
N PRO D 58 -11.24 43.84 -67.41
CA PRO D 58 -11.90 43.81 -66.11
C PRO D 58 -13.35 43.31 -66.12
N SER D 59 -14.04 43.32 -67.26
CA SER D 59 -15.43 42.87 -67.27
C SER D 59 -15.51 41.38 -66.93
N ILE D 60 -14.35 40.72 -67.01
CA ILE D 60 -14.18 39.31 -66.62
C ILE D 60 -13.80 39.24 -65.14
N THR D 61 -14.71 38.74 -64.32
CA THR D 61 -14.47 38.68 -62.88
C THR D 61 -14.99 37.39 -62.27
N VAL D 62 -14.19 36.81 -61.37
CA VAL D 62 -14.64 35.70 -60.53
C VAL D 62 -14.43 36.11 -59.09
N GLN D 63 -14.91 35.29 -58.17
CA GLN D 63 -14.74 35.57 -56.76
C GLN D 63 -14.18 34.36 -56.03
N HIS D 64 -13.29 34.62 -55.09
CA HIS D 64 -12.75 33.58 -54.25
C HIS D 64 -12.61 34.09 -52.82
N PRO D 65 -12.86 33.23 -51.82
CA PRO D 65 -12.59 33.56 -50.42
C PRO D 65 -11.08 33.72 -50.18
N VAL D 66 -10.72 34.67 -49.33
CA VAL D 66 -9.33 34.92 -49.00
C VAL D 66 -9.17 35.12 -47.50
N GLN D 67 -8.30 34.35 -46.86
CA GLN D 67 -8.27 34.43 -45.43
C GLN D 67 -7.11 35.30 -44.99
N VAL D 68 -7.32 36.10 -43.96
CA VAL D 68 -6.29 36.92 -43.37
C VAL D 68 -6.18 36.60 -41.89
N GLN D 69 -5.13 35.89 -41.52
CA GLN D 69 -4.94 35.33 -40.19
C GLN D 69 -3.78 35.97 -39.45
N VAL D 70 -4.02 36.47 -38.25
CA VAL D 70 -2.93 36.93 -37.40
C VAL D 70 -2.23 35.71 -36.84
N THR D 71 -1.00 35.45 -37.27
CA THR D 71 -0.24 34.30 -36.78
C THR D 71 0.34 34.51 -35.38
N SER D 72 0.81 35.72 -35.08
CA SER D 72 1.32 36.02 -33.72
C SER D 72 1.30 37.50 -33.36
N TYR D 73 0.85 37.79 -32.13
CA TYR D 73 0.63 39.16 -31.67
C TYR D 73 1.85 39.75 -31.00
N ASN D 74 2.50 38.98 -30.13
CA ASN D 74 3.75 39.42 -29.54
C ASN D 74 4.89 39.48 -30.57
N ASN D 75 4.75 38.69 -31.64
CA ASN D 75 5.79 38.58 -32.67
C ASN D 75 5.44 39.31 -33.96
N ASN D 76 4.28 39.96 -34.00
CA ASN D 76 3.93 40.81 -35.13
C ASN D 76 3.96 40.09 -36.49
N SER D 77 3.22 38.99 -36.62
CA SER D 77 3.20 38.29 -37.89
C SER D 77 1.80 37.86 -38.28
N TYR D 78 1.51 37.87 -39.57
CA TYR D 78 0.22 37.43 -40.08
C TYR D 78 0.41 36.68 -41.40
N ARG D 79 -0.69 36.23 -41.95
CA ARG D 79 -0.67 35.33 -43.07
C ARG D 79 -1.91 35.63 -43.92
N VAL D 80 -1.75 35.56 -45.24
CA VAL D 80 -2.82 35.83 -46.17
C VAL D 80 -2.88 34.68 -47.16
N ARG D 81 -3.97 33.92 -47.15
CA ARG D 81 -4.01 32.71 -47.95
C ARG D 81 -5.34 32.40 -48.62
N PHE D 82 -5.29 32.13 -49.92
CA PHE D 82 -6.48 31.77 -50.67
C PHE D 82 -6.14 30.77 -51.79
N ASN D 83 -7.14 30.03 -52.24
CA ASN D 83 -6.90 28.97 -53.20
C ASN D 83 -7.81 29.11 -54.40
N PRO D 84 -7.25 29.52 -55.54
CA PRO D 84 -7.99 29.87 -56.75
C PRO D 84 -8.43 28.68 -57.59
N ASP D 85 -8.59 27.50 -56.97
CA ASP D 85 -8.79 26.24 -57.71
C ASP D 85 -9.65 25.22 -56.98
N GLY D 86 -9.83 25.43 -55.68
CA GLY D 86 -10.59 24.52 -54.84
C GLY D 86 -10.70 25.18 -53.49
N PRO D 87 -11.28 24.48 -52.50
CA PRO D 87 -11.42 25.04 -51.15
C PRO D 87 -10.05 25.21 -50.48
N ILE D 88 -9.94 26.16 -49.56
CA ILE D 88 -8.69 26.32 -48.82
C ILE D 88 -8.46 25.09 -47.96
N ARG D 89 -7.23 24.58 -48.00
CA ARG D 89 -6.87 23.33 -47.33
C ARG D 89 -5.50 23.48 -46.63
N ASP D 90 -5.50 23.26 -45.33
CA ASP D 90 -4.28 23.24 -44.52
C ASP D 90 -3.36 22.13 -45.00
N VAL D 91 -2.05 22.37 -44.90
CA VAL D 91 -1.08 21.32 -45.21
C VAL D 91 -0.86 20.41 -44.02
N THR D 92 -0.57 19.14 -44.32
CA THR D 92 -0.34 18.14 -43.30
C THR D 92 1.15 17.77 -43.26
N ARG D 93 1.87 18.13 -44.30
CA ARG D 93 3.33 18.10 -44.24
C ARG D 93 3.89 19.46 -44.71
N GLY D 94 4.79 20.02 -43.92
CA GLY D 94 5.36 21.33 -44.23
C GLY D 94 5.79 22.08 -42.99
N PRO D 95 6.58 23.16 -43.17
CA PRO D 95 7.15 23.98 -42.10
C PRO D 95 6.11 24.65 -41.21
N ILE D 96 5.00 25.07 -41.79
CA ILE D 96 3.97 25.80 -41.06
C ILE D 96 2.71 24.96 -40.90
N LEU D 97 2.48 24.41 -39.71
CA LEU D 97 1.33 23.50 -39.54
C LEU D 97 0.24 24.10 -38.65
N LYS D 98 -1.02 23.78 -38.97
CA LYS D 98 -2.14 24.28 -38.18
C LYS D 98 -1.94 24.14 -36.68
N GLN D 99 -1.46 23.00 -36.21
CA GLN D 99 -1.43 22.72 -34.76
C GLN D 99 -0.53 23.71 -34.03
N GLN D 100 0.58 24.06 -34.68
CA GLN D 100 1.58 24.96 -34.12
C GLN D 100 1.02 26.37 -34.09
N LEU D 101 0.26 26.72 -35.12
CA LEU D 101 -0.44 28.00 -35.17
C LEU D 101 -1.49 28.11 -34.07
N ASP D 102 -2.25 27.03 -33.85
CA ASP D 102 -3.28 26.98 -32.82
C ASP D 102 -2.63 27.20 -31.49
N TRP D 103 -1.49 26.54 -31.30
CA TRP D 103 -0.77 26.61 -30.03
C TRP D 103 -0.41 28.04 -29.67
N ILE D 104 0.22 28.76 -30.60
CA ILE D 104 0.67 30.12 -30.30
C ILE D 104 -0.51 31.04 -30.08
N ARG D 105 -1.55 30.84 -30.85
CA ARG D 105 -2.76 31.62 -30.62
C ARG D 105 -3.31 31.30 -29.22
N THR D 106 -3.17 30.08 -28.74
CA THR D 106 -3.70 29.77 -27.43
C THR D 106 -2.87 30.48 -26.36
N GLN D 107 -1.57 30.26 -26.41
CA GLN D 107 -0.67 30.80 -25.41
C GLN D 107 -0.79 32.31 -25.37
N GLU D 108 -1.02 32.91 -26.54
CA GLU D 108 -1.10 34.37 -26.59
C GLU D 108 -2.49 34.87 -26.17
N LEU D 109 -3.52 34.09 -26.46
CA LEU D 109 -4.88 34.36 -25.95
C LEU D 109 -4.89 34.40 -24.43
N SER D 110 -4.34 33.35 -23.81
CA SER D 110 -4.22 33.30 -22.35
C SER D 110 -2.99 34.08 -21.87
N GLU D 111 -2.83 35.27 -22.44
CA GLU D 111 -1.88 36.27 -21.96
C GLU D 111 -2.57 37.62 -22.06
N GLY D 112 -3.80 37.60 -22.58
CA GLY D 112 -4.56 38.82 -22.82
C GLY D 112 -4.29 39.50 -24.15
N CYS D 113 -3.56 38.83 -25.05
CA CYS D 113 -3.26 39.40 -26.36
C CYS D 113 -4.52 39.58 -27.18
N ASP D 114 -4.72 40.77 -27.74
CA ASP D 114 -5.93 41.02 -28.52
C ASP D 114 -5.73 41.89 -29.75
N PRO D 115 -5.62 41.24 -30.92
CA PRO D 115 -5.36 41.91 -32.19
C PRO D 115 -6.55 42.74 -32.60
N GLY D 116 -7.73 42.36 -32.13
CA GLY D 116 -8.96 43.10 -32.39
C GLY D 116 -9.31 43.24 -33.85
N MET D 117 -9.46 42.11 -34.53
CA MET D 117 -9.88 42.12 -35.92
C MET D 117 -11.33 42.59 -36.02
N THR D 118 -11.55 43.48 -36.98
CA THR D 118 -12.80 44.21 -37.08
C THR D 118 -13.00 44.71 -38.51
N PHE D 119 -14.23 44.61 -38.98
CA PHE D 119 -14.59 45.22 -40.25
C PHE D 119 -15.28 46.57 -40.03
N THR D 120 -14.88 47.55 -40.83
CA THR D 120 -15.47 48.89 -40.79
C THR D 120 -16.74 48.94 -41.62
N SER D 121 -17.38 50.11 -41.61
CA SER D 121 -18.59 50.32 -42.40
C SER D 121 -18.29 50.14 -43.88
N GLU D 122 -17.14 50.68 -44.30
CA GLU D 122 -16.72 50.60 -45.70
C GLU D 122 -16.41 49.19 -46.19
N GLY D 123 -16.30 48.23 -45.28
CA GLY D 123 -15.93 46.86 -45.62
C GLY D 123 -14.43 46.59 -45.53
N PHE D 124 -13.71 47.46 -44.82
CA PHE D 124 -12.27 47.31 -44.66
C PHE D 124 -11.94 46.51 -43.40
N LEU D 125 -10.77 45.89 -43.40
CA LEU D 125 -10.30 45.08 -42.29
C LEU D 125 -9.15 45.78 -41.59
N THR D 126 -9.28 45.95 -40.26
CA THR D 126 -8.17 46.40 -39.41
C THR D 126 -7.80 45.36 -38.39
N PHE D 127 -6.54 45.41 -37.95
CA PHE D 127 -6.09 44.62 -36.82
C PHE D 127 -4.78 45.19 -36.30
N GLU D 128 -4.42 44.80 -35.10
CA GLU D 128 -3.18 45.25 -34.48
C GLU D 128 -2.34 44.08 -34.01
N THR D 129 -1.10 44.38 -33.68
CA THR D 129 -0.21 43.44 -33.05
C THR D 129 0.53 44.29 -32.03
N LYS D 130 1.45 43.69 -31.26
CA LYS D 130 2.08 44.46 -30.18
C LYS D 130 2.87 45.67 -30.69
N ASP D 131 3.13 45.72 -31.99
CA ASP D 131 3.93 46.79 -32.54
C ASP D 131 3.39 47.37 -33.84
N LEU D 132 2.33 46.76 -34.39
CA LEU D 132 1.82 47.16 -35.69
C LEU D 132 0.30 47.38 -35.72
N SER D 133 -0.16 48.06 -36.76
CA SER D 133 -1.57 48.09 -37.10
C SER D 133 -1.63 48.01 -38.61
N VAL D 134 -2.61 47.29 -39.11
CA VAL D 134 -2.68 47.00 -40.54
C VAL D 134 -4.04 47.30 -41.12
N ILE D 135 -4.03 47.77 -42.35
CA ILE D 135 -5.22 48.18 -43.07
C ILE D 135 -5.31 47.35 -44.34
N ILE D 136 -6.45 46.72 -44.57
CA ILE D 136 -6.73 46.07 -45.85
C ILE D 136 -8.03 46.68 -46.42
N TYR D 137 -7.95 47.28 -47.61
CA TYR D 137 -9.09 48.00 -48.18
C TYR D 137 -9.98 47.09 -49.03
N GLY D 138 -10.91 47.67 -49.78
CA GLY D 138 -11.91 46.89 -50.50
C GLY D 138 -11.31 45.92 -51.51
N ASN D 139 -10.18 46.33 -52.10
CA ASN D 139 -9.47 45.55 -53.11
C ASN D 139 -8.20 44.91 -52.53
N PHE D 140 -8.15 44.78 -51.20
CA PHE D 140 -7.03 44.17 -50.53
C PHE D 140 -5.78 45.06 -50.44
N LYS D 141 -5.88 46.31 -50.86
CA LYS D 141 -4.74 47.22 -50.67
C LYS D 141 -4.33 47.17 -49.21
N THR D 142 -3.07 46.82 -48.94
CA THR D 142 -2.60 46.61 -47.57
C THR D 142 -1.55 47.63 -47.15
N ARG D 143 -1.72 48.19 -45.95
CA ARG D 143 -0.69 49.03 -45.32
C ARG D 143 -0.29 48.52 -43.92
N VAL D 144 1.00 48.30 -43.72
CA VAL D 144 1.51 47.98 -42.40
C VAL D 144 2.13 49.24 -41.78
N THR D 145 1.62 49.60 -40.61
CA THR D 145 2.01 50.80 -39.90
C THR D 145 2.60 50.45 -38.55
N ARG D 146 3.82 50.92 -38.30
CA ARG D 146 4.43 50.66 -37.01
C ARG D 146 3.99 51.66 -35.95
N LYS D 147 3.40 51.17 -34.85
CA LYS D 147 2.87 52.02 -33.80
C LYS D 147 3.82 53.11 -33.29
N SER D 148 5.03 52.73 -32.87
CA SER D 148 5.92 53.69 -32.20
C SER D 148 6.15 55.04 -32.92
N ASP D 149 6.08 55.05 -34.24
CA ASP D 149 6.37 56.29 -34.99
C ASP D 149 5.58 56.45 -36.29
N GLY D 150 4.52 55.66 -36.43
CA GLY D 150 3.61 55.73 -37.57
C GLY D 150 4.18 55.38 -38.92
N LYS D 151 5.40 54.86 -38.96
CA LYS D 151 6.05 54.54 -40.24
C LYS D 151 5.35 53.42 -41.05
N VAL D 152 5.07 53.70 -42.32
CA VAL D 152 4.50 52.69 -43.22
C VAL D 152 5.67 51.85 -43.71
N ILE D 153 5.78 50.65 -43.14
CA ILE D 153 6.99 49.86 -43.33
C ILE D 153 6.83 48.85 -44.46
N MET D 154 5.57 48.52 -44.78
CA MET D 154 5.26 47.72 -45.96
C MET D 154 3.89 48.10 -46.53
N GLU D 155 3.80 48.16 -47.86
CA GLU D 155 2.49 48.24 -48.51
C GLU D 155 2.53 47.50 -49.85
N ASN D 156 1.44 46.82 -50.20
CA ASN D 156 1.41 46.10 -51.47
C ASN D 156 1.28 47.07 -52.65
N ASP D 157 1.18 46.52 -53.86
CA ASP D 157 1.21 47.33 -55.07
C ASP D 157 -0.13 47.36 -55.82
N GLU D 158 -0.45 48.51 -56.41
CA GLU D 158 -1.75 48.76 -57.02
C GLU D 158 -1.60 49.29 -58.45
N VAL D 159 -1.82 48.46 -59.46
CA VAL D 159 -1.81 48.97 -60.83
C VAL D 159 -3.20 49.39 -61.26
N GLY D 160 -3.27 50.43 -62.07
CA GLY D 160 -4.55 50.94 -62.53
C GLY D 160 -4.99 50.36 -63.86
N THR D 161 -6.27 50.53 -64.17
CA THR D 161 -6.81 50.07 -65.45
C THR D 161 -7.60 51.14 -66.21
N ALA D 162 -8.07 50.74 -67.39
CA ALA D 162 -8.80 51.60 -68.31
C ALA D 162 -9.78 52.53 -67.60
N SER D 163 -11.01 52.06 -67.47
CA SER D 163 -12.09 52.83 -66.90
C SER D 163 -12.75 51.99 -65.82
N SER D 164 -11.94 51.22 -65.08
CA SER D 164 -12.50 50.21 -64.19
C SER D 164 -11.80 50.13 -62.85
N GLY D 165 -10.97 51.11 -62.55
CA GLY D 165 -10.44 51.24 -61.19
C GLY D 165 -9.17 50.46 -60.87
N ASN D 166 -8.65 50.67 -59.66
CA ASN D 166 -7.34 50.13 -59.27
C ASN D 166 -7.38 48.67 -58.83
N LYS D 167 -6.49 47.85 -59.38
CA LYS D 167 -6.40 46.46 -58.95
C LYS D 167 -5.12 46.23 -58.17
N CYS D 168 -5.25 45.46 -57.10
CA CYS D 168 -4.17 45.25 -56.14
C CYS D 168 -3.46 43.98 -56.52
N ARG D 169 -2.21 44.13 -56.93
CA ARG D 169 -1.46 42.99 -57.44
C ARG D 169 -0.87 42.12 -56.31
N GLY D 170 -1.26 42.41 -55.08
CA GLY D 170 -0.86 41.61 -53.93
C GLY D 170 -1.58 40.28 -53.94
N LEU D 171 -2.47 40.12 -54.93
CA LEU D 171 -3.24 38.88 -55.08
C LEU D 171 -3.47 38.45 -56.55
N MET D 172 -2.38 38.33 -57.31
CA MET D 172 -2.50 37.92 -58.71
C MET D 172 -2.57 36.40 -58.87
N PHE D 173 -3.32 35.96 -59.88
CA PHE D 173 -3.27 34.55 -60.31
C PHE D 173 -3.76 34.38 -61.74
N VAL D 174 -2.99 33.61 -62.51
CA VAL D 174 -3.24 33.50 -63.94
C VAL D 174 -4.60 32.88 -64.17
N ASP D 175 -5.39 33.49 -65.06
CA ASP D 175 -6.71 32.96 -65.35
C ASP D 175 -6.50 31.48 -65.58
N ARG D 176 -7.34 30.64 -64.97
CA ARG D 176 -7.12 29.18 -65.10
C ARG D 176 -7.34 28.64 -66.50
N LEU D 177 -8.07 29.37 -67.34
CA LEU D 177 -8.22 28.96 -68.73
C LEU D 177 -6.88 29.07 -69.47
N TYR D 178 -5.95 29.84 -68.91
CA TYR D 178 -4.73 30.20 -69.62
C TYR D 178 -3.45 29.71 -68.90
N GLY D 179 -3.61 29.25 -67.66
CA GLY D 179 -2.48 28.82 -66.85
C GLY D 179 -2.76 28.57 -65.37
N ASN D 180 -1.70 28.42 -64.58
CA ASN D 180 -1.84 28.06 -63.17
C ASN D 180 -1.13 28.97 -62.17
N ALA D 181 -0.26 29.84 -62.66
CA ALA D 181 0.57 30.67 -61.77
C ALA D 181 -0.19 31.52 -60.74
N ILE D 182 0.52 31.88 -59.67
CA ILE D 182 0.06 32.83 -58.68
C ILE D 182 1.19 33.83 -58.44
N ALA D 183 0.86 35.00 -57.90
CA ALA D 183 1.86 36.04 -57.70
C ALA D 183 1.42 37.13 -56.73
N SER D 184 2.39 37.86 -56.21
CA SER D 184 2.09 38.81 -55.19
C SER D 184 3.10 39.93 -55.28
N VAL D 185 2.60 41.13 -55.51
CA VAL D 185 3.46 42.29 -55.74
C VAL D 185 3.41 43.34 -54.62
N ASN D 186 4.58 43.74 -54.15
CA ASN D 186 4.74 44.80 -53.17
C ASN D 186 5.39 46.03 -53.80
N LYS D 187 5.20 47.17 -53.14
CA LYS D 187 5.99 48.33 -53.49
C LYS D 187 7.37 48.10 -52.89
N ASN D 188 8.39 48.50 -53.61
CA ASN D 188 9.76 48.26 -53.21
C ASN D 188 10.53 49.59 -53.19
N PHE D 189 11.14 49.89 -52.06
CA PHE D 189 11.78 51.19 -51.85
C PHE D 189 13.31 51.12 -51.91
N ARG D 190 13.83 50.17 -52.68
CA ARG D 190 15.27 50.01 -52.81
C ARG D 190 15.94 51.32 -53.18
N ASN D 191 15.40 52.01 -54.17
CA ASN D 191 16.04 53.24 -54.67
C ASN D 191 15.78 54.45 -53.78
N ASP D 192 14.69 54.40 -53.00
CA ASP D 192 14.36 55.48 -52.10
C ASP D 192 15.59 56.07 -51.37
N ALA D 193 15.65 57.40 -51.35
CA ALA D 193 16.81 58.13 -50.83
C ALA D 193 17.07 57.89 -49.34
N VAL D 194 16.01 57.58 -48.59
CA VAL D 194 16.08 57.44 -47.13
C VAL D 194 16.07 55.98 -46.67
N LYS D 195 15.11 55.20 -47.21
CA LYS D 195 14.94 53.79 -46.84
C LYS D 195 16.05 52.89 -47.36
N GLN D 196 16.36 52.99 -48.65
CA GLN D 196 17.40 52.13 -49.26
C GLN D 196 17.12 50.68 -48.90
N GLU D 197 15.91 50.21 -49.24
CA GLU D 197 15.51 48.87 -48.81
C GLU D 197 16.52 47.80 -49.18
N GLY D 198 16.50 46.71 -48.41
CA GLY D 198 17.44 45.62 -48.62
C GLY D 198 16.72 44.29 -48.50
N PHE D 199 16.89 43.44 -49.51
CA PHE D 199 16.33 42.11 -49.46
C PHE D 199 17.43 41.08 -49.20
N TYR D 200 17.17 40.16 -48.29
CA TYR D 200 18.21 39.22 -47.87
C TYR D 200 17.67 37.78 -47.81
N GLY D 201 18.56 36.81 -47.71
CA GLY D 201 18.16 35.42 -47.49
C GLY D 201 18.16 34.57 -48.74
N ALA D 202 16.97 34.04 -49.06
CA ALA D 202 16.73 33.19 -50.22
C ALA D 202 17.70 32.06 -50.32
N GLY D 203 17.94 31.40 -49.20
CA GLY D 203 18.76 30.20 -49.19
C GLY D 203 20.08 30.36 -49.90
N GLU D 204 20.49 29.30 -50.60
CA GLU D 204 21.84 29.22 -51.14
C GLU D 204 21.98 29.82 -52.54
N VAL D 205 21.23 30.88 -52.82
CA VAL D 205 21.40 31.58 -54.08
C VAL D 205 22.78 32.25 -54.11
N ASN D 206 23.40 32.35 -55.28
CA ASN D 206 24.65 33.09 -55.35
C ASN D 206 24.44 34.29 -56.27
N CYS D 207 25.20 35.36 -56.06
CA CYS D 207 25.04 36.52 -56.92
C CYS D 207 26.35 37.24 -57.05
N LYS D 208 26.88 37.23 -58.28
CA LYS D 208 28.12 37.92 -58.59
C LYS D 208 27.77 39.37 -58.80
N TYR D 209 28.67 40.23 -58.36
CA TYR D 209 28.58 41.67 -58.59
C TYR D 209 30.02 42.12 -58.81
N GLN D 210 30.26 42.94 -59.83
CA GLN D 210 31.63 43.19 -60.28
C GLN D 210 32.34 41.82 -60.35
N ASP D 211 33.40 41.64 -59.57
CA ASP D 211 34.14 40.38 -59.61
C ASP D 211 33.85 39.39 -58.48
N THR D 212 33.54 39.90 -57.29
CA THR D 212 33.22 39.07 -56.12
C THR D 212 31.85 38.46 -56.21
N TYR D 213 31.56 37.55 -55.28
CA TYR D 213 30.19 37.09 -55.05
C TYR D 213 29.70 37.68 -53.72
N ILE D 214 28.47 38.20 -53.70
CA ILE D 214 27.97 38.95 -52.55
C ILE D 214 26.87 38.26 -51.73
N LEU D 215 26.33 39.01 -50.77
CA LEU D 215 25.36 38.50 -49.80
C LEU D 215 23.92 38.95 -50.05
N GLU D 216 23.78 40.23 -50.41
CA GLU D 216 22.49 40.89 -50.49
C GLU D 216 21.76 40.55 -51.79
N ARG D 217 20.48 40.30 -51.69
CA ARG D 217 19.72 39.86 -52.85
C ARG D 217 18.70 40.92 -53.29
N THR D 218 19.25 42.12 -53.57
CA THR D 218 18.48 43.29 -53.98
C THR D 218 18.61 43.52 -55.49
N GLY D 219 17.46 43.78 -56.14
CA GLY D 219 17.40 44.02 -57.57
C GLY D 219 17.85 42.86 -58.44
N ILE D 220 17.20 41.70 -58.30
CA ILE D 220 17.60 40.50 -59.04
C ILE D 220 16.52 39.41 -59.04
N ALA D 221 16.35 38.73 -60.18
CA ALA D 221 15.23 37.78 -60.35
C ALA D 221 15.55 36.33 -60.02
N MET D 222 15.30 35.91 -58.78
CA MET D 222 15.68 34.57 -58.29
C MET D 222 14.57 33.52 -58.44
N THR D 223 14.91 32.25 -58.21
CA THR D 223 13.93 31.16 -58.35
C THR D 223 14.26 29.88 -57.56
N ASN D 224 13.23 29.32 -56.92
CA ASN D 224 13.32 28.01 -56.27
C ASN D 224 12.84 26.88 -57.17
N TYR D 225 13.78 26.04 -57.58
CA TYR D 225 13.53 24.94 -58.49
C TYR D 225 14.62 23.91 -58.22
N ASN D 226 14.59 23.36 -57.01
CA ASN D 226 15.56 22.36 -56.59
C ASN D 226 16.19 21.56 -57.75
N TYR D 227 17.48 21.77 -57.96
CA TYR D 227 18.18 21.21 -59.13
C TYR D 227 19.51 20.53 -58.76
N ASP D 228 19.94 19.63 -59.63
CA ASP D 228 21.17 18.86 -59.42
C ASP D 228 22.32 19.69 -59.95
N ASN D 229 22.42 20.89 -59.42
CA ASN D 229 23.15 21.95 -60.06
C ASN D 229 24.63 21.92 -59.71
N LEU D 230 25.35 20.94 -60.24
CA LEU D 230 26.79 20.89 -60.06
C LEU D 230 27.44 22.24 -60.37
N ASN D 231 28.35 22.67 -59.51
CA ASN D 231 29.08 23.92 -59.72
C ASN D 231 28.21 25.18 -59.65
N TYR D 232 26.92 25.00 -59.40
CA TYR D 232 25.99 26.11 -59.35
C TYR D 232 25.80 26.82 -60.68
N ASN D 233 26.31 26.22 -61.75
CA ASN D 233 26.27 26.81 -63.09
C ASN D 233 25.95 25.79 -64.20
N GLN D 234 25.08 24.83 -63.90
CA GLN D 234 24.72 23.79 -64.86
C GLN D 234 24.22 24.34 -66.17
N TRP D 235 24.75 23.81 -67.27
CA TRP D 235 24.45 24.35 -68.60
C TRP D 235 22.96 24.53 -68.92
N ASP D 236 22.17 23.48 -68.66
CA ASP D 236 20.74 23.47 -68.97
C ASP D 236 19.89 24.47 -68.16
N LEU D 237 20.54 25.30 -67.34
CA LEU D 237 19.86 26.38 -66.64
C LEU D 237 20.24 27.76 -67.20
N ARG D 238 20.92 27.76 -68.33
CA ARG D 238 21.34 29.00 -68.97
C ARG D 238 20.21 29.81 -69.60
N PRO D 239 20.37 31.12 -69.60
CA PRO D 239 19.47 32.04 -70.26
C PRO D 239 19.45 31.78 -71.77
N PRO D 240 18.28 31.96 -72.38
CA PRO D 240 18.14 31.82 -73.81
C PRO D 240 19.33 32.37 -74.60
N HIS D 241 19.86 31.57 -75.50
CA HIS D 241 20.92 31.97 -76.42
C HIS D 241 22.16 32.53 -75.73
N HIS D 242 22.33 32.21 -74.45
CA HIS D 242 23.53 32.60 -73.73
C HIS D 242 24.71 31.95 -74.44
N ASP D 243 25.66 32.78 -74.83
CA ASP D 243 26.92 32.31 -75.34
C ASP D 243 27.99 32.47 -74.25
N GLY D 244 29.07 31.71 -74.38
CA GLY D 244 30.16 31.76 -73.39
C GLY D 244 29.96 30.81 -72.21
N ALA D 245 30.99 30.71 -71.38
CA ALA D 245 30.87 30.03 -70.10
C ALA D 245 29.66 30.57 -69.34
N LEU D 246 29.33 29.94 -68.22
CA LEU D 246 28.16 30.35 -67.47
C LEU D 246 28.50 30.38 -65.98
N ASN D 247 28.35 31.54 -65.35
CA ASN D 247 28.79 31.70 -63.98
C ASN D 247 27.65 31.52 -62.99
N PRO D 248 27.93 30.94 -61.82
CA PRO D 248 26.90 30.84 -60.81
C PRO D 248 26.36 32.22 -60.57
N ASP D 249 25.04 32.39 -60.59
CA ASP D 249 24.49 33.72 -60.44
C ASP D 249 23.05 33.69 -60.02
N TYR D 250 22.48 34.87 -59.94
CA TYR D 250 21.18 35.05 -59.34
C TYR D 250 20.00 34.36 -60.04
N TYR D 251 20.08 34.19 -61.36
CA TYR D 251 18.96 33.63 -62.10
C TYR D 251 18.91 32.12 -62.10
N ILE D 252 19.76 31.51 -61.28
CA ILE D 252 19.91 30.05 -61.28
C ILE D 252 19.25 29.41 -60.06
N PRO D 253 18.58 28.27 -60.26
CA PRO D 253 18.06 27.56 -59.11
C PRO D 253 19.21 26.88 -58.39
N MET D 254 19.05 26.64 -57.08
CA MET D 254 20.00 25.84 -56.35
C MET D 254 19.38 24.57 -55.77
N TYR D 255 19.88 24.16 -54.60
CA TYR D 255 19.55 22.87 -54.01
C TYR D 255 18.47 22.98 -52.97
N TYR D 256 18.36 24.17 -52.38
CA TYR D 256 17.41 24.40 -51.32
C TYR D 256 16.23 25.23 -51.84
N ALA D 257 15.02 24.86 -51.43
CA ALA D 257 13.83 25.65 -51.72
C ALA D 257 13.67 26.71 -50.63
N ALA D 258 13.78 27.96 -51.02
CA ALA D 258 13.79 29.05 -50.05
C ALA D 258 13.09 30.30 -50.61
N PRO D 259 11.75 30.24 -50.70
CA PRO D 259 10.94 31.39 -51.05
C PRO D 259 10.80 32.28 -49.83
N TRP D 260 11.92 32.87 -49.40
CA TRP D 260 12.00 33.57 -48.16
C TRP D 260 12.97 34.73 -48.28
N LEU D 261 12.45 35.96 -48.19
CA LEU D 261 13.29 37.18 -48.19
C LEU D 261 13.11 37.96 -46.90
N ILE D 262 14.19 38.55 -46.42
CA ILE D 262 14.11 39.47 -45.29
C ILE D 262 14.41 40.89 -45.78
N VAL D 263 13.37 41.70 -45.82
CA VAL D 263 13.48 43.12 -46.11
C VAL D 263 14.00 43.89 -44.90
N ASN D 264 14.77 44.94 -45.18
CA ASN D 264 15.38 45.75 -44.14
C ASN D 264 15.75 47.14 -44.65
N GLY D 265 15.16 48.17 -44.06
CA GLY D 265 15.35 49.55 -44.51
C GLY D 265 15.78 50.50 -43.40
N CYS D 266 16.13 51.72 -43.78
CA CYS D 266 16.64 52.74 -42.85
C CYS D 266 17.75 52.17 -41.99
N ALA D 267 18.45 51.18 -42.53
CA ALA D 267 19.37 50.39 -41.74
C ALA D 267 20.39 51.27 -41.02
N GLY D 268 20.63 50.98 -39.73
CA GLY D 268 21.65 51.66 -38.94
C GLY D 268 21.16 52.92 -38.22
N THR D 269 20.00 53.41 -38.64
CA THR D 269 19.38 54.56 -38.02
C THR D 269 18.47 54.05 -36.90
N SER D 270 17.91 54.98 -36.14
CA SER D 270 17.10 54.64 -34.97
C SER D 270 15.70 54.19 -35.38
N GLU D 271 15.31 54.57 -36.60
CA GLU D 271 13.98 54.24 -37.10
C GLU D 271 14.07 53.09 -38.11
N GLN D 272 15.07 52.24 -37.94
CA GLN D 272 15.27 51.09 -38.81
C GLN D 272 14.08 50.13 -38.74
N TYR D 273 13.84 49.37 -39.82
CA TYR D 273 12.80 48.34 -39.83
C TYR D 273 13.15 47.11 -40.68
N SER D 274 12.74 45.94 -40.19
CA SER D 274 13.00 44.67 -40.86
C SER D 274 11.74 43.87 -40.84
N TYR D 275 11.44 43.20 -41.93
CA TYR D 275 10.32 42.24 -41.96
C TYR D 275 10.60 41.13 -42.96
N GLY D 276 10.22 39.90 -42.60
CA GLY D 276 10.44 38.72 -43.44
C GLY D 276 9.22 38.44 -44.27
N TRP D 277 9.39 37.65 -45.33
CA TRP D 277 8.35 37.41 -46.32
C TRP D 277 8.47 35.96 -46.83
N PHE D 278 7.42 35.18 -46.61
CA PHE D 278 7.41 33.75 -46.91
C PHE D 278 6.22 33.41 -47.78
N MET D 279 6.47 32.92 -48.99
CA MET D 279 5.36 32.41 -49.74
C MET D 279 5.41 30.89 -49.65
N ASP D 280 4.72 30.35 -48.66
CA ASP D 280 4.68 28.91 -48.42
C ASP D 280 4.09 28.18 -49.62
N ASN D 281 4.99 27.61 -50.42
CA ASN D 281 4.60 26.95 -51.64
C ASN D 281 5.75 26.10 -52.19
N VAL D 282 5.38 24.87 -52.55
CA VAL D 282 6.31 23.79 -52.85
C VAL D 282 6.46 23.48 -54.35
N SER D 283 5.63 24.08 -55.19
CA SER D 283 5.91 24.06 -56.60
C SER D 283 7.01 25.11 -56.86
N GLN D 284 7.43 25.21 -58.11
CA GLN D 284 8.49 26.15 -58.46
C GLN D 284 8.12 27.60 -58.15
N SER D 285 9.03 28.32 -57.49
CA SER D 285 8.72 29.65 -57.01
C SER D 285 9.76 30.71 -57.43
N TYR D 286 9.45 31.99 -57.21
CA TYR D 286 10.18 33.10 -57.78
C TYR D 286 10.27 34.28 -56.79
N MET D 287 11.41 34.97 -56.82
CA MET D 287 11.65 36.14 -55.98
C MET D 287 12.32 37.26 -56.78
N ASN D 288 11.54 38.26 -57.18
CA ASN D 288 12.08 39.35 -57.96
C ASN D 288 12.19 40.63 -57.15
N THR D 289 13.40 41.05 -56.88
CA THR D 289 13.58 42.20 -56.01
C THR D 289 13.82 43.53 -56.73
N GLY D 290 13.29 43.68 -57.94
CA GLY D 290 13.46 44.93 -58.65
C GLY D 290 14.41 44.82 -59.84
N ASP D 291 14.54 43.62 -60.37
CA ASP D 291 15.35 43.39 -61.56
C ASP D 291 14.52 43.77 -62.78
N THR D 292 15.13 44.50 -63.72
CA THR D 292 14.43 44.81 -64.95
C THR D 292 14.88 43.91 -66.09
N THR D 293 15.84 43.03 -65.80
CA THR D 293 16.43 42.13 -66.79
C THR D 293 15.39 41.12 -67.29
N TRP D 294 15.37 40.91 -68.61
CA TRP D 294 14.39 40.02 -69.26
C TRP D 294 12.99 40.57 -69.12
N ASN D 295 12.93 41.78 -68.57
CA ASN D 295 11.66 42.43 -68.33
C ASN D 295 10.83 41.62 -67.33
N SER D 296 11.47 41.18 -66.26
CA SER D 296 10.79 40.36 -65.27
C SER D 296 10.19 41.21 -64.16
N GLY D 297 10.85 42.34 -63.87
CA GLY D 297 10.39 43.22 -62.80
C GLY D 297 10.68 44.70 -63.01
N GLN D 298 10.42 45.49 -61.95
CA GLN D 298 10.67 46.92 -61.96
C GLN D 298 11.40 47.32 -60.69
N GLU D 299 12.25 48.33 -60.79
CA GLU D 299 12.96 48.81 -59.62
C GLU D 299 12.00 49.30 -58.53
N ASP D 300 10.84 49.80 -58.92
CA ASP D 300 9.80 50.22 -57.96
C ASP D 300 9.06 49.05 -57.30
N LEU D 301 9.32 47.82 -57.74
CA LEU D 301 8.51 46.69 -57.30
C LEU D 301 9.33 45.51 -56.82
N ALA D 302 8.63 44.59 -56.13
CA ALA D 302 9.22 43.40 -55.56
C ALA D 302 8.14 42.34 -55.56
N TYR D 303 8.44 41.12 -56.02
CA TYR D 303 7.41 40.09 -55.99
C TYR D 303 7.86 38.69 -55.63
N MET D 304 6.86 37.84 -55.42
CA MET D 304 7.04 36.42 -55.25
C MET D 304 5.89 35.74 -55.98
N GLY D 305 6.06 34.45 -56.25
CA GLY D 305 5.01 33.70 -56.94
C GLY D 305 5.45 32.32 -57.36
N ALA D 306 4.50 31.46 -57.64
CA ALA D 306 4.83 30.14 -58.12
C ALA D 306 4.21 29.85 -59.48
N GLN D 307 4.56 28.69 -60.03
CA GLN D 307 3.88 28.14 -61.20
C GLN D 307 2.55 27.50 -60.84
N TYR D 308 2.31 27.29 -59.55
CA TYR D 308 1.09 26.58 -59.12
C TYR D 308 0.50 27.09 -57.81
N GLY D 309 -0.79 26.86 -57.62
CA GLY D 309 -1.42 27.19 -56.36
C GLY D 309 -0.86 26.29 -55.27
N PRO D 310 -1.32 26.48 -54.03
CA PRO D 310 -2.20 27.58 -53.66
C PRO D 310 -1.40 28.79 -53.21
N PHE D 311 -2.11 29.80 -52.71
CA PHE D 311 -1.51 31.08 -52.30
C PHE D 311 -1.54 31.11 -50.78
N ASP D 312 -0.37 31.14 -50.17
CA ASP D 312 -0.27 31.01 -48.73
C ASP D 312 0.90 31.86 -48.28
N GLN D 313 0.62 33.06 -47.79
CA GLN D 313 1.68 34.06 -47.60
C GLN D 313 1.85 34.45 -46.16
N HIS D 314 3.08 34.79 -45.78
CA HIS D 314 3.40 35.12 -44.39
C HIS D 314 4.31 36.32 -44.30
N PHE D 315 3.84 37.32 -43.55
CA PHE D 315 4.56 38.57 -43.39
C PHE D 315 4.98 38.63 -41.93
N VAL D 316 6.27 38.53 -41.68
CA VAL D 316 6.77 38.31 -40.33
C VAL D 316 7.65 39.47 -39.87
N TYR D 317 7.07 40.42 -39.15
CA TYR D 317 7.86 41.55 -38.69
C TYR D 317 8.88 41.13 -37.63
N GLY D 318 8.46 40.25 -36.73
CA GLY D 318 9.33 39.83 -35.62
C GLY D 318 8.92 40.53 -34.35
N ALA D 319 9.60 40.24 -33.26
CA ALA D 319 9.23 40.83 -31.98
C ALA D 319 10.18 41.95 -31.57
N GLY D 320 11.44 41.61 -31.32
CA GLY D 320 12.44 42.61 -31.01
C GLY D 320 12.75 43.42 -32.25
N GLY D 321 13.81 44.24 -32.19
CA GLY D 321 14.25 45.02 -33.35
C GLY D 321 15.46 44.41 -34.02
N GLY D 322 15.70 44.74 -35.28
CA GLY D 322 16.80 44.16 -36.03
C GLY D 322 16.40 42.91 -36.80
N MET D 323 17.23 42.54 -37.77
CA MET D 323 16.94 41.41 -38.66
C MET D 323 16.91 40.05 -37.94
N GLU D 324 17.88 39.82 -37.07
CA GLU D 324 17.96 38.55 -36.37
C GLU D 324 16.58 38.15 -35.85
N VAL D 326 13.56 38.67 -36.80
CA VAL D 326 12.63 38.19 -37.84
C VAL D 326 12.88 36.72 -38.08
N VAL D 327 14.14 36.35 -37.95
CA VAL D 327 14.56 34.98 -38.07
C VAL D 327 13.89 34.17 -36.98
N THR D 328 13.99 34.64 -35.73
CA THR D 328 13.49 33.89 -34.58
C THR D 328 11.97 33.83 -34.56
N ALA D 329 11.33 34.95 -34.90
CA ALA D 329 9.89 34.99 -35.03
C ALA D 329 9.38 34.07 -36.16
N PHE D 330 10.23 33.83 -37.15
CA PHE D 330 9.86 32.98 -38.27
C PHE D 330 10.00 31.55 -37.85
N SER D 331 11.10 31.28 -37.15
CA SER D 331 11.41 29.92 -36.72
C SER D 331 10.39 29.43 -35.73
N LEU D 332 9.73 30.36 -35.03
CA LEU D 332 8.67 30.01 -34.08
C LEU D 332 7.41 29.46 -34.76
N LEU D 333 7.04 30.00 -35.91
CA LEU D 333 5.92 29.43 -36.65
C LEU D 333 6.34 28.10 -37.27
N GLN D 334 7.63 27.81 -37.27
CA GLN D 334 8.13 26.53 -37.80
C GLN D 334 8.41 25.57 -36.65
N GLY D 335 8.31 26.08 -35.44
CA GLY D 335 8.78 25.35 -34.27
C GLY D 335 7.89 24.17 -33.96
N LYS D 336 8.08 23.62 -32.78
CA LYS D 336 7.46 22.38 -32.39
C LYS D 336 7.07 22.45 -30.91
N GLU D 337 6.75 23.65 -30.46
CA GLU D 337 6.24 23.90 -29.13
C GLU D 337 4.96 23.14 -28.83
N PHE D 338 4.19 22.81 -29.87
CA PHE D 338 2.95 22.08 -29.64
C PHE D 338 3.21 20.58 -29.43
N GLU D 339 4.49 20.19 -29.41
CA GLU D 339 4.84 18.81 -29.10
C GLU D 339 5.52 18.73 -27.75
N ASN D 340 5.57 19.86 -27.04
CA ASN D 340 6.17 19.94 -25.72
C ASN D 340 7.64 19.65 -25.81
N GLN D 341 8.19 19.73 -27.00
CA GLN D 341 9.61 19.49 -27.17
C GLN D 341 10.37 20.23 -26.08
N VAL D 342 11.11 19.48 -25.25
CA VAL D 342 11.68 20.09 -24.06
C VAL D 342 13.00 20.78 -24.37
N LEU D 343 13.54 20.48 -25.55
CA LEU D 343 14.79 21.09 -26.04
C LEU D 343 14.64 21.50 -27.51
N ASN D 344 14.10 20.59 -28.31
CA ASN D 344 14.09 20.72 -29.76
C ASN D 344 12.92 21.56 -30.31
N LYS D 345 12.93 22.84 -29.98
CA LYS D 345 11.77 23.67 -30.23
C LYS D 345 11.79 24.23 -31.64
N ARG D 346 12.86 24.93 -31.97
CA ARG D 346 12.96 25.61 -33.24
C ARG D 346 13.86 24.87 -34.23
N SER D 347 14.40 23.71 -33.80
CA SER D 347 15.22 22.84 -34.65
C SER D 347 15.56 21.59 -33.84
N VAL D 348 16.30 20.65 -34.43
CA VAL D 348 16.74 19.50 -33.64
C VAL D 348 18.24 19.60 -33.40
N MET D 349 18.67 19.32 -32.16
CA MET D 349 20.08 19.32 -31.80
C MET D 349 20.84 18.14 -32.42
N PRO D 350 22.07 18.39 -32.88
CA PRO D 350 22.94 17.35 -33.39
C PRO D 350 23.65 16.76 -32.21
N PRO D 351 24.41 15.67 -32.43
CA PRO D 351 25.35 15.24 -31.43
C PRO D 351 26.56 16.18 -31.43
N LYS D 352 27.28 16.22 -30.32
CA LYS D 352 28.54 16.94 -30.26
C LYS D 352 29.38 16.70 -31.52
N TYR D 353 29.55 15.43 -31.90
CA TYR D 353 30.50 15.08 -32.97
C TYR D 353 30.26 15.79 -34.30
N VAL D 354 29.03 16.23 -34.55
CA VAL D 354 28.65 16.84 -35.81
C VAL D 354 29.37 18.16 -36.01
N PHE D 355 30.04 18.62 -34.97
CA PHE D 355 30.79 19.84 -35.11
C PHE D 355 32.26 19.60 -35.34
N GLY D 356 32.61 18.36 -35.67
CA GLY D 356 34.01 17.98 -35.87
C GLY D 356 34.54 18.20 -37.27
N PHE D 357 35.82 17.94 -37.46
CA PHE D 357 36.35 17.95 -38.81
C PHE D 357 36.20 16.57 -39.43
N PHE D 358 35.47 16.47 -40.53
CA PHE D 358 35.27 15.20 -41.22
C PHE D 358 35.93 15.25 -42.59
N GLN D 359 36.41 14.10 -43.06
CA GLN D 359 36.88 13.98 -44.44
C GLN D 359 35.94 13.04 -45.20
N GLY D 360 35.48 13.50 -46.36
CA GLY D 360 34.68 12.67 -47.25
C GLY D 360 35.40 12.50 -48.56
N VAL D 361 35.18 11.40 -49.25
CA VAL D 361 35.93 11.16 -50.46
C VAL D 361 35.16 10.27 -51.44
N PHE D 362 34.75 10.83 -52.57
CA PHE D 362 34.24 10.01 -53.67
C PHE D 362 35.38 9.40 -54.47
N GLY D 363 35.65 8.13 -54.18
CA GLY D 363 36.71 7.40 -54.85
C GLY D 363 37.63 6.66 -53.88
N THR D 364 37.04 5.98 -52.90
CA THR D 364 37.83 5.07 -52.10
C THR D 364 37.48 3.69 -52.57
N SER D 365 38.42 2.76 -52.48
CA SER D 365 38.20 1.45 -53.08
C SER D 365 38.16 0.27 -52.08
N SER D 366 38.38 0.56 -50.80
CA SER D 366 38.39 -0.49 -49.80
C SER D 366 38.52 0.16 -48.45
N LEU D 367 38.37 -0.64 -47.41
CA LEU D 367 38.59 -0.14 -46.07
C LEU D 367 40.09 0.04 -45.81
N LEU D 368 40.82 -1.07 -45.90
CA LEU D 368 42.22 -1.15 -45.49
C LEU D 368 43.14 -1.26 -46.68
N ARG D 369 44.35 -0.76 -46.50
CA ARG D 369 45.39 -0.86 -47.51
C ARG D 369 45.51 -2.27 -48.05
N ALA D 370 45.19 -3.25 -47.20
CA ALA D 370 45.43 -4.66 -47.52
C ALA D 370 44.39 -5.34 -48.41
N HIS D 371 43.29 -4.67 -48.75
CA HIS D 371 42.33 -5.29 -49.66
C HIS D 371 41.91 -4.34 -50.77
N MET D 372 42.72 -3.29 -50.92
CA MET D 372 42.52 -2.29 -51.94
C MET D 372 42.86 -2.89 -53.31
N PRO D 373 41.92 -2.82 -54.27
CA PRO D 373 42.23 -3.30 -55.61
C PRO D 373 43.34 -2.46 -56.20
N ALA D 374 44.11 -3.02 -57.12
CA ALA D 374 45.08 -2.24 -57.85
C ALA D 374 44.32 -1.44 -58.90
N GLY D 375 44.73 -0.19 -59.09
CA GLY D 375 44.08 0.74 -59.98
C GLY D 375 44.87 2.02 -59.88
N GLU D 376 44.84 2.82 -60.92
CA GLU D 376 45.60 4.07 -60.89
C GLU D 376 45.10 5.05 -59.83
N ASN D 377 46.03 5.47 -58.99
CA ASN D 377 45.75 6.35 -57.85
C ASN D 377 44.59 5.95 -56.95
N ASN D 378 44.33 4.65 -56.85
CA ASN D 378 43.38 4.20 -55.86
C ASN D 378 43.89 4.50 -54.45
N ILE D 379 42.95 4.62 -53.51
CA ILE D 379 43.25 4.86 -52.09
C ILE D 379 42.29 4.15 -51.15
N SER D 380 42.79 3.80 -49.96
CA SER D 380 42.02 3.10 -48.93
C SER D 380 41.66 4.04 -47.77
N VAL D 381 40.47 3.85 -47.22
CA VAL D 381 40.05 4.62 -46.04
C VAL D 381 41.20 4.75 -45.04
N GLU D 382 41.83 3.62 -44.77
CA GLU D 382 42.85 3.54 -43.77
C GLU D 382 43.96 4.56 -43.93
N GLU D 383 44.35 4.83 -45.17
CA GLU D 383 45.41 5.80 -45.45
C GLU D 383 44.99 7.26 -45.24
N ILE D 384 43.70 7.53 -45.41
CA ILE D 384 43.16 8.82 -45.03
C ILE D 384 43.25 8.88 -43.53
N VAL D 385 42.71 7.87 -42.85
CA VAL D 385 42.73 7.89 -41.40
C VAL D 385 44.14 8.07 -40.83
N GLU D 386 45.12 7.44 -41.47
CA GLU D 386 46.51 7.47 -41.05
C GLU D 386 47.13 8.82 -41.32
N GLY D 387 46.83 9.40 -42.47
CA GLY D 387 47.37 10.70 -42.77
C GLY D 387 47.08 11.62 -41.61
N TYR D 388 45.82 11.63 -41.20
CA TYR D 388 45.37 12.56 -40.16
C TYR D 388 45.99 12.28 -38.80
N GLN D 389 45.73 11.12 -38.23
CA GLN D 389 46.20 10.79 -36.91
C GLN D 389 47.72 10.83 -36.80
N ASN D 390 48.41 10.30 -37.82
CA ASN D 390 49.86 10.29 -37.86
C ASN D 390 50.45 11.70 -37.92
N ASN D 391 49.60 12.69 -38.18
CA ASN D 391 50.05 14.06 -38.24
C ASN D 391 49.36 14.90 -37.18
N ASN D 392 48.62 14.17 -36.34
CA ASN D 392 47.95 14.70 -35.15
C ASN D 392 47.01 15.86 -35.48
N PHE D 393 46.20 15.65 -36.51
CA PHE D 393 45.09 16.52 -36.82
C PHE D 393 43.92 16.17 -35.90
N PRO D 394 43.23 17.20 -35.40
CA PRO D 394 41.99 16.87 -34.72
C PRO D 394 41.10 16.30 -35.80
N PHE D 395 40.78 15.03 -35.74
CA PHE D 395 40.00 14.43 -36.83
C PHE D 395 38.84 13.61 -36.29
N GLU D 396 37.65 13.96 -36.77
CA GLU D 396 36.41 13.47 -36.23
C GLU D 396 35.98 12.13 -36.81
N GLY D 397 36.27 11.92 -38.09
CA GLY D 397 35.71 10.78 -38.81
C GLY D 397 35.47 10.99 -40.29
N LEU D 398 34.71 10.07 -40.88
CA LEU D 398 34.63 9.94 -42.32
C LEU D 398 33.24 10.12 -42.86
N ALA D 399 33.16 10.63 -44.10
CA ALA D 399 31.96 10.57 -44.90
C ALA D 399 32.23 9.52 -45.97
N VAL D 400 31.86 8.29 -45.65
CA VAL D 400 32.03 7.18 -46.57
C VAL D 400 31.02 7.36 -47.68
N ASP D 401 31.50 7.34 -48.92
CA ASP D 401 30.67 7.56 -50.10
C ASP D 401 30.05 6.24 -50.57
N VAL D 402 29.28 6.31 -51.65
CA VAL D 402 28.65 5.15 -52.32
C VAL D 402 29.68 4.10 -52.75
N ASP D 403 30.95 4.43 -52.56
CA ASP D 403 32.05 3.55 -52.90
C ASP D 403 32.03 2.23 -52.14
N MET D 404 31.51 2.29 -50.91
CA MET D 404 31.41 1.11 -50.07
C MET D 404 30.14 0.29 -50.36
N GLN D 405 29.24 0.81 -51.19
CA GLN D 405 28.05 0.08 -51.56
C GLN D 405 28.42 -1.11 -52.43
N ASP D 406 27.53 -2.08 -52.48
CA ASP D 406 27.66 -3.15 -53.42
C ASP D 406 27.05 -2.67 -54.75
N ASN D 407 27.91 -2.51 -55.75
CA ASN D 407 27.51 -1.83 -56.99
C ASN D 407 26.28 -0.92 -56.80
N LEU D 408 26.50 0.21 -56.13
CA LEU D 408 25.57 1.36 -56.07
C LEU D 408 24.24 1.17 -55.36
N ARG D 409 24.06 0.01 -54.73
CA ARG D 409 22.82 -0.33 -54.02
C ARG D 409 22.85 0.29 -52.62
N VAL D 410 21.93 1.20 -52.36
CA VAL D 410 21.93 1.89 -51.09
C VAL D 410 21.61 0.89 -49.95
N PHE D 411 22.02 1.22 -48.72
CA PHE D 411 21.84 0.36 -47.51
C PHE D 411 22.71 -0.91 -47.40
N THR D 412 23.36 -1.29 -48.49
CA THR D 412 24.17 -2.49 -48.45
C THR D 412 25.61 -2.09 -48.46
N THR D 413 26.47 -3.01 -48.04
CA THR D 413 27.92 -2.84 -48.15
C THR D 413 28.56 -4.02 -48.90
N LYS D 414 29.81 -3.84 -49.32
CA LYS D 414 30.62 -4.90 -49.94
C LYS D 414 31.94 -5.18 -49.15
N GLY D 415 32.40 -6.43 -49.25
CA GLY D 415 33.48 -6.97 -48.40
C GLY D 415 34.79 -6.21 -48.34
N GLU D 416 35.09 -5.40 -49.34
CA GLU D 416 36.34 -4.65 -49.31
C GLU D 416 36.35 -3.68 -48.14
N PHE D 417 35.18 -3.17 -47.78
CA PHE D 417 35.14 -2.16 -46.74
C PHE D 417 34.98 -2.80 -45.39
N TRP D 418 35.48 -4.02 -45.27
CA TRP D 418 35.40 -4.80 -44.04
C TRP D 418 36.78 -5.33 -43.74
N THR D 419 37.17 -5.31 -42.46
CA THR D 419 38.51 -5.72 -42.08
C THR D 419 38.90 -7.06 -42.70
N ALA D 420 37.94 -7.98 -42.81
CA ALA D 420 38.19 -9.36 -43.23
C ALA D 420 37.84 -9.62 -44.69
N ASN D 421 37.54 -8.56 -45.43
CA ASN D 421 37.22 -8.66 -46.85
C ASN D 421 36.03 -9.58 -47.19
N ARG D 422 35.02 -9.54 -46.32
CA ARG D 422 33.73 -10.20 -46.55
C ARG D 422 32.67 -9.57 -45.65
N VAL D 423 31.43 -9.51 -46.14
CA VAL D 423 30.32 -8.82 -45.48
C VAL D 423 29.80 -9.54 -44.21
N GLY D 424 30.03 -8.94 -43.05
CA GLY D 424 29.54 -9.51 -41.79
C GLY D 424 28.22 -8.89 -41.42
N THR D 425 27.65 -9.33 -40.30
CA THR D 425 26.36 -8.77 -39.86
C THR D 425 26.56 -7.87 -38.65
N GLY D 426 27.80 -7.44 -38.45
CA GLY D 426 28.15 -6.60 -37.32
C GLY D 426 28.27 -7.38 -36.02
N GLY D 427 29.07 -6.85 -35.10
CA GLY D 427 29.21 -7.45 -33.79
C GLY D 427 30.26 -8.53 -33.73
N ASP D 428 30.89 -8.84 -34.87
CA ASP D 428 32.01 -9.81 -34.93
C ASP D 428 33.34 -9.12 -34.69
N PRO D 429 34.04 -9.48 -33.60
CA PRO D 429 35.32 -8.88 -33.21
C PRO D 429 36.40 -9.11 -34.27
N ASN D 430 36.33 -10.26 -34.93
CA ASN D 430 37.29 -10.68 -35.96
C ASN D 430 36.97 -10.24 -37.41
N ASN D 431 35.83 -9.55 -37.62
CA ASN D 431 35.51 -9.00 -38.94
C ASN D 431 34.67 -7.73 -38.86
N ARG D 432 35.35 -6.58 -38.79
CA ARG D 432 34.70 -5.30 -38.50
C ARG D 432 34.34 -4.48 -39.73
N SER D 433 33.12 -3.93 -39.72
CA SER D 433 32.70 -3.02 -40.77
C SER D 433 33.58 -1.79 -40.71
N VAL D 434 33.50 -0.97 -41.74
CA VAL D 434 34.27 0.24 -41.81
C VAL D 434 33.93 1.09 -40.58
N PHE D 435 32.67 1.02 -40.17
CA PHE D 435 32.15 1.78 -39.04
C PHE D 435 32.59 1.27 -37.65
N GLU D 436 32.77 -0.04 -37.50
CA GLU D 436 33.18 -0.61 -36.23
C GLU D 436 34.69 -0.39 -36.08
N TRP D 437 35.39 -0.57 -37.20
CA TRP D 437 36.80 -0.24 -37.30
C TRP D 437 36.97 1.21 -36.90
N ALA D 438 36.06 2.04 -37.39
CA ALA D 438 36.15 3.48 -37.23
C ALA D 438 35.91 3.91 -35.80
N HIS D 439 34.85 3.40 -35.20
CA HIS D 439 34.65 3.60 -33.78
C HIS D 439 35.94 3.38 -33.03
N ASP D 440 36.72 2.40 -33.47
CA ASP D 440 37.91 1.93 -32.73
C ASP D 440 39.12 2.83 -32.91
N LYS D 441 39.11 3.63 -33.98
CA LYS D 441 40.12 4.68 -34.17
C LYS D 441 39.62 5.98 -33.51
N GLY D 442 38.45 5.90 -32.87
CA GLY D 442 37.83 7.06 -32.24
C GLY D 442 37.10 7.96 -33.22
N LEU D 443 36.64 7.40 -34.32
CA LEU D 443 36.01 8.23 -35.32
C LEU D 443 34.55 7.94 -35.34
N VAL D 444 33.81 8.80 -36.03
CA VAL D 444 32.39 8.57 -36.32
C VAL D 444 32.15 8.89 -37.79
N CYS D 445 31.07 8.36 -38.36
CA CYS D 445 30.87 8.50 -39.79
C CYS D 445 29.43 8.84 -40.15
N GLN D 446 29.29 9.56 -41.26
CA GLN D 446 28.04 9.59 -42.01
C GLN D 446 28.29 8.76 -43.30
N THR D 447 27.25 8.19 -43.90
CA THR D 447 27.40 7.47 -45.18
C THR D 447 26.35 7.92 -46.18
N ASN D 448 26.75 8.02 -47.45
CA ASN D 448 25.85 8.48 -48.49
C ASN D 448 24.58 7.62 -48.65
N ILE D 449 23.41 8.25 -48.70
CA ILE D 449 22.16 7.54 -48.87
C ILE D 449 21.21 8.28 -49.78
N THR D 450 21.19 7.93 -51.07
CA THR D 450 20.18 8.41 -52.00
C THR D 450 18.91 7.59 -51.81
N CYS D 451 17.79 8.03 -52.38
CA CYS D 451 16.58 7.20 -52.37
C CYS D 451 16.40 6.44 -53.69
N PHE D 452 17.51 6.28 -54.42
CA PHE D 452 17.54 5.50 -55.65
C PHE D 452 17.70 4.04 -55.27
N LEU D 453 16.74 3.20 -55.64
CA LEU D 453 16.83 1.77 -55.33
C LEU D 453 17.15 0.92 -56.59
N ARG D 454 18.39 0.50 -56.71
CA ARG D 454 18.87 -0.04 -57.97
C ARG D 454 17.87 -1.05 -58.52
N ASN D 455 17.59 -0.92 -59.81
CA ASN D 455 16.61 -1.73 -60.47
C ASN D 455 17.24 -2.73 -61.44
N ASP D 456 18.39 -2.40 -62.02
CA ASP D 456 19.02 -3.34 -62.98
C ASP D 456 20.06 -4.23 -62.31
N ASN D 457 19.59 -5.35 -61.78
CA ASN D 457 20.35 -6.13 -60.80
C ASN D 457 20.96 -7.39 -61.35
N GLU D 458 20.78 -7.64 -62.65
CA GLU D 458 21.46 -8.73 -63.35
C GLU D 458 21.34 -10.02 -62.53
N GLY D 459 20.12 -10.37 -62.12
CA GLY D 459 19.86 -11.58 -61.33
C GLY D 459 20.68 -11.71 -60.06
N GLN D 460 20.71 -10.66 -59.24
CA GLN D 460 21.35 -10.67 -57.92
C GLN D 460 20.38 -10.07 -56.91
N ASP D 461 19.89 -10.87 -55.97
CA ASP D 461 18.88 -10.39 -55.05
C ASP D 461 19.31 -9.09 -54.40
N TYR D 462 18.34 -8.20 -54.22
CA TYR D 462 18.58 -6.95 -53.54
C TYR D 462 17.32 -6.66 -52.75
N GLU D 463 17.35 -7.07 -51.50
CA GLU D 463 16.17 -7.07 -50.66
C GLU D 463 15.41 -5.74 -50.62
N VAL D 464 16.15 -4.63 -50.77
CA VAL D 464 15.53 -3.32 -50.67
C VAL D 464 14.63 -3.04 -51.87
N ASN D 465 15.14 -3.27 -53.07
CA ASN D 465 14.35 -3.09 -54.28
C ASN D 465 13.28 -4.17 -54.39
N GLN D 466 13.60 -5.37 -53.92
CA GLN D 466 12.70 -6.49 -54.04
C GLN D 466 11.40 -6.25 -53.26
N THR D 467 11.53 -5.73 -52.05
CA THR D 467 10.36 -5.49 -51.19
C THR D 467 9.67 -4.17 -51.50
N LEU D 468 10.34 -3.31 -52.25
CA LEU D 468 9.74 -2.05 -52.67
C LEU D 468 8.71 -2.43 -53.69
N ARG D 469 9.03 -3.49 -54.45
CA ARG D 469 8.14 -4.04 -55.44
C ARG D 469 6.96 -4.79 -54.79
N GLU D 470 7.28 -5.77 -53.95
CA GLU D 470 6.28 -6.57 -53.25
C GLU D 470 5.14 -5.73 -52.72
N ARG D 471 5.51 -4.63 -52.06
CA ARG D 471 4.53 -3.87 -51.29
C ARG D 471 3.88 -2.71 -52.07
N GLN D 472 4.35 -2.46 -53.29
CA GLN D 472 3.80 -1.40 -54.16
C GLN D 472 4.20 0.02 -53.75
N LEU D 473 5.37 0.15 -53.13
CA LEU D 473 5.77 1.42 -52.54
C LEU D 473 6.56 2.30 -53.52
N TYR D 474 6.60 1.88 -54.77
CA TYR D 474 7.28 2.63 -55.80
C TYR D 474 6.36 3.59 -56.54
N THR D 475 6.92 4.74 -56.89
CA THR D 475 6.24 5.69 -57.73
C THR D 475 5.88 5.03 -59.08
N LYS D 476 4.61 5.05 -59.46
CA LYS D 476 4.16 4.46 -60.72
C LYS D 476 4.50 5.35 -61.92
N ASN D 477 4.45 4.78 -63.12
CA ASN D 477 4.71 5.52 -64.37
C ASN D 477 3.46 6.08 -65.07
N ASP D 478 2.45 6.44 -64.27
CA ASP D 478 1.23 7.02 -64.81
C ASP D 478 1.37 8.52 -65.00
N SER D 479 0.47 9.09 -65.80
CA SER D 479 0.35 10.54 -65.96
C SER D 479 -0.96 10.91 -66.63
N LEU D 480 -1.29 12.20 -66.58
CA LEU D 480 -2.49 12.75 -67.20
C LEU D 480 -2.29 13.05 -68.70
N THR D 481 -1.15 12.63 -69.23
CA THR D 481 -0.79 13.02 -70.58
C THR D 481 -0.19 11.87 -71.39
N GLY D 482 -0.44 10.64 -70.95
CA GLY D 482 0.04 9.44 -71.64
C GLY D 482 1.49 9.51 -72.10
N THR D 483 2.33 10.15 -71.29
CA THR D 483 3.73 10.35 -71.61
C THR D 483 4.54 9.12 -71.21
N ASP D 484 5.25 8.51 -72.16
CA ASP D 484 6.00 7.27 -71.90
C ASP D 484 7.37 7.51 -71.25
N PHE D 485 7.48 7.19 -69.96
CA PHE D 485 8.69 7.54 -69.20
C PHE D 485 9.88 6.65 -69.51
N GLY D 486 9.60 5.36 -69.65
CA GLY D 486 10.65 4.42 -70.00
C GLY D 486 10.29 3.04 -69.51
N MET D 487 11.14 2.07 -69.85
CA MET D 487 10.94 0.71 -69.40
C MET D 487 12.20 -0.11 -69.67
N THR D 488 12.50 -1.03 -68.77
CA THR D 488 13.52 -2.06 -68.97
C THR D 488 12.93 -3.45 -68.69
N ASP D 489 13.67 -4.50 -69.04
CA ASP D 489 13.15 -5.86 -68.89
C ASP D 489 12.98 -6.23 -67.41
N ASP D 490 13.72 -5.52 -66.55
CA ASP D 490 13.62 -5.63 -65.08
C ASP D 490 12.19 -5.32 -64.57
N GLY D 491 11.58 -4.27 -65.10
CA GLY D 491 10.23 -3.87 -64.70
C GLY D 491 10.24 -3.11 -63.39
N PRO D 492 9.12 -3.12 -62.66
CA PRO D 492 7.86 -3.69 -63.14
C PRO D 492 7.05 -2.76 -64.05
N SER D 493 6.04 -3.34 -64.67
CA SER D 493 5.27 -2.69 -65.72
C SER D 493 4.77 -1.27 -65.39
N ASP D 494 4.49 -1.01 -64.12
CA ASP D 494 3.85 0.25 -63.73
C ASP D 494 4.75 1.18 -62.88
N ALA D 495 6.03 1.23 -63.21
CA ALA D 495 6.96 1.91 -62.34
C ALA D 495 7.84 2.94 -63.03
N TYR D 496 7.91 4.12 -62.41
CA TYR D 496 8.84 5.12 -62.87
C TYR D 496 10.22 4.52 -62.70
N ILE D 497 10.91 4.35 -63.82
CA ILE D 497 12.26 3.87 -63.83
C ILE D 497 13.15 5.01 -64.33
N GLY D 498 13.99 5.51 -63.44
CA GLY D 498 14.89 6.59 -63.80
C GLY D 498 16.31 6.08 -63.92
N HIS D 499 17.26 7.00 -64.02
CA HIS D 499 18.65 6.62 -64.11
C HIS D 499 19.58 7.53 -63.28
N LEU D 500 20.50 6.90 -62.55
CA LEU D 500 21.46 7.59 -61.72
C LEU D 500 22.80 7.59 -62.44
N ASP D 501 23.39 8.77 -62.62
CA ASP D 501 24.70 8.93 -63.32
C ASP D 501 25.70 9.79 -62.50
N TYR D 502 26.74 9.15 -61.96
CA TYR D 502 27.80 9.83 -61.23
C TYR D 502 29.04 10.05 -62.10
N GLY D 503 28.90 9.95 -63.42
CA GLY D 503 30.04 10.04 -64.33
C GLY D 503 30.84 8.74 -64.37
N GLY D 504 31.83 8.66 -65.26
CA GLY D 504 32.78 7.54 -65.29
C GLY D 504 32.24 6.14 -65.49
N GLY D 505 30.98 6.03 -65.95
CA GLY D 505 30.36 4.72 -66.18
C GLY D 505 29.81 4.18 -64.87
N VAL D 506 29.94 4.99 -63.83
CA VAL D 506 29.39 4.70 -62.51
C VAL D 506 27.97 5.16 -62.50
N GLU D 507 27.08 4.29 -62.97
CA GLU D 507 25.70 4.67 -63.19
C GLU D 507 24.83 3.44 -62.98
N CYS D 508 23.53 3.63 -62.81
CA CYS D 508 22.63 2.50 -62.70
C CYS D 508 21.18 2.92 -62.78
N ASP D 509 20.30 1.97 -63.10
CA ASP D 509 18.86 2.23 -63.13
C ASP D 509 18.37 2.27 -61.69
N ALA D 510 17.20 2.87 -61.46
CA ALA D 510 16.70 3.01 -60.12
C ALA D 510 15.17 3.13 -60.06
N LEU D 511 14.57 2.56 -59.01
CA LEU D 511 13.17 2.80 -58.72
C LEU D 511 13.09 3.87 -57.64
N PHE D 512 11.90 4.29 -57.28
CA PHE D 512 11.78 5.35 -56.27
C PHE D 512 10.57 5.19 -55.34
N PRO D 513 10.73 5.67 -54.10
CA PRO D 513 9.65 5.69 -53.11
C PRO D 513 8.63 6.79 -53.37
N ASP D 514 7.40 6.41 -53.62
CA ASP D 514 6.30 7.34 -53.68
C ASP D 514 5.91 7.80 -52.26
N TRP D 515 6.67 8.75 -51.73
CA TRP D 515 6.53 9.21 -50.34
C TRP D 515 5.10 9.42 -49.86
N GLY D 516 4.26 9.96 -50.73
CA GLY D 516 2.89 10.30 -50.37
C GLY D 516 2.15 9.15 -49.72
N ARG D 517 2.28 7.96 -50.30
CA ARG D 517 1.53 6.79 -49.84
C ARG D 517 1.63 6.63 -48.33
N PRO D 518 0.57 6.08 -47.70
CA PRO D 518 0.79 5.57 -46.35
C PRO D 518 1.73 4.34 -46.40
N ASP D 519 2.42 4.06 -45.30
CA ASP D 519 3.34 2.92 -45.22
C ASP D 519 4.73 3.27 -45.71
N VAL D 520 4.82 4.05 -46.78
CA VAL D 520 6.10 4.31 -47.41
C VAL D 520 7.15 4.82 -46.44
N ALA D 521 6.90 5.95 -45.78
CA ALA D 521 7.95 6.51 -44.93
C ALA D 521 8.44 5.48 -43.92
N GLU D 522 7.50 4.67 -43.42
CA GLU D 522 7.79 3.64 -42.43
C GLU D 522 8.77 2.60 -42.95
N TRP D 523 8.52 2.14 -44.17
CA TRP D 523 9.35 1.14 -44.80
C TRP D 523 10.75 1.66 -45.03
N TRP D 524 10.85 2.91 -45.48
CA TRP D 524 12.15 3.52 -45.77
C TRP D 524 12.98 3.67 -44.50
N GLY D 525 12.33 4.14 -43.44
CA GLY D 525 13.01 4.27 -42.16
C GLY D 525 13.65 2.98 -41.68
N ASN D 526 12.95 1.86 -41.85
CA ASN D 526 13.40 0.55 -41.40
C ASN D 526 14.68 0.04 -42.05
N ASN D 527 14.86 0.36 -43.33
CA ASN D 527 16.04 -0.06 -44.06
C ASN D 527 17.31 0.36 -43.33
N TYR D 528 17.23 1.45 -42.58
CA TYR D 528 18.39 2.02 -41.87
C TYR D 528 18.92 1.13 -40.75
N LYS D 529 18.13 0.11 -40.39
CA LYS D 529 18.52 -0.89 -39.40
C LYS D 529 19.75 -1.66 -39.85
N LYS D 530 19.94 -1.76 -41.16
CA LYS D 530 21.02 -2.55 -41.76
C LYS D 530 22.41 -1.92 -41.65
N LEU D 531 22.47 -0.59 -41.66
CA LEU D 531 23.72 0.11 -41.49
C LEU D 531 23.99 0.41 -40.04
N PHE D 532 22.93 0.65 -39.27
CA PHE D 532 23.12 0.97 -37.85
C PHE D 532 23.65 -0.23 -37.07
N SER D 533 23.18 -1.42 -37.40
CA SER D 533 23.66 -2.63 -36.73
C SER D 533 25.13 -2.86 -37.06
N ILE D 534 25.63 -2.22 -38.11
CA ILE D 534 27.05 -2.31 -38.36
C ILE D 534 27.81 -1.02 -37.99
N GLY D 535 27.14 -0.08 -37.33
CA GLY D 535 27.84 1.04 -36.69
C GLY D 535 27.76 2.42 -37.34
N LEU D 536 27.10 2.53 -38.48
CA LEU D 536 26.84 3.84 -39.04
C LEU D 536 26.40 4.75 -37.90
N ASP D 537 26.92 5.97 -37.88
CA ASP D 537 26.63 6.88 -36.78
C ASP D 537 25.56 7.93 -37.09
N PHE D 538 25.73 8.63 -38.22
CA PHE D 538 24.71 9.54 -38.73
C PHE D 538 24.69 9.55 -40.26
N VAL D 539 23.79 10.33 -40.83
CA VAL D 539 23.42 10.18 -42.24
C VAL D 539 23.96 11.29 -43.16
N TRP D 540 23.99 10.98 -44.45
CA TRP D 540 24.45 11.87 -45.48
C TRP D 540 23.46 11.71 -46.62
N GLN D 541 22.38 12.48 -46.54
CA GLN D 541 21.29 12.47 -47.50
C GLN D 541 21.74 13.16 -48.80
N ASP D 542 21.63 12.50 -49.94
CA ASP D 542 22.24 13.04 -51.15
C ASP D 542 21.38 12.80 -52.41
N MET D 543 21.65 13.57 -53.47
CA MET D 543 20.95 13.41 -54.74
C MET D 543 19.46 13.39 -54.47
N THR D 544 18.96 14.50 -53.90
CA THR D 544 17.70 14.48 -53.16
C THR D 544 16.52 15.07 -53.88
N VAL D 545 16.73 15.47 -55.13
CA VAL D 545 15.66 16.14 -55.87
C VAL D 545 14.42 15.27 -56.18
N PRO D 546 14.58 13.98 -56.52
CA PRO D 546 15.78 13.14 -56.71
C PRO D 546 16.57 13.49 -57.97
N ALA D 547 17.89 13.63 -57.80
CA ALA D 547 18.78 14.12 -58.87
C ALA D 547 19.11 13.07 -59.93
N MET D 548 18.17 12.83 -60.84
CA MET D 548 18.39 11.83 -61.89
C MET D 548 19.33 12.35 -62.96
N MET D 549 19.36 11.62 -64.08
CA MET D 549 20.22 11.95 -65.22
C MET D 549 19.40 12.68 -66.29
N PRO D 550 20.05 13.54 -67.09
CA PRO D 550 19.29 14.19 -68.15
C PRO D 550 18.53 13.17 -68.98
N HIS D 551 17.27 13.42 -69.31
CA HIS D 551 16.50 12.43 -70.09
C HIS D 551 15.32 12.93 -70.93
N LYS D 552 15.27 12.50 -72.19
CA LYS D 552 14.21 12.86 -73.12
C LYS D 552 13.26 11.69 -73.34
N ILE D 553 11.97 11.96 -73.53
CA ILE D 553 11.03 10.87 -73.82
C ILE D 553 11.40 10.23 -75.17
N GLY D 554 11.25 8.91 -75.25
CA GLY D 554 11.60 8.18 -76.47
C GLY D 554 12.98 7.57 -76.37
N ASP D 555 13.95 8.34 -75.88
CA ASP D 555 15.34 7.87 -75.72
C ASP D 555 15.40 6.73 -74.68
N ASP D 556 16.28 5.75 -74.88
CA ASP D 556 16.45 4.67 -73.89
C ASP D 556 16.75 5.26 -72.52
N ILE D 557 16.26 4.57 -71.50
CA ILE D 557 16.34 5.04 -70.14
C ILE D 557 17.76 5.38 -69.66
N ASN D 558 18.76 4.76 -70.30
CA ASN D 558 20.15 4.92 -69.88
C ASN D 558 20.91 5.96 -70.71
N VAL D 559 20.19 6.67 -71.57
CA VAL D 559 20.82 7.62 -72.49
C VAL D 559 20.59 9.07 -72.07
N LYS D 560 21.52 9.97 -72.38
CA LYS D 560 21.26 11.40 -72.14
C LYS D 560 21.30 12.17 -73.44
N PRO D 561 20.58 13.31 -73.48
CA PRO D 561 20.48 14.10 -74.71
C PRO D 561 21.77 14.87 -74.96
N ASP D 562 21.79 15.62 -76.05
CA ASP D 562 22.91 16.51 -76.31
C ASP D 562 23.02 17.41 -75.08
N GLY D 563 24.25 17.75 -74.71
CA GLY D 563 24.53 18.73 -73.65
C GLY D 563 23.69 20.01 -73.72
N ASN D 564 23.86 20.82 -74.77
CA ASN D 564 23.07 22.06 -74.89
C ASN D 564 21.58 21.83 -75.10
N TRP D 565 21.20 20.66 -75.60
CA TRP D 565 19.78 20.33 -75.64
C TRP D 565 19.33 20.02 -74.23
N PRO D 566 18.21 20.61 -73.81
CA PRO D 566 17.37 21.50 -74.61
C PRO D 566 17.80 22.96 -74.54
N ASN D 567 17.48 23.73 -75.59
CA ASN D 567 17.72 25.17 -75.58
C ASN D 567 16.51 25.96 -76.08
N ALA D 568 16.63 27.29 -76.07
CA ALA D 568 15.52 28.15 -76.44
C ALA D 568 15.03 27.88 -77.87
N ASP D 569 15.99 27.74 -78.79
CA ASP D 569 15.71 27.42 -80.21
C ASP D 569 15.31 25.96 -80.45
N ASP D 570 15.33 25.16 -79.37
CA ASP D 570 14.99 23.75 -79.42
C ASP D 570 14.47 23.35 -78.03
N PRO D 571 13.27 23.82 -77.68
CA PRO D 571 12.85 23.77 -76.29
C PRO D 571 12.36 22.39 -75.91
N SER D 572 12.02 22.23 -74.65
CA SER D 572 11.61 20.93 -74.16
C SER D 572 10.31 20.40 -74.75
N ASN D 573 9.31 21.28 -74.95
CA ASN D 573 7.98 20.83 -75.39
C ASN D 573 7.43 19.62 -74.63
N GLY D 574 7.77 19.52 -73.35
CA GLY D 574 7.27 18.45 -72.49
C GLY D 574 8.06 17.17 -72.61
N GLN D 575 9.28 17.25 -73.12
CA GLN D 575 10.12 16.07 -73.33
C GLN D 575 11.36 15.96 -72.44
N TYR D 576 11.65 16.97 -71.64
CA TYR D 576 12.84 16.97 -70.76
C TYR D 576 12.45 16.67 -69.33
N ASN D 577 13.27 15.90 -68.62
CA ASN D 577 12.98 15.60 -67.22
C ASN D 577 13.62 16.59 -66.25
N TRP D 578 14.46 17.46 -66.79
CA TRP D 578 15.18 18.41 -65.96
C TRP D 578 15.89 17.67 -64.83
N LYS D 579 16.76 16.74 -65.20
CA LYS D 579 17.59 15.99 -64.28
C LYS D 579 16.80 15.70 -63.02
N THR D 580 15.79 14.86 -63.16
CA THR D 580 14.92 14.52 -62.04
C THR D 580 13.70 13.76 -62.55
N TYR D 581 12.73 13.57 -61.68
CA TYR D 581 11.50 12.96 -62.15
C TYR D 581 11.05 13.72 -63.37
N HIS D 582 10.36 13.02 -64.26
CA HIS D 582 9.73 13.66 -65.39
C HIS D 582 8.49 14.37 -64.86
N PRO D 583 8.43 15.70 -65.03
CA PRO D 583 7.50 16.62 -64.36
C PRO D 583 6.03 16.20 -64.43
N GLN D 584 5.68 15.44 -65.47
CA GLN D 584 4.32 15.00 -65.72
C GLN D 584 3.84 13.91 -64.75
N VAL D 585 4.78 13.25 -64.10
CA VAL D 585 4.46 12.01 -63.36
C VAL D 585 3.61 12.22 -62.09
N LEU D 586 2.56 11.41 -61.98
CA LEU D 586 1.67 11.45 -60.83
C LEU D 586 2.31 10.80 -59.61
N VAL D 587 2.78 11.63 -58.68
CA VAL D 587 3.20 11.17 -57.37
C VAL D 587 2.04 11.37 -56.41
N THR D 588 1.96 10.52 -55.38
CA THR D 588 0.95 10.67 -54.33
C THR D 588 1.20 11.93 -53.48
N ASP D 589 0.20 12.81 -53.42
CA ASP D 589 0.30 14.07 -52.69
C ASP D 589 1.08 14.03 -51.36
N MET D 590 2.09 14.90 -51.25
CA MET D 590 2.91 15.01 -50.05
C MET D 590 2.55 16.26 -49.23
N ARG D 591 1.65 17.09 -49.76
CA ARG D 591 1.23 18.29 -49.05
C ARG D 591 0.00 17.99 -48.21
N TYR D 592 -0.79 17.04 -48.66
CA TYR D 592 -2.05 16.69 -48.00
C TYR D 592 -2.17 15.17 -47.97
N GLU D 593 -2.35 14.59 -46.80
CA GLU D 593 -2.40 13.14 -46.77
C GLU D 593 -3.70 12.54 -47.34
N ASN D 594 -3.59 11.33 -47.86
CA ASN D 594 -4.75 10.59 -48.40
C ASN D 594 -5.67 11.47 -49.22
N HIS D 595 -5.07 12.20 -50.16
CA HIS D 595 -5.76 13.23 -50.90
C HIS D 595 -5.87 12.89 -52.40
N GLY D 596 -4.97 12.04 -52.87
CA GLY D 596 -4.94 11.66 -54.28
C GLY D 596 -3.55 11.83 -54.83
N ARG D 597 -3.44 11.96 -56.16
CA ARG D 597 -2.15 12.15 -56.83
C ARG D 597 -2.24 13.33 -57.77
N GLU D 598 -1.14 14.05 -57.92
CA GLU D 598 -1.04 15.18 -58.84
C GLU D 598 0.38 15.18 -59.40
N PRO D 599 0.58 15.78 -60.59
CA PRO D 599 1.89 15.77 -61.27
C PRO D 599 3.02 16.38 -60.43
N MET D 600 4.24 15.87 -60.57
CA MET D 600 5.35 16.31 -59.71
C MET D 600 5.57 17.83 -59.76
N VAL D 601 5.21 18.44 -60.88
CA VAL D 601 5.40 19.89 -61.05
C VAL D 601 4.67 20.68 -59.96
N THR D 602 3.64 20.07 -59.37
CA THR D 602 2.89 20.71 -58.30
C THR D 602 3.62 20.80 -56.97
N GLN D 603 4.59 19.92 -56.73
CA GLN D 603 5.24 19.86 -55.41
C GLN D 603 6.73 19.52 -55.46
N ARG D 604 7.39 19.84 -56.57
CA ARG D 604 8.80 19.44 -56.77
C ARG D 604 9.70 19.74 -55.59
N ASN D 605 9.61 20.96 -55.08
CA ASN D 605 10.54 21.39 -54.04
C ASN D 605 10.31 20.80 -52.64
N ILE D 606 9.34 19.88 -52.51
CA ILE D 606 9.03 19.27 -51.21
C ILE D 606 9.53 17.84 -51.06
N HIS D 607 10.18 17.33 -52.10
CA HIS D 607 10.65 15.94 -52.09
C HIS D 607 11.82 15.75 -51.14
N ALA D 608 12.94 16.41 -51.41
CA ALA D 608 14.07 16.35 -50.48
C ALA D 608 13.56 16.45 -49.04
N TYR D 609 12.83 17.52 -48.74
CA TYR D 609 12.20 17.71 -47.43
C TYR D 609 11.47 16.43 -46.91
N THR D 610 10.58 15.86 -47.70
CA THR D 610 9.84 14.71 -47.25
C THR D 610 10.78 13.54 -46.98
N LEU D 611 11.62 13.22 -47.95
CA LEU D 611 12.63 12.20 -47.79
C LEU D 611 13.30 12.37 -46.43
N CYS D 612 14.01 13.48 -46.24
CA CYS D 612 14.62 13.80 -44.96
C CYS D 612 13.69 13.46 -43.80
N GLU D 613 12.51 14.05 -43.81
CA GLU D 613 11.58 13.87 -42.71
C GLU D 613 11.43 12.39 -42.34
N SER D 614 11.30 11.56 -43.36
CA SER D 614 11.16 10.15 -43.17
C SER D 614 12.42 9.53 -42.52
N THR D 615 13.60 9.83 -43.06
CA THR D 615 14.82 9.30 -42.45
C THR D 615 14.94 9.71 -40.99
N ARG D 616 14.48 10.93 -40.68
CA ARG D 616 14.66 11.48 -39.33
C ARG D 616 13.74 10.82 -38.37
N LYS D 617 12.44 10.89 -38.67
CA LYS D 617 11.41 10.33 -37.80
C LYS D 617 11.38 8.80 -37.83
N GLU D 618 11.08 8.21 -38.97
CA GLU D 618 10.94 6.76 -39.07
C GLU D 618 12.27 6.04 -39.21
N GLY D 619 13.35 6.80 -39.32
CA GLY D 619 14.69 6.20 -39.39
C GLY D 619 15.50 6.29 -38.11
N ILE D 620 15.95 7.51 -37.78
CA ILE D 620 16.86 7.77 -36.67
C ILE D 620 16.21 7.64 -35.32
N VAL D 621 15.04 8.27 -35.17
CA VAL D 621 14.33 8.30 -33.91
C VAL D 621 13.62 6.97 -33.61
N GLU D 622 12.88 6.47 -34.58
CA GLU D 622 12.10 5.24 -34.42
C GLU D 622 12.95 4.00 -34.10
N ASN D 623 14.08 3.86 -34.79
CA ASN D 623 14.93 2.69 -34.58
C ASN D 623 16.26 3.12 -34.04
N ALA D 624 16.24 3.89 -32.96
CA ALA D 624 17.47 4.42 -32.40
C ALA D 624 18.12 3.44 -31.43
N ASP D 625 17.39 2.36 -31.12
CA ASP D 625 17.92 1.29 -30.28
C ASP D 625 19.03 0.54 -31.00
N THR D 626 18.97 0.55 -32.35
CA THR D 626 19.93 -0.18 -33.17
C THR D 626 21.21 0.62 -33.44
N LEU D 627 21.18 1.91 -33.11
CA LEU D 627 22.40 2.69 -33.07
C LEU D 627 23.35 2.12 -32.01
N THR D 628 24.65 2.22 -32.26
CA THR D 628 25.62 1.53 -31.41
C THR D 628 26.25 2.47 -30.39
N LYS D 629 27.18 3.28 -30.84
CA LYS D 629 28.03 4.03 -29.94
C LYS D 629 27.32 5.29 -29.49
N PHE D 630 26.48 5.83 -30.38
CA PHE D 630 25.76 7.08 -30.12
C PHE D 630 24.29 6.95 -30.47
N ARG D 631 23.40 7.25 -29.53
CA ARG D 631 21.97 7.01 -29.74
C ARG D 631 21.26 8.15 -30.50
N ARG D 632 21.84 9.35 -30.44
CA ARG D 632 21.30 10.47 -31.18
C ARG D 632 22.00 10.50 -32.53
N SER D 633 21.30 11.01 -33.53
CA SER D 633 21.86 11.04 -34.85
C SER D 633 21.60 12.40 -35.45
N TYR D 634 21.82 12.51 -36.75
CA TYR D 634 21.67 13.78 -37.44
C TYR D 634 21.84 13.54 -38.93
N ILE D 635 21.14 14.35 -39.71
CA ILE D 635 21.23 14.26 -41.13
C ILE D 635 21.95 15.50 -41.59
N ILE D 636 23.02 15.33 -42.34
CA ILE D 636 23.43 16.43 -43.17
C ILE D 636 22.76 16.13 -44.51
N SER D 637 22.04 17.09 -45.08
CA SER D 637 21.33 16.85 -46.32
C SER D 637 21.70 17.85 -47.39
N ARG D 638 21.56 17.44 -48.66
CA ARG D 638 21.79 18.32 -49.81
C ARG D 638 20.49 18.97 -50.23
N GLY D 639 19.40 18.28 -49.95
CA GLY D 639 18.11 18.75 -50.42
C GLY D 639 17.23 19.20 -49.29
N GLY D 640 16.17 19.93 -49.62
CA GLY D 640 15.22 20.38 -48.61
C GLY D 640 14.45 21.64 -48.95
N TYR D 641 13.53 21.98 -48.06
CA TYR D 641 12.67 23.14 -48.19
C TYR D 641 12.67 23.84 -46.82
N ILE D 642 11.99 24.97 -46.70
CA ILE D 642 11.96 25.66 -45.43
C ILE D 642 11.39 24.75 -44.36
N GLY D 643 12.18 24.46 -43.33
CA GLY D 643 11.73 23.60 -42.24
C GLY D 643 12.62 22.39 -42.00
N ASN D 644 13.63 22.24 -42.86
CA ASN D 644 14.57 21.10 -42.80
C ASN D 644 15.45 21.12 -41.59
N GLN D 645 15.43 22.24 -40.85
CA GLN D 645 16.18 22.31 -39.61
C GLN D 645 15.60 21.31 -38.58
N HIS D 646 14.38 20.81 -38.81
CA HIS D 646 13.79 19.88 -37.84
C HIS D 646 14.22 18.44 -38.04
N PHE D 647 15.06 18.24 -39.04
CA PHE D 647 15.56 16.93 -39.44
C PHE D 647 17.11 16.85 -39.39
N GLY D 648 17.75 18.01 -39.41
CA GLY D 648 19.20 18.09 -39.51
C GLY D 648 19.73 19.35 -40.20
N GLY D 649 21.00 19.29 -40.58
CA GLY D 649 21.68 20.38 -41.29
C GLY D 649 21.79 20.14 -42.78
N MET D 650 22.72 20.84 -43.41
CA MET D 650 22.84 20.81 -44.87
C MET D 650 24.26 21.11 -45.30
N TRP D 651 24.62 20.64 -46.48
CA TRP D 651 25.84 21.11 -47.16
C TRP D 651 25.43 21.58 -48.52
N VAL D 652 26.14 22.57 -49.03
CA VAL D 652 25.78 23.26 -50.27
C VAL D 652 26.28 22.50 -51.50
N GLY D 653 26.03 21.19 -51.51
CA GLY D 653 26.33 20.35 -52.65
C GLY D 653 27.70 20.52 -53.28
N ASP D 654 27.71 20.50 -54.62
CA ASP D 654 28.94 20.36 -55.37
C ASP D 654 29.54 21.70 -55.78
N ASN D 655 30.12 22.39 -54.80
CA ASN D 655 30.96 23.54 -55.08
C ASN D 655 32.23 23.16 -55.85
N SER D 656 33.17 24.08 -55.99
CA SER D 656 34.41 23.80 -56.71
C SER D 656 35.58 24.45 -56.01
N THR D 657 36.74 24.49 -56.67
CA THR D 657 37.98 24.95 -56.01
C THR D 657 38.50 26.28 -56.56
N THR D 658 37.78 27.36 -56.27
CA THR D 658 38.23 28.72 -56.66
C THR D 658 37.95 29.77 -55.55
N SER D 659 38.65 30.89 -55.57
CA SER D 659 38.36 31.97 -54.62
C SER D 659 36.88 32.31 -54.61
N ASN D 660 36.24 32.19 -55.78
CA ASN D 660 34.84 32.56 -55.92
C ASN D 660 33.88 31.59 -55.23
N TYR D 661 34.39 30.43 -54.84
CA TYR D 661 33.56 29.46 -54.11
C TYR D 661 33.82 29.56 -52.61
N ILE D 662 34.88 30.24 -52.20
CA ILE D 662 35.02 30.50 -50.77
C ILE D 662 34.01 31.60 -50.43
N GLN D 663 33.79 32.51 -51.37
CA GLN D 663 32.87 33.63 -51.20
C GLN D 663 31.43 33.09 -51.15
N MET D 664 31.11 32.24 -52.09
CA MET D 664 29.81 31.62 -52.05
C MET D 664 29.55 30.77 -50.80
N MET D 665 30.59 30.22 -50.18
CA MET D 665 30.38 29.47 -48.94
C MET D 665 30.02 30.42 -47.80
N ILE D 666 30.74 31.53 -47.70
CA ILE D 666 30.48 32.50 -46.64
C ILE D 666 29.09 33.15 -46.84
N ALA D 667 28.81 33.61 -48.06
CA ALA D 667 27.49 34.13 -48.37
C ALA D 667 26.42 33.09 -48.08
N ASN D 668 26.51 31.94 -48.73
CA ASN D 668 25.50 30.89 -48.58
C ASN D 668 25.26 30.51 -47.14
N ASN D 669 26.34 30.48 -46.38
CA ASN D 669 26.22 30.02 -45.01
C ASN D 669 25.45 31.07 -44.25
N ILE D 670 25.75 32.34 -44.54
CA ILE D 670 25.05 33.43 -43.87
C ILE D 670 23.56 33.46 -44.23
N ASN D 671 23.26 33.38 -45.53
CA ASN D 671 21.89 33.43 -46.02
C ASN D 671 21.05 32.24 -45.55
N MET D 672 21.62 31.04 -45.58
CA MET D 672 20.90 29.85 -45.15
C MET D 672 20.60 29.92 -43.65
N ASN D 673 21.51 30.51 -42.88
CA ASN D 673 21.27 30.70 -41.47
C ASN D 673 19.99 31.52 -41.31
N MET D 674 19.92 32.63 -42.03
CA MET D 674 18.77 33.52 -41.87
C MET D 674 17.55 32.97 -42.58
N SER D 675 17.74 31.85 -43.28
CA SER D 675 16.65 31.10 -43.88
C SER D 675 16.11 30.06 -42.92
N CYS D 676 16.59 30.07 -41.68
CA CYS D 676 16.14 29.17 -40.62
C CYS D 676 16.75 27.77 -40.68
N LEU D 677 17.84 27.63 -41.43
CA LEU D 677 18.60 26.39 -41.47
C LEU D 677 20.04 26.70 -41.08
N PRO D 678 20.37 26.50 -39.80
CA PRO D 678 21.63 26.93 -39.22
C PRO D 678 22.82 26.04 -39.61
N LEU D 679 22.80 24.79 -39.20
CA LEU D 679 23.95 23.90 -39.36
C LEU D 679 24.25 23.49 -40.81
N VAL D 680 25.02 24.34 -41.49
CA VAL D 680 25.29 24.23 -42.90
C VAL D 680 26.77 24.60 -43.15
N GLY D 681 27.25 24.36 -44.36
CA GLY D 681 28.64 24.57 -44.70
C GLY D 681 28.88 24.03 -46.10
N SER D 682 30.08 24.22 -46.61
CA SER D 682 30.38 23.81 -47.99
C SER D 682 31.65 22.98 -48.05
N ASP D 683 31.68 21.96 -48.91
CA ASP D 683 32.86 21.11 -49.05
C ASP D 683 34.14 21.95 -49.01
N ILE D 684 34.92 21.74 -47.96
CA ILE D 684 36.09 22.54 -47.67
C ILE D 684 37.12 22.14 -48.68
N GLY D 685 37.50 23.09 -49.52
CA GLY D 685 38.47 22.84 -50.57
C GLY D 685 37.80 22.75 -51.93
N GLY D 686 36.48 22.64 -51.92
CA GLY D 686 35.75 22.53 -53.15
C GLY D 686 35.75 21.09 -53.62
N PHE D 687 34.57 20.64 -53.99
CA PHE D 687 34.33 19.29 -54.43
C PHE D 687 34.99 18.99 -55.79
N THR D 688 34.52 19.67 -56.83
CA THR D 688 34.87 19.31 -58.20
C THR D 688 36.20 19.84 -58.65
N SER D 689 36.66 19.24 -59.74
CA SER D 689 37.86 19.67 -60.39
C SER D 689 37.75 21.14 -60.77
N TYR D 690 38.89 21.83 -60.78
CA TYR D 690 38.90 23.23 -61.16
C TYR D 690 39.86 23.51 -62.32
N ASP D 691 40.98 22.80 -62.39
CA ASP D 691 41.97 23.01 -63.49
C ASP D 691 41.34 22.72 -64.86
N ASN D 692 41.46 23.67 -65.78
CA ASN D 692 40.93 23.50 -67.14
C ASN D 692 41.97 22.84 -68.05
N GLU D 693 43.21 22.78 -67.57
CA GLU D 693 44.33 22.14 -68.26
C GLU D 693 44.36 20.64 -67.93
N ASN D 694 44.28 20.32 -66.63
CA ASN D 694 43.98 18.93 -66.18
C ASN D 694 43.15 18.92 -64.90
N GLN D 695 41.92 18.42 -65.01
CA GLN D 695 40.99 18.34 -63.90
C GLN D 695 41.64 17.71 -62.66
N ARG D 696 42.59 16.79 -62.87
CA ARG D 696 43.27 16.09 -61.78
C ARG D 696 44.15 16.98 -60.87
N THR D 697 44.36 18.24 -61.26
CA THR D 697 45.22 19.11 -60.44
C THR D 697 44.49 19.38 -59.15
N PRO D 698 45.17 19.18 -58.01
CA PRO D 698 44.51 19.45 -56.74
C PRO D 698 44.57 20.93 -56.36
N CYS D 699 43.53 21.39 -55.66
CA CYS D 699 43.48 22.71 -55.06
C CYS D 699 44.83 23.08 -54.48
N THR D 700 45.34 24.25 -54.86
CA THR D 700 46.66 24.70 -54.38
C THR D 700 46.68 24.88 -52.86
N GLY D 701 47.88 24.78 -52.28
CA GLY D 701 48.04 24.88 -50.84
C GLY D 701 47.43 26.13 -50.23
N ASP D 702 47.74 27.29 -50.81
CA ASP D 702 47.29 28.58 -50.27
C ASP D 702 45.76 28.70 -50.25
N LEU D 703 45.12 28.50 -51.39
CA LEU D 703 43.67 28.51 -51.45
C LEU D 703 43.01 27.53 -50.43
N MET D 704 43.56 26.33 -50.28
CA MET D 704 43.08 25.42 -49.25
C MET D 704 43.21 26.04 -47.85
N VAL D 705 44.38 26.59 -47.51
CA VAL D 705 44.50 27.30 -46.23
C VAL D 705 43.32 28.25 -46.04
N ARG D 706 43.11 29.15 -47.00
CA ARG D 706 42.08 30.17 -46.86
C ARG D 706 40.69 29.57 -46.76
N TYR D 707 40.54 28.38 -47.33
CA TYR D 707 39.26 27.73 -47.36
C TYR D 707 38.95 27.31 -45.95
N VAL D 708 39.96 26.80 -45.26
CA VAL D 708 39.77 26.19 -43.97
C VAL D 708 39.53 27.28 -42.95
N GLN D 709 40.21 28.41 -43.13
CA GLN D 709 40.08 29.56 -42.23
C GLN D 709 38.64 30.09 -42.23
N ALA D 710 38.17 30.49 -43.42
CA ALA D 710 36.78 30.91 -43.62
C ALA D 710 35.73 29.91 -43.09
N GLY D 711 35.97 28.63 -43.33
CA GLY D 711 35.04 27.59 -42.94
C GLY D 711 35.17 27.09 -41.52
N CYS D 712 36.22 27.48 -40.80
CA CYS D 712 36.63 26.76 -39.58
C CYS D 712 35.75 27.01 -38.37
N LEU D 713 34.71 27.82 -38.56
CA LEU D 713 33.88 28.27 -37.45
C LEU D 713 32.46 28.43 -37.94
N LEU D 714 32.25 28.02 -39.18
CA LEU D 714 30.90 27.79 -39.67
C LEU D 714 30.39 26.44 -39.12
N PRO D 715 29.07 26.28 -39.03
CA PRO D 715 28.42 25.04 -38.53
C PRO D 715 28.98 23.70 -39.04
N TRP D 716 28.98 23.44 -40.34
CA TRP D 716 29.38 22.12 -40.86
C TRP D 716 30.70 22.15 -41.57
N PHE D 717 31.72 21.60 -40.91
CA PHE D 717 33.11 21.67 -41.33
C PHE D 717 33.49 20.33 -41.87
N ARG D 718 33.57 20.21 -43.19
CA ARG D 718 33.96 18.95 -43.81
C ARG D 718 34.73 19.21 -45.10
N ASN D 719 35.89 18.60 -45.24
CA ASN D 719 36.60 18.58 -46.52
C ASN D 719 36.21 17.32 -47.24
N HIS D 720 35.50 17.47 -48.35
CA HIS D 720 35.08 16.32 -49.14
C HIS D 720 35.12 16.68 -50.62
N TYR D 721 35.47 15.72 -51.47
CA TYR D 721 35.73 16.04 -52.88
C TYR D 721 35.62 14.87 -53.86
N ASP D 722 35.81 15.20 -55.13
CA ASP D 722 35.82 14.21 -56.20
C ASP D 722 37.25 13.73 -56.40
N ARG D 723 37.45 12.40 -56.46
CA ARG D 723 38.82 11.84 -56.60
C ARG D 723 39.09 11.03 -57.89
N TRP D 724 40.15 11.40 -58.61
CA TRP D 724 40.54 10.67 -59.80
C TRP D 724 41.04 9.25 -59.48
N ILE D 725 40.32 8.26 -60.01
CA ILE D 725 40.71 6.86 -59.94
C ILE D 725 40.28 6.12 -61.20
N GLU D 726 41.03 5.09 -61.58
CA GLU D 726 40.74 4.29 -62.77
C GLU D 726 39.25 3.96 -62.97
N SER D 727 38.59 3.49 -61.91
CA SER D 727 37.22 2.98 -62.04
C SER D 727 36.19 4.12 -62.08
N LYS D 728 36.70 5.31 -62.33
CA LYS D 728 35.91 6.54 -62.43
C LYS D 728 36.89 7.67 -62.76
N ASP D 729 37.03 7.98 -64.05
CA ASP D 729 38.10 8.87 -64.48
C ASP D 729 37.81 10.37 -64.37
N HIS D 730 37.33 10.82 -63.22
CA HIS D 730 37.18 12.26 -62.98
C HIS D 730 37.33 12.72 -61.53
N GLY D 731 37.88 13.91 -61.36
CA GLY D 731 38.21 14.42 -60.05
C GLY D 731 39.68 14.80 -59.89
N LYS D 732 40.12 14.87 -58.63
CA LYS D 732 41.45 15.33 -58.25
C LYS D 732 42.34 14.23 -57.65
N ASP D 733 43.64 14.30 -57.92
CA ASP D 733 44.57 13.31 -57.36
C ASP D 733 44.32 13.14 -55.87
N TYR D 734 44.24 14.28 -55.16
CA TYR D 734 43.96 14.31 -53.73
C TYR D 734 43.40 15.66 -53.26
N GLN D 735 43.15 15.78 -51.96
CA GLN D 735 42.69 17.05 -51.34
C GLN D 735 42.78 17.07 -49.80
N GLU D 736 43.19 15.94 -49.21
CA GLU D 736 43.26 15.80 -47.76
C GLU D 736 44.26 16.80 -47.19
N LEU D 737 43.93 17.43 -46.07
CA LEU D 737 44.77 18.50 -45.58
C LEU D 737 46.17 17.97 -45.29
N TYR D 738 46.25 16.74 -44.81
CA TYR D 738 47.55 16.17 -44.41
C TYR D 738 48.48 15.98 -45.61
N MET D 739 47.93 16.17 -46.81
CA MET D 739 48.67 16.08 -48.08
C MET D 739 49.37 17.38 -48.39
N TYR D 740 49.25 18.35 -47.50
CA TYR D 740 49.85 19.65 -47.73
C TYR D 740 51.01 19.90 -46.78
N PRO D 741 52.20 19.45 -47.19
CA PRO D 741 53.33 19.53 -46.29
C PRO D 741 53.69 20.99 -46.04
N ASN D 742 53.89 21.76 -47.11
CA ASN D 742 54.36 23.15 -46.97
C ASN D 742 53.44 24.01 -46.11
N GLU D 743 52.19 23.59 -45.93
CA GLU D 743 51.23 24.39 -45.17
C GLU D 743 50.42 23.60 -44.14
N MET D 744 51.00 22.50 -43.65
CA MET D 744 50.35 21.58 -42.73
C MET D 744 50.26 22.13 -41.32
N ASP D 745 51.30 22.84 -40.89
CA ASP D 745 51.36 23.43 -39.56
C ASP D 745 50.32 24.53 -39.36
N THR D 746 49.97 25.21 -40.45
CA THR D 746 48.99 26.28 -40.39
C THR D 746 47.60 25.67 -40.35
N LEU D 747 47.39 24.65 -41.18
CA LEU D 747 46.13 23.92 -41.27
C LEU D 747 45.68 23.31 -39.95
N ARG D 748 46.56 22.52 -39.36
CA ARG D 748 46.18 21.80 -38.18
C ARG D 748 45.77 22.79 -37.11
N LYS D 749 46.55 23.85 -36.94
CA LYS D 749 46.27 24.74 -35.84
C LYS D 749 44.86 25.35 -35.93
N PHE D 750 44.33 25.53 -37.14
CA PHE D 750 42.95 26.01 -37.32
C PHE D 750 41.85 24.99 -37.02
N VAL D 751 42.15 23.70 -37.15
CA VAL D 751 41.19 22.71 -36.66
C VAL D 751 41.29 22.65 -35.13
N GLU D 752 42.52 22.75 -34.64
CA GLU D 752 42.81 22.74 -33.21
C GLU D 752 42.07 23.87 -32.56
N PHE D 753 41.97 24.97 -33.31
CA PHE D 753 41.34 26.20 -32.88
C PHE D 753 39.83 26.05 -32.86
N ARG D 754 39.30 25.40 -33.88
CA ARG D 754 37.87 25.19 -33.96
C ARG D 754 37.47 24.40 -32.74
N TYR D 755 38.19 23.30 -32.51
CA TYR D 755 37.86 22.34 -31.45
C TYR D 755 37.86 22.92 -30.02
N ARG D 756 38.78 23.84 -29.74
CA ARG D 756 38.82 24.52 -28.44
C ARG D 756 37.47 25.22 -28.21
N TRP D 757 36.92 25.77 -29.29
CA TRP D 757 35.58 26.37 -29.24
C TRP D 757 34.45 25.42 -29.59
N GLN D 758 34.60 24.12 -29.34
CA GLN D 758 33.55 23.20 -29.74
C GLN D 758 32.26 23.62 -29.05
N GLU D 759 32.41 24.20 -27.86
CA GLU D 759 31.31 24.66 -27.03
C GLU D 759 30.65 25.93 -27.52
N VAL D 760 31.37 26.70 -28.30
CA VAL D 760 30.82 27.93 -28.78
C VAL D 760 29.78 27.57 -29.82
N LEU D 761 30.17 26.66 -30.70
CA LEU D 761 29.24 26.07 -31.68
C LEU D 761 28.14 25.25 -30.97
N TYR D 762 28.51 24.44 -30.00
CA TYR D 762 27.52 23.59 -29.38
C TYR D 762 26.45 24.43 -28.68
N THR D 763 26.90 25.46 -27.97
CA THR D 763 25.99 26.35 -27.26
C THR D 763 25.21 27.23 -28.23
N ALA D 764 25.82 27.58 -29.35
CA ALA D 764 25.16 28.41 -30.33
C ALA D 764 24.00 27.61 -30.91
N MET D 765 24.26 26.34 -31.17
CA MET D 765 23.27 25.43 -31.72
C MET D 765 22.14 25.23 -30.73
N TYR D 766 22.49 25.09 -29.46
CA TYR D 766 21.46 25.09 -28.43
C TYR D 766 20.61 26.33 -28.62
N GLN D 767 21.27 27.47 -28.76
CA GLN D 767 20.60 28.76 -28.88
C GLN D 767 19.60 28.78 -30.04
N ASN D 768 19.80 27.88 -30.98
CA ASN D 768 18.94 27.82 -32.16
C ASN D 768 17.82 26.82 -31.99
N ALA D 769 18.08 25.78 -31.21
CA ALA D 769 17.03 24.79 -30.97
C ALA D 769 16.07 25.32 -29.90
N ALA D 770 16.59 26.16 -29.03
CA ALA D 770 15.81 26.73 -27.96
C ALA D 770 15.03 27.90 -28.49
N PHE D 771 15.76 28.93 -28.89
CA PHE D 771 15.17 30.23 -29.17
C PHE D 771 15.23 30.62 -30.64
N GLY D 772 15.92 29.82 -31.44
CA GLY D 772 15.88 29.98 -32.89
C GLY D 772 16.92 30.91 -33.50
N LYS D 773 17.85 31.40 -32.69
CA LYS D 773 18.79 32.39 -33.21
C LYS D 773 19.71 31.73 -34.20
N PRO D 774 20.00 32.43 -35.32
CA PRO D 774 20.97 31.92 -36.28
C PRO D 774 22.33 31.83 -35.63
N ILE D 775 23.08 30.78 -35.94
CA ILE D 775 24.45 30.66 -35.43
C ILE D 775 25.31 31.74 -36.07
N ILE D 776 25.24 31.80 -37.40
CA ILE D 776 26.00 32.77 -38.16
C ILE D 776 25.17 34.01 -38.46
N LYS D 777 25.65 35.13 -37.96
CA LYS D 777 24.96 36.39 -38.08
C LYS D 777 25.56 37.15 -39.26
N ALA D 778 24.69 37.74 -40.07
CA ALA D 778 25.09 38.65 -41.13
C ALA D 778 25.60 39.91 -40.46
N ALA D 779 26.62 40.54 -41.04
CA ALA D 779 27.07 41.80 -40.49
C ALA D 779 25.87 42.72 -40.29
N SER D 780 24.90 42.63 -41.21
CA SER D 780 23.76 43.55 -41.16
C SER D 780 22.82 43.34 -39.97
N MET D 781 22.97 42.24 -39.22
CA MET D 781 22.11 41.99 -38.07
C MET D 781 22.62 42.71 -36.83
N TYR D 782 23.67 43.50 -37.02
CA TYR D 782 24.30 44.24 -35.95
C TYR D 782 23.81 45.68 -36.03
N ASN D 783 22.92 46.08 -35.11
CA ASN D 783 22.21 47.36 -35.18
C ASN D 783 23.05 48.58 -34.86
N ASN D 784 22.58 49.73 -35.31
CA ASN D 784 23.23 51.02 -35.05
C ASN D 784 24.61 51.12 -35.68
N ASP D 785 24.76 50.44 -36.82
CA ASP D 785 25.98 50.53 -37.60
C ASP D 785 25.66 50.77 -39.08
N SER D 786 26.10 51.92 -39.61
CA SER D 786 25.80 52.27 -41.00
C SER D 786 26.96 51.87 -41.89
N ASN D 787 27.80 51.00 -41.36
CA ASN D 787 28.97 50.52 -42.07
C ASN D 787 28.99 49.02 -42.26
N VAL D 788 28.20 48.28 -41.47
CA VAL D 788 28.15 46.82 -41.62
C VAL D 788 27.61 46.37 -42.97
N ARG D 789 26.56 47.03 -43.44
CA ARG D 789 26.03 46.71 -44.75
C ARG D 789 27.16 46.69 -45.79
N ARG D 790 28.12 47.61 -45.65
CA ARG D 790 29.24 47.66 -46.60
C ARG D 790 29.97 46.32 -46.63
N ALA D 791 30.49 45.88 -45.50
CA ALA D 791 31.31 44.66 -45.48
C ALA D 791 30.51 43.39 -45.13
N GLN D 792 29.21 43.41 -45.40
CA GLN D 792 28.38 42.27 -45.08
C GLN D 792 28.59 41.10 -46.03
N ASN D 793 29.51 41.24 -46.98
CA ASN D 793 29.78 40.16 -47.94
C ASN D 793 30.66 39.06 -47.34
N ASP D 794 31.56 39.48 -46.44
CA ASP D 794 32.62 38.63 -45.92
C ASP D 794 32.91 38.83 -44.41
N HIS D 795 32.22 39.74 -43.76
CA HIS D 795 32.26 39.77 -42.30
C HIS D 795 31.03 39.06 -41.77
N PHE D 796 31.17 38.43 -40.60
CA PHE D 796 30.03 37.83 -39.90
C PHE D 796 30.40 37.50 -38.45
N LEU D 797 29.39 37.24 -37.61
CA LEU D 797 29.62 37.07 -36.17
C LEU D 797 28.92 35.84 -35.64
N LEU D 798 29.43 35.32 -34.53
CA LEU D 798 28.79 34.21 -33.82
C LEU D 798 29.32 34.11 -32.38
N GLY D 799 28.69 33.24 -31.59
CA GLY D 799 29.23 32.83 -30.29
C GLY D 799 28.93 33.74 -29.10
N GLY D 800 29.14 33.21 -27.91
CA GLY D 800 28.97 34.00 -26.69
C GLY D 800 27.58 33.99 -26.11
N HIS D 801 27.33 34.90 -25.18
CA HIS D 801 26.05 34.95 -24.48
C HIS D 801 24.93 35.38 -25.42
N ASP D 802 25.28 36.30 -26.32
CA ASP D 802 24.31 36.90 -27.24
C ASP D 802 24.42 36.40 -28.70
N GLY D 803 25.53 35.74 -29.02
CA GLY D 803 25.75 35.20 -30.37
C GLY D 803 26.55 36.14 -31.26
N TYR D 804 27.17 37.13 -30.63
CA TYR D 804 27.85 38.26 -31.30
C TYR D 804 29.18 38.54 -30.62
N ARG D 805 29.83 37.51 -30.09
CA ARG D 805 31.06 37.73 -29.35
C ARG D 805 32.24 37.48 -30.27
N ILE D 806 31.97 37.10 -31.50
CA ILE D 806 33.06 36.75 -32.40
C ILE D 806 32.88 37.32 -33.80
N LEU D 807 33.86 38.12 -34.23
CA LEU D 807 33.86 38.69 -35.58
C LEU D 807 34.87 37.95 -36.46
N CYS D 808 34.42 37.51 -37.63
CA CYS D 808 35.24 36.80 -38.62
C CYS D 808 35.15 37.53 -39.92
N ALA D 809 36.28 38.00 -40.42
CA ALA D 809 36.34 38.55 -41.75
C ALA D 809 37.47 37.87 -42.49
N PRO D 810 37.22 36.66 -43.03
CA PRO D 810 38.26 35.84 -43.64
C PRO D 810 38.64 36.34 -45.02
N VAL D 811 39.93 36.25 -45.35
CA VAL D 811 40.41 36.58 -46.69
C VAL D 811 39.72 35.69 -47.72
N VAL D 812 39.32 36.29 -48.83
CA VAL D 812 38.44 35.63 -49.80
C VAL D 812 39.09 35.47 -51.18
N TRP D 813 40.41 35.67 -51.20
CA TRP D 813 41.15 35.59 -52.45
C TRP D 813 42.48 34.87 -52.27
N GLU D 814 42.79 33.99 -53.23
CA GLU D 814 44.09 33.32 -53.29
C GLU D 814 45.25 34.32 -53.45
N ASN D 815 46.39 34.03 -52.81
CA ASN D 815 47.58 34.86 -52.97
C ASN D 815 47.38 36.29 -52.48
N SER D 816 46.49 36.43 -51.51
CA SER D 816 46.20 37.72 -50.90
C SER D 816 46.88 37.73 -49.55
N THR D 817 47.74 38.72 -49.32
CA THR D 817 48.36 38.90 -48.00
C THR D 817 47.59 39.90 -47.11
N GLU D 818 46.47 40.44 -47.59
CA GLU D 818 45.71 41.41 -46.77
C GLU D 818 44.25 41.65 -47.19
N ARG D 819 43.48 42.35 -46.34
CA ARG D 819 42.08 42.68 -46.68
C ARG D 819 41.59 43.93 -45.96
N GLU D 820 40.47 44.48 -46.45
CA GLU D 820 39.85 45.68 -45.89
C GLU D 820 38.87 45.37 -44.75
N LEU D 821 39.36 45.36 -43.52
CA LEU D 821 38.57 44.92 -42.35
C LEU D 821 37.74 46.04 -41.72
N TYR D 822 36.53 45.71 -41.27
CA TYR D 822 35.70 46.67 -40.53
C TYR D 822 35.19 46.15 -39.19
N LEU D 823 35.54 46.84 -38.11
CA LEU D 823 35.03 46.52 -36.78
C LEU D 823 33.74 47.28 -36.49
N PRO D 824 32.69 46.58 -36.03
CA PRO D 824 31.42 47.23 -35.72
C PRO D 824 31.52 48.11 -34.46
N VAL D 825 30.87 49.27 -34.51
CA VAL D 825 31.02 50.34 -33.51
C VAL D 825 30.20 50.12 -32.25
N LEU D 826 30.50 50.95 -31.24
CA LEU D 826 29.87 50.89 -29.91
C LEU D 826 30.20 49.59 -29.17
N THR D 827 31.45 49.17 -29.25
CA THR D 827 31.98 48.00 -28.54
C THR D 827 33.47 47.92 -28.88
N GLN D 828 34.25 47.22 -28.06
CA GLN D 828 35.66 47.04 -28.37
C GLN D 828 35.95 45.58 -28.77
N TRP D 829 36.99 45.41 -29.58
CA TRP D 829 37.34 44.11 -30.13
C TRP D 829 38.72 43.68 -29.70
N TYR D 830 38.99 42.38 -29.79
CA TYR D 830 40.29 41.84 -29.44
C TYR D 830 40.76 40.83 -30.47
N LYS D 831 41.93 41.06 -31.04
CA LYS D 831 42.48 40.15 -32.05
C LYS D 831 42.69 38.76 -31.47
N PHE D 832 42.25 37.74 -32.21
CA PHE D 832 42.31 36.36 -31.74
C PHE D 832 42.66 35.47 -32.92
N GLY D 833 42.72 34.16 -32.65
CA GLY D 833 43.13 33.16 -33.63
C GLY D 833 43.71 31.97 -32.87
N PRO D 834 44.29 30.99 -33.59
CA PRO D 834 44.95 29.86 -32.95
C PRO D 834 46.17 30.25 -32.08
N ASP D 835 46.97 31.21 -32.55
CA ASP D 835 48.17 31.65 -31.81
C ASP D 835 47.85 32.24 -30.43
N PHE D 836 46.71 32.93 -30.34
CA PHE D 836 46.34 33.68 -29.16
C PHE D 836 45.83 32.89 -27.99
N ASP D 837 46.27 31.65 -27.85
CA ASP D 837 45.92 30.85 -26.67
C ASP D 837 47.17 30.49 -25.86
N THR D 838 48.34 30.60 -26.49
CA THR D 838 49.59 30.40 -25.78
C THR D 838 50.34 31.74 -25.66
N LYS D 839 49.60 32.83 -25.65
CA LYS D 839 50.17 34.15 -25.45
C LYS D 839 49.11 35.13 -24.96
N PRO D 840 49.52 36.33 -24.48
CA PRO D 840 48.57 37.35 -24.03
C PRO D 840 47.88 38.12 -25.18
N LEU D 841 46.68 38.62 -24.93
CA LEU D 841 45.95 39.39 -25.92
C LEU D 841 46.73 40.64 -26.33
N GLU D 842 46.35 41.24 -27.46
CA GLU D 842 46.95 42.50 -27.88
C GLU D 842 46.11 43.71 -27.45
N GLY D 843 46.66 44.90 -27.63
CA GLY D 843 45.94 46.13 -27.28
C GLY D 843 44.53 46.17 -27.85
N ALA D 844 43.59 46.56 -27.00
CA ALA D 844 42.18 46.67 -27.38
C ALA D 844 42.01 47.41 -28.70
N MET D 845 41.04 46.96 -29.49
CA MET D 845 40.70 47.61 -30.73
C MET D 845 39.38 48.42 -30.62
N ASN D 846 39.27 49.51 -31.38
CA ASN D 846 38.06 50.33 -31.30
C ASN D 846 37.02 49.87 -32.33
N GLY D 847 35.80 49.58 -31.87
CA GLY D 847 34.68 49.44 -32.78
C GLY D 847 34.58 50.71 -33.62
N GLY D 848 33.89 50.62 -34.74
CA GLY D 848 33.75 51.78 -35.63
C GLY D 848 34.86 51.95 -36.65
N ASP D 849 36.06 51.47 -36.30
CA ASP D 849 37.23 51.59 -37.17
C ASP D 849 37.12 50.82 -38.49
N ARG D 850 37.55 51.46 -39.57
CA ARG D 850 37.69 50.80 -40.88
C ARG D 850 39.16 50.81 -41.27
N ILE D 851 39.72 49.64 -41.53
CA ILE D 851 41.15 49.52 -41.75
C ILE D 851 41.49 48.87 -43.10
N TYR D 852 41.81 49.70 -44.09
CA TYR D 852 42.23 49.22 -45.40
C TYR D 852 43.58 48.55 -45.24
N ASN D 853 43.90 47.62 -46.14
CA ASN D 853 45.24 47.00 -46.15
C ASN D 853 45.61 46.27 -44.86
N TYR D 854 44.60 45.81 -44.12
CA TYR D 854 44.85 45.10 -42.87
C TYR D 854 45.56 43.80 -43.20
N PRO D 855 46.78 43.60 -42.65
CA PRO D 855 47.67 42.48 -42.96
C PRO D 855 47.23 41.11 -42.38
N VAL D 856 47.44 40.07 -43.17
CA VAL D 856 46.96 38.74 -42.87
C VAL D 856 47.79 37.75 -43.70
N PRO D 857 48.90 37.24 -43.13
CA PRO D 857 49.70 36.32 -43.94
C PRO D 857 48.98 34.98 -44.06
N GLN D 858 49.53 34.07 -44.87
CA GLN D 858 48.91 32.77 -45.06
C GLN D 858 48.49 32.16 -43.73
N SER D 859 49.35 32.29 -42.72
CA SER D 859 49.14 31.57 -41.46
C SER D 859 48.07 32.17 -40.56
N GLU D 860 47.58 33.36 -40.90
CA GLU D 860 46.61 34.09 -40.07
C GLU D 860 45.27 34.32 -40.76
N SER D 861 44.22 34.53 -39.96
CA SER D 861 42.93 34.99 -40.46
C SER D 861 42.24 35.92 -39.46
N PRO D 862 41.56 36.97 -39.97
CA PRO D 862 40.88 37.92 -39.08
C PRO D 862 39.69 37.30 -38.34
N ILE D 863 39.85 37.26 -37.01
CA ILE D 863 38.88 36.71 -36.08
C ILE D 863 39.14 37.39 -34.73
N PHE D 864 38.13 38.07 -34.19
CA PHE D 864 38.29 38.87 -32.98
C PHE D 864 37.15 38.59 -31.98
N VAL D 865 37.40 38.76 -30.68
CA VAL D 865 36.39 38.51 -29.66
C VAL D 865 35.96 39.81 -28.98
N ARG D 866 34.66 40.03 -28.91
CA ARG D 866 34.08 41.23 -28.33
C ARG D 866 34.41 41.31 -26.85
N GLU D 867 34.54 42.52 -26.31
CA GLU D 867 34.73 42.66 -24.86
C GLU D 867 33.50 42.17 -24.09
N GLY D 868 33.63 42.04 -22.78
CA GLY D 868 32.53 41.60 -21.94
C GLY D 868 32.01 40.27 -22.43
N ALA D 869 32.95 39.35 -22.66
CA ALA D 869 32.65 38.07 -23.29
C ALA D 869 33.21 36.91 -22.48
N ILE D 870 32.37 35.95 -22.14
CA ILE D 870 32.88 34.73 -21.52
C ILE D 870 32.58 33.57 -22.46
N LEU D 871 33.60 32.74 -22.70
CA LEU D 871 33.53 31.75 -23.75
C LEU D 871 33.87 30.38 -23.18
N PRO D 872 32.97 29.42 -23.37
CA PRO D 872 33.26 28.08 -22.95
C PRO D 872 34.28 27.50 -23.91
N THR D 873 35.36 26.98 -23.36
CA THR D 873 36.53 26.52 -24.13
C THR D 873 36.90 25.14 -23.62
N ARG D 874 37.45 24.30 -24.49
CA ARG D 874 37.76 22.90 -24.12
C ARG D 874 39.16 22.48 -24.49
N TYR D 875 39.84 21.84 -23.55
CA TYR D 875 41.17 21.30 -23.79
C TYR D 875 41.14 19.83 -23.42
N THR D 876 42.07 19.05 -23.99
CA THR D 876 42.17 17.62 -23.66
C THR D 876 43.07 17.36 -22.46
N LEU D 877 42.70 16.38 -21.65
CA LEU D 877 43.42 16.07 -20.41
C LEU D 877 44.93 15.96 -20.61
N ASN D 878 45.31 15.32 -21.70
CA ASN D 878 46.71 14.95 -21.91
C ASN D 878 47.47 15.72 -23.01
N GLY D 879 46.73 16.50 -23.81
CA GLY D 879 47.34 17.20 -24.94
C GLY D 879 47.18 16.48 -26.27
N GLU D 880 46.79 15.21 -26.24
CA GLU D 880 46.46 14.51 -27.48
C GLU D 880 45.31 15.23 -28.18
N ASN D 881 45.58 15.77 -29.37
CA ASN D 881 44.50 16.10 -30.28
C ASN D 881 43.61 14.88 -30.52
N LYS D 882 42.39 14.91 -29.98
CA LYS D 882 41.45 13.82 -30.22
C LYS D 882 40.07 14.34 -30.64
N SER D 883 39.26 13.40 -31.14
CA SER D 883 37.96 13.70 -31.71
C SER D 883 36.96 14.16 -30.65
N LEU D 884 36.03 15.01 -31.05
CA LEU D 884 35.04 15.53 -30.15
C LEU D 884 34.22 14.40 -29.55
N ASN D 885 34.16 13.26 -30.23
CA ASN D 885 33.33 12.19 -29.73
C ASN D 885 34.05 11.34 -28.71
N THR D 886 35.37 11.51 -28.62
CA THR D 886 36.16 10.79 -27.61
C THR D 886 36.51 11.65 -26.37
N TYR D 887 35.96 12.85 -26.30
CA TYR D 887 36.06 13.69 -25.11
C TYR D 887 35.21 13.12 -23.97
N THR D 888 35.71 13.25 -22.76
CA THR D 888 34.96 12.88 -21.58
C THR D 888 35.05 14.10 -20.68
N ASP D 889 34.25 14.11 -19.61
CA ASP D 889 34.19 15.28 -18.77
C ASP D 889 35.53 15.53 -18.06
N GLU D 890 36.34 14.49 -17.91
CA GLU D 890 37.63 14.62 -17.20
C GLU D 890 38.50 15.54 -18.01
N ASP D 891 38.07 15.77 -19.26
CA ASP D 891 38.73 16.73 -20.15
C ASP D 891 38.24 18.13 -19.78
N PRO D 892 39.19 19.05 -19.49
CA PRO D 892 38.94 20.39 -18.96
C PRO D 892 37.88 21.17 -19.71
N LEU D 893 36.98 21.78 -18.95
CA LEU D 893 36.07 22.78 -19.48
C LEU D 893 36.48 24.09 -18.81
N VAL D 894 37.03 25.01 -19.59
CA VAL D 894 37.46 26.31 -19.09
C VAL D 894 36.47 27.39 -19.52
N PHE D 895 36.36 28.45 -18.73
CA PHE D 895 35.61 29.64 -19.15
C PHE D 895 36.56 30.82 -19.31
N GLU D 896 36.75 31.26 -20.54
CA GLU D 896 37.67 32.36 -20.80
C GLU D 896 36.92 33.67 -20.65
N VAL D 897 37.22 34.37 -19.56
CA VAL D 897 36.72 35.70 -19.30
C VAL D 897 37.64 36.69 -19.98
N PHE D 898 37.25 37.09 -21.18
CA PHE D 898 37.94 38.13 -21.91
C PHE D 898 37.76 39.45 -21.18
N PRO D 899 38.60 40.45 -21.51
CA PRO D 899 38.56 41.79 -20.93
C PRO D 899 37.14 42.32 -20.94
N LEU D 900 36.87 43.29 -20.07
CA LEU D 900 35.50 43.68 -19.80
C LEU D 900 34.97 44.80 -20.70
N GLY D 901 33.64 44.90 -20.76
CA GLY D 901 32.98 46.04 -21.38
C GLY D 901 31.92 46.56 -20.41
N ASN D 902 32.17 47.75 -19.83
CA ASN D 902 31.38 48.25 -18.71
C ASN D 902 31.49 47.36 -17.50
N ASN D 903 32.70 46.88 -17.22
CA ASN D 903 32.95 46.06 -16.04
C ASN D 903 32.02 44.84 -16.03
N ARG D 904 31.63 44.45 -17.22
CA ARG D 904 30.66 43.42 -17.43
C ARG D 904 31.34 42.38 -18.29
N ALA D 905 30.78 41.18 -18.29
CA ALA D 905 31.22 40.09 -19.15
C ALA D 905 30.28 38.94 -18.84
N ASP D 906 29.79 38.27 -19.88
CA ASP D 906 28.76 37.24 -19.72
C ASP D 906 29.04 36.05 -20.67
N GLY D 907 28.72 34.85 -20.19
CA GLY D 907 28.83 33.66 -21.02
C GLY D 907 27.65 32.72 -20.86
N MET D 908 27.49 31.84 -21.85
CA MET D 908 26.50 30.76 -21.80
C MET D 908 27.14 29.49 -22.36
N CYS D 909 26.79 28.36 -21.77
CA CYS D 909 27.29 27.06 -22.18
C CYS D 909 26.27 25.95 -21.95
N TYR D 910 25.94 25.23 -23.03
CA TYR D 910 25.04 24.09 -22.99
C TYR D 910 25.82 22.85 -22.60
N LEU D 911 25.17 21.91 -21.91
CA LEU D 911 25.83 20.65 -21.55
C LEU D 911 24.91 19.43 -21.65
N ASP D 912 25.42 18.37 -22.26
CA ASP D 912 24.82 17.03 -22.18
C ASP D 912 25.90 16.01 -22.46
N ASP D 913 25.53 14.74 -22.62
CA ASP D 913 26.53 13.73 -22.91
C ASP D 913 27.05 13.83 -24.35
N GLY D 914 26.51 14.76 -25.12
CA GLY D 914 26.97 14.97 -26.48
C GLY D 914 26.30 14.05 -27.49
N GLY D 915 25.22 13.38 -27.08
CA GLY D 915 24.49 12.51 -28.00
C GLY D 915 24.68 11.04 -27.71
N VAL D 916 25.47 10.72 -26.69
CA VAL D 916 25.60 9.35 -26.26
C VAL D 916 24.20 8.81 -26.05
N THR D 917 23.33 9.64 -25.45
CA THR D 917 21.90 9.34 -25.37
C THR D 917 21.00 10.51 -25.75
N THR D 918 19.77 10.17 -26.15
CA THR D 918 18.79 11.13 -26.60
C THR D 918 17.97 11.60 -25.41
N ASN D 919 18.55 11.51 -24.23
CA ASN D 919 17.83 11.86 -23.00
C ASN D 919 17.73 13.37 -22.78
N ALA D 920 18.69 14.13 -23.32
CA ALA D 920 18.58 15.58 -23.29
C ALA D 920 17.26 16.02 -23.91
N GLU D 921 17.05 15.64 -25.16
CA GLU D 921 15.85 16.01 -25.90
C GLU D 921 14.57 15.29 -25.45
N ASP D 922 14.70 14.06 -24.92
CA ASP D 922 13.51 13.27 -24.55
C ASP D 922 13.05 13.46 -23.09
N ASN D 923 13.97 13.83 -22.21
CA ASN D 923 13.71 13.79 -20.77
C ASN D 923 14.20 15.04 -20.06
N GLY D 924 14.58 16.03 -20.85
CA GLY D 924 15.05 17.30 -20.32
C GLY D 924 16.42 17.19 -19.73
N LYS D 925 17.10 16.07 -19.97
CA LYS D 925 18.42 15.79 -19.39
C LYS D 925 19.59 16.59 -20.01
N PHE D 926 19.63 17.88 -19.73
CA PHE D 926 20.65 18.76 -20.23
C PHE D 926 20.82 19.92 -19.27
N SER D 927 21.83 20.76 -19.52
CA SER D 927 22.08 21.88 -18.65
C SER D 927 22.31 23.16 -19.45
N VAL D 928 22.33 24.30 -18.75
CA VAL D 928 22.50 25.59 -19.37
C VAL D 928 23.20 26.48 -18.36
N VAL D 929 24.50 26.37 -18.30
CA VAL D 929 25.27 27.19 -17.39
C VAL D 929 25.33 28.60 -17.94
N LYS D 930 24.84 29.56 -17.16
CA LYS D 930 25.09 30.97 -17.42
C LYS D 930 26.15 31.44 -16.43
N VAL D 931 26.90 32.47 -16.81
CA VAL D 931 27.91 33.03 -15.93
C VAL D 931 27.98 34.54 -16.11
N ALA D 932 28.21 35.26 -15.03
CA ALA D 932 28.33 36.73 -15.10
C ALA D 932 29.57 37.19 -14.37
N ALA D 933 30.18 38.26 -14.88
CA ALA D 933 31.37 38.85 -14.26
C ALA D 933 31.16 40.34 -14.04
N GLU D 934 31.49 40.80 -12.84
CA GLU D 934 31.26 42.18 -12.44
C GLU D 934 32.43 42.76 -11.67
N GLN D 935 33.22 43.61 -12.33
CA GLN D 935 34.28 44.31 -11.65
C GLN D 935 33.73 45.56 -10.96
N ASP D 936 34.07 45.74 -9.69
CA ASP D 936 33.64 46.94 -8.95
C ASP D 936 34.79 47.53 -8.13
N GLY D 937 35.36 48.63 -8.61
CA GLY D 937 36.50 49.28 -7.93
C GLY D 937 37.80 48.48 -8.00
N GLY D 938 37.92 47.50 -7.12
CA GLY D 938 39.01 46.53 -7.15
C GLY D 938 38.56 45.13 -6.73
N THR D 939 37.27 44.84 -6.90
CA THR D 939 36.71 43.52 -6.52
C THR D 939 35.94 42.86 -7.66
N GLU D 940 36.38 41.67 -8.04
CA GLU D 940 35.81 40.98 -9.19
C GLU D 940 34.92 39.83 -8.74
N THR D 941 33.71 39.75 -9.29
CA THR D 941 32.77 38.69 -8.94
C THR D 941 32.27 37.94 -10.15
N ILE D 942 32.47 36.62 -10.13
CA ILE D 942 32.00 35.72 -11.17
C ILE D 942 30.92 34.82 -10.59
N THR D 943 29.67 35.05 -10.96
CA THR D 943 28.60 34.20 -10.49
C THR D 943 28.31 33.14 -11.53
N PHE D 944 27.91 31.96 -11.08
CA PHE D 944 27.38 30.96 -11.97
C PHE D 944 25.98 30.77 -11.48
N THR D 945 25.03 30.79 -12.42
CA THR D 945 23.64 30.42 -12.17
C THR D 945 23.27 29.52 -13.32
N ASN D 946 22.04 29.00 -13.36
CA ASN D 946 21.62 28.21 -14.52
C ASN D 946 20.16 28.43 -14.95
N ASP D 947 19.85 28.08 -16.20
CA ASP D 947 18.45 28.06 -16.63
C ASP D 947 17.91 26.69 -16.26
N CYS D 948 18.81 25.74 -16.00
CA CYS D 948 18.44 24.43 -15.49
C CYS D 948 19.70 23.57 -15.32
N TYR D 949 19.51 22.33 -14.90
CA TYR D 949 20.64 21.47 -14.56
C TYR D 949 20.19 20.04 -14.33
N GLU D 950 19.98 19.34 -15.44
CA GLU D 950 19.53 17.96 -15.41
C GLU D 950 20.67 17.05 -15.86
N TYR D 951 21.82 17.67 -16.09
CA TYR D 951 23.03 16.95 -16.48
C TYR D 951 24.18 17.39 -15.59
N VAL D 952 24.79 16.43 -14.89
CA VAL D 952 25.86 16.72 -13.93
C VAL D 952 27.25 16.62 -14.57
N PHE D 953 27.89 17.77 -14.80
CA PHE D 953 29.23 17.76 -15.38
C PHE D 953 30.13 16.95 -14.49
N GLY D 954 30.94 16.10 -15.09
CA GLY D 954 31.53 15.00 -14.37
C GLY D 954 33.00 15.13 -14.09
N GLY D 955 33.53 16.33 -14.19
CA GLY D 955 34.93 16.56 -13.93
C GLY D 955 35.03 17.98 -13.46
N PRO D 956 36.26 18.42 -13.13
CA PRO D 956 36.44 19.80 -12.65
C PRO D 956 36.18 20.81 -13.77
N PHE D 957 35.89 22.05 -13.40
CA PHE D 957 35.82 23.14 -14.39
C PHE D 957 36.73 24.29 -14.00
N TYR D 958 37.06 25.16 -14.95
CA TYR D 958 37.98 26.24 -14.66
C TYR D 958 37.44 27.61 -15.08
N VAL D 959 38.12 28.64 -14.57
CA VAL D 959 37.88 30.00 -15.01
C VAL D 959 39.21 30.70 -15.24
N ARG D 960 39.44 31.04 -16.50
CA ARG D 960 40.61 31.79 -16.93
C ARG D 960 40.16 33.24 -17.01
N VAL D 961 40.97 34.16 -16.48
CA VAL D 961 40.62 35.57 -16.54
C VAL D 961 41.71 36.34 -17.26
N ARG D 962 41.44 36.71 -18.51
CA ARG D 962 42.39 37.49 -19.33
C ARG D 962 42.58 38.87 -18.72
N GLY D 963 43.83 39.30 -18.64
CA GLY D 963 44.18 40.67 -18.20
C GLY D 963 44.36 40.93 -16.70
N ALA D 964 44.13 39.91 -15.88
CA ALA D 964 44.26 40.07 -14.42
C ALA D 964 45.12 38.96 -13.78
N GLN D 965 46.03 39.35 -12.88
CA GLN D 965 47.03 38.39 -12.32
C GLN D 965 46.85 37.98 -10.84
N SER D 966 47.75 38.43 -9.98
CA SER D 966 47.88 37.88 -8.65
C SER D 966 46.88 38.46 -7.65
N PRO D 967 45.95 37.61 -7.17
CA PRO D 967 44.94 38.03 -6.19
C PRO D 967 45.44 38.01 -4.74
N SER D 968 44.63 38.55 -3.84
CA SER D 968 44.96 38.56 -2.42
C SER D 968 44.13 37.49 -1.73
N ASN D 969 42.84 37.42 -2.08
CA ASN D 969 41.97 36.38 -1.55
C ASN D 969 40.71 36.09 -2.39
N ILE D 970 40.75 34.97 -3.10
CA ILE D 970 39.58 34.48 -3.81
C ILE D 970 38.69 33.67 -2.89
N HIS D 971 37.42 34.03 -2.82
CA HIS D 971 36.48 33.26 -2.00
C HIS D 971 35.41 32.59 -2.87
N VAL D 972 35.27 31.27 -2.72
CA VAL D 972 34.27 30.56 -3.48
C VAL D 972 33.08 30.24 -2.61
N SER D 973 31.92 30.66 -3.08
CA SER D 973 30.66 30.57 -2.35
C SER D 973 29.78 29.50 -3.00
N SER D 974 28.97 28.81 -2.19
CA SER D 974 28.12 27.74 -2.73
C SER D 974 27.40 26.89 -1.68
N GLY D 975 26.14 26.58 -2.00
CA GLY D 975 25.33 25.69 -1.18
C GLY D 975 25.97 24.33 -1.03
N ALA D 976 26.55 23.83 -2.12
CA ALA D 976 27.28 22.56 -2.11
C ALA D 976 28.60 22.64 -1.34
N GLY D 977 29.02 23.86 -0.97
CA GLY D 977 30.17 24.01 -0.09
C GLY D 977 31.06 25.21 -0.36
N SER D 978 31.05 26.15 0.58
CA SER D 978 31.89 27.34 0.49
C SER D 978 33.35 27.04 0.90
N GLN D 979 34.28 27.92 0.51
CA GLN D 979 35.73 27.68 0.72
C GLN D 979 36.62 28.83 0.23
N ASP D 980 37.87 28.85 0.67
CA ASP D 980 38.83 29.83 0.17
C ASP D 980 39.79 29.18 -0.81
N MET D 981 40.18 29.91 -1.84
CA MET D 981 41.17 29.37 -2.78
C MET D 981 42.61 29.65 -2.38
N LYS D 982 43.53 28.78 -2.78
CA LYS D 982 44.93 28.93 -2.42
C LYS D 982 45.79 28.89 -3.67
N VAL D 983 46.99 29.47 -3.60
CA VAL D 983 47.91 29.44 -4.73
C VAL D 983 48.27 27.97 -5.00
N SER D 984 48.61 27.65 -6.24
CA SER D 984 48.92 26.27 -6.59
C SER D 984 50.40 26.08 -6.90
N SER D 985 50.99 25.11 -6.22
CA SER D 985 52.37 24.70 -6.45
C SER D 985 52.55 24.10 -7.83
N ALA D 986 51.48 24.06 -8.61
CA ALA D 986 51.54 23.74 -10.05
C ALA D 986 51.92 25.00 -10.81
N THR D 987 52.87 24.89 -11.73
CA THR D 987 53.35 26.07 -12.45
C THR D 987 53.33 25.93 -13.98
N SER D 988 52.49 25.01 -14.46
CA SER D 988 52.16 24.90 -15.88
C SER D 988 50.71 24.46 -16.04
N ARG D 989 50.11 24.79 -17.18
CA ARG D 989 48.73 24.43 -17.47
C ARG D 989 48.47 22.92 -17.46
N ALA D 990 49.42 22.14 -17.95
CA ALA D 990 49.24 20.70 -17.99
C ALA D 990 49.36 20.16 -16.57
N ALA D 991 50.31 20.71 -15.81
CA ALA D 991 50.48 20.29 -14.43
C ALA D 991 49.26 20.69 -13.62
N LEU D 992 48.50 21.64 -14.14
CA LEU D 992 47.34 22.16 -13.42
C LEU D 992 46.08 21.34 -13.69
N PHE D 993 45.91 20.94 -14.94
CA PHE D 993 44.80 20.07 -15.31
C PHE D 993 45.01 18.73 -14.63
N ASN D 994 46.21 18.18 -14.80
CA ASN D 994 46.54 16.84 -14.34
C ASN D 994 46.77 16.69 -12.80
N ASP D 995 47.56 17.60 -12.21
CA ASP D 995 48.01 17.44 -10.81
C ASP D 995 47.37 18.36 -9.77
N GLY D 996 46.84 19.50 -10.20
CA GLY D 996 46.30 20.51 -9.27
C GLY D 996 45.09 20.07 -8.47
N GLU D 997 44.78 20.80 -7.40
CA GLU D 997 43.63 20.45 -6.56
C GLU D 997 42.43 21.39 -6.71
N ASN D 998 41.28 20.92 -6.23
CA ASN D 998 40.01 21.68 -6.30
C ASN D 998 39.96 22.83 -5.29
N GLY D 999 40.38 24.01 -5.75
CA GLY D 999 40.46 25.17 -4.90
C GLY D 999 41.81 25.76 -5.21
N ASP D 1000 42.46 25.21 -6.22
CA ASP D 1000 43.76 25.69 -6.64
C ASP D 1000 43.57 26.92 -7.50
N PHE D 1001 44.64 27.65 -7.75
CA PHE D 1001 44.62 28.69 -8.77
C PHE D 1001 46.04 28.92 -9.23
N TRP D 1002 46.19 29.15 -10.52
CA TRP D 1002 47.51 29.32 -11.10
C TRP D 1002 47.64 30.68 -11.72
N VAL D 1003 48.64 31.42 -11.25
CA VAL D 1003 49.03 32.67 -11.87
C VAL D 1003 49.79 32.35 -13.16
N ASP D 1004 49.04 32.30 -14.26
CA ASP D 1004 49.58 32.06 -15.60
C ASP D 1004 50.12 33.36 -16.17
N GLN D 1005 51.42 33.56 -16.09
CA GLN D 1005 52.01 34.78 -16.63
C GLN D 1005 52.26 34.63 -18.13
N GLU D 1006 52.68 33.44 -18.55
CA GLU D 1006 52.85 33.12 -19.96
C GLU D 1006 51.76 33.73 -20.85
N THR D 1007 50.50 33.64 -20.39
CA THR D 1007 49.37 34.20 -21.15
C THR D 1007 48.58 35.27 -20.41
N ASP D 1008 49.22 35.92 -19.44
CA ASP D 1008 48.59 37.04 -18.73
C ASP D 1008 47.16 36.68 -18.34
N SER D 1009 46.99 35.49 -17.76
CA SER D 1009 45.69 35.07 -17.22
C SER D 1009 45.86 34.52 -15.81
N LEU D 1010 44.76 34.11 -15.21
CA LEU D 1010 44.76 33.51 -13.88
C LEU D 1010 43.68 32.43 -13.82
N TRP D 1011 44.11 31.18 -13.69
CA TRP D 1011 43.19 30.06 -13.76
C TRP D 1011 42.70 29.63 -12.38
N LEU D 1012 41.44 29.22 -12.30
CA LEU D 1012 40.85 28.75 -11.06
C LEU D 1012 40.31 27.35 -11.27
N LYS D 1013 40.79 26.40 -10.49
CA LYS D 1013 40.28 25.04 -10.62
C LYS D 1013 39.24 24.75 -9.54
N LEU D 1014 38.07 24.28 -9.95
CA LEU D 1014 36.91 24.21 -9.06
C LEU D 1014 36.05 22.96 -9.28
N PRO D 1015 35.46 22.42 -8.20
CA PRO D 1015 34.70 21.18 -8.19
C PRO D 1015 33.43 21.17 -9.03
N ASN D 1016 33.18 20.07 -9.71
CA ASN D 1016 31.94 19.88 -10.44
C ASN D 1016 30.70 20.28 -9.61
N VAL D 1017 30.75 20.06 -8.31
CA VAL D 1017 29.62 20.35 -7.43
C VAL D 1017 29.27 21.83 -7.27
N VAL D 1018 30.21 22.72 -7.58
CA VAL D 1018 29.91 24.17 -7.50
C VAL D 1018 29.36 24.77 -8.79
N LEU D 1019 29.44 24.06 -9.91
CA LEU D 1019 29.03 24.60 -11.21
C LEU D 1019 27.72 25.41 -11.21
N PRO D 1020 26.62 24.85 -10.66
CA PRO D 1020 25.30 25.49 -10.78
C PRO D 1020 25.15 26.82 -10.03
N ASP D 1021 25.90 27.00 -8.96
CA ASP D 1021 25.65 28.13 -8.08
C ASP D 1021 26.87 28.97 -7.66
N ALA D 1022 28.05 28.37 -7.70
CA ALA D 1022 29.33 29.02 -7.39
C ALA D 1022 29.31 30.54 -7.56
N VAL D 1023 29.43 31.28 -6.44
CA VAL D 1023 29.69 32.70 -6.49
C VAL D 1023 31.14 32.95 -6.09
N ILE D 1024 31.95 33.36 -7.06
CA ILE D 1024 33.36 33.58 -6.87
C ILE D 1024 33.65 35.05 -6.64
N THR D 1025 34.24 35.38 -5.49
CA THR D 1025 34.57 36.76 -5.20
C THR D 1025 36.09 36.96 -5.12
N ILE D 1026 36.72 37.04 -6.29
CA ILE D 1026 38.13 37.38 -6.40
C ILE D 1026 38.34 38.77 -5.85
N THR D 1027 39.55 39.04 -5.41
CA THR D 1027 39.94 40.36 -4.95
C THR D 1027 41.43 40.40 -4.57
#